data_1PBU
#
_entry.id   1PBU
#
_entity_poly.entity_id   1
_entity_poly.type   'polypeptide(L)'
_entity_poly.pdbx_seq_one_letter_code
;AKDPFAHLPKSTFALDEFKRKYSNEDTLSVALPYFWEHFDKDGWSLWYSEYRFPEELTQTFMSCNLITGMFQRLDKLRKN
AFASVILFGTNNSSSISGVWVFRGQELAFPLSPDWQVDYESYTWRKLDPGSEETQTLVREYFSWEGAFQHVGKAFNQGKI
FK
;
_entity_poly.pdbx_strand_id   A
#
# COMPACT_ATOMS: atom_id res chain seq x y z
N ALA A 1 -0.70 -21.09 15.50
CA ALA A 1 0.39 -20.10 15.50
C ALA A 1 0.87 -19.83 14.08
N LYS A 2 -0.05 -19.44 13.19
CA LYS A 2 0.14 -18.88 11.86
C LYS A 2 -1.12 -18.06 11.55
N ASP A 3 -1.02 -17.21 10.53
CA ASP A 3 -2.06 -16.41 9.91
C ASP A 3 -2.77 -15.49 10.91
N PRO A 4 -2.40 -14.19 11.00
CA PRO A 4 -2.95 -13.31 12.02
C PRO A 4 -4.43 -13.04 11.79
N PHE A 5 -4.85 -12.95 10.52
CA PHE A 5 -6.22 -12.71 10.12
C PHE A 5 -6.97 -14.04 10.00
N ALA A 6 -6.72 -14.97 10.93
CA ALA A 6 -7.45 -16.22 11.06
C ALA A 6 -8.45 -16.20 12.21
N HIS A 7 -8.35 -15.22 13.11
CA HIS A 7 -9.31 -15.05 14.20
C HIS A 7 -10.61 -14.40 13.71
N LEU A 8 -10.54 -13.72 12.57
CA LEU A 8 -11.62 -13.01 11.90
C LEU A 8 -12.51 -14.01 11.15
N PRO A 9 -13.76 -13.63 10.84
CA PRO A 9 -14.76 -14.50 10.25
C PRO A 9 -14.56 -14.61 8.72
N LYS A 10 -15.63 -14.84 7.95
CA LYS A 10 -15.58 -14.71 6.50
C LYS A 10 -15.05 -13.32 6.13
N SER A 11 -14.18 -13.26 5.13
CA SER A 11 -13.72 -12.04 4.48
C SER A 11 -14.81 -11.64 3.49
N THR A 12 -15.50 -10.52 3.72
CA THR A 12 -16.53 -10.06 2.80
C THR A 12 -15.89 -9.73 1.44
N PHE A 13 -15.03 -8.72 1.44
CA PHE A 13 -14.40 -8.14 0.25
C PHE A 13 -13.25 -9.05 -0.19
N ALA A 14 -13.04 -9.16 -1.50
CA ALA A 14 -12.16 -10.16 -2.10
C ALA A 14 -10.95 -9.49 -2.73
N LEU A 15 -9.90 -9.36 -1.92
CA LEU A 15 -8.65 -8.73 -2.30
C LEU A 15 -8.08 -9.34 -3.58
N ASP A 16 -8.03 -10.67 -3.63
CA ASP A 16 -7.42 -11.39 -4.75
C ASP A 16 -8.21 -11.22 -6.04
N GLU A 17 -9.50 -10.87 -5.97
CA GLU A 17 -10.30 -10.56 -7.14
C GLU A 17 -9.92 -9.15 -7.58
N PHE A 18 -9.95 -8.20 -6.64
CA PHE A 18 -9.65 -6.80 -6.91
C PHE A 18 -8.31 -6.67 -7.62
N LYS A 19 -7.31 -7.48 -7.21
CA LYS A 19 -5.96 -7.42 -7.76
C LYS A 19 -5.90 -7.69 -9.26
N ARG A 20 -6.92 -8.32 -9.85
CA ARG A 20 -6.99 -8.57 -11.28
C ARG A 20 -7.38 -7.26 -11.93
N LYS A 21 -8.63 -6.82 -11.75
CA LYS A 21 -9.15 -5.64 -12.41
C LYS A 21 -8.30 -4.40 -12.17
N TYR A 22 -7.61 -4.36 -11.04
CA TYR A 22 -6.72 -3.29 -10.64
C TYR A 22 -5.78 -2.82 -11.76
N SER A 23 -5.20 -3.76 -12.51
CA SER A 23 -4.28 -3.49 -13.61
C SER A 23 -4.85 -4.07 -14.90
N ASN A 24 -5.81 -5.01 -14.84
CA ASN A 24 -6.36 -5.62 -16.03
C ASN A 24 -7.41 -4.71 -16.67
N GLU A 25 -7.96 -3.76 -15.91
CA GLU A 25 -9.07 -2.93 -16.33
C GLU A 25 -8.79 -1.47 -16.04
N ASP A 26 -9.69 -0.60 -16.53
CA ASP A 26 -9.69 0.85 -16.48
C ASP A 26 -9.99 1.31 -15.04
N THR A 27 -9.13 0.96 -14.08
CA THR A 27 -9.33 1.08 -12.65
C THR A 27 -10.10 2.32 -12.20
N LEU A 28 -9.81 3.48 -12.79
CA LEU A 28 -10.52 4.74 -12.57
C LEU A 28 -12.04 4.60 -12.52
N SER A 29 -12.63 3.79 -13.40
CA SER A 29 -14.05 3.47 -13.41
C SER A 29 -14.36 1.97 -13.28
N VAL A 30 -13.38 1.17 -12.87
CA VAL A 30 -13.50 -0.28 -12.77
C VAL A 30 -13.23 -0.70 -11.33
N ALA A 31 -11.96 -0.66 -10.90
CA ALA A 31 -11.57 -1.10 -9.58
C ALA A 31 -11.99 -0.06 -8.55
N LEU A 32 -11.81 1.22 -8.84
CA LEU A 32 -12.18 2.35 -8.00
C LEU A 32 -13.63 2.30 -7.56
N PRO A 33 -14.63 2.29 -8.46
CA PRO A 33 -16.01 2.23 -8.07
C PRO A 33 -16.32 0.92 -7.33
N TYR A 34 -15.84 -0.22 -7.82
CA TYR A 34 -15.94 -1.54 -7.19
C TYR A 34 -15.22 -1.60 -5.84
N PHE A 35 -14.42 -0.61 -5.46
CA PHE A 35 -13.76 -0.53 -4.17
C PHE A 35 -14.48 0.46 -3.26
N TRP A 36 -15.05 1.52 -3.80
CA TRP A 36 -15.65 2.60 -3.02
C TRP A 36 -17.15 2.42 -2.77
N GLU A 37 -17.74 1.29 -3.14
CA GLU A 37 -19.17 1.07 -3.06
C GLU A 37 -19.50 0.37 -1.76
N HIS A 38 -18.85 -0.76 -1.59
CA HIS A 38 -18.84 -1.61 -0.43
C HIS A 38 -17.39 -2.07 -0.30
N PHE A 39 -16.52 -1.28 0.34
CA PHE A 39 -15.20 -1.77 0.69
C PHE A 39 -15.37 -2.85 1.77
N ASP A 40 -15.09 -2.52 3.02
CA ASP A 40 -15.05 -3.45 4.15
C ASP A 40 -14.48 -2.72 5.37
N LYS A 41 -14.87 -1.46 5.53
CA LYS A 41 -14.41 -0.50 6.55
C LYS A 41 -14.60 -0.96 8.01
N ASP A 42 -15.29 -2.07 8.21
CA ASP A 42 -15.36 -2.80 9.48
C ASP A 42 -14.13 -3.68 9.75
N GLY A 43 -13.27 -3.94 8.76
CA GLY A 43 -12.27 -5.00 8.77
C GLY A 43 -11.02 -4.67 7.97
N TRP A 44 -11.10 -4.44 6.65
CA TRP A 44 -9.97 -3.91 5.89
C TRP A 44 -9.70 -2.47 6.33
N SER A 45 -8.47 -1.99 6.17
CA SER A 45 -8.13 -0.60 6.43
C SER A 45 -7.03 -0.17 5.48
N LEU A 46 -6.86 1.14 5.31
CA LEU A 46 -5.89 1.78 4.43
C LEU A 46 -4.85 2.45 5.29
N TRP A 47 -3.59 2.30 4.90
CA TRP A 47 -2.44 2.74 5.65
C TRP A 47 -1.49 3.49 4.74
N TYR A 48 -1.49 4.82 4.83
CA TYR A 48 -0.58 5.69 4.08
C TYR A 48 0.79 5.66 4.76
N SER A 49 1.83 5.65 3.93
CA SER A 49 3.22 5.73 4.31
C SER A 49 3.97 6.64 3.33
N GLU A 50 5.03 7.31 3.81
CA GLU A 50 5.89 8.20 3.05
C GLU A 50 7.33 8.04 3.56
N TYR A 51 7.73 6.80 3.87
CA TYR A 51 9.11 6.40 4.17
C TYR A 51 9.89 7.44 4.97
N ARG A 52 9.42 7.71 6.18
CA ARG A 52 9.89 8.68 7.16
C ARG A 52 11.41 8.92 7.25
N PHE A 53 12.26 8.03 6.75
CA PHE A 53 13.68 8.25 6.52
C PHE A 53 14.00 8.18 5.02
N PRO A 54 13.57 9.15 4.19
CA PRO A 54 13.92 9.17 2.78
C PRO A 54 15.35 9.66 2.58
N GLU A 55 16.05 10.10 3.65
CA GLU A 55 17.49 10.33 3.64
C GLU A 55 18.24 9.04 3.29
N GLU A 56 17.65 7.89 3.61
CA GLU A 56 18.23 6.58 3.41
C GLU A 56 18.32 6.23 1.92
N LEU A 57 17.64 6.99 1.04
CA LEU A 57 17.60 6.75 -0.40
C LEU A 57 18.68 7.54 -1.13
N THR A 58 19.43 6.91 -2.04
CA THR A 58 20.44 7.63 -2.81
C THR A 58 20.73 7.02 -4.20
N GLN A 59 19.72 6.53 -4.93
CA GLN A 59 19.87 6.04 -6.28
C GLN A 59 18.47 6.01 -6.93
N THR A 60 18.24 5.27 -8.02
CA THR A 60 16.90 4.82 -8.39
C THR A 60 16.80 3.30 -8.43
N PHE A 61 17.77 2.64 -9.07
CA PHE A 61 17.76 1.22 -9.38
C PHE A 61 17.64 0.35 -8.12
N MET A 62 18.08 0.86 -6.97
CA MET A 62 18.19 0.12 -5.73
C MET A 62 16.88 0.15 -4.95
N SER A 63 16.12 1.25 -4.99
CA SER A 63 14.99 1.43 -4.09
C SER A 63 13.85 0.49 -4.45
N CYS A 64 13.64 0.25 -5.75
CA CYS A 64 12.70 -0.74 -6.26
C CYS A 64 13.01 -2.14 -5.67
N ASN A 65 14.30 -2.46 -5.59
CA ASN A 65 14.81 -3.73 -5.05
C ASN A 65 14.58 -3.79 -3.54
N LEU A 66 14.83 -2.67 -2.84
CA LEU A 66 14.71 -2.51 -1.40
C LEU A 66 13.28 -2.71 -0.93
N ILE A 67 12.33 -1.97 -1.52
CA ILE A 67 10.89 -2.09 -1.29
C ILE A 67 10.53 -3.57 -1.39
N THR A 68 10.94 -4.16 -2.50
CA THR A 68 10.60 -5.55 -2.78
C THR A 68 11.23 -6.48 -1.74
N GLY A 69 12.43 -6.20 -1.23
CA GLY A 69 13.07 -7.05 -0.22
C GLY A 69 12.21 -7.15 1.03
N MET A 70 11.58 -6.03 1.41
CA MET A 70 10.57 -5.96 2.45
C MET A 70 9.42 -6.90 2.10
N PHE A 71 8.89 -6.83 0.87
CA PHE A 71 7.77 -7.64 0.43
C PHE A 71 8.09 -9.13 0.51
N GLN A 72 9.35 -9.54 0.39
CA GLN A 72 9.75 -10.93 0.49
C GLN A 72 9.77 -11.42 1.95
N ARG A 73 9.94 -10.52 2.94
CA ARG A 73 9.67 -10.87 4.34
C ARG A 73 8.16 -10.97 4.54
N LEU A 74 7.42 -10.07 3.90
CA LEU A 74 5.97 -9.95 4.05
C LEU A 74 5.28 -10.85 3.01
N ASP A 75 5.84 -12.04 2.78
CA ASP A 75 5.38 -12.98 1.74
C ASP A 75 4.24 -13.83 2.31
N LYS A 76 4.32 -14.18 3.58
CA LYS A 76 3.17 -14.71 4.32
C LYS A 76 2.17 -13.63 4.76
N LEU A 77 2.30 -12.37 4.30
CA LEU A 77 1.39 -11.28 4.64
C LEU A 77 0.47 -10.95 3.48
N ARG A 78 1.03 -10.84 2.27
CA ARG A 78 0.29 -10.47 1.05
C ARG A 78 -0.97 -11.30 0.81
N LYS A 79 -1.03 -12.51 1.37
CA LYS A 79 -2.17 -13.41 1.39
C LYS A 79 -3.41 -12.83 2.08
N ASN A 80 -3.30 -11.67 2.74
CA ASN A 80 -4.39 -10.92 3.35
C ASN A 80 -4.01 -9.42 3.42
N ALA A 81 -3.24 -8.90 2.45
CA ALA A 81 -2.86 -7.48 2.40
C ALA A 81 -2.25 -7.12 1.04
N PHE A 82 -2.26 -5.85 0.65
CA PHE A 82 -1.70 -5.35 -0.62
C PHE A 82 -1.18 -3.94 -0.44
N ALA A 83 -0.40 -3.43 -1.40
CA ALA A 83 0.03 -2.05 -1.42
C ALA A 83 0.44 -1.66 -2.84
N SER A 84 0.54 -0.36 -3.09
CA SER A 84 0.93 0.20 -4.37
C SER A 84 2.09 1.18 -4.22
N VAL A 85 3.16 0.72 -3.57
CA VAL A 85 4.34 1.49 -3.23
C VAL A 85 4.97 2.08 -4.51
N ILE A 86 5.39 3.35 -4.49
CA ILE A 86 6.01 4.00 -5.64
C ILE A 86 7.32 4.62 -5.15
N LEU A 87 8.36 4.49 -5.97
CA LEU A 87 9.65 5.15 -5.85
C LEU A 87 9.57 6.44 -6.66
N PHE A 88 9.85 7.57 -6.02
CA PHE A 88 9.77 8.88 -6.63
C PHE A 88 11.13 9.58 -6.62
N GLY A 89 11.21 10.73 -7.31
CA GLY A 89 12.27 11.72 -7.20
C GLY A 89 13.34 11.47 -8.25
N THR A 90 14.55 11.12 -7.82
CA THR A 90 15.69 10.67 -8.62
C THR A 90 16.75 10.20 -7.60
N ASN A 91 18.01 10.03 -7.99
CA ASN A 91 19.10 9.73 -7.05
C ASN A 91 19.16 10.80 -5.97
N ASN A 92 19.22 12.06 -6.42
CA ASN A 92 19.62 13.22 -5.64
C ASN A 92 18.73 13.44 -4.43
N SER A 93 17.42 13.28 -4.60
CA SER A 93 16.45 13.30 -3.52
C SER A 93 15.31 12.39 -3.94
N SER A 94 15.42 11.10 -3.64
CA SER A 94 14.35 10.16 -3.82
C SER A 94 13.32 10.30 -2.69
N SER A 95 12.27 9.49 -2.71
CA SER A 95 11.36 9.24 -1.60
C SER A 95 10.59 7.97 -2.01
N ILE A 96 10.12 7.21 -1.03
CA ILE A 96 9.13 6.18 -1.25
C ILE A 96 7.87 6.67 -0.56
N SER A 97 6.76 6.60 -1.26
CA SER A 97 5.45 6.71 -0.62
C SER A 97 4.47 5.73 -1.22
N GLY A 98 3.29 5.63 -0.62
CA GLY A 98 2.29 4.66 -1.03
C GLY A 98 1.32 4.37 0.10
N VAL A 99 0.33 3.56 -0.24
CA VAL A 99 -0.79 3.18 0.58
C VAL A 99 -0.85 1.66 0.55
N TRP A 100 -1.10 1.07 1.72
CA TRP A 100 -1.12 -0.35 1.96
C TRP A 100 -2.49 -0.68 2.57
N VAL A 101 -2.84 -1.96 2.53
CA VAL A 101 -4.12 -2.46 2.98
C VAL A 101 -3.85 -3.71 3.80
N PHE A 102 -4.43 -3.81 4.98
CA PHE A 102 -4.26 -4.89 5.94
C PHE A 102 -5.63 -5.22 6.52
N ARG A 103 -5.90 -6.48 6.88
CA ARG A 103 -7.26 -6.94 7.13
C ARG A 103 -7.61 -7.03 8.62
N GLY A 104 -7.43 -5.97 9.38
CA GLY A 104 -7.81 -5.90 10.78
C GLY A 104 -7.69 -4.47 11.25
N GLN A 105 -7.92 -4.23 12.54
CA GLN A 105 -7.70 -2.91 13.15
C GLN A 105 -6.25 -2.46 13.00
N GLU A 106 -5.28 -3.37 13.03
CA GLU A 106 -3.87 -3.03 12.96
C GLU A 106 -3.28 -3.30 11.58
N LEU A 107 -2.06 -2.79 11.42
CA LEU A 107 -1.39 -2.75 10.12
C LEU A 107 -0.70 -4.06 9.78
N ALA A 108 -0.97 -5.13 10.54
CA ALA A 108 -0.48 -6.49 10.33
C ALA A 108 0.94 -6.70 10.83
N PHE A 109 1.86 -5.78 10.52
CA PHE A 109 3.20 -5.74 11.10
C PHE A 109 3.17 -5.93 12.63
N PRO A 110 2.41 -5.14 13.43
CA PRO A 110 2.31 -5.34 14.87
C PRO A 110 1.61 -6.65 15.26
N LEU A 111 0.89 -7.30 14.34
CA LEU A 111 0.21 -8.55 14.60
C LEU A 111 1.18 -9.73 14.56
N SER A 112 2.38 -9.56 14.01
CA SER A 112 3.40 -10.57 14.09
C SER A 112 4.81 -9.95 14.06
N PRO A 113 5.67 -10.19 15.07
CA PRO A 113 7.06 -9.77 15.04
C PRO A 113 7.89 -10.48 13.96
N ASP A 114 7.26 -11.33 13.14
CA ASP A 114 7.80 -11.74 11.86
C ASP A 114 8.10 -10.52 10.96
N TRP A 115 7.31 -9.46 11.07
CA TRP A 115 7.32 -8.31 10.20
C TRP A 115 7.51 -7.05 11.02
N GLN A 116 8.63 -6.94 11.72
CA GLN A 116 8.96 -5.78 12.55
C GLN A 116 10.47 -5.55 12.47
N VAL A 117 11.01 -5.60 11.25
CA VAL A 117 12.41 -5.41 10.96
C VAL A 117 12.63 -3.89 10.84
N ASP A 118 12.61 -3.35 9.62
CA ASP A 118 13.04 -1.99 9.32
C ASP A 118 11.82 -1.09 9.11
N TYR A 119 10.62 -1.66 9.27
CA TYR A 119 9.36 -0.98 9.17
C TYR A 119 9.25 0.32 9.96
N GLU A 120 10.04 0.48 11.04
CA GLU A 120 9.94 1.62 11.93
C GLU A 120 10.31 2.93 11.23
N SER A 121 11.22 2.86 10.25
CA SER A 121 11.69 3.98 9.43
C SER A 121 10.60 4.51 8.48
N TYR A 122 9.44 3.84 8.39
CA TYR A 122 8.31 4.25 7.58
C TYR A 122 7.18 4.63 8.53
N THR A 123 6.37 5.61 8.15
CA THR A 123 5.12 5.94 8.84
C THR A 123 4.05 4.93 8.48
N TRP A 124 3.03 4.80 9.33
CA TRP A 124 1.85 3.99 9.03
C TRP A 124 0.67 4.60 9.77
N ARG A 125 -0.30 5.22 9.08
CA ARG A 125 -1.52 5.74 9.71
C ARG A 125 -2.78 5.20 9.03
N LYS A 126 -3.78 4.72 9.81
CA LYS A 126 -5.12 4.44 9.29
C LYS A 126 -5.76 5.74 8.81
N LEU A 127 -6.59 5.69 7.77
CA LEU A 127 -7.30 6.84 7.25
C LEU A 127 -8.75 6.46 6.94
N ASP A 128 -9.60 7.45 6.64
CA ASP A 128 -11.03 7.25 6.47
C ASP A 128 -11.38 6.96 5.01
N PRO A 129 -12.08 5.87 4.68
CA PRO A 129 -12.56 5.57 3.33
C PRO A 129 -13.75 6.43 2.85
N GLY A 130 -14.11 7.47 3.58
CA GLY A 130 -14.93 8.56 3.07
C GLY A 130 -14.39 9.88 3.59
N SER A 131 -13.07 10.05 3.56
CA SER A 131 -12.47 11.37 3.64
C SER A 131 -12.60 12.09 2.30
N GLU A 132 -11.81 13.14 2.10
CA GLU A 132 -11.50 13.71 0.80
C GLU A 132 -10.09 13.30 0.36
N GLU A 133 -9.15 13.20 1.31
CA GLU A 133 -7.73 13.09 0.96
C GLU A 133 -7.45 11.65 0.57
N THR A 134 -7.73 10.72 1.47
CA THR A 134 -7.63 9.28 1.30
C THR A 134 -8.16 8.87 -0.07
N GLN A 135 -9.32 9.37 -0.48
CA GLN A 135 -9.98 9.02 -1.74
C GLN A 135 -9.16 9.50 -2.95
N THR A 136 -8.50 10.65 -2.82
CA THR A 136 -7.66 11.25 -3.82
C THR A 136 -6.39 10.43 -3.83
N LEU A 137 -5.66 10.35 -2.70
CA LEU A 137 -4.42 9.61 -2.57
C LEU A 137 -4.57 8.22 -3.16
N VAL A 138 -5.57 7.45 -2.74
CA VAL A 138 -5.89 6.14 -3.30
C VAL A 138 -6.01 6.26 -4.81
N ARG A 139 -6.87 7.12 -5.34
CA ARG A 139 -7.03 7.27 -6.78
C ARG A 139 -5.67 7.47 -7.44
N GLU A 140 -4.77 8.28 -6.89
CA GLU A 140 -3.47 8.52 -7.50
C GLU A 140 -2.59 7.29 -7.40
N TYR A 141 -2.48 6.71 -6.22
CA TYR A 141 -1.64 5.55 -5.99
C TYR A 141 -2.14 4.31 -6.74
N PHE A 142 -3.40 4.27 -7.20
CA PHE A 142 -4.05 3.09 -7.73
C PHE A 142 -4.17 3.24 -9.24
N SER A 143 -4.34 4.48 -9.70
CA SER A 143 -4.40 4.75 -11.11
C SER A 143 -3.04 5.13 -11.66
N TRP A 144 -2.18 5.77 -10.84
CA TRP A 144 -0.92 6.38 -11.26
C TRP A 144 -1.13 7.61 -12.16
N GLU A 145 -2.37 8.04 -12.41
CA GLU A 145 -2.69 9.16 -13.29
C GLU A 145 -2.86 10.45 -12.50
N GLY A 146 -3.18 10.31 -11.21
CA GLY A 146 -3.63 11.31 -10.25
C GLY A 146 -3.08 12.72 -10.43
N ALA A 147 -1.91 12.98 -9.85
CA ALA A 147 -1.18 14.24 -9.91
C ALA A 147 0.11 14.16 -9.10
N PHE A 148 0.08 13.44 -7.97
CA PHE A 148 1.15 13.29 -6.99
C PHE A 148 1.74 14.60 -6.49
N GLN A 149 1.02 15.73 -6.64
CA GLN A 149 1.47 17.02 -6.13
C GLN A 149 1.70 17.02 -4.62
N HIS A 150 0.99 16.18 -3.87
CA HIS A 150 1.22 15.99 -2.44
C HIS A 150 2.64 15.45 -2.17
N VAL A 151 3.23 14.74 -3.13
CA VAL A 151 4.62 14.30 -3.08
C VAL A 151 5.49 15.43 -3.65
N GLY A 152 5.14 15.99 -4.81
CA GLY A 152 5.88 17.05 -5.47
C GLY A 152 7.22 16.59 -6.04
N LYS A 153 7.52 15.29 -5.97
CA LYS A 153 8.65 14.65 -6.64
C LYS A 153 8.21 14.36 -8.09
N ALA A 154 8.56 13.20 -8.65
CA ALA A 154 8.00 12.62 -9.88
C ALA A 154 7.80 11.12 -9.64
N PHE A 155 6.85 10.51 -10.35
CA PHE A 155 6.28 9.16 -10.18
C PHE A 155 7.24 7.98 -10.43
N ASN A 156 8.47 8.23 -10.87
CA ASN A 156 9.31 7.40 -11.73
C ASN A 156 8.97 5.91 -11.82
N GLN A 157 8.96 5.16 -10.71
CA GLN A 157 8.89 3.71 -10.73
C GLN A 157 7.90 3.19 -9.67
N GLY A 158 6.73 2.79 -10.12
CA GLY A 158 5.74 2.09 -9.30
C GLY A 158 6.20 0.67 -8.94
N LYS A 159 5.60 0.09 -7.90
CA LYS A 159 5.75 -1.29 -7.47
C LYS A 159 4.40 -1.73 -6.89
N ILE A 160 4.06 -3.01 -6.96
CA ILE A 160 2.84 -3.54 -6.34
C ILE A 160 3.21 -4.68 -5.38
N PHE A 161 2.49 -4.78 -4.25
CA PHE A 161 2.67 -5.77 -3.18
C PHE A 161 1.60 -6.86 -3.31
N LYS A 162 1.51 -7.47 -4.50
CA LYS A 162 0.64 -8.61 -4.81
C LYS A 162 1.46 -9.89 -4.90
N ALA A 1 -2.10 -22.40 16.57
CA ALA A 1 -1.92 -20.95 16.49
C ALA A 1 -1.03 -20.62 15.30
N LYS A 2 -1.64 -20.32 14.15
CA LYS A 2 -1.01 -19.82 12.93
C LYS A 2 -2.03 -18.92 12.25
N ASP A 3 -1.53 -18.09 11.34
CA ASP A 3 -2.24 -17.13 10.49
C ASP A 3 -2.81 -16.01 11.38
N PRO A 4 -2.35 -14.75 11.25
CA PRO A 4 -2.82 -13.67 12.13
C PRO A 4 -4.30 -13.45 11.91
N PHE A 5 -4.72 -13.37 10.66
CA PHE A 5 -6.09 -13.06 10.30
C PHE A 5 -6.92 -14.34 10.24
N ALA A 6 -6.64 -15.26 11.18
CA ALA A 6 -7.45 -16.42 11.49
C ALA A 6 -8.37 -16.14 12.68
N HIS A 7 -8.06 -15.12 13.50
CA HIS A 7 -8.96 -14.73 14.58
C HIS A 7 -10.26 -14.19 13.99
N LEU A 8 -10.16 -13.52 12.84
CA LEU A 8 -11.26 -12.90 12.12
C LEU A 8 -12.23 -13.95 11.56
N PRO A 9 -13.45 -13.52 11.23
CA PRO A 9 -14.40 -14.26 10.41
C PRO A 9 -14.01 -14.11 8.92
N LYS A 10 -14.95 -14.39 8.01
CA LYS A 10 -14.79 -14.29 6.56
C LYS A 10 -14.15 -12.98 6.10
N SER A 11 -13.49 -13.00 4.95
CA SER A 11 -13.26 -11.82 4.13
C SER A 11 -14.56 -11.55 3.36
N THR A 12 -15.28 -10.48 3.72
CA THR A 12 -16.43 -10.04 2.95
C THR A 12 -15.96 -9.67 1.53
N PHE A 13 -15.10 -8.67 1.45
CA PHE A 13 -14.50 -8.19 0.21
C PHE A 13 -13.35 -9.09 -0.19
N ALA A 14 -13.18 -9.31 -1.49
CA ALA A 14 -12.10 -10.10 -2.05
C ALA A 14 -11.03 -9.19 -2.59
N LEU A 15 -9.93 -9.13 -1.84
CA LEU A 15 -8.71 -8.47 -2.27
C LEU A 15 -8.18 -9.13 -3.55
N ASP A 16 -8.28 -10.45 -3.60
CA ASP A 16 -7.68 -11.29 -4.64
C ASP A 16 -8.45 -11.16 -5.95
N GLU A 17 -9.75 -10.85 -5.89
CA GLU A 17 -10.53 -10.50 -7.06
C GLU A 17 -10.06 -9.11 -7.50
N PHE A 18 -10.05 -8.16 -6.54
CA PHE A 18 -9.76 -6.77 -6.79
C PHE A 18 -8.41 -6.61 -7.48
N LYS A 19 -7.41 -7.41 -7.09
CA LYS A 19 -6.06 -7.22 -7.59
C LYS A 19 -5.95 -7.47 -9.09
N ARG A 20 -6.86 -8.26 -9.69
CA ARG A 20 -6.87 -8.49 -11.13
C ARG A 20 -7.29 -7.20 -11.83
N LYS A 21 -8.55 -6.76 -11.65
CA LYS A 21 -9.09 -5.58 -12.35
C LYS A 21 -8.22 -4.36 -12.17
N TYR A 22 -7.56 -4.25 -11.01
CA TYR A 22 -6.61 -3.20 -10.69
C TYR A 22 -5.66 -2.94 -11.88
N SER A 23 -4.71 -3.85 -12.11
CA SER A 23 -3.71 -3.70 -13.16
C SER A 23 -4.24 -4.18 -14.51
N ASN A 24 -5.39 -4.85 -14.56
CA ASN A 24 -5.97 -5.26 -15.84
C ASN A 24 -6.63 -4.05 -16.51
N GLU A 25 -7.28 -3.16 -15.76
CA GLU A 25 -8.37 -2.35 -16.31
C GLU A 25 -8.20 -0.86 -15.99
N ASP A 26 -9.15 -0.04 -16.44
CA ASP A 26 -9.24 1.41 -16.30
C ASP A 26 -9.59 1.77 -14.85
N THR A 27 -8.71 1.39 -13.92
CA THR A 27 -8.93 1.42 -12.48
C THR A 27 -9.71 2.64 -12.01
N LEU A 28 -9.42 3.84 -12.52
CA LEU A 28 -10.12 5.08 -12.21
C LEU A 28 -11.64 4.92 -12.16
N SER A 29 -12.23 4.21 -13.13
CA SER A 29 -13.63 3.82 -13.16
C SER A 29 -13.90 2.30 -13.29
N VAL A 30 -12.96 1.46 -12.89
CA VAL A 30 -13.11 0.00 -12.91
C VAL A 30 -12.95 -0.51 -11.48
N ALA A 31 -11.74 -0.38 -10.95
CA ALA A 31 -11.41 -0.91 -9.64
C ALA A 31 -11.85 0.08 -8.57
N LEU A 32 -11.65 1.38 -8.80
CA LEU A 32 -12.06 2.48 -7.93
C LEU A 32 -13.54 2.43 -7.55
N PRO A 33 -14.49 2.40 -8.49
CA PRO A 33 -15.89 2.37 -8.14
C PRO A 33 -16.22 1.12 -7.33
N TYR A 34 -15.81 -0.05 -7.82
CA TYR A 34 -16.00 -1.34 -7.19
C TYR A 34 -15.42 -1.35 -5.77
N PHE A 35 -14.31 -0.64 -5.54
CA PHE A 35 -13.69 -0.52 -4.25
C PHE A 35 -14.52 0.39 -3.35
N TRP A 36 -14.95 1.55 -3.85
CA TRP A 36 -15.66 2.58 -3.09
C TRP A 36 -17.16 2.27 -2.94
N GLU A 37 -17.60 1.09 -3.35
CA GLU A 37 -18.98 0.70 -3.41
C GLU A 37 -19.34 0.06 -2.07
N HIS A 38 -18.72 -1.09 -1.79
CA HIS A 38 -18.87 -1.84 -0.56
C HIS A 38 -17.50 -2.44 -0.25
N PHE A 39 -16.55 -1.61 0.26
CA PHE A 39 -15.21 -2.08 0.57
C PHE A 39 -15.23 -3.15 1.69
N ASP A 40 -14.86 -2.81 2.92
CA ASP A 40 -14.90 -3.65 4.13
C ASP A 40 -14.24 -2.81 5.23
N LYS A 41 -14.66 -1.56 5.34
CA LYS A 41 -14.20 -0.58 6.34
C LYS A 41 -14.42 -1.04 7.77
N ASP A 42 -15.09 -2.18 7.93
CA ASP A 42 -15.17 -2.98 9.13
C ASP A 42 -13.81 -3.54 9.55
N GLY A 43 -13.02 -4.05 8.60
CA GLY A 43 -11.93 -4.98 8.88
C GLY A 43 -10.85 -5.18 7.81
N TRP A 44 -10.97 -4.65 6.59
CA TRP A 44 -9.79 -4.13 5.90
C TRP A 44 -9.40 -2.78 6.53
N SER A 45 -8.20 -2.29 6.25
CA SER A 45 -7.86 -0.91 6.56
C SER A 45 -6.87 -0.38 5.51
N LEU A 46 -6.87 0.93 5.25
CA LEU A 46 -5.91 1.60 4.37
C LEU A 46 -4.85 2.26 5.23
N TRP A 47 -3.60 2.19 4.78
CA TRP A 47 -2.44 2.69 5.50
C TRP A 47 -1.49 3.40 4.52
N TYR A 48 -1.49 4.73 4.50
CA TYR A 48 -0.52 5.52 3.74
C TYR A 48 0.84 5.47 4.43
N SER A 49 1.89 5.33 3.63
CA SER A 49 3.28 5.49 4.01
C SER A 49 3.96 6.42 3.00
N GLU A 50 4.99 7.09 3.48
CA GLU A 50 5.96 7.92 2.78
C GLU A 50 7.23 7.81 3.61
N TYR A 51 7.80 6.59 3.67
CA TYR A 51 9.21 6.30 3.98
C TYR A 51 9.88 7.37 4.82
N ARG A 52 9.39 7.54 6.06
CA ARG A 52 9.66 8.63 7.00
C ARG A 52 11.12 9.07 7.09
N PHE A 53 12.08 8.21 6.73
CA PHE A 53 13.47 8.58 6.47
C PHE A 53 13.74 8.48 4.97
N PRO A 54 13.24 9.41 4.13
CA PRO A 54 13.46 9.36 2.69
C PRO A 54 14.91 9.72 2.35
N GLU A 55 15.63 10.31 3.31
CA GLU A 55 17.05 10.56 3.31
C GLU A 55 17.88 9.27 3.31
N GLU A 56 17.32 8.13 3.71
CA GLU A 56 18.03 6.84 3.65
C GLU A 56 18.25 6.44 2.19
N LEU A 57 17.45 6.98 1.26
CA LEU A 57 17.49 6.67 -0.16
C LEU A 57 18.69 7.34 -0.82
N THR A 58 19.48 6.58 -1.57
CA THR A 58 20.47 7.19 -2.46
C THR A 58 20.71 6.35 -3.71
N GLN A 59 19.67 5.70 -4.25
CA GLN A 59 19.84 4.80 -5.37
C GLN A 59 18.48 4.34 -5.88
N THR A 60 18.00 4.97 -6.95
CA THR A 60 16.71 4.68 -7.55
C THR A 60 16.62 3.21 -7.98
N PHE A 61 17.64 2.71 -8.68
CA PHE A 61 17.81 1.31 -9.09
C PHE A 61 17.45 0.34 -7.97
N MET A 62 18.02 0.58 -6.79
CA MET A 62 18.08 -0.35 -5.69
C MET A 62 16.87 -0.18 -4.81
N SER A 63 16.42 1.06 -4.64
CA SER A 63 15.22 1.41 -3.90
C SER A 63 14.02 0.62 -4.42
N CYS A 64 13.91 0.50 -5.75
CA CYS A 64 12.90 -0.30 -6.41
C CYS A 64 12.92 -1.74 -5.88
N ASN A 65 14.11 -2.34 -5.70
CA ASN A 65 14.21 -3.70 -5.17
C ASN A 65 14.11 -3.73 -3.65
N LEU A 66 14.49 -2.67 -2.93
CA LEU A 66 14.42 -2.56 -1.47
C LEU A 66 12.98 -2.70 -1.02
N ILE A 67 12.08 -2.01 -1.72
CA ILE A 67 10.65 -2.13 -1.56
C ILE A 67 10.26 -3.61 -1.63
N THR A 68 10.68 -4.29 -2.70
CA THR A 68 10.37 -5.69 -2.86
C THR A 68 11.09 -6.55 -1.82
N GLY A 69 12.25 -6.15 -1.29
CA GLY A 69 12.92 -6.81 -0.18
C GLY A 69 11.98 -6.97 1.01
N MET A 70 11.28 -5.88 1.35
CA MET A 70 10.20 -5.90 2.33
C MET A 70 9.15 -6.92 1.89
N PHE A 71 8.68 -6.86 0.66
CA PHE A 71 7.65 -7.76 0.14
C PHE A 71 8.09 -9.24 0.23
N GLN A 72 9.38 -9.51 0.16
CA GLN A 72 9.96 -10.85 0.29
C GLN A 72 9.97 -11.30 1.76
N ARG A 73 9.99 -10.35 2.72
CA ARG A 73 9.78 -10.59 4.16
C ARG A 73 8.27 -10.71 4.47
N LEU A 74 7.43 -10.07 3.66
CA LEU A 74 5.99 -9.91 3.90
C LEU A 74 5.24 -10.84 2.93
N ASP A 75 5.79 -12.04 2.72
CA ASP A 75 5.29 -13.01 1.74
C ASP A 75 4.10 -13.72 2.37
N LYS A 76 4.29 -14.15 3.63
CA LYS A 76 3.27 -14.71 4.50
C LYS A 76 2.21 -13.67 4.90
N LEU A 77 2.18 -12.49 4.26
CA LEU A 77 1.25 -11.40 4.53
C LEU A 77 0.44 -11.05 3.29
N ARG A 78 1.08 -10.96 2.11
CA ARG A 78 0.40 -10.56 0.87
C ARG A 78 -0.80 -11.43 0.48
N LYS A 79 -0.98 -12.59 1.12
CA LYS A 79 -2.22 -13.36 0.96
C LYS A 79 -3.45 -12.58 1.46
N ASN A 80 -3.30 -11.64 2.39
CA ASN A 80 -4.35 -10.95 3.14
C ASN A 80 -4.00 -9.47 3.27
N ALA A 81 -3.21 -8.92 2.34
CA ALA A 81 -2.81 -7.53 2.32
C ALA A 81 -2.23 -7.20 0.95
N PHE A 82 -2.21 -5.93 0.58
CA PHE A 82 -1.71 -5.44 -0.70
C PHE A 82 -1.19 -4.04 -0.52
N ALA A 83 -0.38 -3.53 -1.46
CA ALA A 83 -0.05 -2.11 -1.49
C ALA A 83 0.29 -1.65 -2.90
N SER A 84 0.23 -0.34 -3.09
CA SER A 84 0.69 0.39 -4.26
C SER A 84 1.80 1.31 -3.79
N VAL A 85 3.01 0.76 -3.68
CA VAL A 85 4.22 1.47 -3.34
C VAL A 85 4.75 2.12 -4.62
N ILE A 86 5.35 3.30 -4.55
CA ILE A 86 5.84 4.04 -5.71
C ILE A 86 7.17 4.68 -5.30
N LEU A 87 8.19 4.52 -6.14
CA LEU A 87 9.51 5.14 -6.04
C LEU A 87 9.46 6.44 -6.85
N PHE A 88 9.67 7.57 -6.19
CA PHE A 88 9.68 8.89 -6.80
C PHE A 88 11.13 9.37 -6.92
N GLY A 89 11.34 10.63 -7.33
CA GLY A 89 12.63 11.32 -7.24
C GLY A 89 13.73 10.63 -8.04
N THR A 90 14.97 10.68 -7.58
CA THR A 90 16.14 10.25 -8.32
C THR A 90 17.25 9.96 -7.30
N ASN A 91 18.50 9.69 -7.71
CA ASN A 91 19.58 9.40 -6.75
C ASN A 91 19.78 10.58 -5.80
N ASN A 92 19.79 11.80 -6.37
CA ASN A 92 20.00 13.06 -5.66
C ASN A 92 19.11 13.17 -4.42
N SER A 93 17.81 12.88 -4.56
CA SER A 93 16.94 12.59 -3.44
C SER A 93 15.76 11.82 -4.01
N SER A 94 15.23 10.88 -3.23
CA SER A 94 14.06 10.12 -3.56
C SER A 94 13.05 10.21 -2.42
N SER A 95 11.95 9.50 -2.56
CA SER A 95 11.00 9.17 -1.53
C SER A 95 10.31 7.92 -2.05
N ILE A 96 9.99 7.00 -1.15
CA ILE A 96 9.06 5.93 -1.45
C ILE A 96 7.79 6.30 -0.71
N SER A 97 6.71 6.53 -1.43
CA SER A 97 5.39 6.63 -0.83
C SER A 97 4.49 5.49 -1.32
N GLY A 98 3.21 5.48 -0.96
CA GLY A 98 2.28 4.43 -1.33
C GLY A 98 1.28 4.13 -0.23
N VAL A 99 0.20 3.43 -0.58
CA VAL A 99 -0.85 3.03 0.36
C VAL A 99 -0.92 1.53 0.38
N TRP A 100 -1.12 0.99 1.57
CA TRP A 100 -1.16 -0.43 1.86
C TRP A 100 -2.54 -0.74 2.41
N VAL A 101 -2.86 -2.02 2.42
CA VAL A 101 -4.11 -2.59 2.86
C VAL A 101 -3.77 -3.81 3.67
N PHE A 102 -4.37 -3.94 4.85
CA PHE A 102 -4.11 -4.99 5.83
C PHE A 102 -5.46 -5.39 6.39
N ARG A 103 -5.67 -6.68 6.68
CA ARG A 103 -6.98 -7.17 7.09
C ARG A 103 -7.09 -7.18 8.60
N GLY A 104 -7.17 -6.02 9.21
CA GLY A 104 -7.53 -5.91 10.62
C GLY A 104 -7.71 -4.44 10.94
N GLN A 105 -7.98 -4.14 12.22
CA GLN A 105 -7.93 -2.78 12.70
C GLN A 105 -6.47 -2.30 12.73
N GLU A 106 -5.50 -3.20 12.94
CA GLU A 106 -4.07 -2.94 12.95
C GLU A 106 -3.46 -3.00 11.55
N LEU A 107 -2.19 -2.60 11.44
CA LEU A 107 -1.44 -2.54 10.19
C LEU A 107 -0.76 -3.87 9.85
N ALA A 108 -1.03 -4.95 10.58
CA ALA A 108 -0.49 -6.31 10.40
C ALA A 108 0.93 -6.48 10.95
N PHE A 109 1.85 -5.57 10.61
CA PHE A 109 3.18 -5.47 11.19
C PHE A 109 3.20 -5.69 12.72
N PRO A 110 2.32 -5.07 13.53
CA PRO A 110 2.33 -5.27 14.98
C PRO A 110 1.84 -6.65 15.41
N LEU A 111 1.14 -7.37 14.52
CA LEU A 111 0.57 -8.67 14.83
C LEU A 111 1.63 -9.77 14.74
N SER A 112 2.75 -9.51 14.05
CA SER A 112 3.80 -10.49 13.87
C SER A 112 5.18 -9.81 13.92
N PRO A 113 6.06 -10.15 14.88
CA PRO A 113 7.42 -9.63 14.91
C PRO A 113 8.29 -10.14 13.76
N ASP A 114 7.77 -11.02 12.90
CA ASP A 114 8.37 -11.34 11.61
C ASP A 114 8.48 -10.08 10.77
N TRP A 115 7.46 -9.21 10.81
CA TRP A 115 7.38 -8.00 10.01
C TRP A 115 7.65 -6.79 10.89
N GLN A 116 8.83 -6.72 11.50
CA GLN A 116 9.24 -5.63 12.36
C GLN A 116 10.73 -5.39 12.12
N VAL A 117 11.07 -5.22 10.84
CA VAL A 117 12.43 -5.17 10.35
C VAL A 117 12.83 -3.69 10.26
N ASP A 118 12.55 -3.02 9.14
CA ASP A 118 12.92 -1.63 8.87
C ASP A 118 11.70 -0.71 8.87
N TYR A 119 10.52 -1.28 9.11
CA TYR A 119 9.23 -0.60 9.17
C TYR A 119 9.23 0.67 10.04
N GLU A 120 10.11 0.75 11.03
CA GLU A 120 10.22 1.88 11.93
C GLU A 120 10.81 3.13 11.25
N SER A 121 11.46 2.99 10.10
CA SER A 121 11.87 4.13 9.27
C SER A 121 10.77 4.59 8.31
N TYR A 122 9.58 3.96 8.33
CA TYR A 122 8.45 4.29 7.47
C TYR A 122 7.32 4.83 8.37
N THR A 123 6.32 5.47 7.79
CA THR A 123 5.17 6.04 8.49
C THR A 123 3.97 5.20 8.11
N TRP A 124 2.99 5.03 9.01
CA TRP A 124 1.83 4.20 8.74
C TRP A 124 0.65 4.86 9.45
N ARG A 125 -0.46 5.16 8.75
CA ARG A 125 -1.63 5.79 9.37
C ARG A 125 -2.91 5.31 8.73
N LYS A 126 -3.89 4.86 9.53
CA LYS A 126 -5.22 4.51 9.08
C LYS A 126 -5.87 5.73 8.46
N LEU A 127 -6.50 5.60 7.30
CA LEU A 127 -7.15 6.70 6.61
C LEU A 127 -8.64 6.39 6.51
N ASP A 128 -9.49 7.41 6.54
CA ASP A 128 -10.94 7.21 6.54
C ASP A 128 -11.41 6.87 5.13
N PRO A 129 -12.07 5.74 4.88
CA PRO A 129 -12.57 5.40 3.56
C PRO A 129 -13.78 6.23 3.11
N GLY A 130 -14.31 7.11 3.97
CA GLY A 130 -15.23 8.15 3.59
C GLY A 130 -14.66 9.49 4.02
N SER A 131 -13.47 9.82 3.53
CA SER A 131 -12.86 11.13 3.65
C SER A 131 -12.92 11.93 2.34
N GLU A 132 -12.13 13.00 2.23
CA GLU A 132 -11.75 13.66 0.98
C GLU A 132 -10.30 13.34 0.59
N GLU A 133 -9.41 13.12 1.56
CA GLU A 133 -7.98 13.07 1.26
C GLU A 133 -7.64 11.65 0.83
N THR A 134 -7.92 10.68 1.70
CA THR A 134 -7.83 9.25 1.45
C THR A 134 -8.29 8.90 0.04
N GLN A 135 -9.44 9.43 -0.38
CA GLN A 135 -10.06 9.16 -1.67
C GLN A 135 -9.09 9.49 -2.81
N THR A 136 -8.45 10.65 -2.72
CA THR A 136 -7.60 11.23 -3.71
C THR A 136 -6.31 10.43 -3.66
N LEU A 137 -5.67 10.31 -2.48
CA LEU A 137 -4.44 9.55 -2.29
C LEU A 137 -4.58 8.15 -2.87
N VAL A 138 -5.61 7.42 -2.48
CA VAL A 138 -5.97 6.13 -3.04
C VAL A 138 -6.02 6.24 -4.55
N ARG A 139 -6.85 7.13 -5.11
CA ARG A 139 -6.94 7.29 -6.55
C ARG A 139 -5.55 7.46 -7.14
N GLU A 140 -4.66 8.24 -6.57
CA GLU A 140 -3.33 8.47 -7.13
C GLU A 140 -2.53 7.20 -7.10
N TYR A 141 -2.42 6.56 -5.94
CA TYR A 141 -1.64 5.36 -5.77
C TYR A 141 -2.19 4.18 -6.58
N PHE A 142 -3.46 4.21 -6.97
CA PHE A 142 -4.16 3.05 -7.51
C PHE A 142 -4.20 3.25 -9.01
N SER A 143 -4.42 4.50 -9.45
CA SER A 143 -4.48 4.81 -10.86
C SER A 143 -3.09 5.07 -11.42
N TRP A 144 -2.23 5.72 -10.61
CA TRP A 144 -0.95 6.30 -11.01
C TRP A 144 -1.10 7.52 -11.92
N GLU A 145 -2.31 8.08 -12.03
CA GLU A 145 -2.63 9.14 -12.98
C GLU A 145 -2.88 10.46 -12.25
N GLY A 146 -3.45 10.37 -11.05
CA GLY A 146 -3.91 11.42 -10.15
C GLY A 146 -3.38 12.82 -10.43
N ALA A 147 -2.15 13.09 -9.97
CA ALA A 147 -1.32 14.27 -10.17
C ALA A 147 -0.03 14.16 -9.36
N PHE A 148 -0.06 13.49 -8.19
CA PHE A 148 1.00 13.36 -7.20
C PHE A 148 1.62 14.68 -6.75
N GLN A 149 0.92 15.80 -6.94
CA GLN A 149 1.38 17.10 -6.43
C GLN A 149 1.55 17.09 -4.91
N HIS A 150 0.82 16.23 -4.18
CA HIS A 150 1.03 16.05 -2.74
C HIS A 150 2.48 15.64 -2.43
N VAL A 151 3.15 14.97 -3.37
CA VAL A 151 4.57 14.64 -3.31
C VAL A 151 5.35 15.83 -3.88
N GLY A 152 5.03 16.20 -5.13
CA GLY A 152 5.73 17.23 -5.88
C GLY A 152 7.06 16.72 -6.49
N LYS A 153 7.40 15.44 -6.31
CA LYS A 153 8.46 14.76 -7.05
C LYS A 153 7.87 14.38 -8.43
N ALA A 154 8.30 13.26 -9.00
CA ALA A 154 7.66 12.58 -10.12
C ALA A 154 7.41 11.14 -9.74
N PHE A 155 6.36 10.53 -10.32
CA PHE A 155 5.86 9.17 -10.13
C PHE A 155 6.84 8.05 -10.47
N ASN A 156 8.00 8.39 -11.03
CA ASN A 156 8.83 7.63 -11.94
C ASN A 156 8.57 6.13 -12.00
N GLN A 157 8.77 5.41 -10.89
CA GLN A 157 8.84 3.96 -10.90
C GLN A 157 7.87 3.38 -9.87
N GLY A 158 6.64 3.16 -10.31
CA GLY A 158 5.58 2.51 -9.54
C GLY A 158 5.93 1.07 -9.17
N LYS A 159 5.20 0.50 -8.21
CA LYS A 159 5.32 -0.88 -7.74
C LYS A 159 3.95 -1.37 -7.29
N ILE A 160 3.79 -2.68 -7.08
CA ILE A 160 2.65 -3.27 -6.39
C ILE A 160 3.19 -4.34 -5.43
N PHE A 161 2.50 -4.50 -4.30
CA PHE A 161 2.70 -5.53 -3.30
C PHE A 161 1.51 -6.46 -3.43
N LYS A 162 1.62 -7.41 -4.36
CA LYS A 162 0.78 -8.59 -4.47
C LYS A 162 1.67 -9.81 -4.30
N ALA A 1 0.20 -21.17 7.17
CA ALA A 1 0.54 -21.95 8.38
C ALA A 1 0.79 -20.99 9.54
N LYS A 2 -0.16 -20.90 10.50
CA LYS A 2 -0.43 -19.75 11.37
C LYS A 2 -0.71 -18.51 10.55
N ASP A 3 -1.68 -17.70 10.97
CA ASP A 3 -1.84 -16.34 10.48
C ASP A 3 -2.49 -15.52 11.58
N PRO A 4 -2.25 -14.20 11.66
CA PRO A 4 -2.97 -13.33 12.58
C PRO A 4 -4.43 -13.31 12.13
N PHE A 5 -4.64 -13.04 10.85
CA PHE A 5 -5.94 -12.97 10.21
C PHE A 5 -6.43 -14.37 9.86
N ALA A 6 -6.19 -15.35 10.72
CA ALA A 6 -6.78 -16.68 10.62
C ALA A 6 -8.10 -16.70 11.40
N HIS A 7 -8.10 -16.08 12.58
CA HIS A 7 -9.22 -16.11 13.50
C HIS A 7 -10.41 -15.23 13.07
N LEU A 8 -10.15 -14.27 12.17
CA LEU A 8 -11.15 -13.30 11.74
C LEU A 8 -12.25 -14.03 10.97
N PRO A 9 -13.48 -13.48 10.94
CA PRO A 9 -14.59 -14.06 10.21
C PRO A 9 -14.37 -13.89 8.70
N LYS A 10 -15.35 -14.33 7.89
CA LYS A 10 -15.29 -14.39 6.43
C LYS A 10 -14.70 -13.14 5.77
N SER A 11 -14.00 -13.32 4.66
CA SER A 11 -13.49 -12.22 3.87
C SER A 11 -14.67 -11.70 3.04
N THR A 12 -15.42 -10.77 3.61
CA THR A 12 -16.51 -10.03 2.99
C THR A 12 -16.01 -9.46 1.66
N PHE A 13 -14.98 -8.61 1.72
CA PHE A 13 -14.31 -8.09 0.55
C PHE A 13 -13.33 -9.12 0.01
N ALA A 14 -13.26 -9.28 -1.31
CA ALA A 14 -12.33 -10.15 -1.99
C ALA A 14 -11.12 -9.35 -2.42
N LEU A 15 -10.00 -9.52 -1.72
CA LEU A 15 -8.78 -8.83 -2.11
C LEU A 15 -8.31 -9.30 -3.50
N ASP A 16 -8.41 -10.59 -3.77
CA ASP A 16 -7.90 -11.20 -5.00
C ASP A 16 -8.65 -10.72 -6.23
N GLU A 17 -9.94 -10.41 -6.13
CA GLU A 17 -10.74 -9.83 -7.22
C GLU A 17 -10.21 -8.43 -7.51
N PHE A 18 -10.11 -7.62 -6.46
CA PHE A 18 -9.63 -6.25 -6.56
C PHE A 18 -8.26 -6.24 -7.24
N LYS A 19 -7.35 -7.14 -6.86
CA LYS A 19 -5.99 -7.16 -7.37
C LYS A 19 -5.91 -7.37 -8.88
N ARG A 20 -6.92 -8.00 -9.51
CA ARG A 20 -6.89 -8.33 -10.94
C ARG A 20 -7.24 -7.06 -11.69
N LYS A 21 -8.51 -6.66 -11.58
CA LYS A 21 -9.08 -5.51 -12.26
C LYS A 21 -8.22 -4.25 -12.07
N TYR A 22 -7.53 -4.15 -10.93
CA TYR A 22 -6.58 -3.10 -10.57
C TYR A 22 -5.72 -2.59 -11.73
N SER A 23 -5.03 -3.46 -12.46
CA SER A 23 -4.26 -3.07 -13.64
C SER A 23 -4.75 -3.81 -14.88
N ASN A 24 -5.65 -4.79 -14.72
CA ASN A 24 -6.22 -5.47 -15.88
C ASN A 24 -7.20 -4.55 -16.57
N GLU A 25 -7.80 -3.60 -15.85
CA GLU A 25 -8.88 -2.77 -16.34
C GLU A 25 -8.67 -1.30 -15.95
N ASP A 26 -9.59 -0.47 -16.41
CA ASP A 26 -9.70 0.98 -16.27
C ASP A 26 -9.98 1.40 -14.83
N THR A 27 -9.08 1.09 -13.90
CA THR A 27 -9.27 1.20 -12.47
C THR A 27 -9.99 2.45 -12.00
N LEU A 28 -9.74 3.61 -12.61
CA LEU A 28 -10.45 4.86 -12.34
C LEU A 28 -11.97 4.64 -12.22
N SER A 29 -12.54 3.85 -13.11
CA SER A 29 -13.95 3.48 -13.18
C SER A 29 -14.20 1.97 -13.12
N VAL A 30 -13.21 1.18 -12.70
CA VAL A 30 -13.29 -0.28 -12.60
C VAL A 30 -13.04 -0.72 -11.16
N ALA A 31 -11.79 -0.64 -10.68
CA ALA A 31 -11.48 -1.06 -9.32
C ALA A 31 -11.97 -0.02 -8.32
N LEU A 32 -11.86 1.26 -8.67
CA LEU A 32 -12.23 2.39 -7.83
C LEU A 32 -13.69 2.37 -7.43
N PRO A 33 -14.66 2.34 -8.36
CA PRO A 33 -16.06 2.32 -7.98
C PRO A 33 -16.36 1.10 -7.12
N TYR A 34 -15.92 -0.08 -7.56
CA TYR A 34 -16.07 -1.36 -6.88
C TYR A 34 -15.52 -1.32 -5.46
N PHE A 35 -14.40 -0.62 -5.27
CA PHE A 35 -13.72 -0.50 -3.99
C PHE A 35 -14.48 0.48 -3.09
N TRP A 36 -14.95 1.62 -3.61
CA TRP A 36 -15.66 2.63 -2.84
C TRP A 36 -17.15 2.30 -2.69
N GLU A 37 -17.56 1.15 -3.23
CA GLU A 37 -18.93 0.65 -3.27
C GLU A 37 -19.19 0.04 -1.89
N HIS A 38 -18.61 -1.13 -1.63
CA HIS A 38 -18.85 -1.94 -0.45
C HIS A 38 -17.49 -2.53 -0.07
N PHE A 39 -16.57 -1.67 0.40
CA PHE A 39 -15.25 -2.03 0.87
C PHE A 39 -15.32 -3.04 2.04
N ASP A 40 -15.10 -2.59 3.28
CA ASP A 40 -14.92 -3.38 4.50
C ASP A 40 -14.20 -2.54 5.54
N LYS A 41 -14.68 -1.31 5.77
CA LYS A 41 -14.25 -0.51 6.92
C LYS A 41 -14.40 -1.29 8.25
N ASP A 42 -15.23 -2.33 8.28
CA ASP A 42 -15.44 -3.23 9.41
C ASP A 42 -14.24 -4.13 9.71
N GLY A 43 -13.24 -4.19 8.84
CA GLY A 43 -12.02 -4.93 9.16
C GLY A 43 -10.82 -4.73 8.25
N TRP A 44 -10.97 -4.54 6.94
CA TRP A 44 -9.86 -4.08 6.12
C TRP A 44 -9.53 -2.64 6.49
N SER A 45 -8.30 -2.19 6.27
CA SER A 45 -7.91 -0.84 6.63
C SER A 45 -6.87 -0.35 5.62
N LEU A 46 -7.01 0.89 5.17
CA LEU A 46 -6.04 1.59 4.33
C LEU A 46 -4.96 2.17 5.22
N TRP A 47 -3.73 2.23 4.72
CA TRP A 47 -2.58 2.78 5.43
C TRP A 47 -1.72 3.53 4.44
N TYR A 48 -1.54 4.84 4.66
CA TYR A 48 -0.64 5.66 3.86
C TYR A 48 0.76 5.59 4.50
N SER A 49 1.78 5.44 3.64
CA SER A 49 3.19 5.50 3.97
C SER A 49 3.82 6.54 3.06
N GLU A 50 4.84 7.21 3.58
CA GLU A 50 5.68 8.14 2.85
C GLU A 50 7.11 7.95 3.35
N TYR A 51 7.52 6.70 3.61
CA TYR A 51 8.89 6.27 3.95
C TYR A 51 9.70 7.33 4.68
N ARG A 52 9.22 7.66 5.89
CA ARG A 52 9.67 8.65 6.86
C ARG A 52 11.16 9.00 6.91
N PHE A 53 12.05 8.13 6.41
CA PHE A 53 13.46 8.36 6.25
C PHE A 53 13.82 8.39 4.75
N PRO A 54 13.43 9.44 4.00
CA PRO A 54 13.81 9.58 2.59
C PRO A 54 15.31 9.78 2.45
N GLU A 55 16.00 10.29 3.48
CA GLU A 55 17.45 10.47 3.51
C GLU A 55 18.17 9.18 3.17
N GLU A 56 17.65 8.04 3.65
CA GLU A 56 18.28 6.73 3.58
C GLU A 56 18.36 6.25 2.11
N LEU A 57 17.47 6.76 1.25
CA LEU A 57 17.50 6.47 -0.17
C LEU A 57 18.74 7.14 -0.75
N THR A 58 19.54 6.40 -1.50
CA THR A 58 20.73 6.96 -2.11
C THR A 58 20.98 6.32 -3.49
N GLN A 59 19.89 6.07 -4.24
CA GLN A 59 19.76 5.57 -5.60
C GLN A 59 18.36 5.02 -5.86
N THR A 60 17.98 4.94 -7.13
CA THR A 60 16.72 4.36 -7.59
C THR A 60 16.78 2.83 -7.50
N PHE A 61 17.84 2.23 -8.03
CA PHE A 61 17.99 0.78 -8.21
C PHE A 61 18.04 0.01 -6.88
N MET A 62 18.29 0.72 -5.78
CA MET A 62 18.22 0.18 -4.44
C MET A 62 16.77 0.32 -3.99
N SER A 63 16.21 1.54 -3.98
CA SER A 63 14.85 1.86 -3.57
C SER A 63 13.83 0.89 -4.14
N CYS A 64 13.84 0.69 -5.47
CA CYS A 64 12.90 -0.17 -6.16
C CYS A 64 13.03 -1.66 -5.80
N ASN A 65 14.15 -2.06 -5.17
CA ASN A 65 14.43 -3.41 -4.72
C ASN A 65 14.21 -3.52 -3.21
N LEU A 66 14.46 -2.45 -2.45
CA LEU A 66 14.30 -2.27 -1.01
C LEU A 66 12.86 -2.54 -0.65
N ILE A 67 11.95 -1.88 -1.37
CA ILE A 67 10.51 -2.04 -1.31
C ILE A 67 10.19 -3.53 -1.30
N THR A 68 10.64 -4.18 -2.37
CA THR A 68 10.32 -5.58 -2.60
C THR A 68 11.01 -6.50 -1.58
N GLY A 69 12.21 -6.18 -1.11
CA GLY A 69 12.88 -6.93 -0.05
C GLY A 69 11.98 -7.04 1.17
N MET A 70 11.37 -5.92 1.57
CA MET A 70 10.42 -5.87 2.66
C MET A 70 9.20 -6.73 2.31
N PHE A 71 8.64 -6.61 1.11
CA PHE A 71 7.52 -7.45 0.67
C PHE A 71 7.83 -8.93 0.86
N GLN A 72 9.06 -9.36 0.60
CA GLN A 72 9.43 -10.77 0.69
C GLN A 72 9.45 -11.21 2.17
N ARG A 73 9.76 -10.31 3.10
CA ARG A 73 9.58 -10.58 4.53
C ARG A 73 8.10 -10.68 4.88
N LEU A 74 7.27 -9.83 4.29
CA LEU A 74 5.84 -9.74 4.52
C LEU A 74 5.08 -10.73 3.60
N ASP A 75 5.61 -11.93 3.37
CA ASP A 75 5.07 -12.88 2.39
C ASP A 75 3.85 -13.55 3.02
N LYS A 76 4.07 -14.07 4.22
CA LYS A 76 3.08 -14.56 5.15
C LYS A 76 2.05 -13.52 5.61
N LEU A 77 2.01 -12.32 5.00
CA LEU A 77 1.06 -11.24 5.30
C LEU A 77 0.16 -11.00 4.09
N ARG A 78 0.74 -10.75 2.90
CA ARG A 78 0.02 -10.38 1.67
C ARG A 78 -1.13 -11.32 1.25
N LYS A 79 -1.18 -12.54 1.78
CA LYS A 79 -2.34 -13.41 1.62
C LYS A 79 -3.63 -12.74 2.14
N ASN A 80 -3.52 -11.73 3.00
CA ASN A 80 -4.59 -10.87 3.48
C ASN A 80 -4.06 -9.43 3.60
N ALA A 81 -3.32 -8.94 2.59
CA ALA A 81 -2.90 -7.56 2.50
C ALA A 81 -2.37 -7.25 1.09
N PHE A 82 -2.39 -5.98 0.70
CA PHE A 82 -1.94 -5.53 -0.62
C PHE A 82 -1.31 -4.16 -0.47
N ALA A 83 -0.45 -3.73 -1.40
CA ALA A 83 -0.02 -2.33 -1.44
C ALA A 83 0.38 -1.87 -2.83
N SER A 84 0.48 -0.55 -2.97
CA SER A 84 0.91 0.17 -4.14
C SER A 84 1.95 1.18 -3.68
N VAL A 85 3.21 0.95 -4.02
CA VAL A 85 4.38 1.61 -3.44
C VAL A 85 5.19 2.17 -4.59
N ILE A 86 5.46 3.47 -4.57
CA ILE A 86 5.95 4.20 -5.72
C ILE A 86 7.25 4.89 -5.27
N LEU A 87 8.29 4.68 -6.06
CA LEU A 87 9.62 5.27 -5.97
C LEU A 87 9.54 6.59 -6.75
N PHE A 88 9.65 7.70 -6.03
CA PHE A 88 9.62 9.02 -6.63
C PHE A 88 11.00 9.63 -6.44
N GLY A 89 11.26 10.73 -7.14
CA GLY A 89 12.59 11.30 -7.15
C GLY A 89 13.59 10.29 -7.69
N THR A 90 14.87 10.54 -7.46
CA THR A 90 15.96 9.96 -8.22
C THR A 90 17.18 9.86 -7.32
N ASN A 91 18.31 9.35 -7.83
CA ASN A 91 19.59 9.26 -7.11
C ASN A 91 19.90 10.52 -6.29
N ASN A 92 19.77 11.71 -6.89
CA ASN A 92 20.00 12.97 -6.19
C ASN A 92 19.19 13.09 -4.90
N SER A 93 17.88 12.83 -4.99
CA SER A 93 16.97 12.91 -3.86
C SER A 93 15.70 12.16 -4.26
N SER A 94 15.38 11.10 -3.53
CA SER A 94 14.24 10.22 -3.72
C SER A 94 13.30 10.32 -2.51
N SER A 95 12.17 9.63 -2.61
CA SER A 95 11.21 9.39 -1.57
C SER A 95 10.46 8.15 -2.05
N ILE A 96 10.11 7.25 -1.13
CA ILE A 96 9.10 6.25 -1.37
C ILE A 96 7.83 6.78 -0.70
N SER A 97 6.72 6.70 -1.39
CA SER A 97 5.41 6.76 -0.74
C SER A 97 4.48 5.73 -1.36
N GLY A 98 3.35 5.45 -0.73
CA GLY A 98 2.45 4.43 -1.20
C GLY A 98 1.35 4.15 -0.19
N VAL A 99 0.43 3.28 -0.59
CA VAL A 99 -0.75 2.95 0.22
C VAL A 99 -0.84 1.44 0.30
N TRP A 100 -1.10 0.94 1.50
CA TRP A 100 -1.18 -0.47 1.82
C TRP A 100 -2.55 -0.75 2.41
N VAL A 101 -2.88 -2.03 2.49
CA VAL A 101 -4.12 -2.54 3.01
C VAL A 101 -3.79 -3.74 3.88
N PHE A 102 -4.38 -3.84 5.07
CA PHE A 102 -4.17 -4.91 6.05
C PHE A 102 -5.53 -5.28 6.63
N ARG A 103 -5.74 -6.53 7.09
CA ARG A 103 -7.07 -7.00 7.45
C ARG A 103 -7.34 -6.98 8.96
N GLY A 104 -7.23 -5.85 9.63
CA GLY A 104 -7.53 -5.66 11.04
C GLY A 104 -7.48 -4.18 11.40
N GLN A 105 -7.71 -3.88 12.68
CA GLN A 105 -7.64 -2.52 13.23
C GLN A 105 -6.20 -2.00 13.28
N GLU A 106 -5.21 -2.88 13.29
CA GLU A 106 -3.79 -2.54 13.32
C GLU A 106 -3.19 -2.68 11.92
N LEU A 107 -1.88 -2.44 11.77
CA LEU A 107 -1.24 -2.42 10.46
C LEU A 107 -0.66 -3.78 10.07
N ALA A 108 -0.94 -4.83 10.84
CA ALA A 108 -0.50 -6.21 10.65
C ALA A 108 0.92 -6.45 11.12
N PHE A 109 1.85 -5.58 10.77
CA PHE A 109 3.22 -5.59 11.26
C PHE A 109 3.29 -5.80 12.79
N PRO A 110 2.54 -5.05 13.64
CA PRO A 110 2.50 -5.29 15.09
C PRO A 110 1.93 -6.65 15.50
N LEU A 111 1.19 -7.31 14.61
CA LEU A 111 0.50 -8.57 14.88
C LEU A 111 1.42 -9.77 14.67
N SER A 112 2.59 -9.54 14.07
CA SER A 112 3.62 -10.54 13.96
C SER A 112 4.97 -9.83 13.98
N PRO A 113 5.74 -9.93 15.08
CA PRO A 113 7.08 -9.35 15.16
C PRO A 113 8.08 -10.02 14.22
N ASP A 114 7.64 -10.99 13.40
CA ASP A 114 8.31 -11.39 12.18
C ASP A 114 8.56 -10.15 11.31
N TRP A 115 7.56 -9.25 11.16
CA TRP A 115 7.54 -8.19 10.16
C TRP A 115 7.98 -6.81 10.68
N GLN A 116 8.99 -6.74 11.54
CA GLN A 116 9.31 -5.55 12.30
C GLN A 116 10.82 -5.33 12.28
N VAL A 117 11.39 -5.31 11.08
CA VAL A 117 12.82 -5.26 10.83
C VAL A 117 13.19 -3.80 10.58
N ASP A 118 12.73 -3.24 9.46
CA ASP A 118 12.99 -1.87 9.04
C ASP A 118 11.72 -1.03 8.84
N TYR A 119 10.53 -1.60 9.09
CA TYR A 119 9.27 -0.87 8.96
C TYR A 119 9.21 0.46 9.72
N GLU A 120 9.92 0.64 10.84
CA GLU A 120 9.77 1.84 11.64
C GLU A 120 10.36 3.07 10.95
N SER A 121 11.23 2.89 9.96
CA SER A 121 11.69 3.97 9.11
C SER A 121 10.58 4.48 8.17
N TYR A 122 9.39 3.87 8.14
CA TYR A 122 8.24 4.26 7.33
C TYR A 122 7.14 4.80 8.24
N THR A 123 6.23 5.57 7.68
CA THR A 123 5.00 5.98 8.35
C THR A 123 3.90 4.97 8.03
N TRP A 124 2.95 4.81 8.96
CA TRP A 124 1.80 3.97 8.76
C TRP A 124 0.61 4.64 9.43
N ARG A 125 -0.25 5.36 8.68
CA ARG A 125 -1.42 6.03 9.28
C ARG A 125 -2.70 5.52 8.63
N LYS A 126 -3.65 4.99 9.43
CA LYS A 126 -5.01 4.70 8.98
C LYS A 126 -5.67 6.00 8.56
N LEU A 127 -6.57 5.93 7.58
CA LEU A 127 -7.26 7.10 7.06
C LEU A 127 -8.71 6.75 6.77
N ASP A 128 -9.57 7.76 6.73
CA ASP A 128 -11.01 7.62 6.51
C ASP A 128 -11.29 7.08 5.11
N PRO A 129 -12.04 5.97 4.94
CA PRO A 129 -12.55 5.57 3.64
C PRO A 129 -13.75 6.41 3.15
N GLY A 130 -14.20 7.42 3.92
CA GLY A 130 -15.25 8.37 3.54
C GLY A 130 -14.76 9.82 3.44
N SER A 131 -13.45 10.02 3.44
CA SER A 131 -12.73 11.29 3.37
C SER A 131 -12.98 12.06 2.08
N GLU A 132 -12.32 13.21 1.96
CA GLU A 132 -11.95 13.78 0.67
C GLU A 132 -10.57 13.26 0.26
N GLU A 133 -9.58 13.35 1.13
CA GLU A 133 -8.17 13.32 0.73
C GLU A 133 -7.75 11.92 0.30
N THR A 134 -7.94 10.93 1.19
CA THR A 134 -7.56 9.55 0.95
C THR A 134 -8.17 9.00 -0.34
N GLN A 135 -9.35 9.50 -0.72
CA GLN A 135 -9.98 9.22 -1.99
C GLN A 135 -9.05 9.58 -3.16
N THR A 136 -8.47 10.79 -3.18
CA THR A 136 -7.46 11.20 -4.12
C THR A 136 -6.28 10.27 -3.94
N LEU A 137 -5.70 10.19 -2.73
CA LEU A 137 -4.44 9.48 -2.52
C LEU A 137 -4.54 8.08 -3.12
N VAL A 138 -5.53 7.30 -2.69
CA VAL A 138 -5.85 6.00 -3.24
C VAL A 138 -5.95 6.11 -4.75
N ARG A 139 -6.84 6.94 -5.27
CA ARG A 139 -7.06 7.06 -6.69
C ARG A 139 -5.75 7.26 -7.43
N GLU A 140 -4.84 8.10 -6.96
CA GLU A 140 -3.58 8.35 -7.62
C GLU A 140 -2.68 7.14 -7.48
N TYR A 141 -2.47 6.63 -6.27
CA TYR A 141 -1.64 5.47 -6.01
C TYR A 141 -2.17 4.21 -6.71
N PHE A 142 -3.41 4.18 -7.21
CA PHE A 142 -4.08 3.00 -7.74
C PHE A 142 -4.17 3.10 -9.24
N SER A 143 -4.45 4.31 -9.74
CA SER A 143 -4.59 4.52 -11.15
C SER A 143 -3.27 4.93 -11.79
N TRP A 144 -2.41 5.60 -11.00
CA TRP A 144 -1.18 6.24 -11.43
C TRP A 144 -1.42 7.46 -12.34
N GLU A 145 -2.68 7.88 -12.53
CA GLU A 145 -3.07 8.89 -13.52
C GLU A 145 -3.14 10.31 -12.97
N GLY A 146 -3.14 10.40 -11.64
CA GLY A 146 -3.46 11.62 -10.91
C GLY A 146 -2.46 12.74 -11.14
N ALA A 147 -1.61 12.95 -10.14
CA ALA A 147 -0.69 14.07 -10.08
C ALA A 147 0.50 13.73 -9.19
N PHE A 148 0.26 13.10 -8.03
CA PHE A 148 1.23 12.98 -6.93
C PHE A 148 1.86 14.33 -6.59
N GLN A 149 1.13 15.42 -6.83
CA GLN A 149 1.54 16.79 -6.62
C GLN A 149 1.70 17.11 -5.14
N HIS A 150 1.00 16.40 -4.25
CA HIS A 150 1.22 16.58 -2.82
C HIS A 150 2.62 16.08 -2.43
N VAL A 151 3.19 15.13 -3.20
CA VAL A 151 4.56 14.66 -3.02
C VAL A 151 5.51 15.63 -3.76
N GLY A 152 5.08 16.22 -4.87
CA GLY A 152 5.84 17.19 -5.63
C GLY A 152 7.08 16.62 -6.31
N LYS A 153 7.24 15.30 -6.32
CA LYS A 153 8.30 14.60 -7.04
C LYS A 153 7.72 14.22 -8.42
N ALA A 154 8.04 13.03 -8.95
CA ALA A 154 7.41 12.46 -10.14
C ALA A 154 7.35 10.95 -9.97
N PHE A 155 6.37 10.33 -10.64
CA PHE A 155 5.93 8.94 -10.58
C PHE A 155 7.00 7.88 -10.93
N ASN A 156 8.19 8.29 -11.37
CA ASN A 156 9.23 7.58 -12.13
C ASN A 156 9.14 6.05 -12.13
N GLN A 157 9.19 5.37 -10.97
CA GLN A 157 9.00 3.93 -10.90
C GLN A 157 8.01 3.56 -9.80
N GLY A 158 7.32 2.43 -9.94
CA GLY A 158 6.42 1.89 -8.93
C GLY A 158 6.61 0.41 -8.71
N LYS A 159 5.81 -0.13 -7.80
CA LYS A 159 5.78 -1.52 -7.40
C LYS A 159 4.43 -1.80 -6.75
N ILE A 160 3.95 -3.03 -6.81
CA ILE A 160 2.75 -3.50 -6.15
C ILE A 160 3.15 -4.68 -5.24
N PHE A 161 2.39 -4.88 -4.16
CA PHE A 161 2.52 -5.91 -3.15
C PHE A 161 1.27 -6.77 -3.29
N LYS A 162 1.38 -7.85 -4.07
CA LYS A 162 0.32 -8.78 -4.46
C LYS A 162 0.85 -10.22 -4.50
N ALA A 1 1.09 -22.06 15.15
CA ALA A 1 0.38 -20.78 15.07
C ALA A 1 0.77 -20.10 13.76
N LYS A 2 -0.21 -19.71 12.93
CA LYS A 2 0.04 -19.05 11.65
C LYS A 2 -1.24 -18.33 11.21
N ASP A 3 -1.17 -17.58 10.12
CA ASP A 3 -2.19 -16.67 9.60
C ASP A 3 -2.80 -15.82 10.73
N PRO A 4 -2.27 -14.61 10.97
CA PRO A 4 -2.73 -13.76 12.06
C PRO A 4 -4.19 -13.38 11.84
N PHE A 5 -4.56 -13.10 10.60
CA PHE A 5 -5.90 -12.70 10.21
C PHE A 5 -6.79 -13.94 9.99
N ALA A 6 -6.62 -14.97 10.81
CA ALA A 6 -7.48 -16.15 10.84
C ALA A 6 -8.51 -16.05 11.95
N HIS A 7 -8.25 -15.29 13.02
CA HIS A 7 -9.19 -15.14 14.13
C HIS A 7 -10.51 -14.49 13.65
N LEU A 8 -10.40 -13.70 12.58
CA LEU A 8 -11.48 -12.99 11.93
C LEU A 8 -12.50 -13.97 11.36
N PRO A 9 -13.74 -13.50 11.16
CA PRO A 9 -14.79 -14.27 10.53
C PRO A 9 -14.60 -14.26 9.01
N LYS A 10 -15.64 -14.63 8.26
CA LYS A 10 -15.69 -14.53 6.82
C LYS A 10 -15.39 -13.12 6.32
N SER A 11 -15.12 -13.00 5.03
CA SER A 11 -14.51 -11.85 4.37
C SER A 11 -15.34 -11.50 3.15
N THR A 12 -16.19 -10.47 3.24
CA THR A 12 -17.10 -10.13 2.15
C THR A 12 -16.31 -9.60 0.96
N PHE A 13 -15.35 -8.73 1.22
CA PHE A 13 -14.55 -8.14 0.17
C PHE A 13 -13.52 -9.17 -0.26
N ALA A 14 -13.20 -9.14 -1.55
CA ALA A 14 -12.39 -10.11 -2.25
C ALA A 14 -11.19 -9.41 -2.83
N LEU A 15 -10.12 -9.40 -2.03
CA LEU A 15 -8.88 -8.78 -2.39
C LEU A 15 -8.38 -9.32 -3.71
N ASP A 16 -8.39 -10.63 -3.92
CA ASP A 16 -7.85 -11.22 -5.15
C ASP A 16 -8.62 -10.78 -6.39
N GLU A 17 -9.94 -10.59 -6.27
CA GLU A 17 -10.74 -10.10 -7.38
C GLU A 17 -10.35 -8.67 -7.68
N PHE A 18 -10.31 -7.85 -6.63
CA PHE A 18 -9.89 -6.46 -6.74
C PHE A 18 -8.50 -6.41 -7.40
N LYS A 19 -7.53 -7.18 -6.91
CA LYS A 19 -6.14 -7.17 -7.32
C LYS A 19 -5.95 -7.55 -8.79
N ARG A 20 -6.87 -8.31 -9.40
CA ARG A 20 -6.88 -8.53 -10.84
C ARG A 20 -7.22 -7.22 -11.53
N LYS A 21 -8.47 -6.78 -11.45
CA LYS A 21 -8.95 -5.60 -12.16
C LYS A 21 -8.07 -4.38 -11.89
N TYR A 22 -7.49 -4.30 -10.69
CA TYR A 22 -6.57 -3.28 -10.24
C TYR A 22 -5.51 -2.88 -11.26
N SER A 23 -4.88 -3.87 -11.89
CA SER A 23 -3.78 -3.67 -12.82
C SER A 23 -4.14 -4.23 -14.19
N ASN A 24 -5.22 -5.01 -14.28
CA ASN A 24 -5.71 -5.48 -15.57
C ASN A 24 -6.41 -4.31 -16.29
N GLU A 25 -7.02 -3.37 -15.56
CA GLU A 25 -8.10 -2.56 -16.14
C GLU A 25 -7.93 -1.05 -15.95
N ASP A 26 -8.91 -0.30 -16.44
CA ASP A 26 -9.08 1.14 -16.28
C ASP A 26 -9.62 1.40 -14.88
N THR A 27 -8.85 1.01 -13.86
CA THR A 27 -9.11 1.15 -12.44
C THR A 27 -9.98 2.35 -12.11
N LEU A 28 -9.65 3.52 -12.65
CA LEU A 28 -10.45 4.73 -12.73
C LEU A 28 -11.95 4.49 -12.60
N SER A 29 -12.57 3.76 -13.52
CA SER A 29 -13.97 3.38 -13.47
C SER A 29 -14.18 1.86 -13.50
N VAL A 30 -13.20 1.09 -13.05
CA VAL A 30 -13.24 -0.36 -12.99
C VAL A 30 -13.09 -0.80 -11.54
N ALA A 31 -11.89 -0.64 -10.99
CA ALA A 31 -11.60 -1.10 -9.65
C ALA A 31 -12.09 -0.09 -8.62
N LEU A 32 -11.90 1.20 -8.89
CA LEU A 32 -12.31 2.33 -8.04
C LEU A 32 -13.79 2.30 -7.70
N PRO A 33 -14.73 2.25 -8.66
CA PRO A 33 -16.14 2.23 -8.33
C PRO A 33 -16.47 1.00 -7.49
N TYR A 34 -16.04 -0.18 -7.97
CA TYR A 34 -16.23 -1.47 -7.32
C TYR A 34 -15.70 -1.45 -5.89
N PHE A 35 -14.64 -0.68 -5.62
CA PHE A 35 -14.04 -0.59 -4.31
C PHE A 35 -14.79 0.36 -3.40
N TRP A 36 -15.25 1.50 -3.90
CA TRP A 36 -15.87 2.56 -3.12
C TRP A 36 -17.37 2.33 -2.93
N GLU A 37 -17.83 1.15 -3.32
CA GLU A 37 -19.22 0.74 -3.33
C GLU A 37 -19.47 -0.06 -2.04
N HIS A 38 -18.90 -1.26 -1.91
CA HIS A 38 -19.03 -2.13 -0.75
C HIS A 38 -17.64 -2.67 -0.43
N PHE A 39 -16.74 -1.83 0.14
CA PHE A 39 -15.43 -2.29 0.60
C PHE A 39 -15.57 -3.30 1.77
N ASP A 40 -15.33 -2.85 3.00
CA ASP A 40 -15.23 -3.64 4.25
C ASP A 40 -14.47 -2.77 5.26
N LYS A 41 -14.88 -1.50 5.32
CA LYS A 41 -14.41 -0.47 6.26
C LYS A 41 -14.64 -0.82 7.74
N ASP A 42 -15.26 -1.96 8.00
CA ASP A 42 -15.27 -2.63 9.29
C ASP A 42 -13.87 -3.11 9.71
N GLY A 43 -13.10 -3.67 8.77
CA GLY A 43 -12.04 -4.61 9.15
C GLY A 43 -10.95 -4.92 8.13
N TRP A 44 -11.08 -4.56 6.84
CA TRP A 44 -9.90 -4.09 6.12
C TRP A 44 -9.55 -2.68 6.60
N SER A 45 -8.34 -2.18 6.30
CA SER A 45 -8.02 -0.78 6.58
C SER A 45 -6.98 -0.29 5.59
N LEU A 46 -7.01 1.00 5.27
CA LEU A 46 -6.05 1.70 4.41
C LEU A 46 -4.98 2.32 5.29
N TRP A 47 -3.74 2.26 4.83
CA TRP A 47 -2.56 2.75 5.53
C TRP A 47 -1.67 3.49 4.57
N TYR A 48 -1.67 4.82 4.61
CA TYR A 48 -0.74 5.64 3.85
C TYR A 48 0.63 5.55 4.54
N SER A 49 1.71 5.56 3.75
CA SER A 49 3.09 5.46 4.20
C SER A 49 3.96 6.26 3.23
N GLU A 50 4.91 7.04 3.76
CA GLU A 50 5.76 8.00 3.03
C GLU A 50 7.16 7.96 3.64
N TYR A 51 7.66 6.76 3.93
CA TYR A 51 9.07 6.47 4.17
C TYR A 51 9.80 7.56 4.93
N ARG A 52 9.36 7.79 6.18
CA ARG A 52 9.79 8.84 7.09
C ARG A 52 11.28 9.20 7.08
N PHE A 53 12.15 8.31 6.58
CA PHE A 53 13.53 8.58 6.22
C PHE A 53 13.74 8.51 4.69
N PRO A 54 13.24 9.47 3.88
CA PRO A 54 13.51 9.47 2.43
C PRO A 54 14.98 9.71 2.12
N GLU A 55 15.74 10.26 3.07
CA GLU A 55 17.17 10.52 2.97
C GLU A 55 18.00 9.23 2.97
N GLU A 56 17.43 8.10 3.42
CA GLU A 56 18.09 6.79 3.37
C GLU A 56 18.07 6.23 1.93
N LEU A 57 17.48 6.97 0.97
CA LEU A 57 17.54 6.68 -0.46
C LEU A 57 18.78 7.30 -1.09
N THR A 58 19.60 6.47 -1.74
CA THR A 58 20.81 6.85 -2.44
C THR A 58 20.93 6.01 -3.74
N GLN A 59 19.81 5.77 -4.43
CA GLN A 59 19.73 5.14 -5.75
C GLN A 59 18.28 5.11 -6.25
N THR A 60 18.08 4.77 -7.52
CA THR A 60 16.77 4.51 -8.11
C THR A 60 16.48 3.00 -8.04
N PHE A 61 17.11 2.23 -8.91
CA PHE A 61 16.82 0.82 -9.16
C PHE A 61 16.86 -0.05 -7.93
N MET A 62 17.71 0.33 -6.99
CA MET A 62 18.05 -0.43 -5.82
C MET A 62 16.97 -0.23 -4.77
N SER A 63 16.27 0.91 -4.81
CA SER A 63 15.19 1.22 -3.91
C SER A 63 13.98 0.34 -4.20
N CYS A 64 13.69 0.08 -5.48
CA CYS A 64 12.70 -0.92 -5.87
C CYS A 64 13.06 -2.29 -5.28
N ASN A 65 14.37 -2.60 -5.18
CA ASN A 65 14.83 -3.88 -4.66
C ASN A 65 14.78 -3.90 -3.13
N LEU A 66 14.87 -2.74 -2.46
CA LEU A 66 14.67 -2.56 -1.03
C LEU A 66 13.20 -2.81 -0.66
N ILE A 67 12.28 -2.07 -1.32
CA ILE A 67 10.84 -2.23 -1.20
C ILE A 67 10.51 -3.71 -1.31
N THR A 68 10.91 -4.29 -2.43
CA THR A 68 10.55 -5.67 -2.72
C THR A 68 11.30 -6.66 -1.82
N GLY A 69 12.39 -6.24 -1.16
CA GLY A 69 13.05 -7.02 -0.13
C GLY A 69 12.15 -7.19 1.08
N MET A 70 11.51 -6.09 1.50
CA MET A 70 10.46 -6.12 2.51
C MET A 70 9.35 -7.04 2.02
N PHE A 71 8.92 -6.90 0.75
CA PHE A 71 7.84 -7.71 0.21
C PHE A 71 8.14 -9.19 0.39
N GLN A 72 9.40 -9.62 0.23
CA GLN A 72 9.75 -11.03 0.38
C GLN A 72 9.64 -11.47 1.85
N ARG A 73 9.94 -10.58 2.81
CA ARG A 73 9.71 -10.85 4.24
C ARG A 73 8.20 -10.86 4.53
N LEU A 74 7.42 -10.09 3.79
CA LEU A 74 5.98 -9.89 3.97
C LEU A 74 5.24 -10.75 2.93
N ASP A 75 5.73 -11.96 2.67
CA ASP A 75 5.13 -12.85 1.66
C ASP A 75 3.94 -13.55 2.27
N LYS A 76 4.15 -14.03 3.49
CA LYS A 76 3.14 -14.56 4.40
C LYS A 76 2.10 -13.52 4.84
N LEU A 77 2.10 -12.32 4.23
CA LEU A 77 1.21 -11.21 4.56
C LEU A 77 0.35 -10.83 3.36
N ARG A 78 0.94 -10.71 2.16
CA ARG A 78 0.18 -10.30 0.97
C ARG A 78 -1.01 -11.20 0.62
N LYS A 79 -1.11 -12.39 1.20
CA LYS A 79 -2.28 -13.25 1.09
C LYS A 79 -3.52 -12.64 1.75
N ASN A 80 -3.35 -11.62 2.60
CA ASN A 80 -4.40 -10.91 3.33
C ASN A 80 -4.01 -9.42 3.44
N ALA A 81 -3.27 -8.89 2.46
CA ALA A 81 -2.86 -7.48 2.40
C ALA A 81 -2.40 -7.13 0.98
N PHE A 82 -2.33 -5.84 0.67
CA PHE A 82 -1.82 -5.35 -0.61
C PHE A 82 -1.30 -3.94 -0.42
N ALA A 83 -0.41 -3.46 -1.28
CA ALA A 83 -0.03 -2.06 -1.31
C ALA A 83 0.40 -1.63 -2.69
N SER A 84 0.50 -0.32 -2.87
CA SER A 84 0.95 0.34 -4.07
C SER A 84 2.03 1.29 -3.60
N VAL A 85 3.28 0.94 -3.87
CA VAL A 85 4.48 1.43 -3.23
C VAL A 85 5.34 1.97 -4.36
N ILE A 86 5.44 3.28 -4.46
CA ILE A 86 5.95 3.96 -5.63
C ILE A 86 7.23 4.66 -5.15
N LEU A 87 8.33 4.35 -5.84
CA LEU A 87 9.62 5.00 -5.75
C LEU A 87 9.50 6.26 -6.58
N PHE A 88 9.39 7.39 -5.89
CA PHE A 88 9.40 8.70 -6.50
C PHE A 88 10.80 9.29 -6.40
N GLY A 89 11.01 10.36 -7.15
CA GLY A 89 12.30 11.02 -7.20
C GLY A 89 13.40 10.07 -7.67
N THR A 90 14.64 10.51 -7.52
CA THR A 90 15.79 9.92 -8.17
C THR A 90 16.95 10.09 -7.19
N ASN A 91 18.07 9.40 -7.37
CA ASN A 91 19.18 9.35 -6.41
C ASN A 91 19.52 10.71 -5.77
N ASN A 92 19.55 11.78 -6.58
CA ASN A 92 19.72 13.16 -6.14
C ASN A 92 18.77 13.61 -5.00
N SER A 93 17.51 13.18 -5.02
CA SER A 93 16.50 13.35 -3.98
C SER A 93 15.29 12.47 -4.34
N SER A 94 15.03 11.42 -3.56
CA SER A 94 14.02 10.42 -3.80
C SER A 94 12.90 10.50 -2.75
N SER A 95 11.96 9.54 -2.78
CA SER A 95 11.06 9.17 -1.70
C SER A 95 10.47 7.82 -2.07
N ILE A 96 9.97 7.09 -1.08
CA ILE A 96 9.04 6.01 -1.30
C ILE A 96 7.78 6.48 -0.61
N SER A 97 6.70 6.53 -1.36
CA SER A 97 5.38 6.73 -0.79
C SER A 97 4.41 5.72 -1.40
N GLY A 98 3.23 5.59 -0.81
CA GLY A 98 2.34 4.51 -1.15
C GLY A 98 1.18 4.39 -0.18
N VAL A 99 0.25 3.51 -0.52
CA VAL A 99 -0.94 3.24 0.25
C VAL A 99 -1.07 1.73 0.30
N TRP A 100 -1.24 1.21 1.52
CA TRP A 100 -1.23 -0.18 1.85
C TRP A 100 -2.59 -0.54 2.43
N VAL A 101 -2.86 -1.83 2.46
CA VAL A 101 -4.08 -2.42 2.95
C VAL A 101 -3.66 -3.64 3.75
N PHE A 102 -4.22 -3.81 4.93
CA PHE A 102 -3.98 -4.89 5.86
C PHE A 102 -5.34 -5.29 6.40
N ARG A 103 -5.53 -6.57 6.71
CA ARG A 103 -6.86 -7.10 7.00
C ARG A 103 -7.09 -7.22 8.49
N GLY A 104 -7.04 -6.11 9.20
CA GLY A 104 -7.40 -6.08 10.60
C GLY A 104 -7.43 -4.63 11.06
N GLN A 105 -7.75 -4.45 12.34
CA GLN A 105 -7.82 -3.16 12.97
C GLN A 105 -6.42 -2.52 13.15
N GLU A 106 -5.35 -3.30 13.01
CA GLU A 106 -3.93 -2.90 13.11
C GLU A 106 -3.22 -3.14 11.78
N LEU A 107 -1.98 -2.62 11.64
CA LEU A 107 -1.27 -2.52 10.37
C LEU A 107 -0.56 -3.82 9.99
N ALA A 108 -0.79 -4.91 10.72
CA ALA A 108 -0.24 -6.24 10.49
C ALA A 108 1.18 -6.44 10.99
N PHE A 109 2.09 -5.53 10.63
CA PHE A 109 3.44 -5.47 11.16
C PHE A 109 3.48 -5.66 12.69
N PRO A 110 2.71 -4.91 13.51
CA PRO A 110 2.71 -5.09 14.96
C PRO A 110 2.09 -6.40 15.41
N LEU A 111 1.36 -7.08 14.53
CA LEU A 111 0.71 -8.33 14.88
C LEU A 111 1.71 -9.47 14.84
N SER A 112 2.84 -9.32 14.14
CA SER A 112 3.85 -10.36 14.09
C SER A 112 5.26 -9.76 13.92
N PRO A 113 6.19 -9.99 14.86
CA PRO A 113 7.57 -9.52 14.74
C PRO A 113 8.36 -10.23 13.63
N ASP A 114 7.71 -11.09 12.82
CA ASP A 114 8.22 -11.47 11.50
C ASP A 114 8.39 -10.25 10.60
N TRP A 115 7.60 -9.20 10.84
CA TRP A 115 7.48 -8.02 10.03
C TRP A 115 7.75 -6.77 10.84
N GLN A 116 8.90 -6.71 11.49
CA GLN A 116 9.35 -5.58 12.29
C GLN A 116 10.85 -5.53 12.07
N VAL A 117 11.25 -4.97 10.92
CA VAL A 117 12.60 -5.06 10.39
C VAL A 117 13.14 -3.63 10.23
N ASP A 118 12.86 -3.01 9.07
CA ASP A 118 13.17 -1.61 8.76
C ASP A 118 11.88 -0.77 8.70
N TYR A 119 10.72 -1.40 8.97
CA TYR A 119 9.41 -0.76 8.91
C TYR A 119 9.30 0.52 9.76
N GLU A 120 10.14 0.68 10.78
CA GLU A 120 10.12 1.77 11.72
C GLU A 120 10.51 3.10 11.06
N SER A 121 11.34 3.05 10.02
CA SER A 121 11.76 4.17 9.21
C SER A 121 10.66 4.67 8.28
N TYR A 122 9.54 3.94 8.18
CA TYR A 122 8.37 4.30 7.42
C TYR A 122 7.34 4.83 8.42
N THR A 123 6.33 5.52 7.91
CA THR A 123 5.20 5.99 8.69
C THR A 123 3.98 5.21 8.22
N TRP A 124 2.98 5.05 9.08
CA TRP A 124 1.86 4.17 8.83
C TRP A 124 0.67 4.78 9.55
N ARG A 125 -0.38 5.17 8.82
CA ARG A 125 -1.53 5.88 9.39
C ARG A 125 -2.81 5.36 8.77
N LYS A 126 -3.73 4.82 9.59
CA LYS A 126 -5.10 4.53 9.14
C LYS A 126 -5.74 5.80 8.64
N LEU A 127 -6.63 5.64 7.66
CA LEU A 127 -7.35 6.73 7.03
C LEU A 127 -8.81 6.36 6.89
N ASP A 128 -9.64 7.33 6.52
CA ASP A 128 -11.09 7.15 6.42
C ASP A 128 -11.44 6.81 4.96
N PRO A 129 -12.15 5.71 4.67
CA PRO A 129 -12.68 5.43 3.34
C PRO A 129 -13.90 6.30 3.00
N GLY A 130 -14.26 7.24 3.86
CA GLY A 130 -15.04 8.41 3.49
C GLY A 130 -14.36 9.66 4.03
N SER A 131 -13.06 9.81 3.75
CA SER A 131 -12.39 11.11 3.84
C SER A 131 -12.71 11.92 2.58
N GLU A 132 -11.82 12.86 2.24
CA GLU A 132 -11.72 13.50 0.93
C GLU A 132 -10.33 13.19 0.37
N GLU A 133 -9.29 13.48 1.16
CA GLU A 133 -7.90 13.34 0.71
C GLU A 133 -7.63 11.88 0.39
N THR A 134 -7.90 10.97 1.32
CA THR A 134 -7.73 9.52 1.15
C THR A 134 -8.31 9.02 -0.17
N GLN A 135 -9.46 9.55 -0.61
CA GLN A 135 -10.12 9.12 -1.83
C GLN A 135 -9.33 9.52 -3.08
N THR A 136 -8.55 10.61 -2.99
CA THR A 136 -7.64 11.13 -3.97
C THR A 136 -6.38 10.28 -3.88
N LEU A 137 -5.76 10.17 -2.69
CA LEU A 137 -4.55 9.37 -2.48
C LEU A 137 -4.74 8.01 -3.09
N VAL A 138 -5.78 7.29 -2.70
CA VAL A 138 -6.14 6.02 -3.28
C VAL A 138 -6.21 6.15 -4.79
N ARG A 139 -7.05 7.03 -5.33
CA ARG A 139 -7.19 7.18 -6.77
C ARG A 139 -5.82 7.29 -7.43
N GLU A 140 -4.95 8.17 -6.98
CA GLU A 140 -3.70 8.46 -7.64
C GLU A 140 -2.73 7.29 -7.47
N TYR A 141 -2.59 6.76 -6.26
CA TYR A 141 -1.72 5.63 -5.96
C TYR A 141 -2.22 4.32 -6.56
N PHE A 142 -3.46 4.24 -7.06
CA PHE A 142 -4.06 3.02 -7.58
C PHE A 142 -4.04 3.13 -9.09
N SER A 143 -4.44 4.30 -9.61
CA SER A 143 -4.58 4.47 -11.03
C SER A 143 -3.27 4.91 -11.66
N TRP A 144 -2.38 5.55 -10.87
CA TRP A 144 -1.11 6.14 -11.31
C TRP A 144 -1.33 7.28 -12.31
N GLU A 145 -2.56 7.79 -12.41
CA GLU A 145 -2.92 8.88 -13.30
C GLU A 145 -2.64 10.26 -12.69
N GLY A 146 -2.42 10.29 -11.39
CA GLY A 146 -2.51 11.43 -10.50
C GLY A 146 -1.39 12.42 -10.69
N ALA A 147 -1.31 13.32 -9.72
CA ALA A 147 -0.41 14.44 -9.73
C ALA A 147 0.65 14.33 -8.64
N PHE A 148 0.30 13.71 -7.50
CA PHE A 148 1.13 13.58 -6.30
C PHE A 148 1.76 14.90 -5.86
N GLN A 149 1.19 16.07 -6.22
CA GLN A 149 1.81 17.37 -6.00
C GLN A 149 2.02 17.70 -4.51
N HIS A 150 1.18 17.14 -3.64
CA HIS A 150 1.35 17.17 -2.19
C HIS A 150 2.71 16.58 -1.77
N VAL A 151 3.24 15.63 -2.55
CA VAL A 151 4.60 15.10 -2.40
C VAL A 151 5.54 15.98 -3.22
N GLY A 152 5.17 16.29 -4.45
CA GLY A 152 5.93 17.15 -5.33
C GLY A 152 7.17 16.48 -5.93
N LYS A 153 7.38 15.18 -5.68
CA LYS A 153 8.34 14.39 -6.45
C LYS A 153 7.64 13.98 -7.77
N ALA A 154 8.22 13.00 -8.47
CA ALA A 154 7.75 12.46 -9.74
C ALA A 154 7.59 10.95 -9.62
N PHE A 155 6.58 10.40 -10.29
CA PHE A 155 6.07 9.02 -10.24
C PHE A 155 7.06 7.89 -10.59
N ASN A 156 8.28 8.24 -11.01
CA ASN A 156 9.25 7.49 -11.80
C ASN A 156 9.08 5.98 -11.83
N GLN A 157 9.08 5.27 -10.70
CA GLN A 157 8.80 3.84 -10.68
C GLN A 157 7.68 3.49 -9.69
N GLY A 158 6.62 2.83 -10.16
CA GLY A 158 5.63 2.22 -9.28
C GLY A 158 6.04 0.78 -8.90
N LYS A 159 5.39 0.22 -7.87
CA LYS A 159 5.48 -1.21 -7.52
C LYS A 159 4.23 -1.60 -6.76
N ILE A 160 3.89 -2.89 -6.79
CA ILE A 160 2.71 -3.44 -6.14
C ILE A 160 3.13 -4.54 -5.19
N PHE A 161 2.59 -4.52 -3.98
CA PHE A 161 2.77 -5.51 -2.94
C PHE A 161 1.60 -6.48 -3.06
N LYS A 162 1.62 -7.33 -4.08
CA LYS A 162 0.84 -8.54 -4.12
C LYS A 162 1.82 -9.71 -4.04
N ALA A 1 -2.69 -20.86 15.06
CA ALA A 1 -2.25 -19.48 14.91
C ALA A 1 -0.90 -19.41 14.21
N LYS A 2 -0.90 -19.42 12.87
CA LYS A 2 0.18 -18.89 12.04
C LYS A 2 -0.41 -17.71 11.29
N ASP A 3 -1.42 -17.99 10.46
CA ASP A 3 -2.14 -17.01 9.67
C ASP A 3 -2.76 -16.03 10.65
N PRO A 4 -2.30 -14.77 10.73
CA PRO A 4 -2.85 -13.83 11.70
C PRO A 4 -4.32 -13.61 11.42
N PHE A 5 -4.68 -13.41 10.16
CA PHE A 5 -6.01 -13.04 9.73
C PHE A 5 -6.85 -14.30 9.43
N ALA A 6 -6.70 -15.35 10.23
CA ALA A 6 -7.45 -16.60 10.10
C ALA A 6 -8.54 -16.80 11.15
N HIS A 7 -8.47 -16.09 12.28
CA HIS A 7 -9.52 -16.08 13.30
C HIS A 7 -10.66 -15.14 12.90
N LEU A 8 -10.37 -14.13 12.07
CA LEU A 8 -11.32 -13.12 11.63
C LEU A 8 -12.43 -13.82 10.85
N PRO A 9 -13.67 -13.32 10.91
CA PRO A 9 -14.88 -14.02 10.45
C PRO A 9 -15.07 -14.07 8.92
N LYS A 10 -13.98 -13.83 8.20
CA LYS A 10 -13.90 -13.35 6.82
C LYS A 10 -14.57 -11.98 6.67
N SER A 11 -14.38 -11.39 5.51
CA SER A 11 -15.03 -10.17 5.06
C SER A 11 -15.80 -10.55 3.80
N THR A 12 -16.41 -9.59 3.11
CA THR A 12 -17.04 -9.83 1.82
C THR A 12 -16.19 -9.23 0.69
N PHE A 13 -15.21 -8.40 1.04
CA PHE A 13 -14.36 -7.74 0.07
C PHE A 13 -13.32 -8.74 -0.41
N ALA A 14 -13.22 -8.85 -1.74
CA ALA A 14 -12.44 -9.86 -2.44
C ALA A 14 -11.16 -9.25 -2.98
N LEU A 15 -10.15 -9.22 -2.13
CA LEU A 15 -8.84 -8.69 -2.45
C LEU A 15 -8.28 -9.35 -3.70
N ASP A 16 -8.49 -10.66 -3.89
CA ASP A 16 -7.89 -11.35 -5.02
C ASP A 16 -8.54 -10.96 -6.33
N GLU A 17 -9.84 -10.67 -6.31
CA GLU A 17 -10.53 -10.15 -7.48
C GLU A 17 -10.11 -8.71 -7.69
N PHE A 18 -9.99 -7.94 -6.60
CA PHE A 18 -9.64 -6.54 -6.70
C PHE A 18 -8.28 -6.42 -7.36
N LYS A 19 -7.31 -7.26 -6.98
CA LYS A 19 -5.96 -7.16 -7.53
C LYS A 19 -5.90 -7.40 -9.03
N ARG A 20 -6.87 -8.09 -9.63
CA ARG A 20 -6.86 -8.36 -11.06
C ARG A 20 -7.29 -7.09 -11.76
N LYS A 21 -8.57 -6.74 -11.64
CA LYS A 21 -9.14 -5.57 -12.31
C LYS A 21 -8.31 -4.30 -12.09
N TYR A 22 -7.61 -4.21 -10.96
CA TYR A 22 -6.63 -3.18 -10.60
C TYR A 22 -5.69 -2.73 -11.74
N SER A 23 -5.15 -3.69 -12.49
CA SER A 23 -4.20 -3.46 -13.57
C SER A 23 -4.76 -4.00 -14.88
N ASN A 24 -5.80 -4.83 -14.79
CA ASN A 24 -6.32 -5.57 -15.91
C ASN A 24 -7.43 -4.76 -16.55
N GLU A 25 -8.03 -3.81 -15.82
CA GLU A 25 -9.09 -2.95 -16.32
C GLU A 25 -8.84 -1.49 -15.95
N ASP A 26 -9.73 -0.60 -16.41
CA ASP A 26 -9.69 0.85 -16.24
C ASP A 26 -10.00 1.30 -14.82
N THR A 27 -9.13 0.92 -13.88
CA THR A 27 -9.26 1.08 -12.45
C THR A 27 -10.00 2.34 -12.03
N LEU A 28 -9.73 3.50 -12.62
CA LEU A 28 -10.41 4.78 -12.34
C LEU A 28 -11.92 4.59 -12.25
N SER A 29 -12.53 3.86 -13.18
CA SER A 29 -13.94 3.50 -13.19
C SER A 29 -14.19 1.99 -13.23
N VAL A 30 -13.24 1.17 -12.79
CA VAL A 30 -13.39 -0.28 -12.72
C VAL A 30 -13.17 -0.72 -11.28
N ALA A 31 -11.94 -0.61 -10.80
CA ALA A 31 -11.61 -1.11 -9.47
C ALA A 31 -12.00 -0.09 -8.42
N LEU A 32 -11.81 1.20 -8.69
CA LEU A 32 -12.16 2.32 -7.83
C LEU A 32 -13.64 2.34 -7.42
N PRO A 33 -14.60 2.28 -8.35
CA PRO A 33 -16.01 2.27 -7.99
C PRO A 33 -16.31 1.01 -7.16
N TYR A 34 -15.97 -0.18 -7.68
CA TYR A 34 -16.16 -1.45 -7.02
C TYR A 34 -15.57 -1.45 -5.60
N PHE A 35 -14.47 -0.73 -5.40
CA PHE A 35 -13.83 -0.57 -4.12
C PHE A 35 -14.66 0.33 -3.21
N TRP A 36 -15.07 1.52 -3.66
CA TRP A 36 -15.61 2.58 -2.80
C TRP A 36 -17.10 2.44 -2.55
N GLU A 37 -17.73 1.43 -3.15
CA GLU A 37 -19.15 1.21 -3.12
C GLU A 37 -19.43 0.22 -1.99
N HIS A 38 -18.65 -0.85 -1.95
CA HIS A 38 -18.81 -1.99 -1.07
C HIS A 38 -17.38 -2.35 -0.64
N PHE A 39 -16.73 -1.48 0.13
CA PHE A 39 -15.38 -1.80 0.61
C PHE A 39 -15.45 -2.86 1.74
N ASP A 40 -15.26 -2.47 3.01
CA ASP A 40 -15.21 -3.29 4.24
C ASP A 40 -14.47 -2.48 5.31
N LYS A 41 -14.91 -1.24 5.54
CA LYS A 41 -14.46 -0.39 6.64
C LYS A 41 -14.63 -1.00 8.03
N ASP A 42 -15.34 -2.13 8.12
CA ASP A 42 -15.49 -2.92 9.33
C ASP A 42 -14.29 -3.81 9.63
N GLY A 43 -13.35 -4.00 8.70
CA GLY A 43 -12.35 -5.02 8.97
C GLY A 43 -11.15 -5.18 8.03
N TRP A 44 -11.15 -4.59 6.83
CA TRP A 44 -9.89 -4.16 6.24
C TRP A 44 -9.42 -2.89 6.99
N SER A 45 -8.30 -2.31 6.57
CA SER A 45 -8.02 -0.89 6.73
C SER A 45 -7.07 -0.45 5.63
N LEU A 46 -7.01 0.86 5.37
CA LEU A 46 -6.08 1.53 4.48
C LEU A 46 -5.03 2.19 5.35
N TRP A 47 -3.78 2.11 4.92
CA TRP A 47 -2.62 2.61 5.65
C TRP A 47 -1.78 3.45 4.70
N TYR A 48 -1.70 4.74 4.98
CA TYR A 48 -0.94 5.73 4.25
C TYR A 48 0.50 5.68 4.74
N SER A 49 1.45 5.64 3.80
CA SER A 49 2.86 5.50 4.04
C SER A 49 3.64 6.43 3.12
N GLU A 50 4.72 7.01 3.64
CA GLU A 50 5.48 8.08 3.01
C GLU A 50 6.93 8.02 3.51
N TYR A 51 7.45 6.77 3.66
CA TYR A 51 8.83 6.44 4.01
C TYR A 51 9.54 7.48 4.87
N ARG A 52 9.03 7.68 6.09
CA ARG A 52 9.44 8.68 7.07
C ARG A 52 10.92 9.03 7.08
N PHE A 53 11.82 8.08 6.80
CA PHE A 53 13.25 8.28 6.54
C PHE A 53 13.55 8.11 5.04
N PRO A 54 13.22 9.09 4.18
CA PRO A 54 13.49 8.99 2.75
C PRO A 54 14.97 9.30 2.46
N GLU A 55 15.68 9.89 3.42
CA GLU A 55 17.11 10.18 3.36
C GLU A 55 17.93 8.92 3.17
N GLU A 56 17.43 7.78 3.67
CA GLU A 56 18.03 6.46 3.62
C GLU A 56 18.19 5.96 2.16
N LEU A 57 17.49 6.60 1.21
CA LEU A 57 17.61 6.37 -0.21
C LEU A 57 18.74 7.21 -0.74
N THR A 58 19.57 6.62 -1.59
CA THR A 58 20.70 7.33 -2.19
C THR A 58 20.91 6.83 -3.64
N GLN A 59 19.83 6.58 -4.38
CA GLN A 59 19.71 6.19 -5.79
C GLN A 59 18.31 5.59 -6.02
N THR A 60 17.87 5.49 -7.27
CA THR A 60 16.57 4.87 -7.58
C THR A 60 16.69 3.35 -7.66
N PHE A 61 17.74 2.85 -8.29
CA PHE A 61 17.92 1.43 -8.62
C PHE A 61 17.86 0.57 -7.36
N MET A 62 18.49 1.09 -6.30
CA MET A 62 18.54 0.47 -4.99
C MET A 62 17.15 0.51 -4.39
N SER A 63 16.53 1.69 -4.34
CA SER A 63 15.25 1.96 -3.70
C SER A 63 14.19 0.93 -4.12
N CYS A 64 14.00 0.72 -5.43
CA CYS A 64 12.99 -0.23 -5.90
C CYS A 64 13.31 -1.67 -5.48
N ASN A 65 14.60 -2.00 -5.37
CA ASN A 65 15.08 -3.30 -4.90
C ASN A 65 14.81 -3.44 -3.41
N LEU A 66 15.17 -2.41 -2.62
CA LEU A 66 15.02 -2.26 -1.18
C LEU A 66 13.56 -2.48 -0.75
N ILE A 67 12.65 -1.75 -1.40
CA ILE A 67 11.20 -1.91 -1.34
C ILE A 67 10.87 -3.40 -1.39
N THR A 68 11.36 -4.04 -2.43
CA THR A 68 10.96 -5.40 -2.76
C THR A 68 11.58 -6.38 -1.76
N GLY A 69 12.78 -6.13 -1.23
CA GLY A 69 13.37 -6.87 -0.12
C GLY A 69 12.38 -6.99 1.02
N MET A 70 11.73 -5.88 1.40
CA MET A 70 10.73 -5.87 2.46
C MET A 70 9.56 -6.79 2.09
N PHE A 71 9.08 -6.76 0.84
CA PHE A 71 8.04 -7.68 0.39
C PHE A 71 8.45 -9.16 0.53
N GLN A 72 9.74 -9.49 0.45
CA GLN A 72 10.20 -10.87 0.64
C GLN A 72 10.20 -11.26 2.14
N ARG A 73 10.21 -10.28 3.04
CA ARG A 73 9.93 -10.50 4.47
C ARG A 73 8.43 -10.62 4.69
N LEU A 74 7.64 -9.76 4.05
CA LEU A 74 6.19 -9.70 4.18
C LEU A 74 5.53 -10.72 3.25
N ASP A 75 6.13 -11.91 3.12
CA ASP A 75 5.78 -12.92 2.14
C ASP A 75 4.56 -13.71 2.62
N LYS A 76 4.55 -14.08 3.91
CA LYS A 76 3.37 -14.64 4.57
C LYS A 76 2.30 -13.57 4.87
N LEU A 77 2.36 -12.35 4.30
CA LEU A 77 1.44 -11.25 4.59
C LEU A 77 0.56 -10.93 3.39
N ARG A 78 1.16 -10.79 2.20
CA ARG A 78 0.49 -10.40 0.95
C ARG A 78 -0.74 -11.26 0.58
N LYS A 79 -0.88 -12.43 1.20
CA LYS A 79 -2.03 -13.31 1.06
C LYS A 79 -3.31 -12.65 1.60
N ASN A 80 -3.19 -11.71 2.53
CA ASN A 80 -4.28 -11.08 3.29
C ASN A 80 -4.00 -9.60 3.46
N ALA A 81 -3.25 -8.99 2.54
CA ALA A 81 -2.90 -7.57 2.50
C ALA A 81 -2.38 -7.23 1.12
N PHE A 82 -2.36 -5.95 0.74
CA PHE A 82 -1.95 -5.50 -0.59
C PHE A 82 -1.41 -4.08 -0.48
N ALA A 83 -0.47 -3.66 -1.35
CA ALA A 83 -0.02 -2.27 -1.35
C ALA A 83 0.42 -1.77 -2.72
N SER A 84 0.57 -0.46 -2.83
CA SER A 84 0.96 0.20 -4.07
C SER A 84 2.10 1.13 -3.74
N VAL A 85 3.32 0.59 -3.84
CA VAL A 85 4.54 1.30 -3.51
C VAL A 85 5.01 2.02 -4.77
N ILE A 86 5.42 3.27 -4.64
CA ILE A 86 5.90 4.05 -5.76
C ILE A 86 7.20 4.70 -5.29
N LEU A 87 8.23 4.58 -6.12
CA LEU A 87 9.57 5.12 -5.96
C LEU A 87 9.58 6.39 -6.81
N PHE A 88 9.80 7.52 -6.18
CA PHE A 88 9.71 8.82 -6.82
C PHE A 88 11.08 9.49 -6.79
N GLY A 89 11.23 10.66 -7.42
CA GLY A 89 12.45 11.43 -7.32
C GLY A 89 13.56 10.82 -8.16
N THR A 90 14.81 10.99 -7.73
CA THR A 90 15.94 10.62 -8.56
C THR A 90 17.16 10.45 -7.67
N ASN A 91 18.33 10.19 -8.29
CA ASN A 91 19.64 10.14 -7.63
C ASN A 91 19.73 11.23 -6.57
N ASN A 92 19.53 12.49 -6.97
CA ASN A 92 19.80 13.65 -6.13
C ASN A 92 18.84 13.77 -4.94
N SER A 93 17.69 13.09 -4.96
CA SER A 93 16.75 12.97 -3.85
C SER A 93 15.58 12.10 -4.30
N SER A 94 15.49 10.88 -3.79
CA SER A 94 14.36 9.98 -3.96
C SER A 94 13.39 10.16 -2.78
N SER A 95 12.24 9.50 -2.86
CA SER A 95 11.43 9.11 -1.73
C SER A 95 10.69 7.84 -2.15
N ILE A 96 10.14 7.12 -1.16
CA ILE A 96 9.14 6.10 -1.37
C ILE A 96 7.90 6.57 -0.63
N SER A 97 6.76 6.38 -1.26
CA SER A 97 5.48 6.41 -0.58
C SER A 97 4.60 5.28 -1.11
N GLY A 98 3.38 5.16 -0.60
CA GLY A 98 2.41 4.20 -1.09
C GLY A 98 1.27 4.03 -0.10
N VAL A 99 0.22 3.33 -0.51
CA VAL A 99 -0.93 3.03 0.33
C VAL A 99 -1.05 1.52 0.38
N TRP A 100 -1.16 0.99 1.59
CA TRP A 100 -1.17 -0.42 1.88
C TRP A 100 -2.51 -0.74 2.53
N VAL A 101 -2.82 -2.03 2.57
CA VAL A 101 -4.07 -2.56 3.04
C VAL A 101 -3.73 -3.76 3.90
N PHE A 102 -4.37 -3.87 5.05
CA PHE A 102 -4.12 -4.92 6.02
C PHE A 102 -5.45 -5.22 6.67
N ARG A 103 -5.73 -6.48 6.97
CA ARG A 103 -7.01 -6.86 7.52
C ARG A 103 -7.06 -6.66 9.03
N GLY A 104 -7.58 -5.56 9.55
CA GLY A 104 -7.89 -5.40 10.97
C GLY A 104 -7.62 -3.97 11.42
N GLN A 105 -7.68 -3.76 12.74
CA GLN A 105 -7.45 -2.46 13.37
C GLN A 105 -5.95 -2.14 13.48
N GLU A 106 -5.06 -3.12 13.31
CA GLU A 106 -3.61 -2.94 13.22
C GLU A 106 -3.17 -3.02 11.76
N LEU A 107 -1.89 -2.75 11.52
CA LEU A 107 -1.29 -2.71 10.19
C LEU A 107 -0.61 -4.01 9.81
N ALA A 108 -0.85 -5.11 10.55
CA ALA A 108 -0.30 -6.44 10.32
C ALA A 108 1.13 -6.62 10.80
N PHE A 109 2.04 -5.73 10.42
CA PHE A 109 3.40 -5.66 10.94
C PHE A 109 3.45 -5.91 12.47
N PRO A 110 2.64 -5.23 13.31
CA PRO A 110 2.62 -5.46 14.75
C PRO A 110 1.92 -6.76 15.17
N LEU A 111 1.10 -7.36 14.30
CA LEU A 111 0.40 -8.60 14.62
C LEU A 111 1.33 -9.81 14.59
N SER A 112 2.49 -9.70 13.96
CA SER A 112 3.41 -10.81 13.81
C SER A 112 4.83 -10.23 13.73
N PRO A 113 5.67 -10.44 14.74
CA PRO A 113 7.02 -9.90 14.82
C PRO A 113 7.99 -10.53 13.80
N ASP A 114 7.48 -11.34 12.87
CA ASP A 114 8.13 -11.63 11.59
C ASP A 114 8.49 -10.32 10.88
N TRP A 115 7.59 -9.33 10.94
CA TRP A 115 7.55 -8.19 10.04
C TRP A 115 7.85 -6.88 10.76
N GLN A 116 8.96 -6.79 11.46
CA GLN A 116 9.34 -5.61 12.24
C GLN A 116 10.84 -5.50 12.13
N VAL A 117 11.33 -5.02 10.99
CA VAL A 117 12.75 -4.95 10.69
C VAL A 117 13.13 -3.48 10.44
N ASP A 118 12.88 -2.96 9.23
CA ASP A 118 13.07 -1.54 8.90
C ASP A 118 11.74 -0.80 9.01
N TYR A 119 10.62 -1.50 9.21
CA TYR A 119 9.27 -0.96 9.33
C TYR A 119 9.15 0.35 10.11
N GLU A 120 9.97 0.53 11.15
CA GLU A 120 10.00 1.71 11.98
C GLU A 120 10.32 2.96 11.15
N SER A 121 11.25 2.85 10.19
CA SER A 121 11.76 3.91 9.34
C SER A 121 10.71 4.47 8.37
N TYR A 122 9.57 3.80 8.22
CA TYR A 122 8.45 4.24 7.39
C TYR A 122 7.37 4.79 8.31
N THR A 123 6.30 5.33 7.74
CA THR A 123 5.15 5.83 8.50
C THR A 123 3.94 5.02 8.04
N TRP A 124 3.00 4.81 8.95
CA TRP A 124 1.83 3.97 8.72
C TRP A 124 0.70 4.55 9.57
N ARG A 125 -0.34 5.13 8.96
CA ARG A 125 -1.51 5.60 9.69
C ARG A 125 -2.77 5.18 8.97
N LYS A 126 -3.77 4.71 9.73
CA LYS A 126 -5.10 4.39 9.25
C LYS A 126 -5.77 5.67 8.77
N LEU A 127 -6.69 5.57 7.81
CA LEU A 127 -7.42 6.74 7.32
C LEU A 127 -8.88 6.41 7.09
N ASP A 128 -9.69 7.46 6.96
CA ASP A 128 -11.14 7.44 6.81
C ASP A 128 -11.46 7.02 5.37
N PRO A 129 -12.12 5.89 5.12
CA PRO A 129 -12.60 5.52 3.78
C PRO A 129 -13.85 6.29 3.34
N GLY A 130 -14.16 7.41 3.99
CA GLY A 130 -15.07 8.43 3.47
C GLY A 130 -14.49 9.85 3.60
N SER A 131 -13.15 9.99 3.68
CA SER A 131 -12.48 11.28 3.58
C SER A 131 -12.68 11.90 2.19
N GLU A 132 -11.88 12.92 1.89
CA GLU A 132 -11.69 13.50 0.57
C GLU A 132 -10.24 13.24 0.13
N GLU A 133 -9.24 13.57 0.96
CA GLU A 133 -7.83 13.35 0.65
C GLU A 133 -7.56 11.85 0.47
N THR A 134 -7.87 10.99 1.45
CA THR A 134 -7.63 9.54 1.35
C THR A 134 -8.13 8.96 0.02
N GLN A 135 -9.32 9.34 -0.42
CA GLN A 135 -9.90 8.84 -1.67
C GLN A 135 -9.10 9.30 -2.89
N THR A 136 -8.50 10.50 -2.81
CA THR A 136 -7.55 11.04 -3.75
C THR A 136 -6.33 10.13 -3.68
N LEU A 137 -5.66 10.04 -2.52
CA LEU A 137 -4.41 9.31 -2.33
C LEU A 137 -4.55 7.93 -2.94
N VAL A 138 -5.53 7.15 -2.49
CA VAL A 138 -5.87 5.86 -3.04
C VAL A 138 -5.95 5.96 -4.56
N ARG A 139 -6.84 6.78 -5.10
CA ARG A 139 -6.98 6.91 -6.54
C ARG A 139 -5.62 7.13 -7.21
N GLU A 140 -4.76 8.00 -6.70
CA GLU A 140 -3.47 8.28 -7.31
C GLU A 140 -2.57 7.07 -7.22
N TYR A 141 -2.38 6.52 -6.03
CA TYR A 141 -1.54 5.37 -5.79
C TYR A 141 -2.08 4.10 -6.46
N PHE A 142 -3.34 4.08 -6.97
CA PHE A 142 -3.99 2.89 -7.49
C PHE A 142 -4.01 2.99 -8.99
N SER A 143 -4.29 4.19 -9.50
CA SER A 143 -4.44 4.42 -10.92
C SER A 143 -3.12 4.85 -11.54
N TRP A 144 -2.29 5.56 -10.75
CA TRP A 144 -1.07 6.21 -11.22
C TRP A 144 -1.39 7.37 -12.19
N GLU A 145 -2.65 7.81 -12.21
CA GLU A 145 -3.21 8.92 -12.99
C GLU A 145 -3.70 10.03 -12.07
N GLY A 146 -3.19 10.00 -10.83
CA GLY A 146 -3.15 11.12 -9.94
C GLY A 146 -2.11 12.13 -10.41
N ALA A 147 -2.06 13.22 -9.68
CA ALA A 147 -1.08 14.28 -9.81
C ALA A 147 0.13 14.01 -8.93
N PHE A 148 -0.07 13.44 -7.74
CA PHE A 148 0.93 13.30 -6.67
C PHE A 148 1.63 14.64 -6.40
N GLN A 149 0.93 15.75 -6.62
CA GLN A 149 1.49 17.09 -6.56
C GLN A 149 1.88 17.47 -5.13
N HIS A 150 1.20 16.90 -4.13
CA HIS A 150 1.56 17.10 -2.73
C HIS A 150 2.89 16.39 -2.37
N VAL A 151 3.31 15.41 -3.18
CA VAL A 151 4.62 14.76 -3.07
C VAL A 151 5.66 15.59 -3.83
N GLY A 152 5.27 16.27 -4.92
CA GLY A 152 6.14 17.14 -5.70
C GLY A 152 7.27 16.41 -6.41
N LYS A 153 7.27 15.07 -6.45
CA LYS A 153 8.22 14.26 -7.18
C LYS A 153 7.62 13.91 -8.55
N ALA A 154 7.90 12.72 -9.08
CA ALA A 154 7.22 12.10 -10.20
C ALA A 154 7.17 10.59 -9.96
N PHE A 155 6.26 9.89 -10.62
CA PHE A 155 5.81 8.52 -10.35
C PHE A 155 6.86 7.44 -10.68
N ASN A 156 7.98 7.84 -11.27
CA ASN A 156 8.92 7.11 -12.12
C ASN A 156 8.81 5.58 -12.07
N GLN A 157 9.05 4.94 -10.92
CA GLN A 157 9.04 3.49 -10.79
C GLN A 157 7.95 3.05 -9.79
N GLY A 158 6.87 2.51 -10.31
CA GLY A 158 5.83 1.85 -9.51
C GLY A 158 6.19 0.38 -9.25
N LYS A 159 5.67 -0.21 -8.17
CA LYS A 159 5.66 -1.64 -7.87
C LYS A 159 4.37 -1.90 -7.09
N ILE A 160 4.00 -3.16 -6.90
CA ILE A 160 2.78 -3.60 -6.20
C ILE A 160 3.21 -4.73 -5.23
N PHE A 161 2.41 -5.05 -4.22
CA PHE A 161 2.66 -5.96 -3.09
C PHE A 161 1.54 -7.01 -2.98
N LYS A 162 1.44 -7.89 -3.96
CA LYS A 162 0.38 -8.89 -4.10
C LYS A 162 0.98 -10.21 -4.56
N ALA A 1 -4.76 -20.69 15.49
CA ALA A 1 -4.33 -19.74 14.46
C ALA A 1 -2.86 -19.97 14.11
N LYS A 2 -2.46 -19.74 12.86
CA LYS A 2 -1.06 -19.49 12.50
C LYS A 2 -0.98 -18.21 11.67
N ASP A 3 -1.88 -18.03 10.69
CA ASP A 3 -2.07 -16.72 10.07
C ASP A 3 -2.60 -15.77 11.14
N PRO A 4 -2.18 -14.48 11.17
CA PRO A 4 -2.63 -13.56 12.21
C PRO A 4 -4.08 -13.15 11.98
N PHE A 5 -4.54 -13.21 10.74
CA PHE A 5 -5.91 -12.96 10.36
C PHE A 5 -6.66 -14.30 10.20
N ALA A 6 -6.38 -15.28 11.05
CA ALA A 6 -7.06 -16.58 11.02
C ALA A 6 -8.34 -16.54 11.85
N HIS A 7 -8.27 -16.00 13.07
CA HIS A 7 -9.39 -15.90 14.00
C HIS A 7 -10.51 -15.00 13.49
N LEU A 8 -10.20 -14.10 12.55
CA LEU A 8 -11.19 -13.20 12.00
C LEU A 8 -12.24 -14.02 11.25
N PRO A 9 -13.48 -13.51 11.15
CA PRO A 9 -14.53 -14.16 10.40
C PRO A 9 -14.19 -14.15 8.89
N LYS A 10 -15.08 -14.65 8.05
CA LYS A 10 -14.95 -14.58 6.59
C LYS A 10 -14.74 -13.13 6.11
N SER A 11 -14.11 -12.93 4.96
CA SER A 11 -14.11 -11.64 4.30
C SER A 11 -15.45 -11.49 3.59
N THR A 12 -15.93 -10.26 3.39
CA THR A 12 -17.05 -9.97 2.48
C THR A 12 -16.51 -9.48 1.13
N PHE A 13 -15.35 -8.81 1.15
CA PHE A 13 -14.59 -8.33 0.01
C PHE A 13 -13.76 -9.47 -0.61
N ALA A 14 -13.16 -9.22 -1.78
CA ALA A 14 -12.28 -10.15 -2.49
C ALA A 14 -11.05 -9.44 -3.01
N LEU A 15 -9.97 -9.53 -2.24
CA LEU A 15 -8.69 -8.93 -2.59
C LEU A 15 -8.09 -9.56 -3.86
N ASP A 16 -8.27 -10.86 -4.07
CA ASP A 16 -7.63 -11.54 -5.20
C ASP A 16 -8.44 -11.42 -6.50
N GLU A 17 -9.68 -10.93 -6.42
CA GLU A 17 -10.39 -10.42 -7.59
C GLU A 17 -9.95 -8.99 -7.86
N PHE A 18 -9.83 -8.17 -6.81
CA PHE A 18 -9.34 -6.81 -6.92
C PHE A 18 -8.00 -6.79 -7.66
N LYS A 19 -7.06 -7.65 -7.24
CA LYS A 19 -5.67 -7.56 -7.67
C LYS A 19 -5.44 -7.81 -9.16
N ARG A 20 -6.42 -8.36 -9.88
CA ARG A 20 -6.32 -8.45 -11.33
C ARG A 20 -6.86 -7.16 -11.93
N LYS A 21 -8.15 -6.88 -11.75
CA LYS A 21 -8.82 -5.72 -12.35
C LYS A 21 -8.02 -4.42 -12.12
N TYR A 22 -7.32 -4.32 -10.99
CA TYR A 22 -6.46 -3.23 -10.58
C TYR A 22 -5.49 -2.68 -11.64
N SER A 23 -4.86 -3.57 -12.41
CA SER A 23 -3.86 -3.24 -13.41
C SER A 23 -4.31 -3.70 -14.78
N ASN A 24 -5.32 -4.57 -14.80
CA ASN A 24 -5.69 -5.28 -16.00
C ASN A 24 -6.85 -4.54 -16.63
N GLU A 25 -7.56 -3.70 -15.88
CA GLU A 25 -8.69 -2.93 -16.37
C GLU A 25 -8.60 -1.48 -15.88
N ASP A 26 -9.55 -0.66 -16.32
CA ASP A 26 -9.63 0.79 -16.17
C ASP A 26 -9.85 1.25 -14.74
N THR A 27 -8.92 0.97 -13.85
CA THR A 27 -9.08 1.07 -12.42
C THR A 27 -9.93 2.24 -11.96
N LEU A 28 -9.77 3.45 -12.51
CA LEU A 28 -10.62 4.63 -12.29
C LEU A 28 -12.13 4.35 -12.28
N SER A 29 -12.58 3.52 -13.20
CA SER A 29 -13.96 3.14 -13.39
C SER A 29 -14.18 1.62 -13.29
N VAL A 30 -13.17 0.85 -12.89
CA VAL A 30 -13.23 -0.61 -12.81
C VAL A 30 -12.98 -1.08 -11.38
N ALA A 31 -11.76 -0.91 -10.88
CA ALA A 31 -11.39 -1.37 -9.55
C ALA A 31 -11.87 -0.40 -8.48
N LEU A 32 -11.78 0.91 -8.76
CA LEU A 32 -12.20 2.02 -7.94
C LEU A 32 -13.67 1.95 -7.53
N PRO A 33 -14.64 1.83 -8.46
CA PRO A 33 -16.03 1.66 -8.08
C PRO A 33 -16.18 0.47 -7.16
N TYR A 34 -15.74 -0.71 -7.61
CA TYR A 34 -15.82 -1.98 -6.90
C TYR A 34 -15.24 -1.91 -5.49
N PHE A 35 -14.22 -1.07 -5.31
CA PHE A 35 -13.54 -0.86 -4.06
C PHE A 35 -14.33 0.09 -3.16
N TRP A 36 -14.82 1.22 -3.68
CA TRP A 36 -15.40 2.30 -2.88
C TRP A 36 -16.87 2.10 -2.57
N GLU A 37 -17.51 1.16 -3.26
CA GLU A 37 -18.92 0.89 -3.15
C GLU A 37 -19.14 0.10 -1.87
N HIS A 38 -18.46 -1.04 -1.76
CA HIS A 38 -18.59 -2.00 -0.68
C HIS A 38 -17.21 -2.59 -0.45
N PHE A 39 -16.31 -1.78 0.09
CA PHE A 39 -15.04 -2.21 0.67
C PHE A 39 -15.26 -3.28 1.76
N ASP A 40 -15.17 -2.91 3.03
CA ASP A 40 -15.45 -3.64 4.28
C ASP A 40 -14.67 -2.93 5.39
N LYS A 41 -15.15 -1.74 5.76
CA LYS A 41 -14.52 -0.86 6.72
C LYS A 41 -14.66 -1.33 8.17
N ASP A 42 -15.44 -2.38 8.40
CA ASP A 42 -15.40 -3.13 9.66
C ASP A 42 -14.05 -3.81 9.83
N GLY A 43 -13.42 -4.25 8.73
CA GLY A 43 -12.39 -5.26 8.80
C GLY A 43 -11.08 -4.84 8.14
N TRP A 44 -11.15 -4.44 6.87
CA TRP A 44 -10.03 -3.94 6.10
C TRP A 44 -9.77 -2.49 6.48
N SER A 45 -8.55 -2.01 6.26
CA SER A 45 -8.22 -0.62 6.50
C SER A 45 -7.06 -0.19 5.60
N LEU A 46 -6.97 1.11 5.38
CA LEU A 46 -6.03 1.79 4.50
C LEU A 46 -4.99 2.47 5.37
N TRP A 47 -3.74 2.42 4.93
CA TRP A 47 -2.59 2.87 5.68
C TRP A 47 -1.67 3.67 4.77
N TYR A 48 -1.65 4.99 4.94
CA TYR A 48 -0.71 5.87 4.27
C TYR A 48 0.67 5.68 4.90
N SER A 49 1.71 5.69 4.07
CA SER A 49 3.10 5.59 4.47
C SER A 49 3.92 6.54 3.58
N GLU A 50 5.02 7.05 4.13
CA GLU A 50 5.90 8.07 3.53
C GLU A 50 7.24 7.98 4.28
N TYR A 51 7.86 6.79 4.24
CA TYR A 51 9.28 6.53 4.47
C TYR A 51 9.98 7.57 5.35
N ARG A 52 9.54 7.65 6.61
CA ARG A 52 9.91 8.65 7.60
C ARG A 52 11.40 9.03 7.62
N PHE A 53 12.31 8.21 7.10
CA PHE A 53 13.72 8.47 6.85
C PHE A 53 14.02 8.37 5.34
N PRO A 54 13.66 9.37 4.52
CA PRO A 54 13.93 9.35 3.08
C PRO A 54 15.41 9.63 2.78
N GLU A 55 16.15 10.19 3.75
CA GLU A 55 17.57 10.49 3.62
C GLU A 55 18.40 9.20 3.41
N GLU A 56 17.89 8.05 3.85
CA GLU A 56 18.57 6.76 3.85
C GLU A 56 18.42 6.05 2.50
N LEU A 57 17.72 6.66 1.52
CA LEU A 57 17.53 6.14 0.18
C LEU A 57 18.80 6.20 -0.68
N THR A 58 18.68 5.62 -1.86
CA THR A 58 19.71 5.22 -2.80
C THR A 58 19.16 5.39 -4.23
N GLN A 59 19.88 4.87 -5.23
CA GLN A 59 19.51 4.82 -6.64
C GLN A 59 18.06 4.41 -6.89
N THR A 60 17.51 4.81 -8.04
CA THR A 60 16.13 4.56 -8.45
C THR A 60 15.78 3.07 -8.38
N PHE A 61 16.53 2.25 -9.13
CA PHE A 61 16.37 0.80 -9.15
C PHE A 61 16.57 0.19 -7.78
N MET A 62 17.47 0.76 -6.96
CA MET A 62 17.68 0.27 -5.62
C MET A 62 16.45 0.50 -4.78
N SER A 63 15.75 1.63 -4.95
CA SER A 63 14.57 1.97 -4.19
C SER A 63 13.50 0.91 -4.40
N CYS A 64 13.22 0.58 -5.66
CA CYS A 64 12.28 -0.49 -5.99
C CYS A 64 12.74 -1.82 -5.38
N ASN A 65 14.05 -2.07 -5.37
CA ASN A 65 14.64 -3.30 -4.80
C ASN A 65 14.58 -3.31 -3.26
N LEU A 66 14.55 -2.14 -2.61
CA LEU A 66 14.43 -1.92 -1.18
C LEU A 66 13.00 -2.21 -0.74
N ILE A 67 12.04 -1.59 -1.44
CA ILE A 67 10.60 -1.81 -1.31
C ILE A 67 10.35 -3.32 -1.41
N THR A 68 10.76 -3.89 -2.54
CA THR A 68 10.53 -5.29 -2.82
C THR A 68 11.34 -6.18 -1.86
N GLY A 69 12.47 -5.68 -1.34
CA GLY A 69 13.27 -6.34 -0.34
C GLY A 69 12.50 -6.58 0.95
N MET A 70 11.49 -5.76 1.26
CA MET A 70 10.53 -6.02 2.31
C MET A 70 9.50 -7.03 1.80
N PHE A 71 8.88 -6.80 0.62
CA PHE A 71 7.77 -7.61 0.11
C PHE A 71 8.10 -9.10 0.15
N GLN A 72 9.34 -9.43 -0.24
CA GLN A 72 9.88 -10.78 -0.29
C GLN A 72 9.81 -11.50 1.06
N ARG A 73 9.94 -10.74 2.15
CA ARG A 73 9.83 -11.22 3.52
C ARG A 73 8.36 -11.20 3.92
N LEU A 74 7.58 -10.18 3.53
CA LEU A 74 6.18 -9.98 3.88
C LEU A 74 5.26 -10.87 3.01
N ASP A 75 5.68 -12.11 2.72
CA ASP A 75 4.96 -13.02 1.82
C ASP A 75 3.78 -13.64 2.55
N LYS A 76 4.00 -14.05 3.81
CA LYS A 76 2.94 -14.57 4.68
C LYS A 76 1.95 -13.46 5.09
N LEU A 77 1.96 -12.29 4.43
CA LEU A 77 1.12 -11.12 4.68
C LEU A 77 0.31 -10.78 3.43
N ARG A 78 0.92 -10.74 2.24
CA ARG A 78 0.25 -10.33 1.00
C ARG A 78 -1.06 -11.11 0.74
N LYS A 79 -1.17 -12.33 1.26
CA LYS A 79 -2.39 -13.14 1.14
C LYS A 79 -3.63 -12.44 1.71
N ASN A 80 -3.45 -11.48 2.61
CA ASN A 80 -4.49 -10.76 3.32
C ASN A 80 -4.18 -9.26 3.38
N ALA A 81 -3.36 -8.74 2.44
CA ALA A 81 -2.95 -7.34 2.42
C ALA A 81 -2.37 -6.95 1.07
N PHE A 82 -2.30 -5.65 0.79
CA PHE A 82 -1.87 -5.09 -0.49
C PHE A 82 -1.21 -3.73 -0.29
N ALA A 83 -0.41 -3.25 -1.26
CA ALA A 83 0.05 -1.87 -1.33
C ALA A 83 0.48 -1.50 -2.75
N SER A 84 0.66 -0.19 -3.00
CA SER A 84 1.09 0.39 -4.27
C SER A 84 2.26 1.35 -4.07
N VAL A 85 3.36 0.81 -3.57
CA VAL A 85 4.51 1.55 -3.07
C VAL A 85 5.31 2.11 -4.26
N ILE A 86 5.31 3.43 -4.44
CA ILE A 86 5.86 4.09 -5.62
C ILE A 86 7.18 4.76 -5.23
N LEU A 87 8.17 4.67 -6.12
CA LEU A 87 9.44 5.39 -6.03
C LEU A 87 9.13 6.78 -6.53
N PHE A 88 9.76 7.80 -5.94
CA PHE A 88 9.70 9.12 -6.52
C PHE A 88 11.05 9.77 -6.24
N GLY A 89 11.46 10.68 -7.12
CA GLY A 89 12.78 11.27 -7.01
C GLY A 89 13.87 10.30 -7.45
N THR A 90 15.11 10.67 -7.21
CA THR A 90 16.26 10.22 -7.98
C THR A 90 17.45 10.06 -7.05
N ASN A 91 18.59 9.57 -7.55
CA ASN A 91 19.82 9.37 -6.78
C ASN A 91 20.40 10.67 -6.16
N ASN A 92 19.85 11.84 -6.50
CA ASN A 92 20.19 13.12 -5.86
C ASN A 92 19.34 13.40 -4.63
N SER A 93 18.12 12.85 -4.56
CA SER A 93 17.10 13.02 -3.53
C SER A 93 15.89 12.17 -3.96
N SER A 94 15.69 11.01 -3.35
CA SER A 94 14.55 10.13 -3.55
C SER A 94 13.63 10.20 -2.32
N SER A 95 12.47 9.57 -2.39
CA SER A 95 11.52 9.43 -1.30
C SER A 95 10.54 8.32 -1.71
N ILE A 96 10.17 7.45 -0.77
CA ILE A 96 9.17 6.43 -1.02
C ILE A 96 7.93 6.85 -0.26
N SER A 97 6.80 6.77 -0.94
CA SER A 97 5.49 6.72 -0.30
C SER A 97 4.60 5.64 -0.91
N GLY A 98 3.46 5.39 -0.27
CA GLY A 98 2.45 4.51 -0.80
C GLY A 98 1.36 4.29 0.23
N VAL A 99 0.37 3.53 -0.18
CA VAL A 99 -0.83 3.20 0.57
C VAL A 99 -0.86 1.68 0.60
N TRP A 100 -1.15 1.17 1.78
CA TRP A 100 -1.20 -0.25 2.06
C TRP A 100 -2.59 -0.56 2.63
N VAL A 101 -2.94 -1.84 2.63
CA VAL A 101 -4.22 -2.36 3.03
C VAL A 101 -3.91 -3.61 3.82
N PHE A 102 -4.45 -3.75 5.03
CA PHE A 102 -4.25 -4.88 5.92
C PHE A 102 -5.60 -5.26 6.50
N ARG A 103 -5.85 -6.55 6.77
CA ARG A 103 -7.17 -7.02 7.18
C ARG A 103 -7.26 -7.20 8.68
N GLY A 104 -7.21 -6.12 9.46
CA GLY A 104 -7.29 -6.13 10.91
C GLY A 104 -7.50 -4.70 11.41
N GLN A 105 -7.70 -4.53 12.72
CA GLN A 105 -7.66 -3.19 13.32
C GLN A 105 -6.24 -2.61 13.30
N GLU A 106 -5.22 -3.43 13.08
CA GLU A 106 -3.81 -3.06 13.06
C GLU A 106 -3.23 -3.21 11.67
N LEU A 107 -2.02 -2.67 11.49
CA LEU A 107 -1.33 -2.62 10.21
C LEU A 107 -0.60 -3.91 9.87
N ALA A 108 -0.78 -4.97 10.66
CA ALA A 108 -0.22 -6.30 10.46
C ALA A 108 1.25 -6.42 10.89
N PHE A 109 2.11 -5.51 10.45
CA PHE A 109 3.47 -5.34 10.95
C PHE A 109 3.59 -5.47 12.49
N PRO A 110 2.79 -4.75 13.30
CA PRO A 110 2.87 -4.85 14.75
C PRO A 110 2.31 -6.17 15.26
N LEU A 111 1.41 -6.83 14.51
CA LEU A 111 0.78 -8.06 14.95
C LEU A 111 1.80 -9.18 15.06
N SER A 112 2.85 -9.17 14.23
CA SER A 112 3.80 -10.28 14.12
C SER A 112 5.23 -9.74 14.06
N PRO A 113 6.12 -10.17 14.96
CA PRO A 113 7.49 -9.68 15.02
C PRO A 113 8.33 -10.15 13.82
N ASP A 114 7.81 -11.04 12.99
CA ASP A 114 8.31 -11.39 11.67
C ASP A 114 8.65 -10.11 10.90
N TRP A 115 7.72 -9.16 10.87
CA TRP A 115 7.68 -8.04 9.94
C TRP A 115 7.98 -6.72 10.63
N GLN A 116 9.06 -6.64 11.38
CA GLN A 116 9.45 -5.46 12.16
C GLN A 116 10.88 -5.07 11.80
N VAL A 117 11.22 -5.34 10.53
CA VAL A 117 12.55 -5.28 9.95
C VAL A 117 13.05 -3.83 9.96
N ASP A 118 12.57 -3.04 9.00
CA ASP A 118 12.95 -1.64 8.79
C ASP A 118 11.74 -0.72 8.89
N TYR A 119 10.55 -1.28 9.16
CA TYR A 119 9.29 -0.55 9.16
C TYR A 119 9.26 0.64 10.13
N GLU A 120 10.15 0.65 11.11
CA GLU A 120 10.33 1.68 12.13
C GLU A 120 10.84 3.00 11.53
N SER A 121 11.44 2.96 10.34
CA SER A 121 11.85 4.14 9.59
C SER A 121 10.83 4.51 8.51
N TYR A 122 9.76 3.72 8.34
CA TYR A 122 8.58 4.12 7.59
C TYR A 122 7.54 4.62 8.61
N THR A 123 6.46 5.22 8.13
CA THR A 123 5.34 5.64 8.96
C THR A 123 4.05 4.98 8.46
N TRP A 124 3.03 4.90 9.32
CA TRP A 124 1.83 4.11 9.08
C TRP A 124 0.69 4.68 9.94
N ARG A 125 -0.37 5.20 9.32
CA ARG A 125 -1.57 5.67 10.02
C ARG A 125 -2.81 5.22 9.26
N LYS A 126 -3.85 4.78 9.97
CA LYS A 126 -5.15 4.47 9.38
C LYS A 126 -5.76 5.77 8.85
N LEU A 127 -6.61 5.66 7.82
CA LEU A 127 -7.31 6.81 7.27
C LEU A 127 -8.75 6.40 7.00
N ASP A 128 -9.61 7.40 6.84
CA ASP A 128 -11.05 7.20 6.81
C ASP A 128 -11.50 6.87 5.38
N PRO A 129 -12.23 5.77 5.13
CA PRO A 129 -12.73 5.46 3.80
C PRO A 129 -13.82 6.40 3.30
N GLY A 130 -14.23 7.40 4.09
CA GLY A 130 -15.03 8.54 3.65
C GLY A 130 -14.32 9.87 3.97
N SER A 131 -12.98 9.88 4.09
CA SER A 131 -12.26 11.16 4.06
C SER A 131 -12.36 11.78 2.66
N GLU A 132 -11.73 12.94 2.48
CA GLU A 132 -11.46 13.51 1.17
C GLU A 132 -10.14 12.98 0.63
N GLU A 133 -9.02 13.38 1.25
CA GLU A 133 -7.69 13.18 0.71
C GLU A 133 -7.45 11.69 0.44
N THR A 134 -7.83 10.83 1.38
CA THR A 134 -7.74 9.39 1.29
C THR A 134 -8.23 8.86 -0.07
N GLN A 135 -9.37 9.33 -0.57
CA GLN A 135 -9.93 8.99 -1.88
C GLN A 135 -9.00 9.40 -3.02
N THR A 136 -8.39 10.58 -2.97
CA THR A 136 -7.51 11.14 -3.97
C THR A 136 -6.26 10.27 -3.93
N LEU A 137 -5.61 10.15 -2.76
CA LEU A 137 -4.42 9.34 -2.56
C LEU A 137 -4.67 7.96 -3.14
N VAL A 138 -5.71 7.26 -2.72
CA VAL A 138 -6.06 5.97 -3.28
C VAL A 138 -6.15 6.07 -4.79
N ARG A 139 -7.02 6.91 -5.34
CA ARG A 139 -7.20 6.95 -6.78
C ARG A 139 -5.86 7.12 -7.47
N GLU A 140 -5.04 8.08 -7.06
CA GLU A 140 -3.79 8.41 -7.70
C GLU A 140 -2.82 7.25 -7.58
N TYR A 141 -2.62 6.72 -6.38
CA TYR A 141 -1.77 5.57 -6.15
C TYR A 141 -2.28 4.29 -6.85
N PHE A 142 -3.55 4.24 -7.28
CA PHE A 142 -4.17 3.01 -7.77
C PHE A 142 -4.26 3.09 -9.29
N SER A 143 -4.48 4.29 -9.81
CA SER A 143 -4.67 4.54 -11.22
C SER A 143 -3.42 5.09 -11.88
N TRP A 144 -2.50 5.64 -11.07
CA TRP A 144 -1.25 6.25 -11.45
C TRP A 144 -1.44 7.55 -12.27
N GLU A 145 -2.67 8.05 -12.41
CA GLU A 145 -3.08 9.01 -13.45
C GLU A 145 -3.40 10.41 -12.93
N GLY A 146 -3.38 10.61 -11.62
CA GLY A 146 -3.45 11.91 -10.98
C GLY A 146 -2.14 12.66 -11.11
N ALA A 147 -1.82 13.47 -10.11
CA ALA A 147 -0.72 14.43 -10.17
C ALA A 147 0.32 14.19 -9.09
N PHE A 148 -0.05 13.64 -7.92
CA PHE A 148 0.82 13.63 -6.73
C PHE A 148 1.40 15.02 -6.46
N GLN A 149 0.62 16.09 -6.65
CA GLN A 149 1.15 17.44 -6.48
C GLN A 149 1.63 17.66 -5.04
N HIS A 150 0.98 17.04 -4.05
CA HIS A 150 1.37 17.04 -2.64
C HIS A 150 2.75 16.40 -2.42
N VAL A 151 3.34 15.77 -3.42
CA VAL A 151 4.69 15.22 -3.45
C VAL A 151 5.57 16.15 -4.28
N GLY A 152 5.13 16.55 -5.48
CA GLY A 152 5.91 17.41 -6.36
C GLY A 152 7.20 16.75 -6.87
N LYS A 153 7.36 15.43 -6.68
CA LYS A 153 8.45 14.65 -7.27
C LYS A 153 7.99 14.29 -8.69
N ALA A 154 8.26 13.06 -9.16
CA ALA A 154 7.72 12.52 -10.40
C ALA A 154 7.50 11.02 -10.24
N PHE A 155 6.60 10.47 -11.05
CA PHE A 155 6.09 9.09 -11.06
C PHE A 155 7.09 8.02 -11.57
N ASN A 156 8.33 8.41 -11.91
CA ASN A 156 9.35 7.62 -12.60
C ASN A 156 9.20 6.09 -12.59
N GLN A 157 9.11 5.39 -11.45
CA GLN A 157 8.66 4.02 -11.41
C GLN A 157 7.75 3.76 -10.20
N GLY A 158 6.97 2.68 -10.27
CA GLY A 158 6.20 2.17 -9.14
C GLY A 158 6.54 0.72 -8.81
N LYS A 159 5.95 0.22 -7.72
CA LYS A 159 5.89 -1.18 -7.34
C LYS A 159 4.49 -1.48 -6.84
N ILE A 160 4.18 -2.76 -6.69
CA ILE A 160 2.91 -3.25 -6.17
C ILE A 160 3.23 -4.41 -5.22
N PHE A 161 2.49 -4.52 -4.12
CA PHE A 161 2.57 -5.55 -3.10
C PHE A 161 1.30 -6.40 -3.25
N LYS A 162 1.09 -6.97 -4.43
CA LYS A 162 0.16 -8.07 -4.63
C LYS A 162 1.02 -9.27 -5.00
N ALA A 1 -2.58 -21.76 16.61
CA ALA A 1 -1.96 -20.44 16.45
C ALA A 1 -1.52 -20.19 15.00
N LYS A 2 -2.32 -20.60 14.01
CA LYS A 2 -2.03 -20.26 12.62
C LYS A 2 -2.49 -18.81 12.41
N ASP A 3 -1.68 -18.04 11.69
CA ASP A 3 -1.88 -16.72 11.07
C ASP A 3 -2.44 -15.60 11.98
N PRO A 4 -2.17 -14.33 11.65
CA PRO A 4 -2.76 -13.20 12.38
C PRO A 4 -4.24 -13.06 12.02
N PHE A 5 -4.55 -13.10 10.72
CA PHE A 5 -5.90 -12.85 10.23
C PHE A 5 -6.67 -14.17 10.15
N ALA A 6 -6.46 -15.06 11.13
CA ALA A 6 -7.09 -16.38 11.14
C ALA A 6 -8.29 -16.44 12.07
N HIS A 7 -8.25 -15.68 13.17
CA HIS A 7 -9.40 -15.51 14.05
C HIS A 7 -10.59 -14.97 13.26
N LEU A 8 -10.32 -13.99 12.40
CA LEU A 8 -11.30 -13.28 11.58
C LEU A 8 -12.15 -14.27 10.77
N PRO A 9 -13.41 -13.94 10.50
CA PRO A 9 -14.38 -14.82 9.87
C PRO A 9 -14.11 -14.95 8.35
N LYS A 10 -15.09 -15.53 7.63
CA LYS A 10 -15.09 -15.69 6.17
C LYS A 10 -14.64 -14.40 5.47
N SER A 11 -13.95 -14.50 4.34
CA SER A 11 -13.39 -13.31 3.71
C SER A 11 -14.50 -12.56 2.93
N THR A 12 -15.01 -11.45 3.48
CA THR A 12 -16.07 -10.65 2.86
C THR A 12 -15.59 -10.12 1.51
N PHE A 13 -14.69 -9.14 1.53
CA PHE A 13 -14.28 -8.41 0.35
C PHE A 13 -13.26 -9.25 -0.41
N ALA A 14 -13.27 -9.23 -1.74
CA ALA A 14 -12.34 -9.99 -2.57
C ALA A 14 -11.09 -9.16 -2.84
N LEU A 15 -10.06 -9.38 -2.03
CA LEU A 15 -8.79 -8.72 -2.24
C LEU A 15 -8.17 -9.15 -3.57
N ASP A 16 -8.29 -10.44 -3.89
CA ASP A 16 -7.74 -11.05 -5.09
C ASP A 16 -8.32 -10.40 -6.35
N GLU A 17 -9.64 -10.30 -6.47
CA GLU A 17 -10.27 -9.76 -7.67
C GLU A 17 -9.87 -8.31 -7.90
N PHE A 18 -9.80 -7.53 -6.81
CA PHE A 18 -9.33 -6.16 -6.87
C PHE A 18 -7.92 -6.13 -7.49
N LYS A 19 -7.03 -7.06 -7.11
CA LYS A 19 -5.65 -7.09 -7.57
C LYS A 19 -5.54 -7.33 -9.08
N ARG A 20 -6.54 -7.96 -9.71
CA ARG A 20 -6.49 -8.28 -11.13
C ARG A 20 -6.85 -7.01 -11.88
N LYS A 21 -8.13 -6.62 -11.82
CA LYS A 21 -8.67 -5.49 -12.57
C LYS A 21 -7.85 -4.21 -12.38
N TYR A 22 -7.15 -4.07 -11.25
CA TYR A 22 -6.19 -3.02 -10.94
C TYR A 22 -5.42 -2.47 -12.16
N SER A 23 -4.50 -3.25 -12.73
CA SER A 23 -3.81 -2.87 -13.96
C SER A 23 -4.40 -3.58 -15.17
N ASN A 24 -5.29 -4.55 -14.97
CA ASN A 24 -5.84 -5.26 -16.12
C ASN A 24 -6.85 -4.37 -16.84
N GLU A 25 -7.45 -3.40 -16.14
CA GLU A 25 -8.58 -2.64 -16.63
C GLU A 25 -8.37 -1.14 -16.41
N ASP A 26 -9.40 -0.35 -16.70
CA ASP A 26 -9.45 1.11 -16.59
C ASP A 26 -9.86 1.48 -15.17
N THR A 27 -9.03 1.08 -14.20
CA THR A 27 -9.28 1.13 -12.76
C THR A 27 -9.99 2.37 -12.25
N LEU A 28 -9.69 3.56 -12.77
CA LEU A 28 -10.37 4.82 -12.48
C LEU A 28 -11.90 4.65 -12.36
N SER A 29 -12.47 3.87 -13.26
CA SER A 29 -13.87 3.47 -13.32
C SER A 29 -14.10 1.93 -13.33
N VAL A 30 -13.12 1.13 -12.92
CA VAL A 30 -13.20 -0.32 -12.87
C VAL A 30 -12.98 -0.80 -11.42
N ALA A 31 -11.76 -0.67 -10.88
CA ALA A 31 -11.47 -1.11 -9.52
C ALA A 31 -11.91 -0.07 -8.50
N LEU A 32 -11.84 1.21 -8.85
CA LEU A 32 -12.24 2.33 -8.00
C LEU A 32 -13.69 2.25 -7.55
N PRO A 33 -14.69 2.18 -8.46
CA PRO A 33 -16.08 2.06 -8.05
C PRO A 33 -16.26 0.82 -7.18
N TYR A 34 -15.80 -0.32 -7.69
CA TYR A 34 -15.87 -1.63 -7.07
C TYR A 34 -15.13 -1.71 -5.73
N PHE A 35 -14.31 -0.73 -5.39
CA PHE A 35 -13.63 -0.65 -4.10
C PHE A 35 -14.39 0.27 -3.16
N TRP A 36 -14.92 1.41 -3.62
CA TRP A 36 -15.49 2.40 -2.74
C TRP A 36 -16.90 2.07 -2.26
N GLU A 37 -17.57 1.15 -2.94
CA GLU A 37 -19.01 0.96 -2.86
C GLU A 37 -19.33 0.12 -1.64
N HIS A 38 -18.68 -1.02 -1.55
CA HIS A 38 -18.82 -1.99 -0.51
C HIS A 38 -17.40 -2.50 -0.28
N PHE A 39 -16.53 -1.65 0.30
CA PHE A 39 -15.22 -2.11 0.78
C PHE A 39 -15.41 -3.16 1.90
N ASP A 40 -15.22 -2.78 3.14
CA ASP A 40 -15.23 -3.54 4.39
C ASP A 40 -14.42 -2.71 5.38
N LYS A 41 -14.87 -1.47 5.59
CA LYS A 41 -14.25 -0.54 6.53
C LYS A 41 -14.23 -1.08 7.95
N ASP A 42 -15.06 -2.09 8.25
CA ASP A 42 -14.97 -2.85 9.50
C ASP A 42 -13.70 -3.69 9.57
N GLY A 43 -13.29 -4.34 8.48
CA GLY A 43 -12.36 -5.47 8.53
C GLY A 43 -11.04 -5.16 7.83
N TRP A 44 -11.08 -4.67 6.60
CA TRP A 44 -9.94 -4.10 5.92
C TRP A 44 -9.67 -2.71 6.49
N SER A 45 -8.44 -2.20 6.31
CA SER A 45 -8.11 -0.82 6.62
C SER A 45 -7.09 -0.34 5.60
N LEU A 46 -7.12 0.97 5.29
CA LEU A 46 -6.16 1.67 4.45
C LEU A 46 -5.10 2.28 5.33
N TRP A 47 -3.85 2.33 4.84
CA TRP A 47 -2.71 2.84 5.58
C TRP A 47 -1.78 3.63 4.67
N TYR A 48 -1.63 4.92 4.91
CA TYR A 48 -0.65 5.74 4.19
C TYR A 48 0.71 5.50 4.82
N SER A 49 1.72 5.35 3.95
CA SER A 49 3.12 5.33 4.28
C SER A 49 3.83 6.35 3.38
N GLU A 50 4.83 7.04 3.92
CA GLU A 50 5.56 8.14 3.30
C GLU A 50 7.00 8.13 3.83
N TYR A 51 7.56 6.91 3.98
CA TYR A 51 8.97 6.64 4.26
C TYR A 51 9.71 7.71 5.06
N ARG A 52 9.27 7.92 6.31
CA ARG A 52 9.82 8.84 7.32
C ARG A 52 11.32 9.16 7.20
N PHE A 53 12.17 8.25 6.74
CA PHE A 53 13.59 8.47 6.50
C PHE A 53 13.93 8.35 5.00
N PRO A 54 13.55 9.33 4.16
CA PRO A 54 13.85 9.28 2.73
C PRO A 54 15.34 9.56 2.48
N GLU A 55 16.08 10.10 3.47
CA GLU A 55 17.53 10.24 3.47
C GLU A 55 18.26 8.90 3.33
N GLU A 56 17.63 7.80 3.73
CA GLU A 56 18.25 6.49 3.64
C GLU A 56 18.41 6.07 2.16
N LEU A 57 17.59 6.63 1.26
CA LEU A 57 17.56 6.28 -0.16
C LEU A 57 18.72 6.94 -0.89
N THR A 58 19.43 6.19 -1.74
CA THR A 58 20.52 6.75 -2.52
C THR A 58 20.68 6.02 -3.87
N GLN A 59 19.60 5.60 -4.51
CA GLN A 59 19.54 5.21 -5.92
C GLN A 59 18.11 4.82 -6.27
N THR A 60 17.72 5.06 -7.51
CA THR A 60 16.45 4.67 -8.11
C THR A 60 16.27 3.16 -8.03
N PHE A 61 17.07 2.42 -8.79
CA PHE A 61 16.89 0.99 -9.01
C PHE A 61 17.17 0.18 -7.75
N MET A 62 17.91 0.73 -6.79
CA MET A 62 18.03 0.12 -5.48
C MET A 62 16.74 0.34 -4.72
N SER A 63 16.20 1.55 -4.64
CA SER A 63 14.98 1.86 -3.90
C SER A 63 13.82 0.95 -4.33
N CYS A 64 13.57 0.77 -5.64
CA CYS A 64 12.49 -0.11 -6.09
C CYS A 64 12.73 -1.58 -5.71
N ASN A 65 14.00 -2.00 -5.72
CA ASN A 65 14.45 -3.33 -5.31
C ASN A 65 14.33 -3.50 -3.78
N LEU A 66 14.50 -2.42 -3.03
CA LEU A 66 14.48 -2.35 -1.57
C LEU A 66 13.06 -2.50 -1.07
N ILE A 67 12.15 -1.69 -1.64
CA ILE A 67 10.70 -1.81 -1.53
C ILE A 67 10.35 -3.28 -1.66
N THR A 68 10.79 -3.87 -2.76
CA THR A 68 10.38 -5.21 -3.10
C THR A 68 11.02 -6.25 -2.17
N GLY A 69 12.22 -6.04 -1.66
CA GLY A 69 12.83 -6.95 -0.71
C GLY A 69 11.95 -7.13 0.51
N MET A 70 11.39 -6.03 1.03
CA MET A 70 10.44 -6.07 2.12
C MET A 70 9.21 -6.88 1.70
N PHE A 71 8.70 -6.72 0.46
CA PHE A 71 7.58 -7.52 -0.05
C PHE A 71 7.85 -9.01 0.09
N GLN A 72 9.11 -9.45 -0.06
CA GLN A 72 9.46 -10.87 0.04
C GLN A 72 9.55 -11.31 1.49
N ARG A 73 9.94 -10.42 2.41
CA ARG A 73 9.92 -10.73 3.85
C ARG A 73 8.49 -10.83 4.39
N LEU A 74 7.52 -10.29 3.64
CA LEU A 74 6.12 -10.20 4.00
C LEU A 74 5.32 -11.16 3.11
N ASP A 75 5.87 -12.35 2.84
CA ASP A 75 5.26 -13.33 1.93
C ASP A 75 3.99 -13.85 2.59
N LYS A 76 4.10 -14.13 3.88
CA LYS A 76 3.06 -14.55 4.81
C LYS A 76 2.03 -13.45 5.11
N LEU A 77 2.17 -12.23 4.56
CA LEU A 77 1.33 -11.09 4.90
C LEU A 77 0.42 -10.79 3.74
N ARG A 78 0.99 -10.64 2.54
CA ARG A 78 0.24 -10.28 1.33
C ARG A 78 -0.94 -11.20 1.02
N LYS A 79 -0.98 -12.40 1.59
CA LYS A 79 -2.12 -13.31 1.50
C LYS A 79 -3.36 -12.79 2.22
N ASN A 80 -3.28 -11.71 3.01
CA ASN A 80 -4.42 -10.95 3.52
C ASN A 80 -4.04 -9.46 3.60
N ALA A 81 -3.33 -8.93 2.60
CA ALA A 81 -2.93 -7.53 2.52
C ALA A 81 -2.41 -7.17 1.11
N PHE A 82 -2.29 -5.87 0.82
CA PHE A 82 -1.87 -5.33 -0.47
C PHE A 82 -1.28 -3.94 -0.27
N ALA A 83 -0.51 -3.42 -1.24
CA ALA A 83 -0.21 -1.99 -1.27
C ALA A 83 0.14 -1.53 -2.69
N SER A 84 -0.03 -0.23 -2.90
CA SER A 84 0.55 0.54 -3.98
C SER A 84 1.73 1.29 -3.39
N VAL A 85 2.95 1.04 -3.88
CA VAL A 85 4.18 1.55 -3.28
C VAL A 85 5.01 2.09 -4.43
N ILE A 86 5.27 3.39 -4.47
CA ILE A 86 5.81 4.04 -5.66
C ILE A 86 7.14 4.66 -5.23
N LEU A 87 8.17 4.47 -6.06
CA LEU A 87 9.47 5.11 -5.96
C LEU A 87 9.32 6.46 -6.64
N PHE A 88 9.59 7.52 -5.90
CA PHE A 88 9.56 8.86 -6.46
C PHE A 88 10.96 9.45 -6.49
N GLY A 89 11.15 10.48 -7.31
CA GLY A 89 12.33 11.32 -7.27
C GLY A 89 13.44 10.76 -8.14
N THR A 90 14.65 10.74 -7.60
CA THR A 90 15.86 10.20 -8.22
C THR A 90 16.90 10.12 -7.10
N ASN A 91 18.10 9.58 -7.39
CA ASN A 91 19.22 9.45 -6.47
C ASN A 91 19.42 10.72 -5.62
N ASN A 92 19.47 11.91 -6.25
CA ASN A 92 19.60 13.20 -5.57
C ASN A 92 18.68 13.37 -4.36
N SER A 93 17.41 12.94 -4.46
CA SER A 93 16.37 13.09 -3.49
C SER A 93 15.24 12.20 -4.00
N SER A 94 15.19 10.97 -3.51
CA SER A 94 14.13 10.04 -3.73
C SER A 94 13.02 10.29 -2.69
N SER A 95 11.98 9.47 -2.70
CA SER A 95 11.20 9.10 -1.52
C SER A 95 10.50 7.80 -1.90
N ILE A 96 10.04 7.06 -0.89
CA ILE A 96 9.08 6.00 -1.06
C ILE A 96 7.84 6.48 -0.31
N SER A 97 6.70 6.37 -0.98
CA SER A 97 5.42 6.45 -0.32
C SER A 97 4.46 5.46 -0.97
N GLY A 98 3.31 5.26 -0.35
CA GLY A 98 2.30 4.38 -0.89
C GLY A 98 1.13 4.22 0.05
N VAL A 99 0.12 3.49 -0.40
CA VAL A 99 -1.11 3.24 0.33
C VAL A 99 -1.29 1.74 0.42
N TRP A 100 -1.32 1.25 1.65
CA TRP A 100 -1.27 -0.15 2.00
C TRP A 100 -2.61 -0.54 2.57
N VAL A 101 -2.83 -1.84 2.65
CA VAL A 101 -4.08 -2.44 3.05
C VAL A 101 -3.73 -3.63 3.92
N PHE A 102 -4.44 -3.81 5.03
CA PHE A 102 -4.24 -4.87 6.01
C PHE A 102 -5.61 -5.23 6.58
N ARG A 103 -5.83 -6.49 6.96
CA ARG A 103 -7.15 -6.95 7.40
C ARG A 103 -7.27 -6.91 8.93
N GLY A 104 -7.39 -5.75 9.54
CA GLY A 104 -7.57 -5.63 10.97
C GLY A 104 -7.46 -4.18 11.41
N GLN A 105 -7.64 -3.93 12.70
CA GLN A 105 -7.49 -2.58 13.26
C GLN A 105 -6.03 -2.14 13.31
N GLU A 106 -5.07 -3.06 13.18
CA GLU A 106 -3.64 -2.76 13.18
C GLU A 106 -3.04 -3.04 11.81
N LEU A 107 -1.81 -2.56 11.63
CA LEU A 107 -1.14 -2.50 10.34
C LEU A 107 -0.52 -3.84 9.96
N ALA A 108 -0.79 -4.91 10.73
CA ALA A 108 -0.38 -6.29 10.51
C ALA A 108 1.06 -6.55 10.94
N PHE A 109 1.96 -5.64 10.59
CA PHE A 109 3.33 -5.61 11.07
C PHE A 109 3.44 -5.81 12.60
N PRO A 110 2.67 -5.11 13.45
CA PRO A 110 2.70 -5.32 14.89
C PRO A 110 2.10 -6.67 15.30
N LEU A 111 1.29 -7.29 14.44
CA LEU A 111 0.62 -8.54 14.77
C LEU A 111 1.61 -9.70 14.73
N SER A 112 2.75 -9.55 14.03
CA SER A 112 3.77 -10.59 13.94
C SER A 112 5.16 -9.98 13.76
N PRO A 113 6.12 -10.25 14.67
CA PRO A 113 7.45 -9.63 14.65
C PRO A 113 8.29 -9.98 13.42
N ASP A 114 7.86 -10.95 12.60
CA ASP A 114 8.36 -11.23 11.27
C ASP A 114 8.49 -9.95 10.44
N TRP A 115 7.56 -9.02 10.64
CA TRP A 115 7.40 -7.85 9.80
C TRP A 115 7.79 -6.58 10.54
N GLN A 116 8.86 -6.65 11.34
CA GLN A 116 9.39 -5.58 12.15
C GLN A 116 10.89 -5.64 11.98
N VAL A 117 11.37 -5.15 10.84
CA VAL A 117 12.77 -5.19 10.45
C VAL A 117 13.23 -3.75 10.26
N ASP A 118 12.71 -3.08 9.22
CA ASP A 118 12.98 -1.67 8.96
C ASP A 118 11.70 -0.84 8.95
N TYR A 119 10.54 -1.47 9.20
CA TYR A 119 9.27 -0.73 9.25
C TYR A 119 9.26 0.48 10.18
N GLU A 120 10.18 0.60 11.16
CA GLU A 120 10.25 1.67 12.12
C GLU A 120 10.56 3.02 11.45
N SER A 121 11.37 3.00 10.39
CA SER A 121 11.73 4.18 9.61
C SER A 121 10.65 4.58 8.59
N TYR A 122 9.54 3.83 8.49
CA TYR A 122 8.42 4.13 7.62
C TYR A 122 7.22 4.53 8.48
N THR A 123 6.37 5.44 7.98
CA THR A 123 5.15 5.83 8.69
C THR A 123 4.04 4.83 8.39
N TRP A 124 3.05 4.73 9.29
CA TRP A 124 1.84 3.95 9.05
C TRP A 124 0.67 4.64 9.74
N ARG A 125 -0.20 5.35 9.01
CA ARG A 125 -1.43 5.91 9.61
C ARG A 125 -2.65 5.37 8.87
N LYS A 126 -3.65 4.87 9.61
CA LYS A 126 -4.99 4.63 9.09
C LYS A 126 -5.58 5.92 8.53
N LEU A 127 -6.57 5.82 7.65
CA LEU A 127 -7.17 6.97 6.97
C LEU A 127 -8.66 6.71 6.85
N ASP A 128 -9.50 7.76 6.82
CA ASP A 128 -10.95 7.55 6.70
C ASP A 128 -11.26 7.07 5.29
N PRO A 129 -11.94 5.93 5.09
CA PRO A 129 -12.50 5.60 3.78
C PRO A 129 -13.71 6.49 3.44
N GLY A 130 -14.08 7.44 4.31
CA GLY A 130 -14.99 8.54 4.00
C GLY A 130 -14.30 9.88 4.30
N SER A 131 -13.07 10.07 3.81
CA SER A 131 -12.45 11.38 3.78
C SER A 131 -12.74 12.09 2.45
N GLU A 132 -11.94 13.10 2.12
CA GLU A 132 -11.82 13.71 0.80
C GLU A 132 -10.42 13.43 0.24
N GLU A 133 -9.39 13.68 1.05
CA GLU A 133 -8.00 13.54 0.62
C GLU A 133 -7.68 12.05 0.41
N THR A 134 -7.96 11.19 1.38
CA THR A 134 -7.66 9.75 1.32
C THR A 134 -8.14 9.12 0.01
N GLN A 135 -9.30 9.53 -0.48
CA GLN A 135 -9.95 9.02 -1.67
C GLN A 135 -9.17 9.46 -2.91
N THR A 136 -8.54 10.63 -2.88
CA THR A 136 -7.67 11.17 -3.89
C THR A 136 -6.37 10.40 -3.80
N LEU A 137 -5.74 10.31 -2.63
CA LEU A 137 -4.53 9.52 -2.40
C LEU A 137 -4.71 8.15 -3.02
N VAL A 138 -5.75 7.42 -2.64
CA VAL A 138 -6.13 6.15 -3.23
C VAL A 138 -6.21 6.30 -4.75
N ARG A 139 -7.06 7.18 -5.28
CA ARG A 139 -7.22 7.33 -6.73
C ARG A 139 -5.88 7.40 -7.42
N GLU A 140 -4.99 8.25 -6.96
CA GLU A 140 -3.74 8.55 -7.63
C GLU A 140 -2.77 7.39 -7.44
N TYR A 141 -2.61 6.88 -6.23
CA TYR A 141 -1.77 5.72 -5.94
C TYR A 141 -2.30 4.45 -6.63
N PHE A 142 -3.56 4.39 -7.09
CA PHE A 142 -4.18 3.18 -7.61
C PHE A 142 -4.25 3.24 -9.12
N SER A 143 -4.46 4.45 -9.66
CA SER A 143 -4.57 4.64 -11.09
C SER A 143 -3.21 5.04 -11.68
N TRP A 144 -2.37 5.68 -10.87
CA TRP A 144 -1.15 6.36 -11.28
C TRP A 144 -1.41 7.52 -12.25
N GLU A 145 -2.68 7.93 -12.45
CA GLU A 145 -3.12 8.93 -13.43
C GLU A 145 -3.43 10.28 -12.77
N GLY A 146 -3.15 10.38 -11.48
CA GLY A 146 -3.29 11.58 -10.68
C GLY A 146 -2.30 12.67 -11.06
N ALA A 147 -1.73 13.33 -10.04
CA ALA A 147 -0.70 14.34 -10.18
C ALA A 147 0.44 14.15 -9.18
N PHE A 148 0.20 13.42 -8.07
CA PHE A 148 1.13 13.24 -6.96
C PHE A 148 1.71 14.58 -6.52
N GLN A 149 0.88 15.62 -6.51
CA GLN A 149 1.35 16.99 -6.34
C GLN A 149 1.83 17.26 -4.91
N HIS A 150 1.26 16.59 -3.91
CA HIS A 150 1.74 16.55 -2.52
C HIS A 150 3.09 15.82 -2.38
N VAL A 151 3.67 15.36 -3.49
CA VAL A 151 4.99 14.78 -3.59
C VAL A 151 5.81 15.75 -4.43
N GLY A 152 5.31 16.09 -5.62
CA GLY A 152 5.93 17.03 -6.53
C GLY A 152 7.27 16.54 -7.07
N LYS A 153 7.56 15.25 -6.89
CA LYS A 153 8.69 14.52 -7.42
C LYS A 153 8.34 14.17 -8.89
N ALA A 154 8.67 12.96 -9.33
CA ALA A 154 8.14 12.29 -10.51
C ALA A 154 7.86 10.85 -10.10
N PHE A 155 7.06 10.13 -10.89
CA PHE A 155 6.48 8.82 -10.60
C PHE A 155 7.46 7.65 -10.77
N ASN A 156 8.69 7.90 -11.25
CA ASN A 156 9.54 7.02 -12.06
C ASN A 156 9.23 5.51 -12.08
N GLN A 157 9.15 4.81 -10.95
CA GLN A 157 8.69 3.43 -10.91
C GLN A 157 7.59 3.24 -9.88
N GLY A 158 6.43 2.76 -10.34
CA GLY A 158 5.47 2.15 -9.43
C GLY A 158 5.94 0.75 -9.05
N LYS A 159 5.46 0.25 -7.91
CA LYS A 159 5.59 -1.12 -7.42
C LYS A 159 4.24 -1.46 -6.80
N ILE A 160 3.93 -2.75 -6.72
CA ILE A 160 2.69 -3.24 -6.12
C ILE A 160 3.01 -4.44 -5.26
N PHE A 161 2.37 -4.47 -4.10
CA PHE A 161 2.55 -5.46 -3.07
C PHE A 161 1.29 -6.30 -3.17
N LYS A 162 1.33 -7.39 -3.92
CA LYS A 162 0.23 -8.30 -4.20
C LYS A 162 0.69 -9.73 -4.03
N ALA A 1 -0.92 -21.43 9.01
CA ALA A 1 0.43 -21.34 9.58
C ALA A 1 0.39 -20.78 11.00
N LYS A 2 -0.16 -19.58 11.20
CA LYS A 2 -0.46 -19.01 12.50
C LYS A 2 -1.54 -17.95 12.30
N ASP A 3 -1.35 -17.16 11.24
CA ASP A 3 -2.32 -16.39 10.50
C ASP A 3 -3.01 -15.40 11.44
N PRO A 4 -2.46 -14.16 11.60
CA PRO A 4 -2.99 -13.19 12.55
C PRO A 4 -4.42 -12.78 12.17
N PHE A 5 -4.72 -12.90 10.87
CA PHE A 5 -6.03 -12.66 10.30
C PHE A 5 -6.78 -14.00 10.14
N ALA A 6 -6.66 -14.90 11.12
CA ALA A 6 -7.48 -16.11 11.22
C ALA A 6 -8.50 -15.98 12.35
N HIS A 7 -8.24 -15.19 13.39
CA HIS A 7 -9.22 -15.00 14.46
C HIS A 7 -10.46 -14.24 13.96
N LEU A 8 -10.30 -13.51 12.85
CA LEU A 8 -11.35 -12.82 12.11
C LEU A 8 -12.28 -13.85 11.46
N PRO A 9 -13.50 -13.44 11.12
CA PRO A 9 -14.48 -14.30 10.49
C PRO A 9 -14.20 -14.46 8.99
N LYS A 10 -15.20 -14.97 8.26
CA LYS A 10 -15.30 -14.92 6.81
C LYS A 10 -15.02 -13.50 6.29
N SER A 11 -14.57 -13.43 5.04
CA SER A 11 -14.44 -12.20 4.29
C SER A 11 -15.79 -11.86 3.67
N THR A 12 -16.02 -10.57 3.39
CA THR A 12 -16.99 -10.17 2.40
C THR A 12 -16.21 -9.82 1.13
N PHE A 13 -15.31 -8.83 1.23
CA PHE A 13 -14.56 -8.31 0.10
C PHE A 13 -13.42 -9.28 -0.23
N ALA A 14 -13.07 -9.37 -1.51
CA ALA A 14 -12.13 -10.32 -2.06
C ALA A 14 -10.95 -9.57 -2.65
N LEU A 15 -9.88 -9.50 -1.87
CA LEU A 15 -8.66 -8.80 -2.24
C LEU A 15 -8.03 -9.42 -3.50
N ASP A 16 -8.18 -10.74 -3.66
CA ASP A 16 -7.62 -11.52 -4.76
C ASP A 16 -8.36 -11.28 -6.08
N GLU A 17 -9.67 -11.06 -6.02
CA GLU A 17 -10.44 -10.58 -7.17
C GLU A 17 -9.99 -9.17 -7.48
N PHE A 18 -9.85 -8.32 -6.46
CA PHE A 18 -9.49 -6.93 -6.67
C PHE A 18 -8.13 -6.84 -7.36
N LYS A 19 -7.13 -7.65 -6.96
CA LYS A 19 -5.76 -7.54 -7.48
C LYS A 19 -5.66 -7.75 -8.98
N ARG A 20 -6.61 -8.44 -9.61
CA ARG A 20 -6.65 -8.61 -11.05
C ARG A 20 -7.00 -7.27 -11.66
N LYS A 21 -8.25 -6.85 -11.55
CA LYS A 21 -8.75 -5.66 -12.23
C LYS A 21 -7.92 -4.43 -11.94
N TYR A 22 -7.35 -4.34 -10.75
CA TYR A 22 -6.50 -3.28 -10.29
C TYR A 22 -5.46 -2.78 -11.33
N SER A 23 -4.78 -3.71 -12.02
CA SER A 23 -3.85 -3.40 -13.09
C SER A 23 -4.24 -4.03 -14.41
N ASN A 24 -5.22 -4.94 -14.40
CA ASN A 24 -5.73 -5.44 -15.66
C ASN A 24 -6.47 -4.32 -16.37
N GLU A 25 -7.17 -3.45 -15.63
CA GLU A 25 -8.28 -2.70 -16.20
C GLU A 25 -8.12 -1.18 -16.04
N ASP A 26 -9.10 -0.44 -16.56
CA ASP A 26 -9.24 1.01 -16.45
C ASP A 26 -9.70 1.36 -15.04
N THR A 27 -8.85 1.02 -14.06
CA THR A 27 -9.10 1.04 -12.63
C THR A 27 -9.91 2.25 -12.15
N LEU A 28 -9.72 3.43 -12.73
CA LEU A 28 -10.53 4.64 -12.53
C LEU A 28 -12.04 4.37 -12.49
N SER A 29 -12.57 3.55 -13.39
CA SER A 29 -13.97 3.18 -13.44
C SER A 29 -14.21 1.67 -13.31
N VAL A 30 -13.18 0.93 -12.89
CA VAL A 30 -13.19 -0.51 -12.83
C VAL A 30 -12.97 -0.94 -11.39
N ALA A 31 -11.74 -0.81 -10.87
CA ALA A 31 -11.43 -1.20 -9.50
C ALA A 31 -11.94 -0.15 -8.52
N LEU A 32 -11.73 1.12 -8.83
CA LEU A 32 -12.12 2.27 -8.01
C LEU A 32 -13.59 2.25 -7.60
N PRO A 33 -14.57 2.16 -8.53
CA PRO A 33 -15.96 2.08 -8.14
C PRO A 33 -16.19 0.84 -7.28
N TYR A 34 -15.77 -0.35 -7.75
CA TYR A 34 -15.91 -1.64 -7.07
C TYR A 34 -15.28 -1.64 -5.68
N PHE A 35 -14.41 -0.69 -5.36
CA PHE A 35 -13.79 -0.52 -4.06
C PHE A 35 -14.52 0.53 -3.23
N TRP A 36 -14.99 1.62 -3.84
CA TRP A 36 -15.65 2.74 -3.18
C TRP A 36 -17.16 2.53 -3.08
N GLU A 37 -17.60 1.29 -3.20
CA GLU A 37 -18.99 0.91 -3.28
C GLU A 37 -19.33 0.11 -2.03
N HIS A 38 -18.71 -1.05 -1.87
CA HIS A 38 -18.87 -1.91 -0.71
C HIS A 38 -17.48 -2.48 -0.40
N PHE A 39 -16.57 -1.65 0.14
CA PHE A 39 -15.25 -2.13 0.61
C PHE A 39 -15.39 -3.21 1.72
N ASP A 40 -15.17 -2.86 2.99
CA ASP A 40 -15.22 -3.75 4.19
C ASP A 40 -14.54 -2.97 5.33
N LYS A 41 -14.88 -1.69 5.47
CA LYS A 41 -14.35 -0.71 6.45
C LYS A 41 -14.55 -1.10 7.92
N ASP A 42 -15.24 -2.21 8.16
CA ASP A 42 -15.09 -3.08 9.33
C ASP A 42 -13.63 -3.33 9.67
N GLY A 43 -12.83 -3.75 8.69
CA GLY A 43 -11.68 -4.57 8.99
C GLY A 43 -10.72 -4.80 7.84
N TRP A 44 -11.02 -4.47 6.58
CA TRP A 44 -9.95 -3.93 5.75
C TRP A 44 -9.65 -2.52 6.27
N SER A 45 -8.39 -2.09 6.14
CA SER A 45 -8.01 -0.72 6.48
C SER A 45 -7.11 -0.15 5.41
N LEU A 46 -6.95 1.18 5.35
CA LEU A 46 -6.00 1.86 4.47
C LEU A 46 -4.96 2.55 5.30
N TRP A 47 -3.71 2.39 4.90
CA TRP A 47 -2.52 2.86 5.61
C TRP A 47 -1.58 3.55 4.63
N TYR A 48 -1.56 4.88 4.64
CA TYR A 48 -0.59 5.66 3.87
C TYR A 48 0.78 5.57 4.54
N SER A 49 1.84 5.59 3.73
CA SER A 49 3.23 5.53 4.12
C SER A 49 4.04 6.45 3.19
N GLU A 50 5.13 7.03 3.71
CA GLU A 50 5.95 8.04 3.06
C GLU A 50 7.39 7.92 3.61
N TYR A 51 7.90 6.68 3.74
CA TYR A 51 9.30 6.32 3.99
C TYR A 51 10.08 7.34 4.83
N ARG A 52 9.64 7.50 6.09
CA ARG A 52 10.10 8.43 7.13
C ARG A 52 11.61 8.69 7.19
N PHE A 53 12.47 7.84 6.62
CA PHE A 53 13.89 8.05 6.42
C PHE A 53 14.22 8.05 4.91
N PRO A 54 13.82 9.09 4.15
CA PRO A 54 14.12 9.13 2.71
C PRO A 54 15.62 9.38 2.46
N GLU A 55 16.39 9.77 3.47
CA GLU A 55 17.85 9.86 3.37
C GLU A 55 18.49 8.48 3.12
N GLU A 56 17.77 7.40 3.42
CA GLU A 56 18.23 6.04 3.16
C GLU A 56 18.13 5.70 1.67
N LEU A 57 17.54 6.56 0.84
CA LEU A 57 17.48 6.42 -0.60
C LEU A 57 18.69 7.09 -1.23
N THR A 58 19.53 6.35 -1.96
CA THR A 58 20.59 6.97 -2.75
C THR A 58 20.98 6.15 -4.00
N GLN A 59 20.02 5.51 -4.66
CA GLN A 59 20.17 4.93 -5.98
C GLN A 59 18.79 4.50 -6.50
N THR A 60 18.32 5.15 -7.54
CA THR A 60 16.98 5.01 -8.13
C THR A 60 16.68 3.62 -8.74
N PHE A 61 17.60 2.67 -8.69
CA PHE A 61 17.44 1.33 -9.23
C PHE A 61 17.42 0.29 -8.10
N MET A 62 17.78 0.68 -6.86
CA MET A 62 17.88 -0.24 -5.74
C MET A 62 16.63 -0.12 -4.88
N SER A 63 16.02 1.05 -4.87
CA SER A 63 14.80 1.38 -4.15
C SER A 63 13.67 0.36 -4.41
N CYS A 64 13.38 0.06 -5.68
CA CYS A 64 12.39 -0.93 -6.08
C CYS A 64 12.75 -2.31 -5.51
N ASN A 65 14.04 -2.64 -5.48
CA ASN A 65 14.57 -3.91 -5.01
C ASN A 65 14.48 -3.99 -3.47
N LEU A 66 14.58 -2.86 -2.78
CA LEU A 66 14.45 -2.70 -1.32
C LEU A 66 13.00 -2.87 -0.90
N ILE A 67 12.07 -2.12 -1.53
CA ILE A 67 10.63 -2.26 -1.37
C ILE A 67 10.29 -3.74 -1.45
N THR A 68 10.76 -4.35 -2.54
CA THR A 68 10.49 -5.75 -2.79
C THR A 68 11.17 -6.67 -1.77
N GLY A 69 12.35 -6.31 -1.27
CA GLY A 69 13.00 -7.04 -0.19
C GLY A 69 12.12 -7.13 1.04
N MET A 70 11.45 -6.02 1.37
CA MET A 70 10.45 -5.92 2.40
C MET A 70 9.32 -6.90 2.07
N PHE A 71 8.78 -6.83 0.85
CA PHE A 71 7.68 -7.69 0.41
C PHE A 71 8.03 -9.17 0.53
N GLN A 72 9.30 -9.55 0.33
CA GLN A 72 9.73 -10.95 0.42
C GLN A 72 9.73 -11.43 1.88
N ARG A 73 9.83 -10.52 2.87
CA ARG A 73 9.62 -10.84 4.29
C ARG A 73 8.15 -10.96 4.67
N LEU A 74 7.26 -10.48 3.81
CA LEU A 74 5.85 -10.26 4.05
C LEU A 74 5.04 -11.17 3.11
N ASP A 75 5.50 -12.39 2.89
CA ASP A 75 4.88 -13.36 1.97
C ASP A 75 3.71 -14.03 2.70
N LYS A 76 3.95 -14.36 3.97
CA LYS A 76 2.91 -14.76 4.94
C LYS A 76 1.90 -13.66 5.25
N LEU A 77 1.99 -12.48 4.62
CA LEU A 77 1.15 -11.31 4.88
C LEU A 77 0.33 -10.96 3.65
N ARG A 78 0.96 -10.91 2.46
CA ARG A 78 0.31 -10.51 1.22
C ARG A 78 -0.93 -11.34 0.84
N LYS A 79 -1.11 -12.51 1.46
CA LYS A 79 -2.32 -13.33 1.35
C LYS A 79 -3.57 -12.62 1.90
N ASN A 80 -3.40 -11.67 2.83
CA ASN A 80 -4.50 -10.93 3.50
C ASN A 80 -4.13 -9.44 3.61
N ALA A 81 -3.33 -8.90 2.70
CA ALA A 81 -2.90 -7.50 2.66
C ALA A 81 -2.29 -7.17 1.30
N PHE A 82 -2.25 -5.89 0.92
CA PHE A 82 -1.72 -5.40 -0.36
C PHE A 82 -1.19 -3.98 -0.18
N ALA A 83 -0.49 -3.43 -1.16
CA ALA A 83 -0.14 -2.03 -1.23
C ALA A 83 0.25 -1.64 -2.66
N SER A 84 0.23 -0.34 -2.92
CA SER A 84 0.91 0.30 -4.02
C SER A 84 2.00 1.19 -3.41
N VAL A 85 3.25 0.98 -3.82
CA VAL A 85 4.46 1.50 -3.20
C VAL A 85 5.33 2.05 -4.32
N ILE A 86 5.34 3.36 -4.48
CA ILE A 86 5.82 4.03 -5.66
C ILE A 86 7.05 4.85 -5.22
N LEU A 87 8.09 4.84 -6.03
CA LEU A 87 9.37 5.50 -5.85
C LEU A 87 9.28 6.81 -6.59
N PHE A 88 9.47 7.90 -5.85
CA PHE A 88 9.44 9.24 -6.41
C PHE A 88 10.75 9.97 -6.10
N GLY A 89 10.92 11.13 -6.74
CA GLY A 89 12.11 11.97 -6.63
C GLY A 89 13.09 11.60 -7.72
N THR A 90 14.36 11.42 -7.42
CA THR A 90 15.42 11.07 -8.36
C THR A 90 16.65 10.70 -7.51
N ASN A 91 17.76 10.25 -8.11
CA ASN A 91 18.91 9.77 -7.34
C ASN A 91 19.47 10.85 -6.41
N ASN A 92 19.38 12.12 -6.82
CA ASN A 92 19.86 13.24 -6.02
C ASN A 92 18.98 13.51 -4.79
N SER A 93 17.70 13.13 -4.81
CA SER A 93 16.79 13.25 -3.69
C SER A 93 15.52 12.47 -3.97
N SER A 94 15.22 11.45 -3.17
CA SER A 94 14.21 10.46 -3.42
C SER A 94 13.25 10.33 -2.25
N SER A 95 12.14 9.62 -2.43
CA SER A 95 11.12 9.41 -1.41
C SER A 95 10.20 8.31 -1.94
N ILE A 96 10.10 7.20 -1.22
CA ILE A 96 9.07 6.19 -1.50
C ILE A 96 7.84 6.63 -0.71
N SER A 97 6.68 6.62 -1.36
CA SER A 97 5.38 6.75 -0.70
C SER A 97 4.41 5.72 -1.27
N GLY A 98 3.21 5.61 -0.71
CA GLY A 98 2.29 4.57 -1.12
C GLY A 98 1.17 4.37 -0.11
N VAL A 99 0.23 3.49 -0.45
CA VAL A 99 -0.91 3.16 0.40
C VAL A 99 -1.05 1.65 0.46
N TRP A 100 -1.24 1.14 1.66
CA TRP A 100 -1.25 -0.27 2.00
C TRP A 100 -2.62 -0.61 2.58
N VAL A 101 -2.93 -1.90 2.59
CA VAL A 101 -4.20 -2.47 3.02
C VAL A 101 -3.86 -3.70 3.83
N PHE A 102 -4.50 -3.88 4.97
CA PHE A 102 -4.28 -4.95 5.91
C PHE A 102 -5.66 -5.34 6.43
N ARG A 103 -5.95 -6.64 6.62
CA ARG A 103 -7.25 -7.06 7.10
C ARG A 103 -7.27 -7.05 8.62
N GLY A 104 -7.15 -5.90 9.25
CA GLY A 104 -7.48 -5.71 10.63
C GLY A 104 -7.69 -4.23 10.88
N GLN A 105 -8.09 -3.88 12.09
CA GLN A 105 -8.01 -2.51 12.54
C GLN A 105 -6.55 -2.08 12.73
N GLU A 106 -5.57 -2.99 12.83
CA GLU A 106 -4.15 -2.66 12.91
C GLU A 106 -3.42 -3.07 11.63
N LEU A 107 -2.18 -2.58 11.48
CA LEU A 107 -1.47 -2.57 10.21
C LEU A 107 -0.75 -3.88 9.90
N ALA A 108 -0.98 -4.93 10.69
CA ALA A 108 -0.44 -6.27 10.53
C ALA A 108 0.99 -6.43 11.04
N PHE A 109 1.89 -5.53 10.66
CA PHE A 109 3.24 -5.45 11.20
C PHE A 109 3.27 -5.54 12.74
N PRO A 110 2.43 -4.81 13.51
CA PRO A 110 2.42 -4.93 14.96
C PRO A 110 1.83 -6.25 15.45
N LEU A 111 1.16 -7.00 14.59
CA LEU A 111 0.53 -8.26 14.94
C LEU A 111 1.52 -9.42 14.89
N SER A 112 2.68 -9.22 14.26
CA SER A 112 3.74 -10.22 14.32
C SER A 112 5.12 -9.59 14.22
N PRO A 113 6.08 -9.91 15.12
CA PRO A 113 7.47 -9.49 15.00
C PRO A 113 8.17 -10.14 13.80
N ASP A 114 7.49 -11.02 13.05
CA ASP A 114 7.91 -11.45 11.71
C ASP A 114 8.18 -10.24 10.82
N TRP A 115 7.39 -9.18 10.96
CA TRP A 115 7.36 -8.04 10.07
C TRP A 115 7.76 -6.79 10.84
N GLN A 116 8.93 -6.82 11.47
CA GLN A 116 9.41 -5.74 12.31
C GLN A 116 10.93 -5.70 12.15
N VAL A 117 11.40 -5.20 11.01
CA VAL A 117 12.81 -5.16 10.62
C VAL A 117 13.21 -3.70 10.38
N ASP A 118 12.65 -3.14 9.32
CA ASP A 118 12.90 -1.82 8.76
C ASP A 118 11.64 -0.96 8.73
N TYR A 119 10.48 -1.55 9.07
CA TYR A 119 9.17 -0.89 9.08
C TYR A 119 9.14 0.44 9.82
N GLU A 120 9.89 0.59 10.91
CA GLU A 120 9.86 1.74 11.78
C GLU A 120 10.45 2.98 11.09
N SER A 121 11.30 2.76 10.08
CA SER A 121 11.88 3.81 9.24
C SER A 121 10.85 4.37 8.24
N TYR A 122 9.64 3.80 8.18
CA TYR A 122 8.51 4.26 7.39
C TYR A 122 7.49 4.82 8.38
N THR A 123 6.41 5.39 7.87
CA THR A 123 5.27 5.80 8.67
C THR A 123 4.06 5.03 8.16
N TRP A 124 3.04 4.90 9.00
CA TRP A 124 1.86 4.12 8.73
C TRP A 124 0.73 4.78 9.51
N ARG A 125 -0.37 5.18 8.86
CA ARG A 125 -1.48 5.85 9.52
C ARG A 125 -2.79 5.44 8.86
N LYS A 126 -3.76 4.97 9.66
CA LYS A 126 -5.11 4.64 9.20
C LYS A 126 -5.77 5.87 8.64
N LEU A 127 -6.46 5.75 7.52
CA LEU A 127 -7.17 6.87 6.90
C LEU A 127 -8.65 6.53 6.77
N ASP A 128 -9.47 7.53 6.47
CA ASP A 128 -10.93 7.37 6.41
C ASP A 128 -11.34 7.00 4.99
N PRO A 129 -12.06 5.88 4.76
CA PRO A 129 -12.61 5.58 3.45
C PRO A 129 -13.69 6.57 3.00
N GLY A 130 -14.09 7.52 3.85
CA GLY A 130 -14.91 8.67 3.50
C GLY A 130 -14.21 9.98 3.84
N SER A 131 -12.88 10.07 3.72
CA SER A 131 -12.19 11.35 3.74
C SER A 131 -12.39 12.08 2.41
N GLU A 132 -11.79 13.26 2.25
CA GLU A 132 -11.60 13.91 0.96
C GLU A 132 -10.26 13.54 0.36
N GLU A 133 -9.20 13.49 1.19
CA GLU A 133 -7.85 13.28 0.70
C GLU A 133 -7.69 11.83 0.29
N THR A 134 -7.98 10.88 1.19
CA THR A 134 -7.80 9.45 1.00
C THR A 134 -8.32 8.97 -0.36
N GLN A 135 -9.50 9.43 -0.76
CA GLN A 135 -10.12 9.20 -2.06
C GLN A 135 -9.12 9.44 -3.19
N THR A 136 -8.50 10.61 -3.19
CA THR A 136 -7.59 11.13 -4.17
C THR A 136 -6.31 10.35 -4.02
N LEU A 137 -5.70 10.29 -2.83
CA LEU A 137 -4.47 9.54 -2.58
C LEU A 137 -4.58 8.14 -3.18
N VAL A 138 -5.60 7.38 -2.77
CA VAL A 138 -5.90 6.07 -3.31
C VAL A 138 -5.98 6.16 -4.82
N ARG A 139 -6.87 6.99 -5.38
CA ARG A 139 -7.01 7.13 -6.82
C ARG A 139 -5.66 7.35 -7.49
N GLU A 140 -4.78 8.19 -6.98
CA GLU A 140 -3.49 8.44 -7.60
C GLU A 140 -2.61 7.20 -7.47
N TYR A 141 -2.43 6.68 -6.26
CA TYR A 141 -1.61 5.52 -5.97
C TYR A 141 -2.16 4.24 -6.62
N PHE A 142 -3.39 4.21 -7.16
CA PHE A 142 -4.06 2.99 -7.64
C PHE A 142 -4.18 3.08 -9.14
N SER A 143 -4.47 4.29 -9.65
CA SER A 143 -4.65 4.48 -11.07
C SER A 143 -3.35 4.93 -11.71
N TRP A 144 -2.47 5.58 -10.95
CA TRP A 144 -1.21 6.14 -11.42
C TRP A 144 -1.43 7.28 -12.44
N GLU A 145 -2.67 7.79 -12.53
CA GLU A 145 -2.96 8.95 -13.36
C GLU A 145 -2.51 10.24 -12.69
N GLY A 146 -2.30 10.19 -11.37
CA GLY A 146 -2.36 11.30 -10.48
C GLY A 146 -1.18 12.21 -10.63
N ALA A 147 -1.33 13.31 -9.94
CA ALA A 147 -0.40 14.40 -9.93
C ALA A 147 0.55 14.27 -8.75
N PHE A 148 0.13 13.60 -7.66
CA PHE A 148 0.91 13.44 -6.43
C PHE A 148 1.44 14.79 -5.94
N GLN A 149 0.77 15.90 -6.28
CA GLN A 149 1.31 17.24 -6.10
C GLN A 149 1.51 17.61 -4.62
N HIS A 150 0.71 17.02 -3.73
CA HIS A 150 0.88 17.19 -2.30
C HIS A 150 2.21 16.59 -1.82
N VAL A 151 2.81 15.67 -2.58
CA VAL A 151 4.17 15.18 -2.42
C VAL A 151 5.10 16.12 -3.20
N GLY A 152 4.75 16.45 -4.45
CA GLY A 152 5.49 17.34 -5.32
C GLY A 152 6.69 16.67 -5.99
N LYS A 153 6.91 15.37 -5.74
CA LYS A 153 7.88 14.56 -6.44
C LYS A 153 7.25 14.04 -7.75
N ALA A 154 7.94 13.14 -8.46
CA ALA A 154 7.54 12.56 -9.76
C ALA A 154 7.39 11.05 -9.63
N PHE A 155 6.40 10.45 -10.28
CA PHE A 155 5.93 9.05 -10.22
C PHE A 155 6.94 7.92 -10.48
N ASN A 156 8.17 8.24 -10.86
CA ASN A 156 9.12 7.45 -11.66
C ASN A 156 8.88 5.95 -11.78
N GLN A 157 8.87 5.22 -10.66
CA GLN A 157 8.71 3.76 -10.67
C GLN A 157 7.64 3.32 -9.67
N GLY A 158 6.60 2.63 -10.13
CA GLY A 158 5.64 1.98 -9.24
C GLY A 158 6.17 0.63 -8.77
N LYS A 159 5.60 0.09 -7.68
CA LYS A 159 5.69 -1.31 -7.31
C LYS A 159 4.43 -1.67 -6.54
N ILE A 160 4.05 -2.94 -6.54
CA ILE A 160 2.82 -3.43 -5.93
C ILE A 160 3.15 -4.58 -4.99
N PHE A 161 2.53 -4.61 -3.81
CA PHE A 161 2.65 -5.64 -2.79
C PHE A 161 1.56 -6.69 -2.99
N LYS A 162 1.31 -7.07 -4.25
CA LYS A 162 0.64 -8.31 -4.58
C LYS A 162 1.73 -9.36 -4.67
N ALA A 1 0.29 -16.87 15.89
CA ALA A 1 1.12 -17.83 15.14
C ALA A 1 0.27 -18.53 14.09
N LYS A 2 0.92 -19.06 13.07
CA LYS A 2 0.37 -19.74 11.90
C LYS A 2 -0.38 -18.78 10.99
N ASP A 3 -1.30 -17.93 11.48
CA ASP A 3 -1.73 -16.72 10.78
C ASP A 3 -2.32 -15.75 11.80
N PRO A 4 -2.08 -14.42 11.71
CA PRO A 4 -2.65 -13.46 12.64
C PRO A 4 -4.14 -13.24 12.35
N PHE A 5 -4.52 -13.26 11.07
CA PHE A 5 -5.91 -13.08 10.66
C PHE A 5 -6.63 -14.43 10.60
N ALA A 6 -6.31 -15.34 11.53
CA ALA A 6 -6.98 -16.62 11.66
C ALA A 6 -8.09 -16.57 12.71
N HIS A 7 -8.13 -15.51 13.52
CA HIS A 7 -9.17 -15.26 14.51
C HIS A 7 -10.42 -14.69 13.86
N LEU A 8 -10.26 -13.94 12.77
CA LEU A 8 -11.36 -13.19 12.14
C LEU A 8 -12.42 -14.17 11.63
N PRO A 9 -13.63 -13.65 11.38
CA PRO A 9 -14.65 -14.35 10.63
C PRO A 9 -14.25 -14.34 9.15
N LYS A 10 -15.21 -14.56 8.26
CA LYS A 10 -14.98 -14.60 6.83
C LYS A 10 -14.45 -13.28 6.27
N SER A 11 -14.12 -13.31 4.99
CA SER A 11 -13.97 -12.15 4.15
C SER A 11 -15.36 -11.74 3.69
N THR A 12 -15.69 -10.45 3.76
CA THR A 12 -16.72 -9.87 2.91
C THR A 12 -16.10 -9.69 1.51
N PHE A 13 -15.11 -8.79 1.40
CA PHE A 13 -14.46 -8.37 0.17
C PHE A 13 -13.41 -9.39 -0.29
N ALA A 14 -13.22 -9.54 -1.60
CA ALA A 14 -12.30 -10.45 -2.25
C ALA A 14 -11.07 -9.74 -2.78
N LEU A 15 -9.95 -9.84 -2.05
CA LEU A 15 -8.74 -9.08 -2.35
C LEU A 15 -8.11 -9.43 -3.71
N ASP A 16 -8.17 -10.69 -4.13
CA ASP A 16 -7.52 -11.13 -5.37
C ASP A 16 -8.41 -10.97 -6.59
N GLU A 17 -9.71 -10.75 -6.38
CA GLU A 17 -10.58 -10.25 -7.43
C GLU A 17 -10.27 -8.78 -7.68
N PHE A 18 -10.01 -8.02 -6.60
CA PHE A 18 -9.64 -6.63 -6.74
C PHE A 18 -8.37 -6.53 -7.57
N LYS A 19 -7.33 -7.32 -7.24
CA LYS A 19 -6.02 -7.15 -7.83
C LYS A 19 -5.98 -7.39 -9.34
N ARG A 20 -6.84 -8.23 -9.94
CA ARG A 20 -6.81 -8.36 -11.39
C ARG A 20 -7.24 -7.04 -12.00
N LYS A 21 -8.51 -6.66 -11.82
CA LYS A 21 -9.05 -5.46 -12.48
C LYS A 21 -8.21 -4.21 -12.18
N TYR A 22 -7.54 -4.18 -11.03
CA TYR A 22 -6.62 -3.14 -10.60
C TYR A 22 -5.61 -2.73 -11.69
N SER A 23 -4.74 -3.64 -12.08
CA SER A 23 -3.72 -3.37 -13.08
C SER A 23 -4.24 -3.66 -14.48
N ASN A 24 -5.29 -4.49 -14.56
CA ASN A 24 -5.63 -5.12 -15.82
C ASN A 24 -6.71 -4.31 -16.53
N GLU A 25 -7.40 -3.42 -15.81
CA GLU A 25 -8.47 -2.60 -16.35
C GLU A 25 -8.30 -1.13 -15.93
N ASP A 26 -9.23 -0.30 -16.41
CA ASP A 26 -9.31 1.15 -16.34
C ASP A 26 -9.63 1.63 -14.93
N THR A 27 -8.75 1.32 -13.99
CA THR A 27 -9.02 1.37 -12.56
C THR A 27 -9.71 2.62 -12.08
N LEU A 28 -9.39 3.80 -12.64
CA LEU A 28 -10.12 5.06 -12.49
C LEU A 28 -11.64 4.86 -12.40
N SER A 29 -12.20 4.07 -13.31
CA SER A 29 -13.61 3.73 -13.42
C SER A 29 -13.86 2.22 -13.37
N VAL A 30 -12.90 1.42 -12.92
CA VAL A 30 -13.00 -0.04 -12.86
C VAL A 30 -12.86 -0.52 -11.42
N ALA A 31 -11.65 -0.45 -10.87
CA ALA A 31 -11.39 -0.93 -9.53
C ALA A 31 -11.80 0.12 -8.49
N LEU A 32 -11.71 1.40 -8.83
CA LEU A 32 -12.10 2.53 -7.98
C LEU A 32 -13.58 2.53 -7.62
N PRO A 33 -14.53 2.44 -8.56
CA PRO A 33 -15.94 2.32 -8.21
C PRO A 33 -16.14 1.14 -7.29
N TYR A 34 -15.73 -0.05 -7.75
CA TYR A 34 -15.84 -1.35 -7.10
C TYR A 34 -15.34 -1.28 -5.66
N PHE A 35 -14.26 -0.55 -5.44
CA PHE A 35 -13.66 -0.37 -4.14
C PHE A 35 -14.47 0.63 -3.31
N TRP A 36 -14.78 1.82 -3.85
CA TRP A 36 -15.41 2.87 -3.06
C TRP A 36 -16.89 2.63 -2.83
N GLU A 37 -17.49 1.68 -3.54
CA GLU A 37 -18.87 1.27 -3.37
C GLU A 37 -19.01 0.56 -2.03
N HIS A 38 -18.22 -0.50 -1.79
CA HIS A 38 -18.55 -1.48 -0.75
C HIS A 38 -17.38 -1.94 0.10
N PHE A 39 -16.20 -1.31 -0.01
CA PHE A 39 -14.86 -1.75 0.45
C PHE A 39 -14.96 -2.85 1.51
N ASP A 40 -14.85 -2.53 2.79
CA ASP A 40 -15.08 -3.28 4.02
C ASP A 40 -14.44 -2.48 5.15
N LYS A 41 -15.06 -1.34 5.43
CA LYS A 41 -14.61 -0.39 6.43
C LYS A 41 -14.78 -0.88 7.87
N ASP A 42 -15.31 -2.07 8.03
CA ASP A 42 -15.46 -2.76 9.32
C ASP A 42 -14.51 -3.97 9.42
N GLY A 43 -13.62 -4.18 8.46
CA GLY A 43 -12.72 -5.34 8.42
C GLY A 43 -11.36 -5.03 7.81
N TRP A 44 -11.31 -4.60 6.55
CA TRP A 44 -10.09 -4.16 5.89
C TRP A 44 -9.73 -2.75 6.38
N SER A 45 -8.51 -2.30 6.10
CA SER A 45 -8.11 -0.95 6.47
C SER A 45 -7.11 -0.40 5.48
N LEU A 46 -7.11 0.92 5.27
CA LEU A 46 -6.13 1.60 4.42
C LEU A 46 -5.11 2.27 5.32
N TRP A 47 -3.84 2.22 4.91
CA TRP A 47 -2.70 2.73 5.66
C TRP A 47 -1.76 3.45 4.72
N TYR A 48 -1.60 4.76 4.87
CA TYR A 48 -0.60 5.55 4.14
C TYR A 48 0.73 5.38 4.84
N SER A 49 1.80 5.29 4.04
CA SER A 49 3.17 5.13 4.46
C SER A 49 4.04 5.90 3.46
N GLU A 50 4.93 6.75 3.97
CA GLU A 50 5.82 7.64 3.24
C GLU A 50 7.11 7.71 4.06
N TYR A 51 7.72 6.52 4.24
CA TYR A 51 9.14 6.32 4.48
C TYR A 51 9.82 7.46 5.23
N ARG A 52 9.40 7.68 6.48
CA ARG A 52 9.80 8.75 7.39
C ARG A 52 11.29 9.13 7.27
N PHE A 53 12.17 8.20 6.90
CA PHE A 53 13.59 8.40 6.62
C PHE A 53 13.90 8.35 5.10
N PRO A 54 13.46 9.35 4.31
CA PRO A 54 13.76 9.42 2.88
C PRO A 54 15.22 9.82 2.62
N GLU A 55 15.96 10.24 3.64
CA GLU A 55 17.38 10.55 3.54
C GLU A 55 18.20 9.29 3.28
N GLU A 56 17.65 8.10 3.59
CA GLU A 56 18.38 6.86 3.41
C GLU A 56 18.56 6.59 1.90
N LEU A 57 17.64 7.09 1.07
CA LEU A 57 17.45 6.72 -0.32
C LEU A 57 18.39 7.48 -1.25
N THR A 58 19.23 6.75 -2.01
CA THR A 58 20.13 7.40 -2.93
C THR A 58 20.51 6.54 -4.17
N GLN A 59 19.58 5.76 -4.73
CA GLN A 59 19.56 5.29 -6.13
C GLN A 59 18.19 4.72 -6.49
N THR A 60 17.83 4.77 -7.75
CA THR A 60 16.54 4.30 -8.25
C THR A 60 16.53 2.76 -8.35
N PHE A 61 17.66 2.18 -8.77
CA PHE A 61 17.85 0.75 -8.99
C PHE A 61 17.91 -0.03 -7.68
N MET A 62 18.21 0.67 -6.58
CA MET A 62 18.34 0.06 -5.26
C MET A 62 16.99 0.12 -4.58
N SER A 63 16.37 1.30 -4.51
CA SER A 63 15.10 1.55 -3.85
C SER A 63 14.01 0.56 -4.29
N CYS A 64 13.86 0.35 -5.60
CA CYS A 64 12.94 -0.63 -6.16
C CYS A 64 13.18 -2.01 -5.55
N ASN A 65 14.44 -2.45 -5.49
CA ASN A 65 14.78 -3.77 -4.95
C ASN A 65 14.52 -3.79 -3.44
N LEU A 66 14.81 -2.70 -2.74
CA LEU A 66 14.66 -2.54 -1.31
C LEU A 66 13.22 -2.78 -0.89
N ILE A 67 12.30 -2.03 -1.51
CA ILE A 67 10.85 -2.16 -1.32
C ILE A 67 10.47 -3.62 -1.49
N THR A 68 10.84 -4.17 -2.64
CA THR A 68 10.39 -5.49 -3.03
C THR A 68 10.95 -6.56 -2.08
N GLY A 69 12.16 -6.35 -1.54
CA GLY A 69 12.73 -7.23 -0.55
C GLY A 69 11.85 -7.34 0.68
N MET A 70 11.29 -6.21 1.13
CA MET A 70 10.33 -6.16 2.22
C MET A 70 9.17 -7.08 1.86
N PHE A 71 8.58 -6.91 0.66
CA PHE A 71 7.46 -7.72 0.21
C PHE A 71 7.79 -9.21 0.32
N GLN A 72 9.00 -9.64 -0.05
CA GLN A 72 9.35 -11.05 -0.05
C GLN A 72 9.36 -11.63 1.36
N ARG A 73 9.75 -10.82 2.36
CA ARG A 73 9.65 -11.16 3.77
C ARG A 73 8.17 -11.16 4.19
N LEU A 74 7.40 -10.16 3.76
CA LEU A 74 5.97 -9.99 4.06
C LEU A 74 5.09 -10.91 3.17
N ASP A 75 5.54 -12.14 2.92
CA ASP A 75 4.88 -13.03 1.95
C ASP A 75 3.64 -13.64 2.59
N LYS A 76 3.81 -14.23 3.78
CA LYS A 76 2.71 -14.64 4.64
C LYS A 76 1.82 -13.48 5.11
N LEU A 77 1.99 -12.25 4.58
CA LEU A 77 1.11 -11.14 4.81
C LEU A 77 0.31 -10.85 3.56
N ARG A 78 0.94 -10.70 2.39
CA ARG A 78 0.22 -10.34 1.17
C ARG A 78 -0.92 -11.29 0.79
N LYS A 79 -0.90 -12.52 1.29
CA LYS A 79 -2.02 -13.46 1.22
C LYS A 79 -3.34 -12.86 1.73
N ASN A 80 -3.27 -11.83 2.56
CA ASN A 80 -4.39 -11.10 3.13
C ASN A 80 -4.04 -9.60 3.23
N ALA A 81 -3.30 -9.05 2.26
CA ALA A 81 -2.95 -7.62 2.23
C ALA A 81 -2.35 -7.22 0.88
N PHE A 82 -2.35 -5.91 0.56
CA PHE A 82 -1.86 -5.40 -0.72
C PHE A 82 -1.35 -3.98 -0.58
N ALA A 83 -0.46 -3.51 -1.45
CA ALA A 83 -0.01 -2.10 -1.47
C ALA A 83 0.50 -1.70 -2.84
N SER A 84 0.74 -0.40 -3.06
CA SER A 84 1.06 0.15 -4.38
C SER A 84 2.24 1.12 -4.31
N VAL A 85 3.34 0.64 -3.74
CA VAL A 85 4.52 1.41 -3.36
C VAL A 85 5.22 1.98 -4.60
N ILE A 86 5.25 3.30 -4.73
CA ILE A 86 5.88 4.00 -5.85
C ILE A 86 7.24 4.55 -5.36
N LEU A 87 8.24 4.53 -6.24
CA LEU A 87 9.57 5.13 -6.06
C LEU A 87 9.51 6.52 -6.68
N PHE A 88 9.68 7.56 -5.86
CA PHE A 88 9.61 8.93 -6.33
C PHE A 88 11.00 9.58 -6.34
N GLY A 89 11.09 10.77 -6.94
CA GLY A 89 12.25 11.63 -6.86
C GLY A 89 13.29 11.21 -7.87
N THR A 90 14.50 10.85 -7.44
CA THR A 90 15.62 10.49 -8.32
C THR A 90 16.77 10.02 -7.42
N ASN A 91 17.91 9.63 -8.01
CA ASN A 91 19.13 9.26 -7.31
C ASN A 91 19.74 10.40 -6.47
N ASN A 92 19.37 11.66 -6.72
CA ASN A 92 19.78 12.79 -5.87
C ASN A 92 19.07 12.66 -4.52
N SER A 93 17.75 12.55 -4.54
CA SER A 93 16.87 12.51 -3.39
C SER A 93 15.64 11.81 -3.89
N SER A 94 15.45 10.57 -3.47
CA SER A 94 14.25 9.83 -3.75
C SER A 94 13.25 10.04 -2.62
N SER A 95 12.16 9.29 -2.63
CA SER A 95 11.26 9.08 -1.51
C SER A 95 10.48 7.84 -1.90
N ILE A 96 10.10 7.02 -0.93
CA ILE A 96 9.16 5.94 -1.14
C ILE A 96 7.88 6.41 -0.48
N SER A 97 6.76 6.19 -1.15
CA SER A 97 5.45 6.41 -0.58
C SER A 97 4.46 5.39 -1.15
N GLY A 98 3.26 5.37 -0.59
CA GLY A 98 2.21 4.45 -0.98
C GLY A 98 1.17 4.24 0.10
N VAL A 99 0.20 3.41 -0.23
CA VAL A 99 -0.96 3.07 0.57
C VAL A 99 -1.05 1.55 0.54
N TRP A 100 -1.30 0.98 1.71
CA TRP A 100 -1.32 -0.45 1.96
C TRP A 100 -2.71 -0.79 2.51
N VAL A 101 -3.05 -2.07 2.44
CA VAL A 101 -4.34 -2.63 2.80
C VAL A 101 -4.05 -3.87 3.62
N PHE A 102 -4.65 -4.00 4.80
CA PHE A 102 -4.41 -5.06 5.77
C PHE A 102 -5.78 -5.46 6.32
N ARG A 103 -6.03 -6.76 6.58
CA ARG A 103 -7.36 -7.21 6.97
C ARG A 103 -7.48 -7.22 8.49
N GLY A 104 -7.53 -6.06 9.12
CA GLY A 104 -7.72 -5.97 10.56
C GLY A 104 -7.74 -4.51 11.02
N GLN A 105 -7.88 -4.34 12.33
CA GLN A 105 -7.79 -3.07 13.03
C GLN A 105 -6.37 -2.50 12.93
N GLU A 106 -5.36 -3.37 12.98
CA GLU A 106 -3.96 -2.99 12.96
C GLU A 106 -3.35 -3.25 11.58
N LEU A 107 -2.12 -2.75 11.41
CA LEU A 107 -1.41 -2.70 10.14
C LEU A 107 -0.76 -4.04 9.80
N ALA A 108 -1.02 -5.08 10.60
CA ALA A 108 -0.56 -6.45 10.42
C ALA A 108 0.89 -6.66 10.84
N PHE A 109 1.79 -5.79 10.40
CA PHE A 109 3.17 -5.70 10.85
C PHE A 109 3.30 -5.84 12.39
N PRO A 110 2.55 -5.09 13.22
CA PRO A 110 2.65 -5.20 14.67
C PRO A 110 2.07 -6.52 15.18
N LEU A 111 1.16 -7.15 14.42
CA LEU A 111 0.49 -8.38 14.84
C LEU A 111 1.45 -9.56 14.87
N SER A 112 2.55 -9.51 14.09
CA SER A 112 3.51 -10.58 14.03
C SER A 112 4.92 -10.01 13.94
N PRO A 113 5.84 -10.36 14.86
CA PRO A 113 7.17 -9.77 14.94
C PRO A 113 8.02 -10.10 13.71
N ASP A 114 7.58 -11.05 12.88
CA ASP A 114 8.04 -11.34 11.54
C ASP A 114 8.33 -10.06 10.76
N TRP A 115 7.40 -9.09 10.79
CA TRP A 115 7.29 -8.06 9.77
C TRP A 115 7.62 -6.67 10.32
N GLN A 116 8.62 -6.56 11.18
CA GLN A 116 8.93 -5.35 11.95
C GLN A 116 10.38 -4.92 11.70
N VAL A 117 10.84 -5.22 10.49
CA VAL A 117 12.23 -5.24 10.05
C VAL A 117 12.78 -3.83 10.01
N ASP A 118 12.29 -3.03 9.06
CA ASP A 118 12.67 -1.63 8.85
C ASP A 118 11.45 -0.72 9.01
N TYR A 119 10.25 -1.27 9.22
CA TYR A 119 9.02 -0.48 9.27
C TYR A 119 9.03 0.68 10.29
N GLU A 120 9.92 0.62 11.29
CA GLU A 120 10.10 1.63 12.32
C GLU A 120 10.67 2.95 11.75
N SER A 121 11.23 2.93 10.54
CA SER A 121 11.75 4.07 9.78
C SER A 121 10.74 4.57 8.75
N TYR A 122 9.56 3.95 8.68
CA TYR A 122 8.47 4.32 7.79
C TYR A 122 7.28 4.76 8.67
N THR A 123 6.29 5.42 8.08
CA THR A 123 5.05 5.83 8.74
C THR A 123 3.95 4.82 8.44
N TRP A 124 2.94 4.69 9.30
CA TRP A 124 1.79 3.83 9.04
C TRP A 124 0.56 4.43 9.72
N ARG A 125 -0.25 5.19 9.00
CA ARG A 125 -1.42 5.87 9.56
C ARG A 125 -2.66 5.39 8.83
N LYS A 126 -3.65 4.85 9.55
CA LYS A 126 -4.96 4.55 9.01
C LYS A 126 -5.58 5.80 8.43
N LEU A 127 -6.51 5.63 7.51
CA LEU A 127 -7.21 6.73 6.86
C LEU A 127 -8.67 6.34 6.72
N ASP A 128 -9.55 7.32 6.83
CA ASP A 128 -11.00 7.09 6.82
C ASP A 128 -11.43 6.73 5.40
N PRO A 129 -12.12 5.60 5.17
CA PRO A 129 -12.62 5.26 3.84
C PRO A 129 -13.78 6.15 3.39
N GLY A 130 -14.16 7.17 4.15
CA GLY A 130 -15.03 8.27 3.73
C GLY A 130 -14.38 9.63 4.02
N SER A 131 -13.05 9.71 4.12
CA SER A 131 -12.38 11.01 4.05
C SER A 131 -12.50 11.57 2.62
N GLU A 132 -11.86 12.71 2.37
CA GLU A 132 -11.63 13.26 1.04
C GLU A 132 -10.24 12.89 0.54
N GLU A 133 -9.20 13.24 1.30
CA GLU A 133 -7.83 13.07 0.85
C GLU A 133 -7.61 11.60 0.55
N THR A 134 -8.01 10.71 1.46
CA THR A 134 -7.85 9.27 1.34
C THR A 134 -8.31 8.78 -0.05
N GLN A 135 -9.47 9.23 -0.53
CA GLN A 135 -10.05 8.92 -1.83
C GLN A 135 -9.18 9.40 -2.99
N THR A 136 -8.50 10.54 -2.83
CA THR A 136 -7.69 11.19 -3.82
C THR A 136 -6.40 10.39 -3.83
N LEU A 137 -5.72 10.28 -2.68
CA LEU A 137 -4.55 9.45 -2.47
C LEU A 137 -4.76 8.12 -3.16
N VAL A 138 -5.79 7.36 -2.76
CA VAL A 138 -6.12 6.07 -3.35
C VAL A 138 -6.19 6.22 -4.87
N ARG A 139 -7.04 7.12 -5.38
CA ARG A 139 -7.14 7.36 -6.83
C ARG A 139 -5.75 7.47 -7.44
N GLU A 140 -4.86 8.27 -6.90
CA GLU A 140 -3.55 8.48 -7.49
C GLU A 140 -2.70 7.23 -7.39
N TYR A 141 -2.60 6.64 -6.20
CA TYR A 141 -1.75 5.51 -5.90
C TYR A 141 -2.25 4.24 -6.62
N PHE A 142 -3.48 4.22 -7.15
CA PHE A 142 -4.13 3.03 -7.67
C PHE A 142 -4.23 3.20 -9.17
N SER A 143 -4.63 4.40 -9.62
CA SER A 143 -4.75 4.65 -11.03
C SER A 143 -3.40 4.96 -11.64
N TRP A 144 -2.53 5.63 -10.87
CA TRP A 144 -1.30 6.23 -11.37
C TRP A 144 -1.57 7.39 -12.35
N GLU A 145 -2.82 7.89 -12.45
CA GLU A 145 -3.26 8.93 -13.38
C GLU A 145 -3.76 10.18 -12.65
N GLY A 146 -3.43 10.27 -11.37
CA GLY A 146 -3.44 11.48 -10.57
C GLY A 146 -2.25 12.38 -10.86
N ALA A 147 -1.96 13.32 -9.95
CA ALA A 147 -0.99 14.39 -10.13
C ALA A 147 0.13 14.40 -9.08
N PHE A 148 -0.11 13.89 -7.86
CA PHE A 148 0.80 13.96 -6.71
C PHE A 148 1.36 15.37 -6.46
N GLN A 149 0.62 16.41 -6.83
CA GLN A 149 1.04 17.79 -6.61
C GLN A 149 1.29 18.14 -5.14
N HIS A 150 0.64 17.43 -4.20
CA HIS A 150 0.89 17.59 -2.78
C HIS A 150 2.28 17.06 -2.35
N VAL A 151 3.02 16.44 -3.28
CA VAL A 151 4.31 15.81 -3.07
C VAL A 151 5.35 16.49 -3.97
N GLY A 152 5.00 16.74 -5.24
CA GLY A 152 5.91 17.38 -6.18
C GLY A 152 7.22 16.63 -6.42
N LYS A 153 7.31 15.35 -6.06
CA LYS A 153 8.41 14.46 -6.39
C LYS A 153 8.14 14.01 -7.83
N ALA A 154 8.33 12.73 -8.19
CA ALA A 154 7.85 12.23 -9.48
C ALA A 154 7.40 10.77 -9.34
N PHE A 155 6.68 10.23 -10.33
CA PHE A 155 6.15 8.85 -10.32
C PHE A 155 7.20 7.78 -10.62
N ASN A 156 8.38 8.19 -11.07
CA ASN A 156 9.25 7.51 -12.03
C ASN A 156 9.00 6.02 -12.26
N GLN A 157 9.11 5.19 -11.23
CA GLN A 157 8.94 3.74 -11.30
C GLN A 157 8.08 3.30 -10.12
N GLY A 158 7.37 2.19 -10.27
CA GLY A 158 6.46 1.69 -9.26
C GLY A 158 6.67 0.21 -8.99
N LYS A 159 6.08 -0.22 -7.88
CA LYS A 159 6.00 -1.60 -7.43
C LYS A 159 4.59 -1.81 -6.90
N ILE A 160 4.14 -3.06 -6.84
CA ILE A 160 2.88 -3.45 -6.24
C ILE A 160 3.20 -4.62 -5.31
N PHE A 161 2.53 -4.67 -4.16
CA PHE A 161 2.69 -5.66 -3.11
C PHE A 161 1.53 -6.63 -3.26
N LYS A 162 1.65 -7.52 -4.24
CA LYS A 162 0.72 -8.59 -4.55
C LYS A 162 1.46 -9.90 -4.69
N ALA A 1 2.39 -22.39 8.67
CA ALA A 1 2.86 -21.01 8.90
C ALA A 1 2.37 -20.53 10.27
N LYS A 2 2.12 -19.23 10.42
CA LYS A 2 0.96 -18.75 11.16
C LYS A 2 0.23 -17.82 10.21
N ASP A 3 -1.07 -17.63 10.44
CA ASP A 3 -1.94 -16.75 9.68
C ASP A 3 -2.65 -15.90 10.75
N PRO A 4 -2.26 -14.63 10.97
CA PRO A 4 -2.76 -13.83 12.08
C PRO A 4 -4.21 -13.39 11.86
N PHE A 5 -4.58 -13.15 10.60
CA PHE A 5 -5.94 -12.79 10.19
C PHE A 5 -6.78 -14.07 10.07
N ALA A 6 -6.60 -15.03 10.99
CA ALA A 6 -7.43 -16.22 11.12
C ALA A 6 -8.46 -16.05 12.24
N HIS A 7 -8.18 -15.18 13.21
CA HIS A 7 -9.11 -14.91 14.32
C HIS A 7 -10.40 -14.23 13.83
N LEU A 8 -10.36 -13.61 12.64
CA LEU A 8 -11.45 -12.84 12.07
C LEU A 8 -12.53 -13.76 11.49
N PRO A 9 -13.77 -13.24 11.35
CA PRO A 9 -14.86 -13.89 10.65
C PRO A 9 -14.62 -13.81 9.12
N LYS A 10 -15.58 -14.28 8.32
CA LYS A 10 -15.40 -14.42 6.87
C LYS A 10 -14.94 -13.11 6.22
N SER A 11 -14.12 -13.23 5.19
CA SER A 11 -13.61 -12.16 4.34
C SER A 11 -14.71 -11.81 3.35
N THR A 12 -15.50 -10.78 3.65
CA THR A 12 -16.56 -10.29 2.80
C THR A 12 -16.00 -9.75 1.48
N PHE A 13 -15.13 -8.73 1.52
CA PHE A 13 -14.58 -8.13 0.31
C PHE A 13 -13.46 -9.00 -0.24
N ALA A 14 -13.44 -9.17 -1.56
CA ALA A 14 -12.52 -10.07 -2.24
C ALA A 14 -11.32 -9.30 -2.76
N LEU A 15 -10.30 -9.23 -1.88
CA LEU A 15 -9.03 -8.62 -2.22
C LEU A 15 -8.47 -9.19 -3.51
N ASP A 16 -8.43 -10.51 -3.64
CA ASP A 16 -7.69 -11.12 -4.75
C ASP A 16 -8.41 -10.95 -6.09
N GLU A 17 -9.72 -10.72 -6.06
CA GLU A 17 -10.46 -10.35 -7.26
C GLU A 17 -10.16 -8.88 -7.59
N PHE A 18 -10.23 -8.01 -6.58
CA PHE A 18 -9.89 -6.59 -6.73
C PHE A 18 -8.51 -6.47 -7.37
N LYS A 19 -7.52 -7.23 -6.86
CA LYS A 19 -6.14 -7.17 -7.31
C LYS A 19 -5.94 -7.62 -8.75
N ARG A 20 -6.86 -8.39 -9.36
CA ARG A 20 -6.78 -8.70 -10.79
C ARG A 20 -7.18 -7.45 -11.58
N LYS A 21 -8.46 -7.04 -11.48
CA LYS A 21 -8.99 -5.87 -12.18
C LYS A 21 -8.11 -4.63 -11.95
N TYR A 22 -7.46 -4.51 -10.80
CA TYR A 22 -6.54 -3.45 -10.42
C TYR A 22 -5.56 -3.00 -11.50
N SER A 23 -4.87 -3.95 -12.13
CA SER A 23 -3.93 -3.67 -13.22
C SER A 23 -4.39 -4.30 -14.51
N ASN A 24 -5.40 -5.21 -14.46
CA ASN A 24 -5.96 -5.74 -15.67
C ASN A 24 -6.71 -4.62 -16.39
N GLU A 25 -7.36 -3.72 -15.64
CA GLU A 25 -8.44 -2.90 -16.19
C GLU A 25 -8.22 -1.40 -15.96
N ASP A 26 -9.17 -0.60 -16.47
CA ASP A 26 -9.33 0.85 -16.36
C ASP A 26 -9.69 1.24 -14.93
N THR A 27 -8.81 0.94 -13.98
CA THR A 27 -9.07 0.98 -12.56
C THR A 27 -9.82 2.22 -12.11
N LEU A 28 -9.54 3.40 -12.68
CA LEU A 28 -10.28 4.64 -12.47
C LEU A 28 -11.79 4.44 -12.44
N SER A 29 -12.36 3.70 -13.38
CA SER A 29 -13.77 3.32 -13.43
C SER A 29 -14.02 1.81 -13.50
N VAL A 30 -13.09 0.97 -13.04
CA VAL A 30 -13.26 -0.46 -12.93
C VAL A 30 -13.08 -0.86 -11.47
N ALA A 31 -11.84 -0.76 -10.96
CA ALA A 31 -11.54 -1.22 -9.62
C ALA A 31 -11.99 -0.16 -8.60
N LEU A 32 -11.76 1.11 -8.88
CA LEU A 32 -12.14 2.26 -8.05
C LEU A 32 -13.62 2.27 -7.68
N PRO A 33 -14.58 2.19 -8.62
CA PRO A 33 -15.99 2.20 -8.28
C PRO A 33 -16.33 0.96 -7.45
N TYR A 34 -15.89 -0.22 -7.90
CA TYR A 34 -16.04 -1.52 -7.27
C TYR A 34 -15.40 -1.55 -5.87
N PHE A 35 -14.49 -0.63 -5.54
CA PHE A 35 -13.89 -0.52 -4.24
C PHE A 35 -14.69 0.46 -3.38
N TRP A 36 -15.08 1.62 -3.93
CA TRP A 36 -15.77 2.68 -3.20
C TRP A 36 -17.28 2.47 -3.06
N GLU A 37 -17.81 1.29 -3.42
CA GLU A 37 -19.24 0.99 -3.37
C GLU A 37 -19.54 0.17 -2.14
N HIS A 38 -18.85 -0.96 -2.03
CA HIS A 38 -18.88 -1.83 -0.89
C HIS A 38 -17.43 -2.21 -0.62
N PHE A 39 -16.69 -1.39 0.13
CA PHE A 39 -15.37 -1.79 0.57
C PHE A 39 -15.51 -2.89 1.65
N ASP A 40 -15.32 -2.59 2.93
CA ASP A 40 -15.17 -3.53 4.06
C ASP A 40 -14.56 -2.82 5.27
N LYS A 41 -15.02 -1.60 5.51
CA LYS A 41 -14.54 -0.71 6.56
C LYS A 41 -14.77 -1.22 8.01
N ASP A 42 -15.43 -2.36 8.17
CA ASP A 42 -15.41 -3.16 9.40
C ASP A 42 -14.02 -3.79 9.69
N GLY A 43 -13.19 -4.01 8.67
CA GLY A 43 -12.04 -4.91 8.81
C GLY A 43 -10.86 -4.59 7.91
N TRP A 44 -11.04 -4.34 6.61
CA TRP A 44 -9.94 -3.79 5.82
C TRP A 44 -9.69 -2.35 6.29
N SER A 45 -8.47 -1.85 6.11
CA SER A 45 -8.17 -0.45 6.38
C SER A 45 -7.10 -0.02 5.38
N LEU A 46 -6.98 1.29 5.16
CA LEU A 46 -6.00 1.92 4.29
C LEU A 46 -4.97 2.59 5.17
N TRP A 47 -3.71 2.42 4.82
CA TRP A 47 -2.55 2.86 5.58
C TRP A 47 -1.62 3.61 4.65
N TYR A 48 -1.51 4.92 4.84
CA TYR A 48 -0.52 5.72 4.14
C TYR A 48 0.82 5.49 4.83
N SER A 49 1.88 5.43 4.03
CA SER A 49 3.27 5.39 4.44
C SER A 49 4.02 6.29 3.47
N GLU A 50 4.98 7.05 3.99
CA GLU A 50 5.75 8.03 3.25
C GLU A 50 7.21 7.97 3.73
N TYR A 51 7.72 6.75 4.01
CA TYR A 51 9.12 6.44 4.29
C TYR A 51 9.84 7.52 5.09
N ARG A 52 9.38 7.77 6.31
CA ARG A 52 9.88 8.72 7.31
C ARG A 52 11.37 9.08 7.20
N PHE A 53 12.23 8.13 6.83
CA PHE A 53 13.64 8.37 6.50
C PHE A 53 13.90 8.22 5.00
N PRO A 54 13.42 9.15 4.15
CA PRO A 54 13.67 9.07 2.71
C PRO A 54 15.12 9.51 2.41
N GLU A 55 15.79 10.11 3.40
CA GLU A 55 17.22 10.39 3.45
C GLU A 55 18.05 9.11 3.33
N GLU A 56 17.47 7.96 3.67
CA GLU A 56 18.16 6.68 3.55
C GLU A 56 18.31 6.28 2.07
N LEU A 57 17.59 6.91 1.12
CA LEU A 57 17.59 6.54 -0.29
C LEU A 57 18.62 7.31 -1.10
N THR A 58 19.44 6.63 -1.89
CA THR A 58 20.48 7.29 -2.68
C THR A 58 20.70 6.60 -4.05
N GLN A 59 19.64 6.14 -4.72
CA GLN A 59 19.75 5.43 -5.99
C GLN A 59 18.43 5.64 -6.77
N THR A 60 18.09 4.81 -7.77
CA THR A 60 16.72 4.68 -8.25
C THR A 60 16.27 3.23 -8.07
N PHE A 61 16.57 2.35 -9.03
CA PHE A 61 16.13 0.96 -9.10
C PHE A 61 16.32 0.18 -7.79
N MET A 62 17.37 0.49 -7.04
CA MET A 62 17.75 -0.26 -5.88
C MET A 62 16.66 -0.12 -4.83
N SER A 63 16.02 1.04 -4.80
CA SER A 63 14.91 1.35 -3.93
C SER A 63 13.70 0.48 -4.28
N CYS A 64 13.36 0.35 -5.57
CA CYS A 64 12.23 -0.47 -5.98
C CYS A 64 12.47 -1.95 -5.62
N ASN A 65 13.73 -2.39 -5.67
CA ASN A 65 14.14 -3.71 -5.22
C ASN A 65 14.03 -3.83 -3.70
N LEU A 66 14.43 -2.80 -2.95
CA LEU A 66 14.41 -2.71 -1.48
C LEU A 66 13.00 -2.87 -0.93
N ILE A 67 12.07 -2.08 -1.48
CA ILE A 67 10.63 -2.18 -1.28
C ILE A 67 10.22 -3.64 -1.41
N THR A 68 10.56 -4.22 -2.56
CA THR A 68 10.15 -5.58 -2.85
C THR A 68 10.84 -6.60 -1.93
N GLY A 69 12.03 -6.29 -1.41
CA GLY A 69 12.70 -7.12 -0.43
C GLY A 69 11.91 -7.19 0.87
N MET A 70 11.30 -6.07 1.27
CA MET A 70 10.34 -6.03 2.35
C MET A 70 9.20 -6.97 2.00
N PHE A 71 8.64 -6.88 0.78
CA PHE A 71 7.52 -7.71 0.36
C PHE A 71 7.82 -9.20 0.48
N GLN A 72 9.07 -9.64 0.31
CA GLN A 72 9.43 -11.05 0.40
C GLN A 72 9.41 -11.54 1.87
N ARG A 73 9.63 -10.63 2.82
CA ARG A 73 9.43 -10.92 4.25
C ARG A 73 7.94 -10.92 4.55
N LEU A 74 7.23 -9.95 3.99
CA LEU A 74 5.79 -9.77 4.14
C LEU A 74 5.05 -10.70 3.16
N ASP A 75 5.54 -11.93 2.95
CA ASP A 75 4.99 -12.88 1.99
C ASP A 75 3.75 -13.53 2.58
N LYS A 76 3.87 -13.99 3.82
CA LYS A 76 2.78 -14.46 4.66
C LYS A 76 1.79 -13.34 5.04
N LEU A 77 1.89 -12.15 4.43
CA LEU A 77 1.05 -11.00 4.72
C LEU A 77 0.17 -10.69 3.53
N ARG A 78 0.72 -10.65 2.31
CA ARG A 78 -0.08 -10.29 1.13
C ARG A 78 -1.27 -11.22 0.84
N LYS A 79 -1.29 -12.41 1.44
CA LYS A 79 -2.49 -13.27 1.49
C LYS A 79 -3.70 -12.55 2.10
N ASN A 80 -3.47 -11.52 2.92
CA ASN A 80 -4.48 -10.72 3.60
C ASN A 80 -4.06 -9.24 3.55
N ALA A 81 -3.36 -8.79 2.51
CA ALA A 81 -2.98 -7.39 2.34
C ALA A 81 -2.49 -7.09 0.93
N PHE A 82 -2.45 -5.81 0.56
CA PHE A 82 -1.92 -5.32 -0.71
C PHE A 82 -1.35 -3.93 -0.48
N ALA A 83 -0.46 -3.45 -1.35
CA ALA A 83 -0.06 -2.04 -1.32
C ALA A 83 0.38 -1.56 -2.69
N SER A 84 0.48 -0.25 -2.83
CA SER A 84 1.04 0.44 -3.97
C SER A 84 2.11 1.37 -3.41
N VAL A 85 3.36 1.14 -3.76
CA VAL A 85 4.54 1.63 -3.05
C VAL A 85 5.49 2.14 -4.14
N ILE A 86 5.54 3.45 -4.32
CA ILE A 86 6.08 4.07 -5.52
C ILE A 86 7.38 4.76 -5.07
N LEU A 87 8.43 4.63 -5.88
CA LEU A 87 9.70 5.34 -5.75
C LEU A 87 9.50 6.69 -6.44
N PHE A 88 10.07 7.76 -5.88
CA PHE A 88 9.90 9.10 -6.36
C PHE A 88 11.24 9.81 -6.26
N GLY A 89 11.48 10.78 -7.13
CA GLY A 89 12.65 11.67 -7.04
C GLY A 89 13.78 11.14 -7.88
N THR A 90 14.98 11.12 -7.32
CA THR A 90 16.15 10.49 -7.89
C THR A 90 17.10 10.30 -6.71
N ASN A 91 18.18 9.56 -6.93
CA ASN A 91 19.32 9.40 -6.04
C ASN A 91 19.64 10.63 -5.18
N ASN A 92 19.64 11.83 -5.76
CA ASN A 92 19.95 13.06 -5.04
C ASN A 92 19.01 13.35 -3.87
N SER A 93 17.72 13.04 -3.97
CA SER A 93 16.73 13.28 -2.92
C SER A 93 15.50 12.42 -3.23
N SER A 94 15.60 11.11 -3.01
CA SER A 94 14.55 10.16 -3.35
C SER A 94 13.52 10.08 -2.22
N SER A 95 12.44 9.34 -2.41
CA SER A 95 11.42 9.03 -1.40
C SER A 95 10.70 7.77 -1.86
N ILE A 96 10.05 7.08 -0.91
CA ILE A 96 9.07 6.04 -1.18
C ILE A 96 7.81 6.44 -0.43
N SER A 97 6.71 6.59 -1.16
CA SER A 97 5.41 6.79 -0.55
C SER A 97 4.39 5.88 -1.22
N GLY A 98 3.22 5.73 -0.61
CA GLY A 98 2.32 4.65 -1.00
C GLY A 98 1.23 4.40 0.00
N VAL A 99 0.29 3.56 -0.40
CA VAL A 99 -0.87 3.20 0.38
C VAL A 99 -0.96 1.69 0.41
N TRP A 100 -1.14 1.14 1.61
CA TRP A 100 -1.18 -0.27 1.92
C TRP A 100 -2.56 -0.56 2.50
N VAL A 101 -2.93 -1.83 2.48
CA VAL A 101 -4.23 -2.34 2.87
C VAL A 101 -3.94 -3.57 3.71
N PHE A 102 -4.41 -3.58 4.96
CA PHE A 102 -4.22 -4.65 5.93
C PHE A 102 -5.61 -4.96 6.51
N ARG A 103 -5.84 -6.20 6.98
CA ARG A 103 -7.19 -6.71 7.19
C ARG A 103 -7.64 -6.76 8.65
N GLY A 104 -7.13 -5.90 9.49
CA GLY A 104 -7.60 -5.70 10.84
C GLY A 104 -7.54 -4.21 11.17
N GLN A 105 -7.91 -3.86 12.39
CA GLN A 105 -7.78 -2.48 12.85
C GLN A 105 -6.32 -2.08 13.04
N GLU A 106 -5.39 -3.03 13.07
CA GLU A 106 -3.95 -2.82 13.09
C GLU A 106 -3.35 -2.95 11.69
N LEU A 107 -2.10 -2.51 11.57
CA LEU A 107 -1.37 -2.46 10.31
C LEU A 107 -0.74 -3.80 9.95
N ALA A 108 -1.05 -4.86 10.70
CA ALA A 108 -0.57 -6.23 10.53
C ALA A 108 0.83 -6.45 11.09
N PHE A 109 1.76 -5.56 10.77
CA PHE A 109 3.10 -5.56 11.31
C PHE A 109 3.15 -5.71 12.84
N PRO A 110 2.35 -4.98 13.65
CA PRO A 110 2.33 -5.17 15.10
C PRO A 110 1.61 -6.44 15.52
N LEU A 111 0.95 -7.13 14.60
CA LEU A 111 0.33 -8.40 14.91
C LEU A 111 1.38 -9.49 14.96
N SER A 112 2.54 -9.31 14.31
CA SER A 112 3.60 -10.29 14.33
C SER A 112 4.98 -9.63 14.12
N PRO A 113 5.92 -9.76 15.08
CA PRO A 113 7.28 -9.21 14.97
C PRO A 113 8.14 -9.90 13.90
N ASP A 114 7.56 -10.84 13.14
CA ASP A 114 8.11 -11.27 11.85
C ASP A 114 8.32 -10.05 10.96
N TRP A 115 7.42 -9.07 10.98
CA TRP A 115 7.42 -7.99 10.01
C TRP A 115 7.87 -6.65 10.59
N GLN A 116 8.86 -6.67 11.47
CA GLN A 116 9.30 -5.53 12.26
C GLN A 116 10.81 -5.30 12.05
N VAL A 117 11.29 -5.64 10.86
CA VAL A 117 12.70 -5.54 10.50
C VAL A 117 13.05 -4.06 10.37
N ASP A 118 12.52 -3.42 9.33
CA ASP A 118 12.93 -2.11 8.83
C ASP A 118 11.78 -1.11 8.83
N TYR A 119 10.57 -1.55 9.25
CA TYR A 119 9.32 -0.80 9.19
C TYR A 119 9.31 0.53 9.93
N GLU A 120 10.07 0.69 11.02
CA GLU A 120 9.92 1.83 11.88
C GLU A 120 10.43 3.12 11.23
N SER A 121 11.30 2.99 10.22
CA SER A 121 11.75 4.08 9.37
C SER A 121 10.66 4.57 8.39
N TYR A 122 9.44 4.01 8.43
CA TYR A 122 8.30 4.37 7.60
C TYR A 122 7.15 4.78 8.54
N THR A 123 6.29 5.71 8.14
CA THR A 123 5.08 6.01 8.91
C THR A 123 4.01 4.99 8.54
N TRP A 124 3.05 4.76 9.44
CA TRP A 124 1.89 3.94 9.16
C TRP A 124 0.71 4.59 9.87
N ARG A 125 -0.21 5.21 9.12
CA ARG A 125 -1.40 5.86 9.68
C ARG A 125 -2.64 5.39 8.92
N LYS A 126 -3.67 4.92 9.63
CA LYS A 126 -4.99 4.69 9.08
C LYS A 126 -5.55 6.03 8.62
N LEU A 127 -6.42 6.02 7.61
CA LEU A 127 -7.06 7.20 7.07
C LEU A 127 -8.55 6.85 6.87
N ASP A 128 -9.43 7.83 6.67
CA ASP A 128 -10.87 7.55 6.59
C ASP A 128 -11.26 7.10 5.18
N PRO A 129 -11.96 5.97 4.98
CA PRO A 129 -12.48 5.61 3.67
C PRO A 129 -13.69 6.46 3.24
N GLY A 130 -14.12 7.43 4.04
CA GLY A 130 -15.06 8.48 3.65
C GLY A 130 -14.46 9.86 3.92
N SER A 131 -13.17 10.04 3.66
CA SER A 131 -12.53 11.34 3.71
C SER A 131 -12.67 12.06 2.37
N GLU A 132 -11.87 13.11 2.18
CA GLU A 132 -11.52 13.66 0.88
C GLU A 132 -10.10 13.23 0.46
N GLU A 133 -9.14 13.13 1.39
CA GLU A 133 -7.73 13.00 1.01
C GLU A 133 -7.46 11.57 0.62
N THR A 134 -7.74 10.63 1.53
CA THR A 134 -7.69 9.18 1.33
C THR A 134 -8.19 8.80 -0.06
N GLN A 135 -9.33 9.35 -0.48
CA GLN A 135 -9.98 9.08 -1.75
C GLN A 135 -9.04 9.38 -2.92
N THR A 136 -8.38 10.54 -2.88
CA THR A 136 -7.50 11.03 -3.90
C THR A 136 -6.22 10.22 -3.80
N LEU A 137 -5.60 10.13 -2.62
CA LEU A 137 -4.37 9.36 -2.43
C LEU A 137 -4.56 7.94 -2.97
N VAL A 138 -5.65 7.25 -2.62
CA VAL A 138 -6.02 5.97 -3.22
C VAL A 138 -6.01 6.11 -4.74
N ARG A 139 -6.82 7.00 -5.30
CA ARG A 139 -6.93 7.16 -6.75
C ARG A 139 -5.54 7.28 -7.37
N GLU A 140 -4.65 8.08 -6.81
CA GLU A 140 -3.34 8.30 -7.40
C GLU A 140 -2.52 7.04 -7.27
N TYR A 141 -2.40 6.48 -6.08
CA TYR A 141 -1.62 5.29 -5.84
C TYR A 141 -2.17 4.05 -6.58
N PHE A 142 -3.42 4.08 -7.07
CA PHE A 142 -4.10 2.90 -7.57
C PHE A 142 -4.23 3.02 -9.08
N SER A 143 -4.27 4.24 -9.61
CA SER A 143 -4.37 4.47 -11.03
C SER A 143 -3.02 4.93 -11.59
N TRP A 144 -2.21 5.63 -10.79
CA TRP A 144 -0.96 6.28 -11.17
C TRP A 144 -1.19 7.51 -12.08
N GLU A 145 -2.45 7.84 -12.36
CA GLU A 145 -2.81 8.90 -13.29
C GLU A 145 -2.87 10.26 -12.56
N GLY A 146 -3.39 10.24 -11.33
CA GLY A 146 -3.83 11.36 -10.49
C GLY A 146 -3.14 12.70 -10.71
N ALA A 147 -1.95 12.86 -10.12
CA ALA A 147 -1.05 14.00 -10.27
C ALA A 147 0.16 13.86 -9.35
N PHE A 148 0.01 13.26 -8.16
CA PHE A 148 1.05 13.19 -7.13
C PHE A 148 1.61 14.55 -6.72
N GLN A 149 0.80 15.60 -6.84
CA GLN A 149 1.14 16.92 -6.33
C GLN A 149 1.29 16.92 -4.81
N HIS A 150 0.66 15.97 -4.12
CA HIS A 150 0.90 15.71 -2.71
C HIS A 150 2.36 15.29 -2.43
N VAL A 151 3.15 15.03 -3.46
CA VAL A 151 4.58 14.75 -3.40
C VAL A 151 5.32 15.90 -4.09
N GLY A 152 5.08 16.09 -5.39
CA GLY A 152 5.86 16.95 -6.27
C GLY A 152 7.03 16.23 -6.94
N LYS A 153 7.40 15.01 -6.50
CA LYS A 153 8.37 14.19 -7.24
C LYS A 153 7.63 13.49 -8.39
N ALA A 154 8.38 12.88 -9.31
CA ALA A 154 7.83 12.06 -10.39
C ALA A 154 7.52 10.64 -9.92
N PHE A 155 6.67 9.94 -10.67
CA PHE A 155 6.21 8.56 -10.52
C PHE A 155 7.29 7.48 -10.75
N ASN A 156 8.51 7.88 -11.13
CA ASN A 156 9.47 7.12 -11.93
C ASN A 156 9.40 5.58 -11.90
N GLN A 157 9.39 4.90 -10.74
CA GLN A 157 9.09 3.48 -10.69
C GLN A 157 8.01 3.22 -9.65
N GLY A 158 6.86 2.74 -10.10
CA GLY A 158 5.86 2.14 -9.22
C GLY A 158 6.32 0.75 -8.77
N LYS A 159 5.81 0.29 -7.63
CA LYS A 159 5.86 -1.09 -7.17
C LYS A 159 4.49 -1.41 -6.58
N ILE A 160 4.07 -2.67 -6.66
CA ILE A 160 2.86 -3.19 -6.03
C ILE A 160 3.24 -4.36 -5.12
N PHE A 161 2.62 -4.41 -3.95
CA PHE A 161 2.72 -5.46 -2.96
C PHE A 161 1.50 -6.35 -3.21
N LYS A 162 1.62 -7.36 -4.06
CA LYS A 162 0.57 -8.33 -4.36
C LYS A 162 1.09 -9.76 -4.37
N ALA A 1 -2.60 -21.48 8.96
CA ALA A 1 -1.32 -21.69 9.67
C ALA A 1 -0.48 -20.41 9.60
N LYS A 2 0.21 -20.05 10.70
CA LYS A 2 1.05 -18.86 10.87
C LYS A 2 0.42 -17.63 10.20
N ASP A 3 -0.80 -17.31 10.66
CA ASP A 3 -1.69 -16.40 9.96
C ASP A 3 -2.41 -15.57 11.01
N PRO A 4 -2.22 -14.24 11.06
CA PRO A 4 -2.84 -13.41 12.08
C PRO A 4 -4.33 -13.20 11.80
N PHE A 5 -4.70 -13.04 10.52
CA PHE A 5 -6.04 -12.73 10.08
C PHE A 5 -6.86 -14.03 9.89
N ALA A 6 -6.65 -15.02 10.77
CA ALA A 6 -7.34 -16.31 10.74
C ALA A 6 -8.46 -16.48 11.78
N HIS A 7 -8.51 -15.63 12.82
CA HIS A 7 -9.56 -15.62 13.83
C HIS A 7 -10.79 -14.81 13.39
N LEU A 8 -10.60 -13.92 12.40
CA LEU A 8 -11.61 -13.00 11.91
C LEU A 8 -12.70 -13.79 11.16
N PRO A 9 -13.91 -13.22 11.05
CA PRO A 9 -15.02 -13.86 10.38
C PRO A 9 -14.85 -13.85 8.86
N LYS A 10 -15.88 -14.35 8.17
CA LYS A 10 -15.90 -14.62 6.74
C LYS A 10 -15.50 -13.37 5.94
N SER A 11 -14.85 -13.55 4.81
CA SER A 11 -14.32 -12.47 4.00
C SER A 11 -15.47 -11.87 3.19
N THR A 12 -15.89 -10.65 3.51
CA THR A 12 -16.82 -9.87 2.70
C THR A 12 -16.10 -9.35 1.45
N PHE A 13 -15.00 -8.62 1.60
CA PHE A 13 -14.27 -8.12 0.44
C PHE A 13 -13.42 -9.27 -0.14
N ALA A 14 -13.03 -9.14 -1.40
CA ALA A 14 -12.21 -10.11 -2.14
C ALA A 14 -10.96 -9.43 -2.66
N LEU A 15 -9.90 -9.51 -1.87
CA LEU A 15 -8.66 -8.82 -2.15
C LEU A 15 -8.01 -9.34 -3.43
N ASP A 16 -7.94 -10.65 -3.62
CA ASP A 16 -7.20 -11.20 -4.76
C ASP A 16 -8.03 -11.15 -6.05
N GLU A 17 -9.33 -10.84 -5.96
CA GLU A 17 -10.11 -10.41 -7.13
C GLU A 17 -9.73 -8.96 -7.42
N PHE A 18 -9.73 -8.12 -6.38
CA PHE A 18 -9.44 -6.69 -6.53
C PHE A 18 -8.09 -6.50 -7.20
N LYS A 19 -7.05 -7.22 -6.74
CA LYS A 19 -5.68 -7.06 -7.22
C LYS A 19 -5.54 -7.40 -8.71
N ARG A 20 -6.48 -8.16 -9.30
CA ARG A 20 -6.50 -8.42 -10.74
C ARG A 20 -6.88 -7.14 -11.44
N LYS A 21 -8.18 -6.79 -11.39
CA LYS A 21 -8.77 -5.63 -12.08
C LYS A 21 -7.95 -4.35 -11.84
N TYR A 22 -7.31 -4.23 -10.67
CA TYR A 22 -6.38 -3.18 -10.30
C TYR A 22 -5.44 -2.68 -11.42
N SER A 23 -4.71 -3.58 -12.08
CA SER A 23 -3.89 -3.23 -13.23
C SER A 23 -4.29 -4.01 -14.47
N ASN A 24 -5.30 -4.89 -14.36
CA ASN A 24 -5.78 -5.64 -15.50
C ASN A 24 -6.82 -4.81 -16.23
N GLU A 25 -7.45 -3.85 -15.56
CA GLU A 25 -8.50 -3.02 -16.12
C GLU A 25 -8.32 -1.54 -15.74
N ASP A 26 -9.24 -0.71 -16.22
CA ASP A 26 -9.31 0.76 -16.14
C ASP A 26 -9.70 1.19 -14.73
N THR A 27 -8.85 0.86 -13.76
CA THR A 27 -9.09 0.99 -12.33
C THR A 27 -9.93 2.19 -11.92
N LEU A 28 -9.68 3.37 -12.47
CA LEU A 28 -10.45 4.59 -12.25
C LEU A 28 -11.96 4.35 -12.22
N SER A 29 -12.50 3.64 -13.19
CA SER A 29 -13.89 3.20 -13.17
C SER A 29 -14.06 1.69 -13.28
N VAL A 30 -13.10 0.92 -12.79
CA VAL A 30 -13.19 -0.53 -12.68
C VAL A 30 -13.00 -0.97 -11.24
N ALA A 31 -11.80 -0.77 -10.71
CA ALA A 31 -11.45 -1.25 -9.38
C ALA A 31 -11.91 -0.25 -8.33
N LEU A 32 -11.74 1.05 -8.59
CA LEU A 32 -12.17 2.16 -7.74
C LEU A 32 -13.65 2.11 -7.38
N PRO A 33 -14.59 2.04 -8.34
CA PRO A 33 -16.00 2.01 -8.00
C PRO A 33 -16.29 0.78 -7.17
N TYR A 34 -15.88 -0.41 -7.64
CA TYR A 34 -16.02 -1.68 -6.96
C TYR A 34 -15.49 -1.57 -5.52
N PHE A 35 -14.36 -0.88 -5.34
CA PHE A 35 -13.71 -0.75 -4.06
C PHE A 35 -14.53 0.14 -3.13
N TRP A 36 -15.02 1.29 -3.59
CA TRP A 36 -15.56 2.32 -2.71
C TRP A 36 -17.01 2.03 -2.33
N GLU A 37 -17.64 1.09 -3.03
CA GLU A 37 -19.04 0.80 -2.99
C GLU A 37 -19.30 -0.14 -1.83
N HIS A 38 -18.56 -1.25 -1.79
CA HIS A 38 -18.62 -2.23 -0.73
C HIS A 38 -17.18 -2.60 -0.41
N PHE A 39 -16.45 -1.66 0.19
CA PHE A 39 -15.11 -1.90 0.68
C PHE A 39 -15.16 -2.93 1.83
N ASP A 40 -15.04 -2.48 3.08
CA ASP A 40 -15.04 -3.22 4.35
C ASP A 40 -14.36 -2.35 5.41
N LYS A 41 -14.84 -1.12 5.57
CA LYS A 41 -14.44 -0.22 6.65
C LYS A 41 -14.61 -0.82 8.05
N ASP A 42 -15.40 -1.88 8.17
CA ASP A 42 -15.58 -2.68 9.38
C ASP A 42 -14.34 -3.46 9.79
N GLY A 43 -13.38 -3.74 8.89
CA GLY A 43 -12.41 -4.78 9.23
C GLY A 43 -11.18 -4.93 8.37
N TRP A 44 -11.13 -4.40 7.15
CA TRP A 44 -9.86 -4.03 6.54
C TRP A 44 -9.38 -2.73 7.19
N SER A 45 -8.29 -2.13 6.71
CA SER A 45 -8.06 -0.69 6.81
C SER A 45 -7.05 -0.28 5.75
N LEU A 46 -7.05 0.99 5.36
CA LEU A 46 -6.12 1.65 4.44
C LEU A 46 -5.04 2.38 5.24
N TRP A 47 -3.81 2.37 4.76
CA TRP A 47 -2.65 2.91 5.46
C TRP A 47 -1.72 3.66 4.50
N TYR A 48 -1.39 4.91 4.81
CA TYR A 48 -0.51 5.76 3.99
C TYR A 48 0.91 5.79 4.56
N SER A 49 1.85 5.16 3.86
CA SER A 49 3.27 5.21 4.13
C SER A 49 3.90 6.28 3.25
N GLU A 50 5.01 6.82 3.74
CA GLU A 50 5.76 7.94 3.18
C GLU A 50 7.21 7.83 3.66
N TYR A 51 7.76 6.61 3.73
CA TYR A 51 9.16 6.29 4.02
C TYR A 51 9.92 7.33 4.84
N ARG A 52 9.46 7.56 6.07
CA ARG A 52 9.88 8.53 7.08
C ARG A 52 11.38 8.88 7.09
N PHE A 53 12.27 7.97 6.68
CA PHE A 53 13.68 8.18 6.45
C PHE A 53 14.02 8.06 4.95
N PRO A 54 13.69 9.07 4.12
CA PRO A 54 14.04 9.05 2.72
C PRO A 54 15.53 9.33 2.49
N GLU A 55 16.30 9.65 3.54
CA GLU A 55 17.76 9.73 3.51
C GLU A 55 18.42 8.35 3.45
N GLU A 56 17.68 7.25 3.65
CA GLU A 56 18.22 5.92 3.39
C GLU A 56 18.34 5.66 1.87
N LEU A 57 17.71 6.51 1.03
CA LEU A 57 17.60 6.33 -0.40
C LEU A 57 18.72 7.03 -1.13
N THR A 58 19.73 6.26 -1.55
CA THR A 58 20.89 6.80 -2.24
C THR A 58 20.98 6.26 -3.68
N GLN A 59 19.85 6.05 -4.37
CA GLN A 59 19.78 5.69 -5.76
C GLN A 59 18.32 5.49 -6.16
N THR A 60 17.97 5.84 -7.39
CA THR A 60 16.66 5.56 -7.97
C THR A 60 16.50 4.04 -8.12
N PHE A 61 17.30 3.38 -8.97
CA PHE A 61 17.07 2.00 -9.38
C PHE A 61 17.13 0.98 -8.25
N MET A 62 17.79 1.31 -7.13
CA MET A 62 17.89 0.38 -6.04
C MET A 62 16.59 0.37 -5.25
N SER A 63 15.86 1.48 -5.21
CA SER A 63 14.68 1.69 -4.39
C SER A 63 13.62 0.62 -4.65
N CYS A 64 13.33 0.32 -5.92
CA CYS A 64 12.33 -0.67 -6.31
C CYS A 64 12.70 -2.07 -5.77
N ASN A 65 14.00 -2.38 -5.74
CA ASN A 65 14.52 -3.64 -5.23
C ASN A 65 14.43 -3.65 -3.70
N LEU A 66 14.82 -2.56 -3.06
CA LEU A 66 14.79 -2.33 -1.63
C LEU A 66 13.38 -2.48 -1.04
N ILE A 67 12.39 -1.88 -1.71
CA ILE A 67 10.96 -2.05 -1.47
C ILE A 67 10.64 -3.54 -1.44
N THR A 68 11.03 -4.22 -2.51
CA THR A 68 10.65 -5.60 -2.74
C THR A 68 11.31 -6.53 -1.72
N GLY A 69 12.50 -6.23 -1.19
CA GLY A 69 13.12 -7.00 -0.12
C GLY A 69 12.16 -7.21 1.05
N MET A 70 11.49 -6.13 1.48
CA MET A 70 10.47 -6.20 2.51
C MET A 70 9.35 -7.13 2.05
N PHE A 71 8.87 -6.99 0.82
CA PHE A 71 7.76 -7.79 0.31
C PHE A 71 8.11 -9.29 0.34
N GLN A 72 9.38 -9.66 0.15
CA GLN A 72 9.79 -11.07 0.27
C GLN A 72 9.63 -11.54 1.73
N ARG A 73 9.91 -10.66 2.69
CA ARG A 73 9.71 -10.96 4.11
C ARG A 73 8.25 -10.90 4.51
N LEU A 74 7.42 -10.15 3.77
CA LEU A 74 6.00 -9.96 4.04
C LEU A 74 5.20 -10.84 3.05
N ASP A 75 5.68 -12.06 2.77
CA ASP A 75 5.08 -12.98 1.80
C ASP A 75 3.91 -13.69 2.49
N LYS A 76 4.13 -14.06 3.76
CA LYS A 76 3.11 -14.49 4.72
C LYS A 76 2.10 -13.38 5.08
N LEU A 77 2.07 -12.25 4.36
CA LEU A 77 1.18 -11.12 4.64
C LEU A 77 0.35 -10.78 3.42
N ARG A 78 0.96 -10.70 2.23
CA ARG A 78 0.22 -10.35 1.01
C ARG A 78 -0.98 -11.26 0.69
N LYS A 79 -1.06 -12.43 1.32
CA LYS A 79 -2.22 -13.32 1.25
C LYS A 79 -3.49 -12.69 1.86
N ASN A 80 -3.36 -11.63 2.65
CA ASN A 80 -4.42 -10.94 3.40
C ASN A 80 -4.07 -9.45 3.52
N ALA A 81 -3.31 -8.91 2.57
CA ALA A 81 -2.95 -7.49 2.53
C ALA A 81 -2.42 -7.16 1.14
N PHE A 82 -2.40 -5.87 0.80
CA PHE A 82 -2.06 -5.38 -0.52
C PHE A 82 -1.41 -4.02 -0.34
N ALA A 83 -0.55 -3.58 -1.28
CA ALA A 83 -0.10 -2.20 -1.35
C ALA A 83 0.24 -1.75 -2.76
N SER A 84 0.34 -0.43 -2.93
CA SER A 84 0.72 0.26 -4.13
C SER A 84 1.83 1.23 -3.74
N VAL A 85 3.06 0.74 -3.80
CA VAL A 85 4.27 1.43 -3.38
C VAL A 85 4.78 2.18 -4.61
N ILE A 86 5.22 3.44 -4.48
CA ILE A 86 5.75 4.22 -5.58
C ILE A 86 7.06 4.85 -5.08
N LEU A 87 8.12 4.71 -5.89
CA LEU A 87 9.36 5.47 -5.75
C LEU A 87 9.08 6.85 -6.35
N PHE A 88 9.63 7.89 -5.74
CA PHE A 88 9.45 9.27 -6.17
C PHE A 88 10.78 9.99 -5.97
N GLY A 89 11.22 10.79 -6.93
CA GLY A 89 12.53 11.40 -6.86
C GLY A 89 13.61 10.37 -7.16
N THR A 90 14.86 10.68 -6.84
CA THR A 90 16.01 10.10 -7.52
C THR A 90 17.25 10.12 -6.63
N ASN A 91 18.39 9.73 -7.19
CA ASN A 91 19.73 9.76 -6.59
C ASN A 91 20.09 11.07 -5.86
N ASN A 92 19.68 12.24 -6.38
CA ASN A 92 19.86 13.54 -5.71
C ASN A 92 19.10 13.53 -4.38
N SER A 93 17.82 13.18 -4.43
CA SER A 93 16.96 13.00 -3.28
C SER A 93 15.70 12.30 -3.75
N SER A 94 15.30 11.27 -3.01
CA SER A 94 14.18 10.42 -3.32
C SER A 94 13.14 10.49 -2.21
N SER A 95 12.21 9.55 -2.25
CA SER A 95 11.33 9.06 -1.21
C SER A 95 10.75 7.77 -1.77
N ILE A 96 10.26 6.94 -0.89
CA ILE A 96 9.19 6.01 -1.22
C ILE A 96 7.98 6.58 -0.51
N SER A 97 6.80 6.40 -1.09
CA SER A 97 5.52 6.69 -0.47
C SER A 97 4.51 5.73 -1.12
N GLY A 98 3.35 5.51 -0.51
CA GLY A 98 2.39 4.54 -1.04
C GLY A 98 1.38 4.06 -0.01
N VAL A 99 0.29 3.47 -0.51
CA VAL A 99 -0.87 3.13 0.30
C VAL A 99 -0.98 1.60 0.39
N TRP A 100 -1.31 1.08 1.57
CA TRP A 100 -1.38 -0.33 1.88
C TRP A 100 -2.73 -0.65 2.51
N VAL A 101 -3.02 -1.94 2.63
CA VAL A 101 -4.28 -2.52 3.05
C VAL A 101 -3.94 -3.72 3.92
N PHE A 102 -4.59 -3.88 5.07
CA PHE A 102 -4.29 -4.91 6.06
C PHE A 102 -5.61 -5.25 6.76
N ARG A 103 -5.82 -6.50 7.18
CA ARG A 103 -7.14 -6.97 7.57
C ARG A 103 -7.40 -6.87 9.08
N GLY A 104 -7.47 -5.68 9.64
CA GLY A 104 -7.79 -5.45 11.05
C GLY A 104 -7.57 -3.98 11.40
N GLN A 105 -7.78 -3.63 12.67
CA GLN A 105 -7.58 -2.28 13.21
C GLN A 105 -6.12 -1.81 13.19
N GLU A 106 -5.19 -2.77 13.08
CA GLU A 106 -3.75 -2.56 13.06
C GLU A 106 -3.26 -2.65 11.62
N LEU A 107 -1.94 -2.53 11.42
CA LEU A 107 -1.33 -2.54 10.10
C LEU A 107 -0.63 -3.87 9.78
N ALA A 108 -0.88 -4.92 10.55
CA ALA A 108 -0.37 -6.28 10.37
C ALA A 108 1.06 -6.47 10.87
N PHE A 109 1.97 -5.58 10.49
CA PHE A 109 3.32 -5.51 11.03
C PHE A 109 3.35 -5.69 12.57
N PRO A 110 2.55 -4.96 13.37
CA PRO A 110 2.56 -5.12 14.82
C PRO A 110 1.86 -6.40 15.30
N LEU A 111 1.07 -7.04 14.44
CA LEU A 111 0.36 -8.24 14.79
C LEU A 111 1.30 -9.44 14.89
N SER A 112 2.46 -9.36 14.24
CA SER A 112 3.35 -10.48 14.06
C SER A 112 4.78 -9.95 13.89
N PRO A 113 5.64 -10.15 14.90
CA PRO A 113 6.98 -9.58 15.00
C PRO A 113 7.98 -10.17 14.00
N ASP A 114 7.53 -11.05 13.10
CA ASP A 114 8.19 -11.35 11.83
C ASP A 114 8.49 -10.03 11.12
N TRP A 115 7.52 -9.11 11.08
CA TRP A 115 7.48 -7.96 10.20
C TRP A 115 7.72 -6.66 10.97
N GLN A 116 8.85 -6.58 11.65
CA GLN A 116 9.19 -5.45 12.52
C GLN A 116 10.69 -5.16 12.41
N VAL A 117 11.17 -4.99 11.18
CA VAL A 117 12.59 -4.95 10.86
C VAL A 117 13.00 -3.49 10.59
N ASP A 118 12.67 -2.92 9.42
CA ASP A 118 13.00 -1.54 9.05
C ASP A 118 11.76 -0.64 9.09
N TYR A 119 10.59 -1.21 9.39
CA TYR A 119 9.31 -0.52 9.39
C TYR A 119 9.23 0.80 10.18
N GLU A 120 10.05 1.00 11.23
CA GLU A 120 10.04 2.22 12.00
C GLU A 120 10.61 3.39 11.20
N SER A 121 11.49 3.10 10.23
CA SER A 121 12.01 4.09 9.30
C SER A 121 10.95 4.49 8.27
N TYR A 122 9.80 3.81 8.20
CA TYR A 122 8.65 4.18 7.39
C TYR A 122 7.57 4.73 8.33
N THR A 123 6.46 5.23 7.80
CA THR A 123 5.35 5.76 8.60
C THR A 123 4.07 5.02 8.19
N TRP A 124 3.09 4.95 9.10
CA TRP A 124 1.85 4.23 8.87
C TRP A 124 0.70 4.86 9.66
N ARG A 125 -0.20 5.62 9.00
CA ARG A 125 -1.45 6.08 9.60
C ARG A 125 -2.63 5.47 8.86
N LYS A 126 -3.71 5.16 9.57
CA LYS A 126 -4.98 4.86 8.93
C LYS A 126 -5.58 6.16 8.40
N LEU A 127 -6.47 6.07 7.41
CA LEU A 127 -7.13 7.22 6.81
C LEU A 127 -8.59 6.86 6.56
N ASP A 128 -9.49 7.85 6.60
CA ASP A 128 -10.94 7.62 6.53
C ASP A 128 -11.36 7.18 5.12
N PRO A 129 -12.06 6.05 4.95
CA PRO A 129 -12.53 5.61 3.64
C PRO A 129 -13.72 6.42 3.09
N GLY A 130 -14.19 7.45 3.79
CA GLY A 130 -15.19 8.40 3.29
C GLY A 130 -14.67 9.85 3.25
N SER A 131 -13.37 10.07 3.41
CA SER A 131 -12.78 11.41 3.41
C SER A 131 -12.88 12.09 2.04
N GLU A 132 -12.31 13.29 1.93
CA GLU A 132 -11.81 13.85 0.68
C GLU A 132 -10.43 13.26 0.33
N GLU A 133 -9.46 13.31 1.26
CA GLU A 133 -8.04 13.21 0.87
C GLU A 133 -7.70 11.77 0.51
N THR A 134 -8.03 10.83 1.38
CA THR A 134 -7.88 9.39 1.23
C THR A 134 -8.28 8.97 -0.19
N GLN A 135 -9.42 9.44 -0.68
CA GLN A 135 -9.93 9.18 -2.01
C GLN A 135 -8.96 9.63 -3.10
N THR A 136 -8.35 10.81 -3.01
CA THR A 136 -7.34 11.28 -3.93
C THR A 136 -6.17 10.32 -3.79
N LEU A 137 -5.60 10.17 -2.58
CA LEU A 137 -4.39 9.37 -2.37
C LEU A 137 -4.59 8.00 -2.99
N VAL A 138 -5.65 7.28 -2.61
CA VAL A 138 -6.03 6.02 -3.21
C VAL A 138 -6.12 6.18 -4.73
N ARG A 139 -6.99 7.05 -5.24
CA ARG A 139 -7.21 7.17 -6.67
C ARG A 139 -5.89 7.38 -7.39
N GLU A 140 -4.96 8.16 -6.87
CA GLU A 140 -3.65 8.37 -7.47
C GLU A 140 -2.83 7.10 -7.38
N TYR A 141 -2.60 6.58 -6.18
CA TYR A 141 -1.76 5.42 -5.93
C TYR A 141 -2.30 4.16 -6.64
N PHE A 142 -3.54 4.15 -7.13
CA PHE A 142 -4.22 2.97 -7.63
C PHE A 142 -4.31 3.12 -9.14
N SER A 143 -4.65 4.32 -9.62
CA SER A 143 -4.74 4.53 -11.04
C SER A 143 -3.36 4.81 -11.62
N TRP A 144 -2.52 5.49 -10.85
CA TRP A 144 -1.23 6.08 -11.23
C TRP A 144 -1.40 7.33 -12.11
N GLU A 145 -2.62 7.80 -12.34
CA GLU A 145 -2.88 8.87 -13.28
C GLU A 145 -2.54 10.24 -12.70
N GLY A 146 -2.66 10.40 -11.38
CA GLY A 146 -3.25 11.60 -10.83
C GLY A 146 -2.43 12.85 -11.04
N ALA A 147 -1.52 13.09 -10.12
CA ALA A 147 -0.62 14.23 -10.08
C ALA A 147 0.59 13.88 -9.23
N PHE A 148 0.33 13.23 -8.09
CA PHE A 148 1.23 13.11 -6.94
C PHE A 148 1.87 14.46 -6.61
N GLN A 149 1.13 15.56 -6.83
CA GLN A 149 1.53 16.92 -6.53
C GLN A 149 1.61 17.13 -5.01
N HIS A 150 0.91 16.32 -4.22
CA HIS A 150 1.10 16.32 -2.78
C HIS A 150 2.55 15.99 -2.41
N VAL A 151 3.24 15.19 -3.24
CA VAL A 151 4.65 14.81 -3.09
C VAL A 151 5.54 15.75 -3.91
N GLY A 152 5.05 16.28 -5.03
CA GLY A 152 5.75 17.20 -5.92
C GLY A 152 6.97 16.62 -6.62
N LYS A 153 7.21 15.31 -6.50
CA LYS A 153 8.21 14.57 -7.25
C LYS A 153 7.54 14.20 -8.59
N ALA A 154 7.77 12.99 -9.11
CA ALA A 154 6.97 12.37 -10.15
C ALA A 154 7.00 10.85 -10.00
N PHE A 155 6.09 10.19 -10.71
CA PHE A 155 5.70 8.78 -10.69
C PHE A 155 6.80 7.74 -11.01
N ASN A 156 8.01 8.13 -11.44
CA ASN A 156 9.01 7.34 -12.16
C ASN A 156 8.90 5.79 -12.12
N GLN A 157 8.93 5.10 -10.98
CA GLN A 157 9.05 3.64 -10.88
C GLN A 157 8.14 3.12 -9.77
N GLY A 158 7.28 2.15 -10.11
CA GLY A 158 6.22 1.68 -9.22
C GLY A 158 6.40 0.23 -8.84
N LYS A 159 5.63 -0.24 -7.84
CA LYS A 159 5.54 -1.65 -7.51
C LYS A 159 4.24 -1.92 -6.77
N ILE A 160 3.85 -3.18 -6.72
CA ILE A 160 2.64 -3.68 -6.07
C ILE A 160 3.09 -4.79 -5.10
N PHE A 161 2.23 -5.17 -4.15
CA PHE A 161 2.44 -6.08 -3.02
C PHE A 161 1.27 -7.09 -2.92
N LYS A 162 1.04 -7.84 -4.01
CA LYS A 162 -0.07 -8.79 -4.18
C LYS A 162 0.44 -10.23 -4.13
N ALA A 1 -2.17 -21.84 13.43
CA ALA A 1 -2.65 -21.17 12.22
C ALA A 1 -1.77 -19.95 11.96
N LYS A 2 -0.85 -20.03 10.99
CA LYS A 2 0.19 -19.01 10.76
C LYS A 2 -0.33 -17.73 10.09
N ASP A 3 -1.53 -17.31 10.42
CA ASP A 3 -2.19 -16.11 9.96
C ASP A 3 -2.67 -15.39 11.21
N PRO A 4 -2.29 -14.14 11.49
CA PRO A 4 -2.84 -13.39 12.61
C PRO A 4 -4.34 -13.19 12.35
N PHE A 5 -4.69 -13.02 11.09
CA PHE A 5 -6.04 -12.91 10.56
C PHE A 5 -6.63 -14.32 10.36
N ALA A 6 -6.31 -15.26 11.25
CA ALA A 6 -6.98 -16.54 11.36
C ALA A 6 -8.28 -16.32 12.11
N HIS A 7 -8.21 -15.86 13.36
CA HIS A 7 -9.34 -15.68 14.27
C HIS A 7 -10.49 -14.86 13.67
N LEU A 8 -10.19 -13.93 12.76
CA LEU A 8 -11.20 -13.07 12.17
C LEU A 8 -12.23 -13.90 11.40
N PRO A 9 -13.44 -13.37 11.22
CA PRO A 9 -14.43 -13.95 10.34
C PRO A 9 -14.01 -13.76 8.87
N LYS A 10 -14.89 -14.07 7.94
CA LYS A 10 -14.62 -14.22 6.51
C LYS A 10 -14.13 -12.93 5.83
N SER A 11 -13.81 -13.09 4.55
CA SER A 11 -13.68 -12.01 3.59
C SER A 11 -15.12 -11.68 3.22
N THR A 12 -15.59 -10.47 3.59
CA THR A 12 -16.63 -9.83 2.80
C THR A 12 -15.96 -9.45 1.47
N PHE A 13 -14.96 -8.57 1.50
CA PHE A 13 -14.28 -8.07 0.30
C PHE A 13 -13.16 -8.99 -0.16
N ALA A 14 -13.11 -9.27 -1.47
CA ALA A 14 -12.16 -10.14 -2.14
C ALA A 14 -10.98 -9.35 -2.66
N LEU A 15 -9.90 -9.34 -1.88
CA LEU A 15 -8.67 -8.67 -2.26
C LEU A 15 -8.08 -9.23 -3.55
N ASP A 16 -8.18 -10.53 -3.79
CA ASP A 16 -7.44 -11.17 -4.88
C ASP A 16 -8.20 -11.08 -6.21
N GLU A 17 -9.51 -10.82 -6.15
CA GLU A 17 -10.27 -10.33 -7.28
C GLU A 17 -9.82 -8.90 -7.57
N PHE A 18 -9.76 -8.07 -6.51
CA PHE A 18 -9.43 -6.67 -6.64
C PHE A 18 -8.05 -6.53 -7.30
N LYS A 19 -7.05 -7.30 -6.87
CA LYS A 19 -5.69 -7.12 -7.39
C LYS A 19 -5.56 -7.48 -8.86
N ARG A 20 -6.50 -8.23 -9.46
CA ARG A 20 -6.48 -8.48 -10.90
C ARG A 20 -6.91 -7.21 -11.62
N LYS A 21 -8.19 -6.85 -11.50
CA LYS A 21 -8.76 -5.68 -12.20
C LYS A 21 -7.93 -4.41 -11.97
N TYR A 22 -7.26 -4.30 -10.82
CA TYR A 22 -6.40 -3.20 -10.39
C TYR A 22 -5.50 -2.55 -11.44
N SER A 23 -4.73 -3.33 -12.20
CA SER A 23 -3.95 -2.82 -13.33
C SER A 23 -4.36 -3.53 -14.62
N ASN A 24 -5.22 -4.54 -14.53
CA ASN A 24 -5.64 -5.27 -15.72
C ASN A 24 -6.76 -4.50 -16.41
N GLU A 25 -7.49 -3.66 -15.68
CA GLU A 25 -8.62 -2.91 -16.22
C GLU A 25 -8.46 -1.40 -15.99
N ASP A 26 -9.45 -0.66 -16.48
CA ASP A 26 -9.62 0.79 -16.40
C ASP A 26 -9.93 1.22 -14.97
N THR A 27 -9.00 0.96 -14.04
CA THR A 27 -9.19 1.03 -12.61
C THR A 27 -9.92 2.27 -12.14
N LEU A 28 -9.65 3.46 -12.69
CA LEU A 28 -10.39 4.70 -12.48
C LEU A 28 -11.90 4.47 -12.42
N SER A 29 -12.42 3.62 -13.29
CA SER A 29 -13.81 3.29 -13.50
C SER A 29 -14.13 1.79 -13.33
N VAL A 30 -13.17 0.98 -12.89
CA VAL A 30 -13.29 -0.47 -12.74
C VAL A 30 -13.04 -0.87 -11.30
N ALA A 31 -11.80 -0.74 -10.84
CA ALA A 31 -11.44 -1.18 -9.51
C ALA A 31 -11.88 -0.16 -8.48
N LEU A 32 -11.75 1.12 -8.80
CA LEU A 32 -12.15 2.27 -7.98
C LEU A 32 -13.61 2.21 -7.58
N PRO A 33 -14.58 2.17 -8.51
CA PRO A 33 -15.98 2.14 -8.14
C PRO A 33 -16.27 0.94 -7.27
N TYR A 34 -15.84 -0.25 -7.71
CA TYR A 34 -16.00 -1.53 -7.04
C TYR A 34 -15.44 -1.47 -5.61
N PHE A 35 -14.32 -0.79 -5.42
CA PHE A 35 -13.67 -0.65 -4.13
C PHE A 35 -14.46 0.30 -3.24
N TRP A 36 -14.94 1.43 -3.78
CA TRP A 36 -15.56 2.50 -3.01
C TRP A 36 -17.05 2.28 -2.80
N GLU A 37 -17.57 1.16 -3.29
CA GLU A 37 -18.95 0.79 -3.23
C GLU A 37 -19.13 0.15 -1.86
N HIS A 38 -18.59 -1.05 -1.72
CA HIS A 38 -18.63 -1.86 -0.53
C HIS A 38 -17.19 -2.32 -0.38
N PHE A 39 -16.38 -1.48 0.29
CA PHE A 39 -15.03 -1.87 0.70
C PHE A 39 -15.14 -2.96 1.78
N ASP A 40 -14.91 -2.65 3.06
CA ASP A 40 -14.95 -3.58 4.21
C ASP A 40 -14.36 -2.85 5.42
N LYS A 41 -14.85 -1.65 5.69
CA LYS A 41 -14.43 -0.78 6.81
C LYS A 41 -14.70 -1.39 8.20
N ASP A 42 -15.38 -2.54 8.23
CA ASP A 42 -15.32 -3.54 9.30
C ASP A 42 -13.87 -3.86 9.71
N GLY A 43 -12.96 -4.04 8.74
CA GLY A 43 -11.63 -4.54 9.03
C GLY A 43 -10.56 -4.26 7.97
N TRP A 44 -10.85 -4.12 6.67
CA TRP A 44 -9.84 -3.56 5.78
C TRP A 44 -9.55 -2.13 6.24
N SER A 45 -8.28 -1.75 6.15
CA SER A 45 -7.85 -0.45 6.57
C SER A 45 -6.80 0.05 5.60
N LEU A 46 -6.84 1.35 5.30
CA LEU A 46 -5.89 2.02 4.41
C LEU A 46 -4.87 2.69 5.29
N TRP A 47 -3.60 2.50 4.97
CA TRP A 47 -2.46 2.94 5.74
C TRP A 47 -1.48 3.63 4.83
N TYR A 48 -1.31 4.95 4.97
CA TYR A 48 -0.33 5.71 4.22
C TYR A 48 1.03 5.55 4.89
N SER A 49 2.05 5.42 4.04
CA SER A 49 3.46 5.39 4.36
C SER A 49 4.16 6.38 3.42
N GLU A 50 5.18 7.05 3.95
CA GLU A 50 6.07 7.99 3.29
C GLU A 50 7.37 7.91 4.09
N TYR A 51 7.99 6.72 4.08
CA TYR A 51 9.40 6.43 4.37
C TYR A 51 10.09 7.51 5.20
N ARG A 52 9.61 7.68 6.44
CA ARG A 52 9.95 8.71 7.42
C ARG A 52 11.42 9.15 7.36
N PHE A 53 12.34 8.25 7.02
CA PHE A 53 13.73 8.50 6.68
C PHE A 53 13.99 8.40 5.16
N PRO A 54 13.63 9.42 4.36
CA PRO A 54 13.93 9.42 2.93
C PRO A 54 15.41 9.69 2.68
N GLU A 55 16.14 10.23 3.67
CA GLU A 55 17.60 10.42 3.62
C GLU A 55 18.33 9.09 3.50
N GLU A 56 17.67 7.98 3.83
CA GLU A 56 18.28 6.67 3.74
C GLU A 56 18.35 6.20 2.29
N LEU A 57 17.66 6.88 1.37
CA LEU A 57 17.62 6.56 -0.06
C LEU A 57 18.74 7.28 -0.78
N THR A 58 19.17 6.72 -1.91
CA THR A 58 20.12 7.35 -2.81
C THR A 58 20.09 6.68 -4.19
N GLN A 59 18.93 6.24 -4.71
CA GLN A 59 18.81 5.71 -6.06
C GLN A 59 17.41 5.20 -6.39
N THR A 60 17.11 5.25 -7.68
CA THR A 60 15.92 4.70 -8.28
C THR A 60 15.96 3.16 -8.27
N PHE A 61 16.86 2.56 -9.05
CA PHE A 61 16.97 1.12 -9.27
C PHE A 61 17.31 0.33 -7.99
N MET A 62 17.71 0.99 -6.91
CA MET A 62 17.82 0.35 -5.61
C MET A 62 16.50 0.42 -4.87
N SER A 63 15.82 1.56 -4.86
CA SER A 63 14.58 1.79 -4.11
C SER A 63 13.53 0.72 -4.43
N CYS A 64 13.25 0.50 -5.71
CA CYS A 64 12.28 -0.51 -6.14
C CYS A 64 12.68 -1.92 -5.67
N ASN A 65 13.98 -2.26 -5.62
CA ASN A 65 14.47 -3.54 -5.11
C ASN A 65 14.32 -3.62 -3.59
N LEU A 66 14.61 -2.52 -2.90
CA LEU A 66 14.58 -2.35 -1.45
C LEU A 66 13.18 -2.63 -0.92
N ILE A 67 12.19 -1.92 -1.48
CA ILE A 67 10.76 -2.08 -1.21
C ILE A 67 10.42 -3.57 -1.25
N THR A 68 10.80 -4.19 -2.36
CA THR A 68 10.47 -5.58 -2.62
C THR A 68 11.19 -6.51 -1.63
N GLY A 69 12.34 -6.10 -1.07
CA GLY A 69 13.02 -6.84 -0.02
C GLY A 69 12.24 -6.84 1.29
N MET A 70 11.27 -5.94 1.47
CA MET A 70 10.24 -6.07 2.48
C MET A 70 9.23 -7.09 1.97
N PHE A 71 8.65 -6.88 0.77
CA PHE A 71 7.58 -7.71 0.22
C PHE A 71 7.87 -9.21 0.30
N GLN A 72 9.10 -9.62 -0.01
CA GLN A 72 9.45 -11.04 -0.05
C GLN A 72 9.48 -11.67 1.35
N ARG A 73 9.61 -10.85 2.40
CA ARG A 73 9.48 -11.28 3.79
C ARG A 73 8.05 -11.12 4.29
N LEU A 74 7.22 -10.28 3.67
CA LEU A 74 5.82 -10.05 4.04
C LEU A 74 4.92 -11.05 3.29
N ASP A 75 5.38 -12.28 3.20
CA ASP A 75 4.92 -13.33 2.34
C ASP A 75 3.71 -14.05 2.92
N LYS A 76 3.72 -14.42 4.21
CA LYS A 76 2.55 -14.81 5.00
C LYS A 76 1.59 -13.63 5.28
N LEU A 77 1.75 -12.48 4.60
CA LEU A 77 0.94 -11.27 4.79
C LEU A 77 0.24 -10.89 3.50
N ARG A 78 0.94 -10.83 2.37
CA ARG A 78 0.38 -10.40 1.08
C ARG A 78 -0.92 -11.12 0.71
N LYS A 79 -1.09 -12.36 1.15
CA LYS A 79 -2.29 -13.15 0.90
C LYS A 79 -3.54 -12.53 1.52
N ASN A 80 -3.40 -11.62 2.48
CA ASN A 80 -4.45 -10.92 3.21
C ASN A 80 -4.10 -9.42 3.35
N ALA A 81 -3.28 -8.84 2.46
CA ALA A 81 -2.95 -7.43 2.46
C ALA A 81 -2.24 -7.03 1.17
N PHE A 82 -2.25 -5.75 0.80
CA PHE A 82 -1.76 -5.28 -0.50
C PHE A 82 -1.29 -3.84 -0.42
N ALA A 83 -0.44 -3.40 -1.35
CA ALA A 83 -0.03 -1.99 -1.43
C ALA A 83 0.44 -1.62 -2.83
N SER A 84 0.57 -0.32 -3.07
CA SER A 84 1.04 0.26 -4.32
C SER A 84 2.15 1.25 -3.96
N VAL A 85 3.37 0.74 -3.85
CA VAL A 85 4.50 1.39 -3.22
C VAL A 85 5.35 1.95 -4.35
N ILE A 86 5.25 3.25 -4.57
CA ILE A 86 5.80 3.90 -5.76
C ILE A 86 7.08 4.60 -5.31
N LEU A 87 8.10 4.52 -6.15
CA LEU A 87 9.35 5.24 -5.97
C LEU A 87 9.08 6.63 -6.52
N PHE A 88 9.40 7.67 -5.75
CA PHE A 88 9.39 9.02 -6.28
C PHE A 88 10.75 9.66 -6.01
N GLY A 89 11.03 10.74 -6.73
CA GLY A 89 12.33 11.38 -6.67
C GLY A 89 13.39 10.44 -7.20
N THR A 90 14.65 10.76 -6.95
CA THR A 90 15.75 10.26 -7.75
C THR A 90 16.96 10.00 -6.82
N ASN A 91 18.09 9.55 -7.37
CA ASN A 91 19.34 9.40 -6.62
C ASN A 91 19.67 10.63 -5.77
N ASN A 92 19.52 11.81 -6.37
CA ASN A 92 19.84 13.08 -5.76
C ASN A 92 18.98 13.39 -4.54
N SER A 93 17.75 12.86 -4.47
CA SER A 93 16.88 12.79 -3.31
C SER A 93 15.60 12.07 -3.73
N SER A 94 15.21 11.04 -2.98
CA SER A 94 14.04 10.21 -3.25
C SER A 94 13.07 10.27 -2.06
N SER A 95 11.96 9.57 -2.17
CA SER A 95 10.98 9.31 -1.12
C SER A 95 10.23 8.09 -1.66
N ILE A 96 10.19 7.02 -0.89
CA ILE A 96 9.27 5.93 -1.13
C ILE A 96 8.01 6.35 -0.40
N SER A 97 6.89 6.40 -1.11
CA SER A 97 5.60 6.58 -0.49
C SER A 97 4.59 5.62 -1.12
N GLY A 98 3.53 5.29 -0.38
CA GLY A 98 2.53 4.35 -0.82
C GLY A 98 1.50 4.11 0.25
N VAL A 99 0.40 3.50 -0.16
CA VAL A 99 -0.75 3.17 0.67
C VAL A 99 -0.84 1.66 0.71
N TRP A 100 -1.18 1.11 1.86
CA TRP A 100 -1.23 -0.32 2.09
C TRP A 100 -2.60 -0.64 2.68
N VAL A 101 -2.97 -1.91 2.60
CA VAL A 101 -4.28 -2.42 2.95
C VAL A 101 -4.07 -3.65 3.81
N PHE A 102 -4.61 -3.70 5.02
CA PHE A 102 -4.40 -4.75 6.00
C PHE A 102 -5.76 -5.08 6.61
N ARG A 103 -6.07 -6.37 6.84
CA ARG A 103 -7.39 -6.76 7.32
C ARG A 103 -7.38 -6.87 8.84
N GLY A 104 -7.44 -5.76 9.56
CA GLY A 104 -7.45 -5.72 11.01
C GLY A 104 -7.61 -4.26 11.47
N GLN A 105 -7.62 -4.06 12.78
CA GLN A 105 -7.59 -2.72 13.36
C GLN A 105 -6.18 -2.16 13.41
N GLU A 106 -5.15 -3.01 13.36
CA GLU A 106 -3.75 -2.65 13.25
C GLU A 106 -3.21 -2.97 11.86
N LEU A 107 -1.97 -2.54 11.63
CA LEU A 107 -1.34 -2.49 10.32
C LEU A 107 -0.73 -3.83 9.92
N ALA A 108 -0.95 -4.88 10.71
CA ALA A 108 -0.49 -6.26 10.50
C ALA A 108 0.97 -6.48 10.90
N PHE A 109 1.87 -5.61 10.45
CA PHE A 109 3.27 -5.55 10.90
C PHE A 109 3.42 -5.74 12.42
N PRO A 110 2.67 -5.02 13.28
CA PRO A 110 2.80 -5.19 14.72
C PRO A 110 2.20 -6.52 15.21
N LEU A 111 1.29 -7.13 14.44
CA LEU A 111 0.57 -8.33 14.86
C LEU A 111 1.47 -9.56 14.84
N SER A 112 2.54 -9.55 14.03
CA SER A 112 3.41 -10.71 13.86
C SER A 112 4.85 -10.18 13.87
N PRO A 113 5.70 -10.58 14.83
CA PRO A 113 7.07 -10.07 14.95
C PRO A 113 7.96 -10.48 13.78
N ASP A 114 7.46 -11.34 12.88
CA ASP A 114 7.99 -11.57 11.53
C ASP A 114 8.32 -10.23 10.87
N TRP A 115 7.36 -9.31 10.84
CA TRP A 115 7.31 -8.17 9.94
C TRP A 115 7.66 -6.86 10.64
N GLN A 116 8.78 -6.80 11.37
CA GLN A 116 9.20 -5.63 12.14
C GLN A 116 10.66 -5.30 11.81
N VAL A 117 11.01 -5.55 10.56
CA VAL A 117 12.33 -5.53 9.95
C VAL A 117 12.87 -4.10 9.98
N ASP A 118 12.46 -3.28 9.02
CA ASP A 118 12.84 -1.87 8.88
C ASP A 118 11.62 -0.97 8.94
N TYR A 119 10.41 -1.52 9.13
CA TYR A 119 9.16 -0.75 9.08
C TYR A 119 9.17 0.52 9.96
N GLU A 120 9.99 0.54 11.02
CA GLU A 120 10.10 1.66 11.94
C GLU A 120 10.70 2.91 11.28
N SER A 121 11.44 2.80 10.17
CA SER A 121 11.91 3.98 9.44
C SER A 121 10.82 4.56 8.52
N TYR A 122 9.64 3.94 8.44
CA TYR A 122 8.52 4.33 7.58
C TYR A 122 7.33 4.75 8.45
N THR A 123 6.47 5.65 7.95
CA THR A 123 5.24 6.04 8.63
C THR A 123 4.15 5.00 8.35
N TRP A 124 3.21 4.81 9.27
CA TRP A 124 2.03 3.98 9.04
C TRP A 124 0.86 4.57 9.82
N ARG A 125 -0.05 5.25 9.12
CA ARG A 125 -1.22 5.91 9.72
C ARG A 125 -2.49 5.52 9.00
N LYS A 126 -3.53 5.08 9.73
CA LYS A 126 -4.84 4.80 9.14
C LYS A 126 -5.44 6.08 8.60
N LEU A 127 -6.28 5.93 7.57
CA LEU A 127 -6.97 7.02 6.88
C LEU A 127 -8.41 6.60 6.65
N ASP A 128 -9.28 7.55 6.30
CA ASP A 128 -10.73 7.35 6.38
C ASP A 128 -11.35 6.98 5.04
N PRO A 129 -12.04 5.83 4.92
CA PRO A 129 -12.59 5.38 3.66
C PRO A 129 -13.79 6.22 3.17
N GLY A 130 -14.19 7.27 3.88
CA GLY A 130 -15.18 8.25 3.44
C GLY A 130 -14.66 9.69 3.53
N SER A 131 -13.34 9.89 3.56
CA SER A 131 -12.74 11.23 3.48
C SER A 131 -12.86 11.80 2.07
N GLU A 132 -12.04 12.80 1.78
CA GLU A 132 -11.69 13.26 0.45
C GLU A 132 -10.22 12.95 0.17
N GLU A 133 -9.35 13.06 1.18
CA GLU A 133 -7.91 13.00 0.94
C GLU A 133 -7.58 11.55 0.62
N THR A 134 -7.89 10.65 1.56
CA THR A 134 -7.72 9.22 1.46
C THR A 134 -8.18 8.71 0.09
N GLN A 135 -9.34 9.19 -0.37
CA GLN A 135 -9.95 8.87 -1.65
C GLN A 135 -9.05 9.24 -2.82
N THR A 136 -8.43 10.41 -2.77
CA THR A 136 -7.63 11.01 -3.80
C THR A 136 -6.30 10.27 -3.75
N LEU A 137 -5.64 10.19 -2.59
CA LEU A 137 -4.41 9.42 -2.42
C LEU A 137 -4.60 8.05 -3.04
N VAL A 138 -5.61 7.28 -2.60
CA VAL A 138 -5.96 6.00 -3.19
C VAL A 138 -6.06 6.13 -4.70
N ARG A 139 -6.98 6.97 -5.20
CA ARG A 139 -7.27 7.07 -6.62
C ARG A 139 -6.01 7.29 -7.42
N GLU A 140 -5.13 8.16 -6.98
CA GLU A 140 -3.90 8.46 -7.66
C GLU A 140 -2.91 7.32 -7.53
N TYR A 141 -2.75 6.75 -6.34
CA TYR A 141 -1.89 5.59 -6.10
C TYR A 141 -2.34 4.32 -6.82
N PHE A 142 -3.60 4.24 -7.25
CA PHE A 142 -4.22 3.02 -7.72
C PHE A 142 -4.31 3.11 -9.23
N SER A 143 -4.60 4.32 -9.72
CA SER A 143 -4.65 4.52 -11.15
C SER A 143 -3.27 4.87 -11.69
N TRP A 144 -2.43 5.56 -10.90
CA TRP A 144 -1.21 6.21 -11.35
C TRP A 144 -1.51 7.37 -12.33
N GLU A 145 -2.79 7.72 -12.53
CA GLU A 145 -3.27 8.76 -13.44
C GLU A 145 -3.66 10.02 -12.68
N GLY A 146 -3.39 10.00 -11.38
CA GLY A 146 -3.28 11.17 -10.54
C GLY A 146 -2.18 12.10 -11.00
N ALA A 147 -1.86 13.06 -10.13
CA ALA A 147 -0.92 14.14 -10.41
C ALA A 147 0.26 14.12 -9.44
N PHE A 148 0.10 13.46 -8.28
CA PHE A 148 1.04 13.45 -7.16
C PHE A 148 1.58 14.87 -6.86
N GLN A 149 0.74 15.89 -7.03
CA GLN A 149 1.08 17.30 -6.85
C GLN A 149 1.45 17.59 -5.40
N HIS A 150 0.82 16.89 -4.45
CA HIS A 150 1.07 17.05 -3.02
C HIS A 150 2.46 16.49 -2.63
N VAL A 151 3.13 15.85 -3.59
CA VAL A 151 4.45 15.24 -3.49
C VAL A 151 5.43 16.13 -4.26
N GLY A 152 5.07 16.57 -5.46
CA GLY A 152 5.91 17.43 -6.29
C GLY A 152 7.22 16.76 -6.70
N LYS A 153 7.29 15.42 -6.65
CA LYS A 153 8.40 14.62 -7.13
C LYS A 153 8.13 14.26 -8.60
N ALA A 154 8.42 13.03 -9.02
CA ALA A 154 7.98 12.42 -10.26
C ALA A 154 7.60 10.98 -9.92
N PHE A 155 6.75 10.36 -10.74
CA PHE A 155 6.21 9.01 -10.59
C PHE A 155 7.22 7.90 -10.98
N ASN A 156 8.41 8.26 -11.44
CA ASN A 156 9.34 7.48 -12.27
C ASN A 156 9.17 5.96 -12.32
N GLN A 157 9.17 5.21 -11.20
CA GLN A 157 8.94 3.78 -11.18
C GLN A 157 7.94 3.39 -10.09
N GLY A 158 7.25 2.26 -10.27
CA GLY A 158 6.33 1.71 -9.28
C GLY A 158 6.69 0.28 -8.87
N LYS A 159 6.08 -0.17 -7.77
CA LYS A 159 6.04 -1.54 -7.32
C LYS A 159 4.64 -1.81 -6.75
N ILE A 160 4.21 -3.06 -6.72
CA ILE A 160 2.92 -3.48 -6.17
C ILE A 160 3.19 -4.66 -5.21
N PHE A 161 2.52 -4.65 -4.05
CA PHE A 161 2.59 -5.65 -3.01
C PHE A 161 1.41 -6.59 -3.18
N LYS A 162 1.53 -7.47 -4.17
CA LYS A 162 0.70 -8.64 -4.44
C LYS A 162 1.62 -9.85 -4.57
N ALA A 1 -4.07 -18.95 15.47
CA ALA A 1 -2.74 -19.55 15.28
C ALA A 1 -1.91 -18.67 14.35
N LYS A 2 -0.96 -19.25 13.62
CA LYS A 2 0.01 -18.56 12.76
C LYS A 2 -0.66 -17.61 11.77
N ASP A 3 -1.62 -18.07 10.97
CA ASP A 3 -2.28 -17.20 9.99
C ASP A 3 -3.03 -16.12 10.78
N PRO A 4 -2.55 -14.88 10.82
CA PRO A 4 -2.98 -13.96 11.87
C PRO A 4 -4.38 -13.44 11.58
N PHE A 5 -4.76 -13.28 10.31
CA PHE A 5 -6.07 -12.79 9.95
C PHE A 5 -6.99 -13.98 9.67
N ALA A 6 -6.84 -15.05 10.46
CA ALA A 6 -7.76 -16.18 10.50
C ALA A 6 -8.61 -16.14 11.77
N HIS A 7 -8.22 -15.37 12.79
CA HIS A 7 -9.03 -15.22 14.01
C HIS A 7 -10.33 -14.45 13.71
N LEU A 8 -10.25 -13.56 12.70
CA LEU A 8 -11.38 -12.84 12.13
C LEU A 8 -12.41 -13.84 11.61
N PRO A 9 -13.65 -13.38 11.42
CA PRO A 9 -14.68 -14.14 10.74
C PRO A 9 -14.39 -14.17 9.23
N LYS A 10 -15.40 -14.50 8.42
CA LYS A 10 -15.26 -14.59 6.98
C LYS A 10 -14.72 -13.31 6.35
N SER A 11 -14.22 -13.47 5.14
CA SER A 11 -13.91 -12.38 4.25
C SER A 11 -15.22 -11.92 3.62
N THR A 12 -15.29 -10.62 3.32
CA THR A 12 -16.38 -9.99 2.60
C THR A 12 -15.83 -9.55 1.23
N PHE A 13 -14.75 -8.76 1.23
CA PHE A 13 -14.12 -8.20 0.06
C PHE A 13 -12.95 -9.10 -0.37
N ALA A 14 -12.88 -9.42 -1.66
CA ALA A 14 -11.90 -10.31 -2.24
C ALA A 14 -10.75 -9.47 -2.77
N LEU A 15 -9.68 -9.40 -1.98
CA LEU A 15 -8.47 -8.69 -2.32
C LEU A 15 -7.90 -9.20 -3.64
N ASP A 16 -7.90 -10.51 -3.83
CA ASP A 16 -7.32 -11.14 -5.00
C ASP A 16 -8.15 -10.91 -6.27
N GLU A 17 -9.46 -10.70 -6.14
CA GLU A 17 -10.28 -10.31 -7.27
C GLU A 17 -10.17 -8.81 -7.57
N PHE A 18 -9.74 -8.01 -6.59
CA PHE A 18 -9.41 -6.61 -6.82
C PHE A 18 -8.14 -6.51 -7.66
N LYS A 19 -7.07 -7.23 -7.30
CA LYS A 19 -5.75 -7.09 -7.95
C LYS A 19 -5.76 -7.36 -9.45
N ARG A 20 -6.71 -8.14 -9.96
CA ARG A 20 -6.76 -8.52 -11.36
C ARG A 20 -7.25 -7.32 -12.16
N LYS A 21 -8.52 -6.91 -12.04
CA LYS A 21 -9.08 -5.74 -12.74
C LYS A 21 -8.29 -4.47 -12.51
N TYR A 22 -7.53 -4.40 -11.43
CA TYR A 22 -6.62 -3.33 -11.15
C TYR A 22 -5.77 -2.98 -12.38
N SER A 23 -4.89 -3.89 -12.82
CA SER A 23 -4.12 -3.70 -14.04
C SER A 23 -4.91 -4.15 -15.27
N ASN A 24 -5.79 -5.14 -15.11
CA ASN A 24 -6.41 -5.76 -16.27
C ASN A 24 -7.43 -4.82 -16.92
N GLU A 25 -7.91 -3.82 -16.19
CA GLU A 25 -8.95 -2.91 -16.65
C GLU A 25 -8.60 -1.46 -16.26
N ASP A 26 -9.43 -0.52 -16.69
CA ASP A 26 -9.32 0.92 -16.54
C ASP A 26 -9.69 1.35 -15.12
N THR A 27 -8.92 0.89 -14.12
CA THR A 27 -9.08 1.11 -12.67
C THR A 27 -9.94 2.31 -12.30
N LEU A 28 -9.61 3.50 -12.82
CA LEU A 28 -10.35 4.75 -12.70
C LEU A 28 -11.87 4.59 -12.51
N SER A 29 -12.53 3.90 -13.43
CA SER A 29 -13.95 3.55 -13.36
C SER A 29 -14.22 2.04 -13.43
N VAL A 30 -13.25 1.21 -13.07
CA VAL A 30 -13.37 -0.24 -13.04
C VAL A 30 -13.13 -0.73 -11.60
N ALA A 31 -11.89 -0.61 -11.12
CA ALA A 31 -11.49 -1.12 -9.83
C ALA A 31 -11.85 -0.13 -8.73
N LEU A 32 -11.67 1.17 -8.98
CA LEU A 32 -12.05 2.29 -8.11
C LEU A 32 -13.51 2.21 -7.66
N PRO A 33 -14.51 2.15 -8.57
CA PRO A 33 -15.90 2.05 -8.16
C PRO A 33 -16.12 0.78 -7.34
N TYR A 34 -15.68 -0.39 -7.83
CA TYR A 34 -15.81 -1.68 -7.17
C TYR A 34 -15.11 -1.68 -5.79
N PHE A 35 -14.15 -0.79 -5.56
CA PHE A 35 -13.54 -0.61 -4.25
C PHE A 35 -14.36 0.37 -3.40
N TRP A 36 -14.83 1.48 -3.96
CA TRP A 36 -15.39 2.58 -3.19
C TRP A 36 -16.84 2.39 -2.82
N GLU A 37 -17.49 1.34 -3.32
CA GLU A 37 -18.92 1.18 -3.23
C GLU A 37 -19.23 0.43 -1.94
N HIS A 38 -18.56 -0.71 -1.77
CA HIS A 38 -18.57 -1.56 -0.61
C HIS A 38 -17.15 -2.11 -0.55
N PHE A 39 -16.23 -1.34 0.05
CA PHE A 39 -14.92 -1.85 0.42
C PHE A 39 -15.10 -2.97 1.47
N ASP A 40 -14.86 -2.66 2.74
CA ASP A 40 -14.92 -3.50 3.94
C ASP A 40 -14.21 -2.73 5.06
N LYS A 41 -14.69 -1.52 5.30
CA LYS A 41 -14.15 -0.60 6.30
C LYS A 41 -14.27 -1.10 7.74
N ASP A 42 -15.01 -2.19 7.94
CA ASP A 42 -15.09 -2.92 9.20
C ASP A 42 -13.89 -3.85 9.40
N GLY A 43 -13.24 -4.28 8.33
CA GLY A 43 -12.30 -5.40 8.31
C GLY A 43 -10.97 -4.97 7.73
N TRP A 44 -10.93 -4.70 6.43
CA TRP A 44 -9.78 -4.10 5.77
C TRP A 44 -9.57 -2.69 6.31
N SER A 45 -8.32 -2.20 6.28
CA SER A 45 -8.05 -0.79 6.54
C SER A 45 -6.90 -0.38 5.63
N LEU A 46 -6.83 0.93 5.35
CA LEU A 46 -5.88 1.58 4.45
C LEU A 46 -4.81 2.23 5.30
N TRP A 47 -3.56 2.16 4.87
CA TRP A 47 -2.40 2.59 5.62
C TRP A 47 -1.41 3.35 4.74
N TYR A 48 -1.36 4.68 4.87
CA TYR A 48 -0.44 5.56 4.14
C TYR A 48 0.94 5.50 4.77
N SER A 49 1.96 5.16 3.98
CA SER A 49 3.35 5.03 4.37
C SER A 49 4.20 5.80 3.38
N GLU A 50 5.13 6.61 3.90
CA GLU A 50 5.92 7.61 3.19
C GLU A 50 7.32 7.62 3.80
N TYR A 51 7.90 6.43 3.98
CA TYR A 51 9.32 6.18 4.23
C TYR A 51 10.01 7.26 5.07
N ARG A 52 9.54 7.42 6.32
CA ARG A 52 9.92 8.42 7.31
C ARG A 52 11.41 8.78 7.30
N PHE A 53 12.31 7.85 6.97
CA PHE A 53 13.73 8.08 6.75
C PHE A 53 14.05 8.03 5.24
N PRO A 54 13.70 9.06 4.46
CA PRO A 54 14.00 9.11 3.02
C PRO A 54 15.50 9.31 2.79
N GLU A 55 16.26 9.71 3.82
CA GLU A 55 17.71 9.80 3.80
C GLU A 55 18.39 8.44 3.58
N GLU A 56 17.66 7.34 3.84
CA GLU A 56 18.14 5.99 3.58
C GLU A 56 18.23 5.74 2.06
N LEU A 57 17.51 6.50 1.23
CA LEU A 57 17.53 6.37 -0.21
C LEU A 57 18.79 6.99 -0.76
N THR A 58 19.62 6.20 -1.43
CA THR A 58 20.68 6.75 -2.27
C THR A 58 20.86 5.91 -3.54
N GLN A 59 19.76 5.42 -4.12
CA GLN A 59 19.71 4.99 -5.51
C GLN A 59 18.31 4.51 -5.87
N THR A 60 17.81 4.99 -7.01
CA THR A 60 16.51 4.65 -7.54
C THR A 60 16.48 3.19 -7.98
N PHE A 61 17.47 2.73 -8.75
CA PHE A 61 17.51 1.34 -9.22
C PHE A 61 17.54 0.37 -8.06
N MET A 62 18.10 0.79 -6.92
CA MET A 62 18.25 -0.08 -5.79
C MET A 62 16.98 -0.05 -4.97
N SER A 63 16.32 1.11 -4.89
CA SER A 63 15.14 1.34 -4.09
C SER A 63 13.99 0.43 -4.48
N CYS A 64 13.75 0.22 -5.78
CA CYS A 64 12.75 -0.74 -6.23
C CYS A 64 12.99 -2.11 -5.62
N ASN A 65 14.27 -2.51 -5.58
CA ASN A 65 14.74 -3.80 -5.12
C ASN A 65 14.64 -3.89 -3.59
N LEU A 66 14.84 -2.76 -2.88
CA LEU A 66 14.75 -2.62 -1.43
C LEU A 66 13.31 -2.78 -0.95
N ILE A 67 12.38 -2.02 -1.55
CA ILE A 67 10.94 -2.14 -1.34
C ILE A 67 10.57 -3.61 -1.40
N THR A 68 10.94 -4.25 -2.50
CA THR A 68 10.59 -5.64 -2.71
C THR A 68 11.35 -6.55 -1.73
N GLY A 69 12.51 -6.15 -1.23
CA GLY A 69 13.20 -6.83 -0.15
C GLY A 69 12.32 -6.93 1.09
N MET A 70 11.63 -5.84 1.43
CA MET A 70 10.65 -5.82 2.51
C MET A 70 9.50 -6.75 2.13
N PHE A 71 8.95 -6.62 0.91
CA PHE A 71 7.85 -7.47 0.44
C PHE A 71 8.15 -8.96 0.55
N GLN A 72 9.40 -9.37 0.31
CA GLN A 72 9.86 -10.75 0.35
C GLN A 72 9.89 -11.30 1.79
N ARG A 73 10.02 -10.43 2.80
CA ARG A 73 9.80 -10.81 4.20
C ARG A 73 8.29 -10.92 4.45
N LEU A 74 7.53 -9.94 3.95
CA LEU A 74 6.09 -9.81 4.17
C LEU A 74 5.31 -10.69 3.18
N ASP A 75 5.80 -11.90 2.89
CA ASP A 75 5.17 -12.81 1.93
C ASP A 75 4.01 -13.51 2.62
N LYS A 76 4.25 -14.06 3.82
CA LYS A 76 3.22 -14.57 4.72
C LYS A 76 2.21 -13.51 5.18
N LEU A 77 2.30 -12.26 4.67
CA LEU A 77 1.38 -11.17 4.95
C LEU A 77 0.56 -10.86 3.72
N ARG A 78 1.18 -10.73 2.54
CA ARG A 78 0.50 -10.25 1.33
C ARG A 78 -0.70 -11.12 0.94
N LYS A 79 -0.74 -12.37 1.40
CA LYS A 79 -1.89 -13.25 1.24
C LYS A 79 -3.19 -12.55 1.71
N ASN A 80 -3.09 -11.72 2.74
CA ASN A 80 -4.16 -10.95 3.35
C ASN A 80 -3.74 -9.48 3.46
N ALA A 81 -3.03 -8.91 2.45
CA ALA A 81 -2.71 -7.48 2.38
C ALA A 81 -2.12 -7.09 1.02
N PHE A 82 -2.23 -5.83 0.58
CA PHE A 82 -1.70 -5.33 -0.70
C PHE A 82 -1.23 -3.91 -0.52
N ALA A 83 -0.50 -3.36 -1.49
CA ALA A 83 -0.07 -1.97 -1.54
C ALA A 83 0.29 -1.62 -2.98
N SER A 84 0.38 -0.34 -3.28
CA SER A 84 0.79 0.19 -4.56
C SER A 84 1.93 1.20 -4.37
N VAL A 85 3.07 0.70 -3.90
CA VAL A 85 4.28 1.44 -3.56
C VAL A 85 4.79 2.24 -4.77
N ILE A 86 5.26 3.48 -4.57
CA ILE A 86 5.79 4.32 -5.64
C ILE A 86 7.10 4.94 -5.11
N LEU A 87 8.15 4.86 -5.93
CA LEU A 87 9.47 5.46 -5.75
C LEU A 87 9.42 6.77 -6.53
N PHE A 88 9.77 7.89 -5.89
CA PHE A 88 9.60 9.20 -6.48
C PHE A 88 10.94 9.96 -6.43
N GLY A 89 11.02 11.09 -7.13
CA GLY A 89 12.14 12.02 -7.06
C GLY A 89 13.18 11.64 -8.08
N THR A 90 14.35 11.22 -7.63
CA THR A 90 15.42 10.71 -8.47
C THR A 90 16.43 10.08 -7.52
N ASN A 91 17.40 9.34 -8.06
CA ASN A 91 18.52 8.81 -7.29
C ASN A 91 19.24 9.91 -6.50
N ASN A 92 19.25 11.14 -7.01
CA ASN A 92 19.89 12.27 -6.37
C ASN A 92 19.19 12.72 -5.08
N SER A 93 17.89 12.47 -4.95
CA SER A 93 17.04 12.89 -3.85
C SER A 93 15.64 12.30 -4.04
N SER A 94 15.25 11.37 -3.16
CA SER A 94 14.11 10.48 -3.36
C SER A 94 13.23 10.40 -2.11
N SER A 95 12.14 9.64 -2.19
CA SER A 95 11.22 9.34 -1.11
C SER A 95 10.34 8.23 -1.70
N ILE A 96 10.18 7.12 -0.96
CA ILE A 96 9.17 6.13 -1.31
C ILE A 96 7.91 6.57 -0.58
N SER A 97 6.78 6.34 -1.23
CA SER A 97 5.48 6.41 -0.59
C SER A 97 4.56 5.32 -1.14
N GLY A 98 3.31 5.33 -0.72
CA GLY A 98 2.31 4.32 -1.04
C GLY A 98 1.27 4.19 0.06
N VAL A 99 0.20 3.50 -0.29
CA VAL A 99 -0.92 3.15 0.55
C VAL A 99 -1.06 1.64 0.51
N TRP A 100 -1.17 1.04 1.68
CA TRP A 100 -1.19 -0.39 1.90
C TRP A 100 -2.54 -0.74 2.50
N VAL A 101 -2.88 -2.01 2.49
CA VAL A 101 -4.14 -2.53 2.99
C VAL A 101 -3.81 -3.74 3.84
N PHE A 102 -4.34 -3.81 5.05
CA PHE A 102 -4.09 -4.86 6.02
C PHE A 102 -5.45 -5.21 6.62
N ARG A 103 -5.70 -6.48 6.94
CA ARG A 103 -7.03 -6.93 7.30
C ARG A 103 -7.24 -6.84 8.81
N GLY A 104 -7.34 -5.66 9.40
CA GLY A 104 -7.71 -5.50 10.80
C GLY A 104 -7.54 -4.05 11.20
N GLN A 105 -7.82 -3.77 12.47
CA GLN A 105 -7.61 -2.45 13.03
C GLN A 105 -6.12 -2.12 13.20
N GLU A 106 -5.23 -3.10 13.16
CA GLU A 106 -3.78 -2.89 13.18
C GLU A 106 -3.19 -3.04 11.79
N LEU A 107 -1.95 -2.58 11.62
CA LEU A 107 -1.29 -2.52 10.32
C LEU A 107 -0.59 -3.83 9.97
N ALA A 108 -0.79 -4.90 10.72
CA ALA A 108 -0.25 -6.24 10.51
C ALA A 108 1.19 -6.41 10.99
N PHE A 109 2.09 -5.51 10.60
CA PHE A 109 3.44 -5.40 11.15
C PHE A 109 3.46 -5.56 12.68
N PRO A 110 2.66 -4.82 13.48
CA PRO A 110 2.67 -4.94 14.94
C PRO A 110 2.06 -6.25 15.43
N LEU A 111 1.27 -6.94 14.60
CA LEU A 111 0.62 -8.18 14.98
C LEU A 111 1.60 -9.33 15.04
N SER A 112 2.72 -9.27 14.30
CA SER A 112 3.68 -10.35 14.29
C SER A 112 5.10 -9.80 14.16
N PRO A 113 5.99 -10.06 15.14
CA PRO A 113 7.35 -9.53 15.16
C PRO A 113 8.23 -10.08 14.02
N ASP A 114 7.71 -11.01 13.21
CA ASP A 114 8.31 -11.40 11.94
C ASP A 114 8.47 -10.19 11.01
N TRP A 115 7.59 -9.19 11.12
CA TRP A 115 7.54 -8.05 10.23
C TRP A 115 7.82 -6.78 11.02
N GLN A 116 8.92 -6.77 11.76
CA GLN A 116 9.31 -5.63 12.60
C GLN A 116 10.80 -5.35 12.42
N VAL A 117 11.29 -5.50 11.19
CA VAL A 117 12.69 -5.42 10.82
C VAL A 117 13.08 -3.95 10.68
N ASP A 118 12.74 -3.35 9.55
CA ASP A 118 13.12 -2.01 9.08
C ASP A 118 11.88 -1.13 8.86
N TYR A 119 10.67 -1.67 9.06
CA TYR A 119 9.41 -0.94 8.99
C TYR A 119 9.38 0.34 9.83
N GLU A 120 10.15 0.40 10.91
CA GLU A 120 10.19 1.47 11.88
C GLU A 120 10.86 2.73 11.32
N SER A 121 11.54 2.63 10.18
CA SER A 121 12.04 3.75 9.39
C SER A 121 10.98 4.28 8.42
N TYR A 122 9.79 3.68 8.37
CA TYR A 122 8.64 4.15 7.61
C TYR A 122 7.60 4.65 8.61
N THR A 123 6.61 5.37 8.12
CA THR A 123 5.46 5.85 8.89
C THR A 123 4.25 5.11 8.36
N TRP A 124 3.18 4.98 9.15
CA TRP A 124 2.01 4.18 8.78
C TRP A 124 0.81 4.76 9.52
N ARG A 125 -0.28 5.16 8.83
CA ARG A 125 -1.49 5.60 9.54
C ARG A 125 -2.76 5.09 8.87
N LYS A 126 -3.76 4.65 9.65
CA LYS A 126 -5.09 4.33 9.14
C LYS A 126 -5.66 5.55 8.46
N LEU A 127 -6.39 5.36 7.37
CA LEU A 127 -7.00 6.44 6.63
C LEU A 127 -8.51 6.24 6.61
N ASP A 128 -9.26 7.31 6.40
CA ASP A 128 -10.71 7.29 6.53
C ASP A 128 -11.32 6.97 5.17
N PRO A 129 -12.01 5.83 5.00
CA PRO A 129 -12.58 5.45 3.71
C PRO A 129 -13.76 6.33 3.28
N GLY A 130 -14.17 7.33 4.07
CA GLY A 130 -15.12 8.37 3.68
C GLY A 130 -14.55 9.74 4.00
N SER A 131 -13.27 9.97 3.72
CA SER A 131 -12.65 11.27 3.90
C SER A 131 -12.75 12.12 2.62
N GLU A 132 -11.87 13.12 2.50
CA GLU A 132 -11.61 13.83 1.25
C GLU A 132 -10.19 13.55 0.74
N GLU A 133 -9.22 13.27 1.62
CA GLU A 133 -7.83 13.12 1.19
C GLU A 133 -7.64 11.69 0.70
N THR A 134 -7.94 10.72 1.57
CA THR A 134 -7.79 9.29 1.38
C THR A 134 -8.34 8.88 0.02
N GLN A 135 -9.52 9.38 -0.34
CA GLN A 135 -10.17 9.16 -1.63
C GLN A 135 -9.21 9.48 -2.80
N THR A 136 -8.54 10.63 -2.75
CA THR A 136 -7.63 11.16 -3.72
C THR A 136 -6.38 10.31 -3.64
N LEU A 137 -5.73 10.22 -2.47
CA LEU A 137 -4.48 9.48 -2.30
C LEU A 137 -4.64 8.09 -2.90
N VAL A 138 -5.68 7.34 -2.49
CA VAL A 138 -6.02 6.06 -3.07
C VAL A 138 -6.13 6.17 -4.58
N ARG A 139 -6.99 7.04 -5.12
CA ARG A 139 -7.10 7.20 -6.56
C ARG A 139 -5.73 7.32 -7.17
N GLU A 140 -4.89 8.25 -6.72
CA GLU A 140 -3.58 8.50 -7.32
C GLU A 140 -2.74 7.25 -7.25
N TYR A 141 -2.62 6.66 -6.07
CA TYR A 141 -1.83 5.48 -5.84
C TYR A 141 -2.36 4.25 -6.60
N PHE A 142 -3.59 4.27 -7.12
CA PHE A 142 -4.23 3.09 -7.69
C PHE A 142 -4.37 3.28 -9.20
N SER A 143 -4.51 4.52 -9.66
CA SER A 143 -4.67 4.86 -11.08
C SER A 143 -3.37 5.40 -11.67
N TRP A 144 -2.46 5.88 -10.80
CA TRP A 144 -1.17 6.46 -11.14
C TRP A 144 -1.31 7.77 -11.94
N GLU A 145 -2.52 8.34 -11.98
CA GLU A 145 -2.86 9.46 -12.86
C GLU A 145 -2.79 10.81 -12.13
N GLY A 146 -3.52 10.93 -11.02
CA GLY A 146 -4.15 12.15 -10.48
C GLY A 146 -3.37 13.42 -10.76
N ALA A 147 -2.26 13.58 -10.04
CA ALA A 147 -1.29 14.63 -10.15
C ALA A 147 -0.05 14.23 -9.37
N PHE A 148 -0.21 13.61 -8.21
CA PHE A 148 0.79 13.52 -7.14
C PHE A 148 1.33 14.90 -6.75
N GLN A 149 0.51 15.96 -6.89
CA GLN A 149 0.84 17.28 -6.37
C GLN A 149 1.00 17.26 -4.84
N HIS A 150 0.33 16.34 -4.14
CA HIS A 150 0.53 16.13 -2.70
C HIS A 150 1.99 15.75 -2.38
N VAL A 151 2.74 15.31 -3.39
CA VAL A 151 4.16 15.03 -3.32
C VAL A 151 4.87 16.23 -3.95
N GLY A 152 4.71 16.43 -5.26
CA GLY A 152 5.52 17.36 -6.06
C GLY A 152 6.79 16.69 -6.60
N LYS A 153 7.10 15.45 -6.22
CA LYS A 153 7.98 14.61 -7.03
C LYS A 153 7.17 14.03 -8.18
N ALA A 154 7.83 13.43 -9.17
CA ALA A 154 7.19 12.60 -10.19
C ALA A 154 7.04 11.17 -9.69
N PHE A 155 6.10 10.46 -10.29
CA PHE A 155 5.68 9.07 -10.09
C PHE A 155 6.77 8.00 -10.32
N ASN A 156 7.99 8.36 -10.71
CA ASN A 156 8.94 7.59 -11.54
C ASN A 156 8.67 6.09 -11.65
N GLN A 157 8.75 5.35 -10.53
CA GLN A 157 8.72 3.90 -10.52
C GLN A 157 7.65 3.43 -9.53
N GLY A 158 6.49 3.14 -10.07
CA GLY A 158 5.37 2.48 -9.38
C GLY A 158 5.56 0.97 -9.34
N LYS A 159 5.09 0.31 -8.28
CA LYS A 159 5.18 -1.13 -8.06
C LYS A 159 3.98 -1.56 -7.23
N ILE A 160 3.73 -2.86 -7.17
CA ILE A 160 2.56 -3.43 -6.52
C ILE A 160 3.03 -4.56 -5.59
N PHE A 161 2.37 -4.68 -4.43
CA PHE A 161 2.67 -5.65 -3.36
C PHE A 161 1.76 -6.88 -3.47
N LYS A 162 1.50 -7.35 -4.70
CA LYS A 162 0.67 -8.52 -4.96
C LYS A 162 1.52 -9.80 -5.06
N ALA A 1 0.12 -20.45 15.78
CA ALA A 1 -0.56 -19.82 14.65
C ALA A 1 0.42 -19.00 13.82
N LYS A 2 0.42 -19.19 12.51
CA LYS A 2 1.36 -18.60 11.55
C LYS A 2 0.75 -17.47 10.72
N ASP A 3 -0.56 -17.25 10.85
CA ASP A 3 -1.35 -16.25 10.13
C ASP A 3 -2.09 -15.49 11.22
N PRO A 4 -1.89 -14.17 11.39
CA PRO A 4 -2.54 -13.41 12.43
C PRO A 4 -4.04 -13.31 12.17
N PHE A 5 -4.45 -13.31 10.89
CA PHE A 5 -5.84 -13.18 10.51
C PHE A 5 -6.54 -14.54 10.55
N ALA A 6 -6.21 -15.38 11.53
CA ALA A 6 -6.83 -16.68 11.74
C ALA A 6 -8.14 -16.54 12.52
N HIS A 7 -8.16 -15.65 13.52
CA HIS A 7 -9.34 -15.38 14.34
C HIS A 7 -10.52 -14.92 13.48
N LEU A 8 -10.27 -14.00 12.55
CA LEU A 8 -11.27 -13.27 11.79
C LEU A 8 -12.25 -14.18 11.06
N PRO A 9 -13.48 -13.70 10.78
CA PRO A 9 -14.56 -14.46 10.16
C PRO A 9 -14.34 -14.58 8.64
N LYS A 10 -15.37 -15.00 7.90
CA LYS A 10 -15.39 -15.01 6.44
C LYS A 10 -15.02 -13.64 5.86
N SER A 11 -14.68 -13.61 4.58
CA SER A 11 -14.11 -12.47 3.89
C SER A 11 -15.11 -12.00 2.83
N THR A 12 -15.91 -10.97 3.14
CA THR A 12 -16.88 -10.41 2.21
C THR A 12 -16.14 -9.82 1.00
N PHE A 13 -15.18 -8.92 1.25
CA PHE A 13 -14.42 -8.28 0.20
C PHE A 13 -13.36 -9.29 -0.26
N ALA A 14 -12.98 -9.22 -1.54
CA ALA A 14 -12.11 -10.17 -2.23
C ALA A 14 -10.90 -9.40 -2.75
N LEU A 15 -9.82 -9.45 -1.97
CA LEU A 15 -8.61 -8.72 -2.27
C LEU A 15 -7.97 -9.20 -3.58
N ASP A 16 -8.11 -10.48 -3.90
CA ASP A 16 -7.54 -11.09 -5.09
C ASP A 16 -8.27 -10.61 -6.34
N GLU A 17 -9.60 -10.65 -6.36
CA GLU A 17 -10.42 -10.13 -7.47
C GLU A 17 -10.11 -8.64 -7.68
N PHE A 18 -9.85 -7.91 -6.60
CA PHE A 18 -9.42 -6.54 -6.70
C PHE A 18 -8.07 -6.46 -7.41
N LYS A 19 -7.07 -7.29 -7.05
CA LYS A 19 -5.72 -7.16 -7.59
C LYS A 19 -5.70 -7.38 -9.09
N ARG A 20 -6.56 -8.27 -9.60
CA ARG A 20 -6.69 -8.60 -11.00
C ARG A 20 -7.04 -7.33 -11.76
N LYS A 21 -8.28 -6.86 -11.70
CA LYS A 21 -8.72 -5.68 -12.45
C LYS A 21 -7.83 -4.46 -12.24
N TYR A 22 -7.26 -4.28 -11.06
CA TYR A 22 -6.46 -3.12 -10.65
C TYR A 22 -5.54 -2.49 -11.71
N SER A 23 -4.71 -3.28 -12.40
CA SER A 23 -3.84 -2.80 -13.47
C SER A 23 -4.17 -3.50 -14.79
N ASN A 24 -5.16 -4.40 -14.82
CA ASN A 24 -5.60 -5.03 -16.03
C ASN A 24 -6.61 -4.12 -16.74
N GLU A 25 -7.38 -3.37 -15.95
CA GLU A 25 -8.55 -2.67 -16.46
C GLU A 25 -8.40 -1.17 -16.15
N ASP A 26 -9.35 -0.37 -16.62
CA ASP A 26 -9.39 1.09 -16.54
C ASP A 26 -9.83 1.53 -15.15
N THR A 27 -9.04 1.14 -14.16
CA THR A 27 -9.29 1.19 -12.74
C THR A 27 -10.00 2.42 -12.24
N LEU A 28 -9.72 3.62 -12.77
CA LEU A 28 -10.46 4.85 -12.50
C LEU A 28 -11.97 4.62 -12.39
N SER A 29 -12.54 3.87 -13.32
CA SER A 29 -13.91 3.42 -13.30
C SER A 29 -14.09 1.89 -13.41
N VAL A 30 -13.08 1.10 -13.02
CA VAL A 30 -13.17 -0.36 -12.94
C VAL A 30 -12.95 -0.80 -11.49
N ALA A 31 -11.73 -0.69 -10.95
CA ALA A 31 -11.45 -1.15 -9.61
C ALA A 31 -11.90 -0.11 -8.58
N LEU A 32 -11.80 1.18 -8.91
CA LEU A 32 -12.21 2.30 -8.07
C LEU A 32 -13.69 2.26 -7.66
N PRO A 33 -14.66 2.16 -8.58
CA PRO A 33 -16.07 2.07 -8.21
C PRO A 33 -16.28 0.86 -7.32
N TYR A 34 -15.84 -0.31 -7.78
CA TYR A 34 -15.97 -1.59 -7.11
C TYR A 34 -15.37 -1.51 -5.72
N PHE A 35 -14.28 -0.79 -5.52
CA PHE A 35 -13.64 -0.66 -4.22
C PHE A 35 -14.46 0.24 -3.29
N TRP A 36 -15.00 1.35 -3.80
CA TRP A 36 -15.61 2.39 -2.96
C TRP A 36 -17.10 2.12 -2.72
N GLU A 37 -17.65 1.13 -3.42
CA GLU A 37 -19.05 0.80 -3.45
C GLU A 37 -19.52 0.33 -2.07
N HIS A 38 -18.78 -0.60 -1.43
CA HIS A 38 -19.24 -1.26 -0.22
C HIS A 38 -18.15 -1.49 0.84
N PHE A 39 -16.90 -1.08 0.60
CA PHE A 39 -15.67 -1.85 0.85
C PHE A 39 -15.88 -3.04 1.80
N ASP A 40 -15.51 -2.90 3.07
CA ASP A 40 -15.54 -3.84 4.20
C ASP A 40 -14.75 -3.18 5.34
N LYS A 41 -15.09 -1.91 5.55
CA LYS A 41 -14.57 -0.99 6.57
C LYS A 41 -14.88 -1.45 7.99
N ASP A 42 -15.63 -2.54 8.15
CA ASP A 42 -15.76 -3.20 9.45
C ASP A 42 -14.48 -3.97 9.85
N GLY A 43 -13.54 -4.21 8.93
CA GLY A 43 -12.37 -5.01 9.27
C GLY A 43 -11.15 -4.92 8.35
N TRP A 44 -11.25 -4.47 7.10
CA TRP A 44 -10.09 -4.00 6.35
C TRP A 44 -9.73 -2.58 6.81
N SER A 45 -8.54 -2.10 6.46
CA SER A 45 -8.18 -0.72 6.66
C SER A 45 -7.22 -0.30 5.57
N LEU A 46 -7.24 0.98 5.25
CA LEU A 46 -6.25 1.66 4.41
C LEU A 46 -5.17 2.20 5.33
N TRP A 47 -3.95 2.30 4.80
CA TRP A 47 -2.77 2.77 5.52
C TRP A 47 -1.89 3.56 4.56
N TYR A 48 -1.77 4.87 4.77
CA TYR A 48 -0.79 5.68 4.08
C TYR A 48 0.55 5.43 4.73
N SER A 49 1.59 5.27 3.90
CA SER A 49 2.96 5.12 4.31
C SER A 49 3.82 5.93 3.34
N GLU A 50 4.83 6.62 3.85
CA GLU A 50 5.57 7.68 3.19
C GLU A 50 7.02 7.64 3.70
N TYR A 51 7.54 6.41 3.88
CA TYR A 51 8.94 6.08 4.09
C TYR A 51 9.75 7.16 4.80
N ARG A 52 9.36 7.44 6.05
CA ARG A 52 9.87 8.48 6.92
C ARG A 52 11.37 8.76 6.82
N PHE A 53 12.20 7.77 6.47
CA PHE A 53 13.63 7.92 6.22
C PHE A 53 13.96 7.83 4.71
N PRO A 54 13.60 8.85 3.90
CA PRO A 54 13.94 8.87 2.48
C PRO A 54 15.44 9.13 2.27
N GLU A 55 16.19 9.53 3.31
CA GLU A 55 17.64 9.65 3.30
C GLU A 55 18.32 8.33 3.00
N GLU A 56 17.69 7.20 3.33
CA GLU A 56 18.27 5.87 3.14
C GLU A 56 18.37 5.55 1.63
N LEU A 57 17.60 6.25 0.80
CA LEU A 57 17.54 6.05 -0.64
C LEU A 57 18.64 6.83 -1.31
N THR A 58 19.47 6.14 -2.10
CA THR A 58 20.58 6.79 -2.79
C THR A 58 20.83 6.19 -4.18
N GLN A 59 19.76 5.83 -4.88
CA GLN A 59 19.66 5.49 -6.31
C GLN A 59 18.25 4.95 -6.56
N THR A 60 17.75 5.04 -7.78
CA THR A 60 16.45 4.49 -8.18
C THR A 60 16.47 2.96 -8.12
N PHE A 61 17.48 2.35 -8.75
CA PHE A 61 17.55 0.92 -9.00
C PHE A 61 17.53 0.13 -7.69
N MET A 62 18.25 0.63 -6.69
CA MET A 62 18.35 -0.04 -5.39
C MET A 62 17.04 0.13 -4.63
N SER A 63 16.42 1.32 -4.69
CA SER A 63 15.22 1.63 -3.95
C SER A 63 14.08 0.68 -4.31
N CYS A 64 13.87 0.39 -5.60
CA CYS A 64 12.85 -0.57 -6.02
C CYS A 64 13.14 -1.98 -5.47
N ASN A 65 14.42 -2.31 -5.27
CA ASN A 65 14.82 -3.59 -4.71
C ASN A 65 14.73 -3.60 -3.18
N LEU A 66 14.90 -2.45 -2.52
CA LEU A 66 14.71 -2.23 -1.09
C LEU A 66 13.26 -2.51 -0.73
N ILE A 67 12.35 -1.81 -1.41
CA ILE A 67 10.90 -1.99 -1.38
C ILE A 67 10.61 -3.48 -1.39
N THR A 68 11.10 -4.14 -2.44
CA THR A 68 10.71 -5.52 -2.70
C THR A 68 11.46 -6.49 -1.77
N GLY A 69 12.61 -6.10 -1.22
CA GLY A 69 13.27 -6.83 -0.15
C GLY A 69 12.32 -6.90 1.05
N MET A 70 11.67 -5.80 1.39
CA MET A 70 10.68 -5.77 2.43
C MET A 70 9.49 -6.66 2.02
N PHE A 71 9.02 -6.62 0.76
CA PHE A 71 7.93 -7.49 0.30
C PHE A 71 8.26 -8.97 0.47
N GLN A 72 9.53 -9.37 0.40
CA GLN A 72 9.95 -10.75 0.64
C GLN A 72 9.77 -11.13 2.10
N ARG A 73 10.04 -10.20 3.02
CA ARG A 73 9.84 -10.38 4.45
C ARG A 73 8.36 -10.54 4.77
N LEU A 74 7.47 -10.06 3.90
CA LEU A 74 6.03 -9.86 4.15
C LEU A 74 5.22 -10.69 3.13
N ASP A 75 5.67 -11.90 2.83
CA ASP A 75 5.09 -12.82 1.83
C ASP A 75 3.90 -13.54 2.46
N LYS A 76 3.97 -13.97 3.73
CA LYS A 76 2.80 -14.50 4.45
C LYS A 76 1.84 -13.39 4.87
N LEU A 77 2.07 -12.13 4.47
CA LEU A 77 1.19 -11.00 4.76
C LEU A 77 0.39 -10.66 3.52
N ARG A 78 1.03 -10.56 2.35
CA ARG A 78 0.35 -10.22 1.10
C ARG A 78 -0.80 -11.17 0.73
N LYS A 79 -0.88 -12.36 1.35
CA LYS A 79 -2.03 -13.25 1.24
C LYS A 79 -3.31 -12.64 1.82
N ASN A 80 -3.23 -11.57 2.62
CA ASN A 80 -4.32 -10.92 3.32
C ASN A 80 -4.17 -9.40 3.30
N ALA A 81 -3.29 -8.85 2.45
CA ALA A 81 -2.95 -7.44 2.40
C ALA A 81 -2.40 -7.07 1.03
N PHE A 82 -2.42 -5.79 0.69
CA PHE A 82 -1.99 -5.26 -0.61
C PHE A 82 -1.36 -3.89 -0.40
N ALA A 83 -0.60 -3.39 -1.36
CA ALA A 83 -0.19 -2.00 -1.42
C ALA A 83 0.19 -1.59 -2.83
N SER A 84 0.21 -0.28 -3.06
CA SER A 84 0.78 0.38 -4.21
C SER A 84 1.87 1.32 -3.71
N VAL A 85 3.09 0.79 -3.68
CA VAL A 85 4.31 1.53 -3.41
C VAL A 85 4.72 2.25 -4.71
N ILE A 86 5.31 3.44 -4.62
CA ILE A 86 5.83 4.16 -5.78
C ILE A 86 7.17 4.75 -5.33
N LEU A 87 8.18 4.64 -6.22
CA LEU A 87 9.55 5.12 -6.05
C LEU A 87 9.61 6.43 -6.82
N PHE A 88 9.77 7.52 -6.09
CA PHE A 88 9.75 8.84 -6.65
C PHE A 88 11.14 9.48 -6.61
N GLY A 89 11.26 10.65 -7.22
CA GLY A 89 12.41 11.54 -7.08
C GLY A 89 13.45 11.20 -8.13
N THR A 90 14.66 10.87 -7.72
CA THR A 90 15.78 10.34 -8.50
C THR A 90 16.98 10.30 -7.54
N ASN A 91 18.17 9.95 -8.05
CA ASN A 91 19.43 9.87 -7.30
C ASN A 91 19.61 11.03 -6.31
N ASN A 92 19.31 12.26 -6.73
CA ASN A 92 19.62 13.46 -5.96
C ASN A 92 18.73 13.63 -4.72
N SER A 93 17.59 12.95 -4.67
CA SER A 93 16.60 13.00 -3.61
C SER A 93 15.50 12.07 -4.09
N SER A 94 15.52 10.83 -3.65
CA SER A 94 14.41 9.94 -3.84
C SER A 94 13.40 10.16 -2.71
N SER A 95 12.27 9.49 -2.79
CA SER A 95 11.42 9.15 -1.67
C SER A 95 10.61 7.91 -2.09
N ILE A 96 10.02 7.23 -1.11
CA ILE A 96 8.99 6.24 -1.36
C ILE A 96 7.75 6.72 -0.61
N SER A 97 6.62 6.54 -1.26
CA SER A 97 5.31 6.65 -0.65
C SER A 97 4.39 5.62 -1.30
N GLY A 98 3.23 5.37 -0.68
CA GLY A 98 2.28 4.38 -1.14
C GLY A 98 1.10 4.26 -0.18
N VAL A 99 0.10 3.50 -0.60
CA VAL A 99 -1.06 3.18 0.22
C VAL A 99 -1.17 1.67 0.28
N TRP A 100 -1.41 1.16 1.49
CA TRP A 100 -1.42 -0.24 1.81
C TRP A 100 -2.79 -0.56 2.40
N VAL A 101 -3.09 -1.85 2.46
CA VAL A 101 -4.33 -2.40 2.97
C VAL A 101 -3.94 -3.61 3.80
N PHE A 102 -4.51 -3.74 5.00
CA PHE A 102 -4.25 -4.80 5.95
C PHE A 102 -5.61 -5.20 6.54
N ARG A 103 -5.82 -6.47 6.84
CA ARG A 103 -7.13 -6.99 7.21
C ARG A 103 -7.30 -7.07 8.73
N GLY A 104 -7.30 -5.95 9.42
CA GLY A 104 -7.59 -5.85 10.83
C GLY A 104 -7.62 -4.37 11.24
N GLN A 105 -7.88 -4.12 12.51
CA GLN A 105 -7.84 -2.77 13.09
C GLN A 105 -6.40 -2.24 13.16
N GLU A 106 -5.40 -3.12 13.04
CA GLU A 106 -3.97 -2.81 13.07
C GLU A 106 -3.35 -2.96 11.69
N LEU A 107 -2.08 -2.59 11.58
CA LEU A 107 -1.38 -2.52 10.32
C LEU A 107 -0.78 -3.87 9.92
N ALA A 108 -1.07 -4.93 10.67
CA ALA A 108 -0.64 -6.31 10.48
C ALA A 108 0.76 -6.56 11.00
N PHE A 109 1.69 -5.66 10.67
CA PHE A 109 3.04 -5.68 11.19
C PHE A 109 3.06 -5.86 12.72
N PRO A 110 2.31 -5.10 13.55
CA PRO A 110 2.24 -5.33 14.99
C PRO A 110 1.61 -6.67 15.38
N LEU A 111 0.78 -7.26 14.50
CA LEU A 111 0.12 -8.53 14.76
C LEU A 111 1.10 -9.71 14.73
N SER A 112 2.31 -9.53 14.16
CA SER A 112 3.35 -10.56 14.15
C SER A 112 4.75 -9.93 14.16
N PRO A 113 5.61 -10.22 15.17
CA PRO A 113 6.95 -9.64 15.27
C PRO A 113 7.86 -9.98 14.09
N ASP A 114 7.51 -11.00 13.31
CA ASP A 114 8.15 -11.35 12.05
C ASP A 114 8.30 -10.13 11.13
N TRP A 115 7.29 -9.26 11.09
CA TRP A 115 7.23 -8.17 10.13
C TRP A 115 7.65 -6.81 10.72
N GLN A 116 8.67 -6.80 11.57
CA GLN A 116 9.06 -5.64 12.37
C GLN A 116 10.58 -5.54 12.26
N VAL A 117 11.06 -5.53 11.03
CA VAL A 117 12.48 -5.49 10.72
C VAL A 117 12.85 -4.00 10.63
N ASP A 118 12.36 -3.30 9.60
CA ASP A 118 12.69 -1.89 9.36
C ASP A 118 11.48 -0.97 9.35
N TYR A 119 10.28 -1.52 9.56
CA TYR A 119 9.02 -0.78 9.49
C TYR A 119 8.95 0.51 10.33
N GLU A 120 9.82 0.68 11.34
CA GLU A 120 9.95 1.88 12.13
C GLU A 120 10.30 3.08 11.24
N SER A 121 11.18 2.86 10.26
CA SER A 121 11.69 3.90 9.36
C SER A 121 10.65 4.34 8.33
N TYR A 122 9.45 3.76 8.32
CA TYR A 122 8.34 4.14 7.45
C TYR A 122 7.19 4.64 8.33
N THR A 123 6.30 5.46 7.76
CA THR A 123 5.09 5.88 8.45
C THR A 123 4.00 4.85 8.19
N TRP A 124 3.01 4.76 9.08
CA TRP A 124 1.82 3.93 8.88
C TRP A 124 0.66 4.61 9.58
N ARG A 125 -0.25 5.23 8.84
CA ARG A 125 -1.40 5.90 9.43
C ARG A 125 -2.68 5.45 8.76
N LYS A 126 -3.66 4.99 9.56
CA LYS A 126 -5.00 4.69 9.08
C LYS A 126 -5.65 5.97 8.59
N LEU A 127 -6.65 5.80 7.74
CA LEU A 127 -7.33 6.90 7.10
C LEU A 127 -8.80 6.52 6.96
N ASP A 128 -9.67 7.52 6.88
CA ASP A 128 -11.11 7.27 6.73
C ASP A 128 -11.42 6.87 5.29
N PRO A 129 -12.10 5.75 5.02
CA PRO A 129 -12.59 5.44 3.67
C PRO A 129 -13.85 6.24 3.28
N GLY A 130 -14.18 7.29 4.01
CA GLY A 130 -15.07 8.36 3.59
C GLY A 130 -14.46 9.74 3.88
N SER A 131 -13.14 9.88 3.78
CA SER A 131 -12.50 11.19 3.82
C SER A 131 -12.72 11.94 2.48
N GLU A 132 -11.86 12.91 2.20
CA GLU A 132 -11.66 13.51 0.89
C GLU A 132 -10.23 13.22 0.42
N GLU A 133 -9.21 13.57 1.22
CA GLU A 133 -7.82 13.44 0.79
C GLU A 133 -7.52 11.97 0.49
N THR A 134 -7.77 11.08 1.45
CA THR A 134 -7.59 9.63 1.34
C THR A 134 -8.16 9.07 0.04
N GLN A 135 -9.34 9.50 -0.40
CA GLN A 135 -9.96 9.02 -1.62
C GLN A 135 -9.15 9.43 -2.85
N THR A 136 -8.55 10.63 -2.82
CA THR A 136 -7.68 11.19 -3.82
C THR A 136 -6.40 10.37 -3.78
N LEU A 137 -5.72 10.29 -2.62
CA LEU A 137 -4.50 9.50 -2.44
C LEU A 137 -4.69 8.11 -3.02
N VAL A 138 -5.74 7.39 -2.61
CA VAL A 138 -6.09 6.09 -3.15
C VAL A 138 -6.19 6.18 -4.67
N ARG A 139 -7.02 7.06 -5.23
CA ARG A 139 -7.11 7.22 -6.67
C ARG A 139 -5.71 7.31 -7.26
N GLU A 140 -4.85 8.17 -6.75
CA GLU A 140 -3.53 8.41 -7.33
C GLU A 140 -2.70 7.14 -7.28
N TYR A 141 -2.58 6.54 -6.11
CA TYR A 141 -1.79 5.35 -5.90
C TYR A 141 -2.36 4.15 -6.67
N PHE A 142 -3.61 4.20 -7.14
CA PHE A 142 -4.31 3.04 -7.69
C PHE A 142 -4.43 3.17 -9.20
N SER A 143 -4.48 4.41 -9.69
CA SER A 143 -4.66 4.72 -11.09
C SER A 143 -3.40 5.30 -11.71
N TRP A 144 -2.53 5.88 -10.87
CA TRP A 144 -1.27 6.52 -11.26
C TRP A 144 -1.49 7.74 -12.17
N GLU A 145 -2.72 8.29 -12.22
CA GLU A 145 -3.14 9.32 -13.19
C GLU A 145 -3.32 10.72 -12.58
N GLY A 146 -3.18 10.82 -11.26
CA GLY A 146 -3.69 11.95 -10.48
C GLY A 146 -2.86 13.21 -10.69
N ALA A 147 -1.93 13.44 -9.76
CA ALA A 147 -0.98 14.52 -9.74
C ALA A 147 0.26 14.10 -8.96
N PHE A 148 0.10 13.45 -7.79
CA PHE A 148 1.13 13.27 -6.76
C PHE A 148 1.73 14.62 -6.33
N GLN A 149 1.04 15.73 -6.55
CA GLN A 149 1.64 17.06 -6.45
C GLN A 149 2.08 17.43 -5.03
N HIS A 150 1.43 16.89 -3.98
CA HIS A 150 1.92 17.09 -2.61
C HIS A 150 3.26 16.37 -2.38
N VAL A 151 3.57 15.32 -3.13
CA VAL A 151 4.86 14.65 -3.08
C VAL A 151 5.89 15.62 -3.62
N GLY A 152 5.60 16.25 -4.77
CA GLY A 152 6.52 17.18 -5.41
C GLY A 152 7.68 16.48 -6.11
N LYS A 153 7.64 15.15 -6.21
CA LYS A 153 8.59 14.30 -6.91
C LYS A 153 7.86 13.63 -8.09
N ALA A 154 8.60 13.21 -9.12
CA ALA A 154 8.03 12.46 -10.24
C ALA A 154 7.78 11.01 -9.83
N PHE A 155 6.89 10.33 -10.56
CA PHE A 155 6.36 8.99 -10.28
C PHE A 155 7.35 7.84 -10.50
N ASN A 156 8.54 8.11 -11.02
CA ASN A 156 9.34 7.30 -11.94
C ASN A 156 8.99 5.81 -12.03
N GLN A 157 9.07 5.03 -10.95
CA GLN A 157 8.84 3.59 -10.96
C GLN A 157 7.74 3.25 -9.97
N GLY A 158 6.65 2.64 -10.43
CA GLY A 158 5.58 2.13 -9.57
C GLY A 158 5.81 0.65 -9.26
N LYS A 159 5.29 0.16 -8.14
CA LYS A 159 5.32 -1.27 -7.81
C LYS A 159 4.06 -1.63 -7.04
N ILE A 160 3.79 -2.92 -6.90
CA ILE A 160 2.59 -3.40 -6.26
C ILE A 160 2.96 -4.58 -5.35
N PHE A 161 2.39 -4.57 -4.14
CA PHE A 161 2.56 -5.58 -3.10
C PHE A 161 1.43 -6.59 -3.27
N LYS A 162 1.35 -7.20 -4.45
CA LYS A 162 0.35 -8.20 -4.77
C LYS A 162 0.98 -9.55 -4.63
N ALA A 1 -0.60 -17.52 15.93
CA ALA A 1 -0.07 -18.76 15.35
C ALA A 1 0.73 -18.46 14.08
N LYS A 2 0.20 -18.72 12.88
CA LYS A 2 0.93 -18.56 11.62
C LYS A 2 0.26 -17.43 10.85
N ASP A 3 -0.87 -17.70 10.18
CA ASP A 3 -1.73 -16.64 9.67
C ASP A 3 -2.32 -15.90 10.89
N PRO A 4 -2.06 -14.59 11.07
CA PRO A 4 -2.64 -13.84 12.17
C PRO A 4 -4.15 -13.67 11.93
N PHE A 5 -4.54 -13.39 10.69
CA PHE A 5 -5.94 -13.15 10.34
C PHE A 5 -6.65 -14.50 10.10
N ALA A 6 -6.31 -15.52 10.88
CA ALA A 6 -7.01 -16.79 10.91
C ALA A 6 -8.19 -16.71 11.88
N HIS A 7 -8.13 -15.78 12.83
CA HIS A 7 -9.14 -15.59 13.86
C HIS A 7 -10.35 -14.80 13.36
N LEU A 8 -10.21 -14.07 12.25
CA LEU A 8 -11.25 -13.17 11.76
C LEU A 8 -12.35 -13.92 11.02
N PRO A 9 -13.56 -13.34 10.92
CA PRO A 9 -14.64 -13.84 10.11
C PRO A 9 -14.39 -13.57 8.61
N LYS A 10 -15.36 -13.95 7.77
CA LYS A 10 -15.23 -14.04 6.31
C LYS A 10 -14.64 -12.80 5.66
N SER A 11 -14.03 -13.02 4.51
CA SER A 11 -13.67 -12.01 3.55
C SER A 11 -14.94 -11.67 2.77
N THR A 12 -15.69 -10.71 3.27
CA THR A 12 -16.83 -10.13 2.56
C THR A 12 -16.35 -9.39 1.31
N PHE A 13 -15.25 -8.64 1.43
CA PHE A 13 -14.57 -8.07 0.28
C PHE A 13 -13.74 -9.18 -0.39
N ALA A 14 -13.27 -8.91 -1.61
CA ALA A 14 -12.49 -9.86 -2.39
C ALA A 14 -11.20 -9.23 -2.87
N LEU A 15 -10.18 -9.33 -2.02
CA LEU A 15 -8.88 -8.76 -2.29
C LEU A 15 -8.27 -9.29 -3.59
N ASP A 16 -8.32 -10.61 -3.77
CA ASP A 16 -7.69 -11.28 -4.92
C ASP A 16 -8.39 -10.93 -6.22
N GLU A 17 -9.72 -10.74 -6.17
CA GLU A 17 -10.48 -10.35 -7.34
C GLU A 17 -10.13 -8.91 -7.69
N PHE A 18 -10.02 -8.05 -6.67
CA PHE A 18 -9.61 -6.66 -6.86
C PHE A 18 -8.21 -6.58 -7.46
N LYS A 19 -7.25 -7.42 -7.01
CA LYS A 19 -5.86 -7.25 -7.44
C LYS A 19 -5.67 -7.50 -8.94
N ARG A 20 -6.58 -8.24 -9.59
CA ARG A 20 -6.57 -8.42 -11.04
C ARG A 20 -6.99 -7.11 -11.68
N LYS A 21 -8.28 -6.75 -11.54
CA LYS A 21 -8.87 -5.62 -12.24
C LYS A 21 -8.07 -4.34 -12.07
N TYR A 22 -7.34 -4.24 -10.96
CA TYR A 22 -6.38 -3.22 -10.64
C TYR A 22 -5.53 -2.72 -11.84
N SER A 23 -4.87 -3.62 -12.57
CA SER A 23 -4.23 -3.25 -13.84
C SER A 23 -4.77 -4.07 -15.00
N ASN A 24 -5.61 -5.07 -14.74
CA ASN A 24 -6.17 -5.86 -15.80
C ASN A 24 -7.35 -5.11 -16.42
N GLU A 25 -7.87 -4.06 -15.77
CA GLU A 25 -8.97 -3.23 -16.25
C GLU A 25 -8.70 -1.75 -15.92
N ASP A 26 -9.59 -0.88 -16.40
CA ASP A 26 -9.58 0.58 -16.32
C ASP A 26 -9.79 1.10 -14.90
N THR A 27 -8.91 0.79 -13.97
CA THR A 27 -9.08 1.03 -12.54
C THR A 27 -9.85 2.29 -12.20
N LEU A 28 -9.52 3.44 -12.80
CA LEU A 28 -10.21 4.72 -12.65
C LEU A 28 -11.73 4.55 -12.60
N SER A 29 -12.32 3.79 -13.52
CA SER A 29 -13.74 3.50 -13.59
C SER A 29 -14.09 2.00 -13.56
N VAL A 30 -13.19 1.14 -13.12
CA VAL A 30 -13.39 -0.31 -13.01
C VAL A 30 -13.20 -0.70 -11.56
N ALA A 31 -11.97 -0.58 -11.08
CA ALA A 31 -11.58 -1.07 -9.79
C ALA A 31 -12.01 -0.08 -8.71
N LEU A 32 -11.80 1.21 -8.96
CA LEU A 32 -12.17 2.33 -8.11
C LEU A 32 -13.63 2.33 -7.71
N PRO A 33 -14.60 2.32 -8.63
CA PRO A 33 -16.01 2.28 -8.26
C PRO A 33 -16.31 1.03 -7.45
N TYR A 34 -15.91 -0.14 -7.95
CA TYR A 34 -16.10 -1.43 -7.31
C TYR A 34 -15.52 -1.43 -5.89
N PHE A 35 -14.40 -0.74 -5.68
CA PHE A 35 -13.74 -0.67 -4.40
C PHE A 35 -14.51 0.25 -3.45
N TRP A 36 -14.89 1.45 -3.90
CA TRP A 36 -15.50 2.44 -3.02
C TRP A 36 -16.98 2.15 -2.73
N GLU A 37 -17.51 1.08 -3.32
CA GLU A 37 -18.90 0.69 -3.23
C GLU A 37 -19.21 0.07 -1.86
N HIS A 38 -18.64 -1.11 -1.57
CA HIS A 38 -19.06 -1.97 -0.47
C HIS A 38 -17.88 -2.33 0.45
N PHE A 39 -16.75 -1.61 0.33
CA PHE A 39 -15.39 -1.91 0.74
C PHE A 39 -15.30 -3.01 1.80
N ASP A 40 -15.14 -2.63 3.07
CA ASP A 40 -15.11 -3.44 4.30
C ASP A 40 -14.49 -2.60 5.42
N LYS A 41 -15.05 -1.41 5.63
CA LYS A 41 -14.57 -0.43 6.60
C LYS A 41 -14.76 -0.86 8.06
N ASP A 42 -15.45 -1.98 8.28
CA ASP A 42 -15.46 -2.68 9.56
C ASP A 42 -14.13 -3.37 9.89
N GLY A 43 -13.38 -3.79 8.87
CA GLY A 43 -12.40 -4.86 8.99
C GLY A 43 -11.10 -4.57 8.27
N TRP A 44 -11.15 -4.43 6.94
CA TRP A 44 -10.01 -4.00 6.16
C TRP A 44 -9.68 -2.53 6.50
N SER A 45 -8.40 -2.14 6.40
CA SER A 45 -8.01 -0.76 6.72
C SER A 45 -6.96 -0.28 5.74
N LEU A 46 -6.90 1.03 5.49
CA LEU A 46 -5.96 1.68 4.60
C LEU A 46 -4.88 2.34 5.43
N TRP A 47 -3.63 2.21 4.99
CA TRP A 47 -2.45 2.69 5.69
C TRP A 47 -1.52 3.38 4.71
N TYR A 48 -1.49 4.70 4.73
CA TYR A 48 -0.52 5.49 3.97
C TYR A 48 0.85 5.37 4.66
N SER A 49 1.90 5.30 3.85
CA SER A 49 3.29 5.31 4.24
C SER A 49 4.06 6.18 3.24
N GLU A 50 5.10 6.86 3.74
CA GLU A 50 5.95 7.80 3.01
C GLU A 50 7.39 7.69 3.54
N TYR A 51 7.86 6.46 3.83
CA TYR A 51 9.27 6.17 4.12
C TYR A 51 9.92 7.23 5.01
N ARG A 52 9.39 7.36 6.24
CA ARG A 52 9.74 8.33 7.28
C ARG A 52 11.20 8.78 7.37
N PHE A 53 12.15 7.96 6.91
CA PHE A 53 13.55 8.32 6.69
C PHE A 53 13.89 8.31 5.19
N PRO A 54 13.41 9.26 4.36
CA PRO A 54 13.78 9.30 2.95
C PRO A 54 15.29 9.58 2.77
N GLU A 55 15.98 10.06 3.82
CA GLU A 55 17.43 10.20 3.83
C GLU A 55 18.11 8.87 3.53
N GLU A 56 17.54 7.76 4.01
CA GLU A 56 18.19 6.47 4.01
C GLU A 56 18.06 5.82 2.62
N LEU A 57 17.27 6.43 1.73
CA LEU A 57 17.16 6.03 0.34
C LEU A 57 18.37 6.54 -0.43
N THR A 58 19.08 5.63 -1.11
CA THR A 58 20.06 5.97 -2.13
C THR A 58 19.83 5.06 -3.35
N GLN A 59 20.05 5.58 -4.56
CA GLN A 59 19.86 4.95 -5.88
C GLN A 59 18.44 4.48 -6.20
N THR A 60 17.94 4.91 -7.36
CA THR A 60 16.65 4.52 -7.93
C THR A 60 16.48 3.00 -8.02
N PHE A 61 17.51 2.31 -8.51
CA PHE A 61 17.47 0.87 -8.72
C PHE A 61 17.44 0.11 -7.40
N MET A 62 17.88 0.75 -6.31
CA MET A 62 17.98 0.14 -5.01
C MET A 62 16.66 0.39 -4.32
N SER A 63 16.03 1.54 -4.54
CA SER A 63 14.77 1.85 -3.88
C SER A 63 13.71 0.85 -4.33
N CYS A 64 13.62 0.68 -5.65
CA CYS A 64 12.71 -0.22 -6.36
C CYS A 64 13.14 -1.70 -6.16
N ASN A 65 14.10 -1.98 -5.29
CA ASN A 65 14.57 -3.30 -4.89
C ASN A 65 14.33 -3.48 -3.38
N LEU A 66 14.64 -2.47 -2.56
CA LEU A 66 14.49 -2.40 -1.11
C LEU A 66 13.04 -2.63 -0.71
N ILE A 67 12.13 -1.91 -1.38
CA ILE A 67 10.70 -2.09 -1.22
C ILE A 67 10.38 -3.58 -1.28
N THR A 68 10.89 -4.21 -2.34
CA THR A 68 10.63 -5.61 -2.62
C THR A 68 11.35 -6.51 -1.62
N GLY A 69 12.53 -6.15 -1.15
CA GLY A 69 13.26 -6.91 -0.15
C GLY A 69 12.47 -7.01 1.16
N MET A 70 11.66 -5.99 1.44
CA MET A 70 10.70 -5.99 2.52
C MET A 70 9.50 -6.85 2.08
N PHE A 71 8.95 -6.64 0.87
CA PHE A 71 7.79 -7.39 0.36
C PHE A 71 7.97 -8.90 0.49
N GLN A 72 9.17 -9.43 0.18
CA GLN A 72 9.37 -10.87 0.17
C GLN A 72 9.37 -11.44 1.60
N ARG A 73 9.69 -10.63 2.61
CA ARG A 73 9.47 -10.98 4.02
C ARG A 73 7.95 -11.10 4.22
N LEU A 74 7.22 -10.08 3.77
CA LEU A 74 5.78 -9.97 3.94
C LEU A 74 5.04 -10.82 2.90
N ASP A 75 5.55 -12.01 2.58
CA ASP A 75 4.93 -12.93 1.62
C ASP A 75 3.80 -13.67 2.32
N LYS A 76 4.11 -14.13 3.53
CA LYS A 76 3.13 -14.65 4.48
C LYS A 76 2.14 -13.57 4.96
N LEU A 77 2.14 -12.36 4.37
CA LEU A 77 1.21 -11.27 4.65
C LEU A 77 0.40 -10.95 3.39
N ARG A 78 1.02 -10.85 2.21
CA ARG A 78 0.32 -10.44 0.98
C ARG A 78 -0.88 -11.31 0.61
N LYS A 79 -0.98 -12.53 1.15
CA LYS A 79 -2.15 -13.38 1.03
C LYS A 79 -3.42 -12.71 1.56
N ASN A 80 -3.32 -11.71 2.45
CA ASN A 80 -4.40 -11.01 3.11
C ASN A 80 -4.01 -9.55 3.35
N ALA A 81 -3.32 -8.95 2.37
CA ALA A 81 -2.98 -7.53 2.37
C ALA A 81 -2.45 -7.13 1.00
N PHE A 82 -2.45 -5.84 0.69
CA PHE A 82 -1.97 -5.31 -0.60
C PHE A 82 -1.40 -3.92 -0.42
N ALA A 83 -0.57 -3.46 -1.35
CA ALA A 83 -0.17 -2.06 -1.41
C ALA A 83 0.20 -1.65 -2.84
N SER A 84 0.26 -0.35 -3.07
CA SER A 84 0.82 0.27 -4.26
C SER A 84 1.88 1.23 -3.73
N VAL A 85 3.16 0.91 -3.99
CA VAL A 85 4.32 1.52 -3.38
C VAL A 85 5.17 2.03 -4.54
N ILE A 86 5.40 3.33 -4.59
CA ILE A 86 5.91 4.01 -5.76
C ILE A 86 7.17 4.73 -5.30
N LEU A 87 8.24 4.56 -6.07
CA LEU A 87 9.47 5.31 -5.94
C LEU A 87 9.20 6.64 -6.63
N PHE A 88 9.53 7.74 -5.94
CA PHE A 88 9.60 9.06 -6.54
C PHE A 88 10.94 9.71 -6.16
N GLY A 89 11.20 10.88 -6.73
CA GLY A 89 12.45 11.61 -6.50
C GLY A 89 13.52 11.00 -7.38
N THR A 90 14.76 10.92 -6.93
CA THR A 90 15.87 10.36 -7.70
C THR A 90 17.03 10.07 -6.72
N ASN A 91 18.19 9.67 -7.25
CA ASN A 91 19.43 9.39 -6.53
C ASN A 91 19.83 10.55 -5.59
N ASN A 92 19.55 11.79 -5.99
CA ASN A 92 19.78 12.98 -5.16
C ASN A 92 19.00 12.86 -3.86
N SER A 93 17.67 12.80 -3.94
CA SER A 93 16.76 12.70 -2.82
C SER A 93 15.49 12.00 -3.29
N SER A 94 15.30 10.75 -2.88
CA SER A 94 14.10 9.98 -3.12
C SER A 94 13.16 10.16 -1.95
N SER A 95 11.93 9.72 -2.14
CA SER A 95 10.95 9.45 -1.10
C SER A 95 10.09 8.32 -1.67
N ILE A 96 10.07 7.14 -1.04
CA ILE A 96 9.13 6.07 -1.42
C ILE A 96 7.83 6.34 -0.67
N SER A 97 6.71 6.32 -1.37
CA SER A 97 5.40 6.52 -0.77
C SER A 97 4.40 5.52 -1.34
N GLY A 98 3.15 5.59 -0.91
CA GLY A 98 2.12 4.63 -1.28
C GLY A 98 1.13 4.39 -0.14
N VAL A 99 0.17 3.52 -0.40
CA VAL A 99 -0.86 3.12 0.55
C VAL A 99 -0.91 1.59 0.54
N TRP A 100 -1.22 1.03 1.71
CA TRP A 100 -1.24 -0.39 1.98
C TRP A 100 -2.58 -0.72 2.62
N VAL A 101 -2.91 -2.00 2.65
CA VAL A 101 -4.19 -2.53 3.09
C VAL A 101 -3.89 -3.78 3.89
N PHE A 102 -4.55 -3.96 5.03
CA PHE A 102 -4.21 -4.95 6.03
C PHE A 102 -5.54 -5.30 6.70
N ARG A 103 -5.81 -6.57 6.97
CA ARG A 103 -7.10 -6.97 7.49
C ARG A 103 -7.16 -6.81 9.03
N GLY A 104 -7.46 -5.63 9.54
CA GLY A 104 -7.73 -5.41 10.95
C GLY A 104 -7.58 -3.96 11.36
N GLN A 105 -7.79 -3.71 12.66
CA GLN A 105 -7.56 -2.39 13.25
C GLN A 105 -6.07 -2.01 13.26
N GLU A 106 -5.15 -2.97 13.15
CA GLU A 106 -3.72 -2.75 13.14
C GLU A 106 -3.18 -2.87 11.71
N LEU A 107 -1.88 -2.61 11.53
CA LEU A 107 -1.25 -2.57 10.21
C LEU A 107 -0.62 -3.91 9.82
N ALA A 108 -0.90 -4.98 10.56
CA ALA A 108 -0.42 -6.35 10.35
C ALA A 108 1.02 -6.57 10.79
N PHE A 109 1.94 -5.69 10.40
CA PHE A 109 3.30 -5.61 10.91
C PHE A 109 3.36 -5.80 12.45
N PRO A 110 2.57 -5.07 13.27
CA PRO A 110 2.57 -5.22 14.72
C PRO A 110 1.90 -6.49 15.22
N LEU A 111 1.21 -7.22 14.33
CA LEU A 111 0.56 -8.46 14.70
C LEU A 111 1.54 -9.62 14.68
N SER A 112 2.66 -9.49 13.97
CA SER A 112 3.66 -10.53 13.86
C SER A 112 5.06 -9.91 13.86
N PRO A 113 5.91 -10.20 14.86
CA PRO A 113 7.22 -9.56 15.00
C PRO A 113 8.21 -10.01 13.92
N ASP A 114 7.81 -10.95 13.04
CA ASP A 114 8.53 -11.30 11.84
C ASP A 114 8.54 -10.15 10.84
N TRP A 115 7.56 -9.24 10.86
CA TRP A 115 7.47 -8.13 9.91
C TRP A 115 7.82 -6.77 10.53
N GLN A 116 8.83 -6.69 11.38
CA GLN A 116 9.19 -5.48 12.14
C GLN A 116 10.68 -5.16 11.93
N VAL A 117 11.15 -5.48 10.72
CA VAL A 117 12.54 -5.46 10.28
C VAL A 117 12.96 -4.00 10.05
N ASP A 118 12.81 -3.47 8.84
CA ASP A 118 13.22 -2.10 8.50
C ASP A 118 12.03 -1.15 8.67
N TYR A 119 10.83 -1.67 8.98
CA TYR A 119 9.60 -0.91 8.98
C TYR A 119 9.60 0.37 9.83
N GLU A 120 10.52 0.50 10.81
CA GLU A 120 10.60 1.68 11.66
C GLU A 120 11.16 2.88 10.89
N SER A 121 11.82 2.67 9.74
CA SER A 121 12.16 3.76 8.80
C SER A 121 10.93 4.26 8.03
N TYR A 122 9.80 3.57 8.10
CA TYR A 122 8.56 3.91 7.40
C TYR A 122 7.57 4.53 8.41
N THR A 123 6.44 5.01 7.92
CA THR A 123 5.37 5.59 8.71
C THR A 123 4.08 4.93 8.27
N TRP A 124 3.13 4.75 9.18
CA TRP A 124 1.95 3.94 8.92
C TRP A 124 0.78 4.61 9.62
N ARG A 125 -0.24 5.08 8.90
CA ARG A 125 -1.37 5.77 9.53
C ARG A 125 -2.68 5.34 8.87
N LYS A 126 -3.63 4.83 9.67
CA LYS A 126 -4.97 4.50 9.22
C LYS A 126 -5.62 5.71 8.61
N LEU A 127 -6.35 5.53 7.50
CA LEU A 127 -7.04 6.63 6.83
C LEU A 127 -8.53 6.35 6.79
N ASP A 128 -9.34 7.36 6.49
CA ASP A 128 -10.80 7.25 6.55
C ASP A 128 -11.32 6.93 5.14
N PRO A 129 -12.07 5.85 4.92
CA PRO A 129 -12.61 5.52 3.62
C PRO A 129 -13.73 6.47 3.18
N GLY A 130 -14.10 7.46 3.99
CA GLY A 130 -14.93 8.59 3.60
C GLY A 130 -14.26 9.91 3.94
N SER A 131 -12.92 9.97 3.90
CA SER A 131 -12.23 11.26 3.92
C SER A 131 -12.42 12.00 2.58
N GLU A 132 -11.70 13.10 2.38
CA GLU A 132 -11.47 13.72 1.08
C GLU A 132 -10.12 13.28 0.53
N GLU A 133 -9.04 13.54 1.28
CA GLU A 133 -7.70 13.37 0.75
C GLU A 133 -7.50 11.90 0.43
N THR A 134 -7.80 11.01 1.38
CA THR A 134 -7.65 9.57 1.24
C THR A 134 -8.22 9.05 -0.08
N GLN A 135 -9.42 9.47 -0.47
CA GLN A 135 -10.04 9.14 -1.76
C GLN A 135 -9.08 9.45 -2.92
N THR A 136 -8.48 10.64 -2.89
CA THR A 136 -7.58 11.15 -3.89
C THR A 136 -6.29 10.35 -3.79
N LEU A 137 -5.63 10.31 -2.62
CA LEU A 137 -4.38 9.59 -2.41
C LEU A 137 -4.48 8.20 -3.01
N VAL A 138 -5.48 7.44 -2.60
CA VAL A 138 -5.82 6.15 -3.17
C VAL A 138 -5.91 6.26 -4.68
N ARG A 139 -6.84 7.05 -5.21
CA ARG A 139 -7.05 7.17 -6.63
C ARG A 139 -5.74 7.40 -7.35
N GLU A 140 -4.86 8.27 -6.88
CA GLU A 140 -3.58 8.56 -7.50
C GLU A 140 -2.65 7.37 -7.39
N TYR A 141 -2.42 6.87 -6.19
CA TYR A 141 -1.52 5.77 -5.93
C TYR A 141 -2.01 4.46 -6.59
N PHE A 142 -3.28 4.38 -7.04
CA PHE A 142 -3.90 3.18 -7.58
C PHE A 142 -3.90 3.36 -9.07
N SER A 143 -4.40 4.49 -9.55
CA SER A 143 -4.54 4.71 -10.98
C SER A 143 -3.19 5.03 -11.61
N TRP A 144 -2.33 5.73 -10.84
CA TRP A 144 -1.11 6.35 -11.33
C TRP A 144 -1.38 7.52 -12.29
N GLU A 145 -2.65 7.95 -12.40
CA GLU A 145 -3.15 8.91 -13.41
C GLU A 145 -3.81 10.10 -12.73
N GLY A 146 -3.51 10.28 -11.45
CA GLY A 146 -3.78 11.49 -10.69
C GLY A 146 -2.89 12.64 -11.13
N ALA A 147 -2.30 13.34 -10.18
CA ALA A 147 -1.28 14.36 -10.35
C ALA A 147 -0.13 14.20 -9.35
N PHE A 148 -0.35 13.56 -8.18
CA PHE A 148 0.63 13.46 -7.09
C PHE A 148 1.13 14.84 -6.66
N GLN A 149 0.27 15.85 -6.71
CA GLN A 149 0.66 17.21 -6.35
C GLN A 149 0.98 17.34 -4.85
N HIS A 150 0.44 16.45 -4.00
CA HIS A 150 0.83 16.34 -2.59
C HIS A 150 2.27 15.87 -2.41
N VAL A 151 2.96 15.51 -3.50
CA VAL A 151 4.30 14.98 -3.57
C VAL A 151 5.17 15.95 -4.35
N GLY A 152 4.73 16.33 -5.56
CA GLY A 152 5.49 17.11 -6.52
C GLY A 152 6.76 16.42 -7.03
N LYS A 153 7.10 15.22 -6.55
CA LYS A 153 8.15 14.39 -7.13
C LYS A 153 7.51 13.71 -8.36
N ALA A 154 8.30 13.20 -9.30
CA ALA A 154 7.77 12.49 -10.47
C ALA A 154 7.50 11.02 -10.14
N PHE A 155 6.56 10.41 -10.87
CA PHE A 155 6.06 9.02 -10.74
C PHE A 155 7.10 7.92 -10.93
N ASN A 156 8.34 8.26 -11.32
CA ASN A 156 9.29 7.45 -12.09
C ASN A 156 9.05 5.95 -12.14
N GLN A 157 8.98 5.22 -11.01
CA GLN A 157 8.81 3.78 -10.99
C GLN A 157 7.77 3.39 -9.93
N GLY A 158 6.64 2.84 -10.38
CA GLY A 158 5.63 2.28 -9.48
C GLY A 158 5.93 0.80 -9.23
N LYS A 159 5.55 0.28 -8.06
CA LYS A 159 5.56 -1.13 -7.72
C LYS A 159 4.28 -1.48 -6.95
N ILE A 160 3.99 -2.77 -6.82
CA ILE A 160 2.78 -3.29 -6.19
C ILE A 160 3.19 -4.37 -5.20
N PHE A 161 2.45 -4.49 -4.09
CA PHE A 161 2.55 -5.51 -3.09
C PHE A 161 1.32 -6.37 -3.27
N LYS A 162 1.41 -7.34 -4.17
CA LYS A 162 0.50 -8.45 -4.30
C LYS A 162 1.28 -9.72 -4.02
N ALA A 1 1.38 -22.25 8.35
CA ALA A 1 1.75 -20.83 8.45
C ALA A 1 1.17 -20.25 9.73
N LYS A 2 1.73 -19.13 10.21
CA LYS A 2 1.17 -18.38 11.32
C LYS A 2 0.45 -17.17 10.75
N ASP A 3 -0.87 -17.10 10.91
CA ASP A 3 -1.71 -16.01 10.44
C ASP A 3 -2.24 -15.25 11.66
N PRO A 4 -2.16 -13.91 11.72
CA PRO A 4 -2.87 -13.10 12.72
C PRO A 4 -4.33 -12.88 12.32
N PHE A 5 -4.62 -13.04 11.03
CA PHE A 5 -5.95 -12.89 10.47
C PHE A 5 -6.55 -14.29 10.29
N ALA A 6 -6.30 -15.20 11.24
CA ALA A 6 -6.94 -16.51 11.23
C ALA A 6 -8.29 -16.43 11.91
N HIS A 7 -8.32 -15.86 13.12
CA HIS A 7 -9.48 -15.81 14.01
C HIS A 7 -10.65 -15.02 13.41
N LEU A 8 -10.37 -14.10 12.48
CA LEU A 8 -11.39 -13.30 11.83
C LEU A 8 -12.36 -14.22 11.09
N PRO A 9 -13.61 -13.78 10.88
CA PRO A 9 -14.62 -14.52 10.16
C PRO A 9 -14.28 -14.50 8.66
N LYS A 10 -15.27 -14.69 7.78
CA LYS A 10 -15.05 -14.61 6.34
C LYS A 10 -14.49 -13.24 5.97
N SER A 11 -13.80 -13.13 4.84
CA SER A 11 -13.71 -11.87 4.15
C SER A 11 -15.00 -11.68 3.37
N THR A 12 -15.67 -10.55 3.53
CA THR A 12 -16.68 -10.14 2.56
C THR A 12 -15.92 -9.74 1.31
N PHE A 13 -14.98 -8.80 1.44
CA PHE A 13 -14.33 -8.17 0.31
C PHE A 13 -13.30 -9.11 -0.26
N ALA A 14 -13.34 -9.25 -1.57
CA ALA A 14 -12.50 -10.14 -2.35
C ALA A 14 -11.26 -9.39 -2.82
N LEU A 15 -10.22 -9.45 -2.00
CA LEU A 15 -8.93 -8.91 -2.33
C LEU A 15 -8.39 -9.52 -3.62
N ASP A 16 -8.52 -10.84 -3.76
CA ASP A 16 -7.91 -11.55 -4.87
C ASP A 16 -8.70 -11.37 -6.17
N GLU A 17 -9.93 -10.83 -6.10
CA GLU A 17 -10.66 -10.37 -7.27
C GLU A 17 -10.23 -8.95 -7.59
N PHE A 18 -10.18 -8.06 -6.58
CA PHE A 18 -9.74 -6.69 -6.74
C PHE A 18 -8.36 -6.66 -7.44
N LYS A 19 -7.43 -7.54 -7.03
CA LYS A 19 -6.07 -7.56 -7.54
C LYS A 19 -6.02 -7.78 -9.05
N ARG A 20 -7.01 -8.45 -9.64
CA ARG A 20 -7.08 -8.70 -11.08
C ARG A 20 -7.42 -7.38 -11.74
N LYS A 21 -8.68 -6.95 -11.62
CA LYS A 21 -9.23 -5.77 -12.29
C LYS A 21 -8.35 -4.53 -12.10
N TYR A 22 -7.59 -4.48 -11.00
CA TYR A 22 -6.60 -3.45 -10.70
C TYR A 22 -5.73 -3.05 -11.91
N SER A 23 -5.14 -4.01 -12.61
CA SER A 23 -4.38 -3.74 -13.83
C SER A 23 -4.96 -4.48 -15.02
N ASN A 24 -5.88 -5.42 -14.77
CA ASN A 24 -6.52 -6.15 -15.85
C ASN A 24 -7.54 -5.23 -16.53
N GLU A 25 -8.07 -4.24 -15.81
CA GLU A 25 -9.07 -3.31 -16.30
C GLU A 25 -8.73 -1.86 -15.93
N ASP A 26 -9.64 -0.97 -16.34
CA ASP A 26 -9.58 0.49 -16.29
C ASP A 26 -9.82 1.01 -14.89
N THR A 27 -8.96 0.65 -13.94
CA THR A 27 -9.10 0.91 -12.51
C THR A 27 -9.87 2.18 -12.18
N LEU A 28 -9.51 3.31 -12.78
CA LEU A 28 -10.19 4.60 -12.66
C LEU A 28 -11.70 4.46 -12.54
N SER A 29 -12.36 3.73 -13.45
CA SER A 29 -13.78 3.43 -13.37
C SER A 29 -14.10 1.93 -13.34
N VAL A 30 -13.15 1.09 -12.93
CA VAL A 30 -13.36 -0.34 -12.80
C VAL A 30 -13.12 -0.77 -11.36
N ALA A 31 -11.86 -0.74 -10.92
CA ALA A 31 -11.48 -1.20 -9.60
C ALA A 31 -11.89 -0.17 -8.55
N LEU A 32 -11.72 1.11 -8.86
CA LEU A 32 -12.04 2.23 -8.02
C LEU A 32 -13.50 2.29 -7.59
N PRO A 33 -14.47 2.32 -8.51
CA PRO A 33 -15.87 2.34 -8.14
C PRO A 33 -16.18 1.15 -7.27
N TYR A 34 -15.81 -0.05 -7.73
CA TYR A 34 -16.02 -1.33 -7.08
C TYR A 34 -15.50 -1.29 -5.64
N PHE A 35 -14.31 -0.71 -5.44
CA PHE A 35 -13.71 -0.62 -4.13
C PHE A 35 -14.49 0.37 -3.28
N TRP A 36 -14.82 1.55 -3.81
CA TRP A 36 -15.53 2.60 -3.05
C TRP A 36 -17.03 2.33 -2.87
N GLU A 37 -17.52 1.21 -3.40
CA GLU A 37 -18.92 0.82 -3.36
C GLU A 37 -19.12 -0.08 -2.16
N HIS A 38 -18.25 -1.09 -2.04
CA HIS A 38 -18.35 -2.18 -1.10
C HIS A 38 -16.92 -2.54 -0.72
N PHE A 39 -16.28 -1.64 0.05
CA PHE A 39 -14.98 -1.95 0.62
C PHE A 39 -15.15 -2.98 1.76
N ASP A 40 -15.06 -2.59 3.04
CA ASP A 40 -15.20 -3.41 4.26
C ASP A 40 -14.51 -2.62 5.38
N LYS A 41 -14.98 -1.39 5.60
CA LYS A 41 -14.50 -0.52 6.68
C LYS A 41 -14.80 -1.10 8.08
N ASP A 42 -15.54 -2.21 8.12
CA ASP A 42 -15.56 -3.25 9.12
C ASP A 42 -14.16 -3.62 9.66
N GLY A 43 -13.14 -3.66 8.81
CA GLY A 43 -11.85 -4.19 9.21
C GLY A 43 -10.75 -4.05 8.17
N TRP A 44 -11.00 -4.31 6.87
CA TRP A 44 -10.09 -3.88 5.83
C TRP A 44 -9.85 -2.39 6.03
N SER A 45 -8.58 -2.00 6.05
CA SER A 45 -8.20 -0.70 6.52
C SER A 45 -7.00 -0.20 5.73
N LEU A 46 -7.02 1.08 5.38
CA LEU A 46 -6.05 1.77 4.53
C LEU A 46 -5.05 2.46 5.43
N TRP A 47 -3.77 2.41 5.04
CA TRP A 47 -2.64 2.87 5.84
C TRP A 47 -1.65 3.61 4.96
N TYR A 48 -1.45 4.91 5.19
CA TYR A 48 -0.48 5.72 4.46
C TYR A 48 0.91 5.56 5.10
N SER A 49 1.90 5.28 4.26
CA SER A 49 3.33 5.37 4.51
C SER A 49 3.91 6.39 3.54
N GLU A 50 4.93 7.12 3.98
CA GLU A 50 5.75 8.02 3.19
C GLU A 50 7.16 7.96 3.78
N TYR A 51 7.68 6.74 4.00
CA TYR A 51 9.09 6.46 4.24
C TYR A 51 9.84 7.53 5.02
N ARG A 52 9.45 7.73 6.28
CA ARG A 52 9.97 8.74 7.21
C ARG A 52 11.48 8.98 7.10
N PHE A 53 12.26 7.99 6.68
CA PHE A 53 13.68 8.08 6.36
C PHE A 53 13.92 7.96 4.84
N PRO A 54 13.57 8.99 4.04
CA PRO A 54 13.82 8.95 2.61
C PRO A 54 15.30 9.21 2.30
N GLU A 55 16.05 9.76 3.27
CA GLU A 55 17.49 10.01 3.20
C GLU A 55 18.28 8.74 2.97
N GLU A 56 17.69 7.59 3.31
CA GLU A 56 18.29 6.28 3.17
C GLU A 56 18.57 5.98 1.69
N LEU A 57 17.71 6.52 0.81
CA LEU A 57 17.71 6.30 -0.62
C LEU A 57 18.88 7.03 -1.25
N THR A 58 19.60 6.37 -2.16
CA THR A 58 20.74 6.96 -2.83
C THR A 58 20.91 6.32 -4.22
N GLN A 59 19.80 6.04 -4.90
CA GLN A 59 19.76 5.45 -6.23
C GLN A 59 18.28 5.39 -6.63
N THR A 60 18.02 5.38 -7.93
CA THR A 60 16.79 4.84 -8.49
C THR A 60 16.82 3.31 -8.35
N PHE A 61 17.75 2.65 -9.04
CA PHE A 61 17.80 1.20 -9.26
C PHE A 61 18.07 0.35 -8.01
N MET A 62 18.23 0.94 -6.82
CA MET A 62 18.23 0.15 -5.58
C MET A 62 16.86 0.20 -4.91
N SER A 63 16.08 1.25 -5.11
CA SER A 63 14.94 1.56 -4.28
C SER A 63 13.80 0.56 -4.48
N CYS A 64 13.56 0.12 -5.73
CA CYS A 64 12.56 -0.91 -6.01
C CYS A 64 12.99 -2.23 -5.33
N ASN A 65 14.29 -2.52 -5.29
CA ASN A 65 14.85 -3.72 -4.67
C ASN A 65 14.76 -3.64 -3.15
N LEU A 66 14.92 -2.45 -2.57
CA LEU A 66 14.74 -2.14 -1.16
C LEU A 66 13.31 -2.49 -0.77
N ILE A 67 12.33 -1.84 -1.41
CA ILE A 67 10.89 -2.04 -1.18
C ILE A 67 10.57 -3.52 -1.25
N THR A 68 10.87 -4.12 -2.40
CA THR A 68 10.49 -5.50 -2.67
C THR A 68 11.17 -6.45 -1.69
N GLY A 69 12.34 -6.08 -1.17
CA GLY A 69 13.04 -6.80 -0.13
C GLY A 69 12.21 -6.99 1.13
N MET A 70 11.33 -6.04 1.47
CA MET A 70 10.40 -6.15 2.58
C MET A 70 9.30 -7.15 2.20
N PHE A 71 8.80 -7.08 0.97
CA PHE A 71 7.64 -7.84 0.51
C PHE A 71 7.90 -9.33 0.62
N GLN A 72 9.16 -9.74 0.41
CA GLN A 72 9.58 -11.13 0.59
C GLN A 72 9.35 -11.60 2.04
N ARG A 73 9.57 -10.70 3.00
CA ARG A 73 9.45 -10.95 4.44
C ARG A 73 7.97 -10.94 4.81
N LEU A 74 7.19 -10.07 4.18
CA LEU A 74 5.76 -9.89 4.39
C LEU A 74 4.96 -10.83 3.47
N ASP A 75 5.45 -12.06 3.28
CA ASP A 75 4.90 -13.03 2.33
C ASP A 75 3.64 -13.61 2.94
N LYS A 76 3.80 -14.13 4.16
CA LYS A 76 2.75 -14.55 5.08
C LYS A 76 1.74 -13.45 5.42
N LEU A 77 1.83 -12.25 4.84
CA LEU A 77 0.93 -11.12 5.06
C LEU A 77 0.17 -10.80 3.79
N ARG A 78 0.84 -10.63 2.65
CA ARG A 78 0.20 -10.19 1.40
C ARG A 78 -0.88 -11.12 0.87
N LYS A 79 -1.01 -12.33 1.41
CA LYS A 79 -2.20 -13.17 1.23
C LYS A 79 -3.50 -12.44 1.62
N ASN A 80 -3.44 -11.52 2.59
CA ASN A 80 -4.55 -10.88 3.26
C ASN A 80 -4.24 -9.38 3.44
N ALA A 81 -3.46 -8.79 2.52
CA ALA A 81 -3.08 -7.38 2.56
C ALA A 81 -2.46 -6.98 1.21
N PHE A 82 -2.38 -5.68 0.94
CA PHE A 82 -1.92 -5.14 -0.34
C PHE A 82 -1.27 -3.77 -0.18
N ALA A 83 -0.50 -3.29 -1.16
CA ALA A 83 -0.02 -1.92 -1.26
C ALA A 83 0.46 -1.59 -2.68
N SER A 84 0.72 -0.30 -2.93
CA SER A 84 1.13 0.24 -4.23
C SER A 84 2.33 1.18 -4.03
N VAL A 85 3.43 0.63 -3.55
CA VAL A 85 4.60 1.36 -3.09
C VAL A 85 5.34 1.91 -4.30
N ILE A 86 5.23 3.22 -4.55
CA ILE A 86 5.79 3.88 -5.71
C ILE A 86 7.08 4.60 -5.28
N LEU A 87 8.03 4.70 -6.20
CA LEU A 87 9.34 5.30 -6.05
C LEU A 87 9.30 6.66 -6.74
N PHE A 88 9.58 7.73 -6.01
CA PHE A 88 9.48 9.07 -6.54
C PHE A 88 10.84 9.74 -6.41
N GLY A 89 11.03 10.85 -7.11
CA GLY A 89 12.31 11.54 -7.13
C GLY A 89 13.43 10.63 -7.63
N THR A 90 14.68 11.04 -7.40
CA THR A 90 15.81 10.64 -8.23
C THR A 90 17.05 10.43 -7.36
N ASN A 91 18.19 10.11 -7.97
CA ASN A 91 19.42 9.79 -7.26
C ASN A 91 19.89 10.93 -6.34
N ASN A 92 19.69 12.19 -6.76
CA ASN A 92 19.94 13.36 -5.94
C ASN A 92 19.05 13.38 -4.68
N SER A 93 17.74 13.15 -4.83
CA SER A 93 16.80 13.09 -3.73
C SER A 93 15.57 12.32 -4.18
N SER A 94 15.41 11.11 -3.67
CA SER A 94 14.25 10.27 -3.92
C SER A 94 13.28 10.40 -2.74
N SER A 95 12.24 9.56 -2.76
CA SER A 95 11.34 9.27 -1.67
C SER A 95 10.65 7.95 -2.02
N ILE A 96 10.14 7.25 -1.01
CA ILE A 96 9.17 6.18 -1.20
C ILE A 96 7.92 6.66 -0.48
N SER A 97 6.78 6.24 -1.02
CA SER A 97 5.52 6.25 -0.32
C SER A 97 4.67 5.10 -0.84
N GLY A 98 3.63 4.76 -0.08
CA GLY A 98 2.50 4.05 -0.61
C GLY A 98 1.44 3.94 0.47
N VAL A 99 0.21 3.69 0.03
CA VAL A 99 -0.90 3.30 0.87
C VAL A 99 -0.90 1.78 0.86
N TRP A 100 -1.33 1.18 1.97
CA TRP A 100 -1.38 -0.24 2.16
C TRP A 100 -2.76 -0.59 2.69
N VAL A 101 -3.09 -1.86 2.67
CA VAL A 101 -4.38 -2.42 3.04
C VAL A 101 -4.06 -3.64 3.88
N PHE A 102 -4.68 -3.78 5.06
CA PHE A 102 -4.45 -4.85 6.01
C PHE A 102 -5.82 -5.18 6.59
N ARG A 103 -6.08 -6.45 6.93
CA ARG A 103 -7.39 -6.87 7.42
C ARG A 103 -7.47 -6.81 8.94
N GLY A 104 -7.81 -5.68 9.53
CA GLY A 104 -7.97 -5.55 10.96
C GLY A 104 -7.84 -4.11 11.38
N GLN A 105 -8.02 -3.88 12.68
CA GLN A 105 -7.89 -2.55 13.26
C GLN A 105 -6.44 -2.06 13.28
N GLU A 106 -5.48 -2.96 13.09
CA GLU A 106 -4.05 -2.69 13.16
C GLU A 106 -3.39 -3.07 11.85
N LEU A 107 -2.17 -2.59 11.65
CA LEU A 107 -1.53 -2.57 10.35
C LEU A 107 -0.86 -3.90 10.02
N ALA A 108 -1.10 -4.94 10.82
CA ALA A 108 -0.61 -6.31 10.65
C ALA A 108 0.83 -6.48 11.12
N PHE A 109 1.74 -5.60 10.70
CA PHE A 109 3.10 -5.48 11.23
C PHE A 109 3.18 -5.59 12.77
N PRO A 110 2.35 -4.87 13.56
CA PRO A 110 2.39 -4.99 15.01
C PRO A 110 1.79 -6.31 15.50
N LEU A 111 0.90 -6.93 14.73
CA LEU A 111 0.18 -8.12 15.13
C LEU A 111 1.10 -9.34 15.20
N SER A 112 2.18 -9.36 14.43
CA SER A 112 3.07 -10.50 14.31
C SER A 112 4.51 -10.00 14.18
N PRO A 113 5.42 -10.43 15.06
CA PRO A 113 6.78 -9.88 15.11
C PRO A 113 7.62 -10.29 13.91
N ASP A 114 7.15 -11.22 13.07
CA ASP A 114 7.77 -11.58 11.79
C ASP A 114 8.03 -10.34 10.92
N TRP A 115 7.25 -9.26 11.08
CA TRP A 115 7.24 -8.12 10.19
C TRP A 115 7.65 -6.81 10.87
N GLN A 116 8.76 -6.81 11.61
CA GLN A 116 9.21 -5.64 12.38
C GLN A 116 10.70 -5.40 12.11
N VAL A 117 11.06 -5.42 10.82
CA VAL A 117 12.44 -5.46 10.35
C VAL A 117 12.97 -4.03 10.21
N ASP A 118 12.52 -3.28 9.20
CA ASP A 118 12.84 -1.85 9.03
C ASP A 118 11.59 -0.99 9.17
N TYR A 119 10.43 -1.61 9.44
CA TYR A 119 9.13 -0.97 9.54
C TYR A 119 9.13 0.35 10.31
N GLU A 120 9.97 0.49 11.33
CA GLU A 120 10.01 1.65 12.20
C GLU A 120 10.36 2.93 11.41
N SER A 121 11.11 2.82 10.31
CA SER A 121 11.61 3.92 9.48
C SER A 121 10.55 4.48 8.52
N TYR A 122 9.33 3.91 8.51
CA TYR A 122 8.22 4.32 7.66
C TYR A 122 7.09 4.78 8.59
N THR A 123 6.24 5.69 8.10
CA THR A 123 5.03 6.12 8.78
C THR A 123 3.93 5.09 8.51
N TRP A 124 2.96 4.92 9.43
CA TRP A 124 1.81 4.05 9.18
C TRP A 124 0.60 4.54 9.97
N ARG A 125 -0.29 5.34 9.35
CA ARG A 125 -1.52 5.81 10.01
C ARG A 125 -2.74 5.31 9.23
N LYS A 126 -3.79 4.84 9.91
CA LYS A 126 -5.08 4.61 9.27
C LYS A 126 -5.61 5.92 8.73
N LEU A 127 -6.52 5.83 7.76
CA LEU A 127 -7.13 6.99 7.13
C LEU A 127 -8.62 6.71 6.99
N ASP A 128 -9.39 7.68 6.51
CA ASP A 128 -10.84 7.67 6.52
C ASP A 128 -11.39 7.30 5.15
N PRO A 129 -12.08 6.15 5.00
CA PRO A 129 -12.49 5.62 3.70
C PRO A 129 -13.73 6.31 3.11
N GLY A 130 -14.18 7.42 3.70
CA GLY A 130 -15.14 8.36 3.13
C GLY A 130 -14.66 9.81 3.28
N SER A 131 -13.35 10.03 3.29
CA SER A 131 -12.77 11.37 3.31
C SER A 131 -12.85 12.04 1.94
N GLU A 132 -11.94 12.98 1.71
CA GLU A 132 -11.57 13.49 0.42
C GLU A 132 -10.11 13.13 0.12
N GLU A 133 -9.22 13.19 1.11
CA GLU A 133 -7.80 13.15 0.78
C GLU A 133 -7.43 11.71 0.50
N THR A 134 -7.69 10.81 1.46
CA THR A 134 -7.55 9.36 1.33
C THR A 134 -8.06 8.86 -0.02
N GLN A 135 -9.22 9.38 -0.44
CA GLN A 135 -9.92 9.04 -1.67
C GLN A 135 -9.15 9.50 -2.90
N THR A 136 -8.45 10.64 -2.84
CA THR A 136 -7.59 11.15 -3.86
C THR A 136 -6.34 10.29 -3.84
N LEU A 137 -5.66 10.19 -2.69
CA LEU A 137 -4.43 9.42 -2.50
C LEU A 137 -4.60 8.05 -3.12
N VAL A 138 -5.62 7.29 -2.71
CA VAL A 138 -5.92 5.99 -3.30
C VAL A 138 -6.02 6.13 -4.82
N ARG A 139 -6.91 6.98 -5.33
CA ARG A 139 -7.07 7.13 -6.77
C ARG A 139 -5.73 7.38 -7.44
N GLU A 140 -4.86 8.23 -6.93
CA GLU A 140 -3.58 8.50 -7.55
C GLU A 140 -2.67 7.29 -7.42
N TYR A 141 -2.46 6.76 -6.22
CA TYR A 141 -1.57 5.64 -5.97
C TYR A 141 -2.02 4.36 -6.68
N PHE A 142 -3.26 4.26 -7.16
CA PHE A 142 -3.84 3.07 -7.72
C PHE A 142 -3.86 3.28 -9.22
N SER A 143 -4.40 4.42 -9.66
CA SER A 143 -4.51 4.67 -11.08
C SER A 143 -3.16 5.03 -11.67
N TRP A 144 -2.33 5.71 -10.88
CA TRP A 144 -1.05 6.31 -11.26
C TRP A 144 -1.28 7.53 -12.17
N GLU A 145 -2.53 7.90 -12.43
CA GLU A 145 -2.94 9.05 -13.27
C GLU A 145 -3.18 10.29 -12.40
N GLY A 146 -2.87 10.16 -11.12
CA GLY A 146 -2.74 11.26 -10.21
C GLY A 146 -1.56 12.13 -10.59
N ALA A 147 -1.55 13.28 -9.94
CA ALA A 147 -0.52 14.29 -10.05
C ALA A 147 0.50 14.11 -8.94
N PHE A 148 0.10 13.56 -7.78
CA PHE A 148 0.93 13.45 -6.59
C PHE A 148 1.50 14.82 -6.23
N GLN A 149 0.70 15.88 -6.43
CA GLN A 149 1.16 17.26 -6.31
C GLN A 149 1.63 17.60 -4.89
N HIS A 150 1.06 16.94 -3.86
CA HIS A 150 1.47 17.09 -2.47
C HIS A 150 2.87 16.50 -2.20
N VAL A 151 3.39 15.69 -3.12
CA VAL A 151 4.72 15.07 -3.07
C VAL A 151 5.72 16.01 -3.74
N GLY A 152 5.29 16.71 -4.81
CA GLY A 152 6.18 17.55 -5.61
C GLY A 152 7.36 16.78 -6.21
N LYS A 153 7.28 15.45 -6.28
CA LYS A 153 8.22 14.62 -7.02
C LYS A 153 7.47 14.08 -8.24
N ALA A 154 8.23 13.51 -9.18
CA ALA A 154 7.72 12.68 -10.27
C ALA A 154 7.47 11.26 -9.78
N PHE A 155 6.55 10.55 -10.42
CA PHE A 155 6.06 9.18 -10.16
C PHE A 155 7.09 8.09 -10.43
N ASN A 156 8.25 8.44 -10.97
CA ASN A 156 9.08 7.73 -11.95
C ASN A 156 8.82 6.24 -12.10
N GLN A 157 8.92 5.43 -11.04
CA GLN A 157 8.79 3.98 -11.11
C GLN A 157 7.86 3.48 -10.01
N GLY A 158 7.22 2.33 -10.21
CA GLY A 158 6.26 1.79 -9.27
C GLY A 158 6.53 0.34 -8.90
N LYS A 159 5.91 -0.09 -7.79
CA LYS A 159 5.79 -1.47 -7.35
C LYS A 159 4.43 -1.69 -6.73
N ILE A 160 3.96 -2.93 -6.82
CA ILE A 160 2.76 -3.42 -6.16
C ILE A 160 3.15 -4.53 -5.18
N PHE A 161 2.31 -4.76 -4.17
CA PHE A 161 2.45 -5.71 -3.09
C PHE A 161 1.25 -6.66 -3.14
N LYS A 162 1.01 -7.29 -4.29
CA LYS A 162 0.03 -8.37 -4.48
C LYS A 162 0.79 -9.63 -4.88
N ALA A 1 -2.57 -21.41 16.81
CA ALA A 1 -3.20 -20.98 15.56
C ALA A 1 -2.25 -20.03 14.85
N LYS A 2 -1.68 -20.48 13.71
CA LYS A 2 -0.92 -19.61 12.81
C LYS A 2 -1.87 -18.65 12.08
N ASP A 3 -1.26 -17.72 11.33
CA ASP A 3 -1.83 -16.62 10.53
C ASP A 3 -2.61 -15.62 11.40
N PRO A 4 -2.35 -14.30 11.26
CA PRO A 4 -3.01 -13.32 12.09
C PRO A 4 -4.49 -13.28 11.73
N PHE A 5 -4.79 -13.08 10.45
CA PHE A 5 -6.14 -12.85 9.97
C PHE A 5 -6.86 -14.18 9.70
N ALA A 6 -6.60 -15.19 10.53
CA ALA A 6 -7.22 -16.49 10.42
C ALA A 6 -8.43 -16.57 11.35
N HIS A 7 -8.31 -15.95 12.53
CA HIS A 7 -9.35 -15.90 13.56
C HIS A 7 -10.50 -14.95 13.22
N LEU A 8 -10.28 -14.03 12.27
CA LEU A 8 -11.26 -13.02 11.90
C LEU A 8 -12.46 -13.69 11.24
N PRO A 9 -13.61 -12.99 11.22
CA PRO A 9 -14.76 -13.41 10.44
C PRO A 9 -14.46 -13.25 8.93
N LYS A 10 -15.43 -13.68 8.14
CA LYS A 10 -15.35 -13.80 6.68
C LYS A 10 -14.82 -12.52 6.02
N SER A 11 -14.08 -12.70 4.94
CA SER A 11 -13.66 -11.62 4.07
C SER A 11 -14.85 -11.30 3.18
N THR A 12 -15.56 -10.24 3.53
CA THR A 12 -16.62 -9.64 2.73
C THR A 12 -16.07 -9.34 1.33
N PHE A 13 -15.10 -8.43 1.29
CA PHE A 13 -14.47 -7.89 0.09
C PHE A 13 -13.45 -8.88 -0.44
N ALA A 14 -13.41 -9.04 -1.77
CA ALA A 14 -12.52 -9.98 -2.44
C ALA A 14 -11.24 -9.28 -2.87
N LEU A 15 -10.24 -9.32 -2.00
CA LEU A 15 -8.95 -8.72 -2.29
C LEU A 15 -8.36 -9.27 -3.58
N ASP A 16 -8.52 -10.57 -3.83
CA ASP A 16 -7.82 -11.22 -4.94
C ASP A 16 -8.50 -10.95 -6.27
N GLU A 17 -9.80 -10.67 -6.29
CA GLU A 17 -10.47 -10.19 -7.48
C GLU A 17 -10.03 -8.75 -7.73
N PHE A 18 -9.96 -7.97 -6.64
CA PHE A 18 -9.60 -6.56 -6.71
C PHE A 18 -8.20 -6.43 -7.29
N LYS A 19 -7.22 -7.21 -6.79
CA LYS A 19 -5.82 -7.06 -7.21
C LYS A 19 -5.62 -7.39 -8.68
N ARG A 20 -6.53 -8.16 -9.31
CA ARG A 20 -6.51 -8.38 -10.75
C ARG A 20 -6.96 -7.08 -11.42
N LYS A 21 -8.25 -6.72 -11.29
CA LYS A 21 -8.82 -5.56 -11.99
C LYS A 21 -8.00 -4.28 -11.78
N TYR A 22 -7.32 -4.16 -10.63
CA TYR A 22 -6.43 -3.07 -10.27
C TYR A 22 -5.47 -2.59 -11.36
N SER A 23 -4.82 -3.52 -12.07
CA SER A 23 -3.95 -3.19 -13.20
C SER A 23 -4.45 -3.86 -14.47
N ASN A 24 -5.39 -4.80 -14.35
CA ASN A 24 -5.87 -5.55 -15.49
C ASN A 24 -6.98 -4.76 -16.18
N GLU A 25 -7.65 -3.84 -15.47
CA GLU A 25 -8.75 -3.04 -15.99
C GLU A 25 -8.53 -1.55 -15.69
N ASP A 26 -9.50 -0.74 -16.13
CA ASP A 26 -9.58 0.72 -16.09
C ASP A 26 -9.80 1.24 -14.67
N THR A 27 -8.86 0.97 -13.77
CA THR A 27 -9.03 1.14 -12.35
C THR A 27 -9.77 2.40 -11.92
N LEU A 28 -9.53 3.55 -12.54
CA LEU A 28 -10.27 4.80 -12.29
C LEU A 28 -11.77 4.58 -12.23
N SER A 29 -12.32 3.79 -13.14
CA SER A 29 -13.73 3.44 -13.19
C SER A 29 -13.97 1.91 -13.14
N VAL A 30 -13.00 1.13 -12.68
CA VAL A 30 -13.09 -0.31 -12.49
C VAL A 30 -12.83 -0.70 -11.04
N ALA A 31 -11.58 -0.63 -10.58
CA ALA A 31 -11.24 -1.05 -9.23
C ALA A 31 -11.71 -0.01 -8.22
N LEU A 32 -11.62 1.27 -8.57
CA LEU A 32 -12.03 2.41 -7.77
C LEU A 32 -13.50 2.37 -7.38
N PRO A 33 -14.46 2.34 -8.33
CA PRO A 33 -15.86 2.31 -7.99
C PRO A 33 -16.16 1.06 -7.15
N TYR A 34 -15.70 -0.11 -7.58
CA TYR A 34 -15.91 -1.39 -6.91
C TYR A 34 -15.35 -1.36 -5.49
N PHE A 35 -14.24 -0.64 -5.28
CA PHE A 35 -13.65 -0.44 -3.98
C PHE A 35 -14.53 0.48 -3.14
N TRP A 36 -14.91 1.65 -3.63
CA TRP A 36 -15.62 2.66 -2.86
C TRP A 36 -17.12 2.39 -2.71
N GLU A 37 -17.59 1.26 -3.25
CA GLU A 37 -18.99 0.87 -3.33
C GLU A 37 -19.30 0.29 -1.96
N HIS A 38 -18.68 -0.85 -1.70
CA HIS A 38 -18.81 -1.66 -0.53
C HIS A 38 -17.39 -2.17 -0.34
N PHE A 39 -16.54 -1.34 0.29
CA PHE A 39 -15.18 -1.72 0.66
C PHE A 39 -15.26 -2.80 1.76
N ASP A 40 -15.01 -2.44 3.02
CA ASP A 40 -15.09 -3.16 4.29
C ASP A 40 -14.30 -2.41 5.34
N LYS A 41 -14.75 -1.20 5.66
CA LYS A 41 -14.23 -0.45 6.82
C LYS A 41 -14.39 -1.21 8.15
N ASP A 42 -15.18 -2.29 8.14
CA ASP A 42 -15.39 -3.24 9.24
C ASP A 42 -14.15 -4.09 9.49
N GLY A 43 -13.26 -4.28 8.50
CA GLY A 43 -12.19 -5.27 8.63
C GLY A 43 -11.04 -5.24 7.63
N TRP A 44 -11.14 -4.67 6.43
CA TRP A 44 -9.97 -4.16 5.75
C TRP A 44 -9.66 -2.77 6.27
N SER A 45 -8.43 -2.31 6.12
CA SER A 45 -8.10 -0.91 6.35
C SER A 45 -6.94 -0.50 5.45
N LEU A 46 -6.95 0.77 5.05
CA LEU A 46 -5.97 1.45 4.22
C LEU A 46 -4.88 2.01 5.12
N TRP A 47 -3.66 2.12 4.64
CA TRP A 47 -2.54 2.66 5.41
C TRP A 47 -1.63 3.47 4.50
N TYR A 48 -1.50 4.76 4.75
CA TYR A 48 -0.57 5.66 4.07
C TYR A 48 0.83 5.50 4.68
N SER A 49 1.83 5.35 3.81
CA SER A 49 3.24 5.31 4.14
C SER A 49 3.95 6.37 3.29
N GLU A 50 4.99 7.01 3.84
CA GLU A 50 5.76 8.06 3.19
C GLU A 50 7.22 8.00 3.69
N TYR A 51 7.75 6.77 3.86
CA TYR A 51 9.17 6.46 4.09
C TYR A 51 9.96 7.52 4.84
N ARG A 52 9.55 7.76 6.08
CA ARG A 52 10.04 8.78 7.01
C ARG A 52 11.56 9.03 6.99
N PHE A 53 12.39 8.06 6.59
CA PHE A 53 13.81 8.25 6.30
C PHE A 53 14.08 8.24 4.78
N PRO A 54 13.68 9.29 4.03
CA PRO A 54 14.04 9.42 2.63
C PRO A 54 15.49 9.87 2.47
N GLU A 55 16.29 9.90 3.54
CA GLU A 55 17.72 10.18 3.53
C GLU A 55 18.54 8.89 3.41
N GLU A 56 17.96 7.73 3.78
CA GLU A 56 18.57 6.43 3.54
C GLU A 56 18.35 6.01 2.08
N LEU A 57 17.45 6.71 1.36
CA LEU A 57 17.18 6.42 -0.02
C LEU A 57 18.37 6.76 -0.84
N THR A 58 18.74 5.81 -1.67
CA THR A 58 19.96 5.85 -2.43
C THR A 58 19.63 5.37 -3.83
N GLN A 59 20.10 6.15 -4.82
CA GLN A 59 19.76 6.07 -6.23
C GLN A 59 18.25 5.84 -6.44
N THR A 60 17.88 5.13 -7.51
CA THR A 60 16.49 4.83 -7.85
C THR A 60 16.29 3.32 -7.85
N PHE A 61 17.08 2.61 -8.64
CA PHE A 61 17.04 1.16 -8.78
C PHE A 61 17.32 0.45 -7.46
N MET A 62 18.13 1.05 -6.60
CA MET A 62 18.43 0.48 -5.29
C MET A 62 17.16 0.58 -4.46
N SER A 63 16.47 1.71 -4.49
CA SER A 63 15.24 1.92 -3.75
C SER A 63 14.15 0.93 -4.18
N CYS A 64 13.91 0.75 -5.48
CA CYS A 64 12.88 -0.20 -5.90
C CYS A 64 13.25 -1.64 -5.53
N ASN A 65 14.55 -1.93 -5.39
CA ASN A 65 15.02 -3.20 -4.86
C ASN A 65 14.72 -3.30 -3.37
N LEU A 66 15.02 -2.24 -2.61
CA LEU A 66 14.89 -2.15 -1.15
C LEU A 66 13.44 -2.35 -0.70
N ILE A 67 12.51 -1.67 -1.39
CA ILE A 67 11.06 -1.87 -1.33
C ILE A 67 10.78 -3.36 -1.41
N THR A 68 11.27 -3.97 -2.48
CA THR A 68 10.90 -5.32 -2.84
C THR A 68 11.62 -6.35 -1.94
N GLY A 69 12.74 -5.99 -1.31
CA GLY A 69 13.35 -6.74 -0.22
C GLY A 69 12.36 -6.85 0.92
N MET A 70 11.69 -5.75 1.29
CA MET A 70 10.69 -5.75 2.34
C MET A 70 9.53 -6.67 1.95
N PHE A 71 9.08 -6.65 0.70
CA PHE A 71 8.04 -7.58 0.25
C PHE A 71 8.46 -9.03 0.44
N GLN A 72 9.74 -9.37 0.30
CA GLN A 72 10.24 -10.73 0.55
C GLN A 72 10.26 -11.05 2.06
N ARG A 73 10.25 -10.05 2.94
CA ARG A 73 10.03 -10.24 4.38
C ARG A 73 8.56 -10.49 4.66
N LEU A 74 7.65 -9.94 3.86
CA LEU A 74 6.21 -9.88 4.10
C LEU A 74 5.48 -10.92 3.23
N ASP A 75 6.08 -12.09 3.09
CA ASP A 75 5.73 -13.10 2.08
C ASP A 75 4.59 -13.99 2.55
N LYS A 76 4.46 -14.16 3.87
CA LYS A 76 3.27 -14.73 4.49
C LYS A 76 2.21 -13.66 4.80
N LEU A 77 2.32 -12.42 4.32
CA LEU A 77 1.35 -11.34 4.62
C LEU A 77 0.47 -11.04 3.43
N ARG A 78 1.10 -10.95 2.26
CA ARG A 78 0.57 -10.68 0.93
C ARG A 78 -0.63 -11.57 0.53
N LYS A 79 -0.93 -12.61 1.30
CA LYS A 79 -2.07 -13.49 1.10
C LYS A 79 -3.37 -12.85 1.59
N ASN A 80 -3.29 -11.86 2.49
CA ASN A 80 -4.43 -11.18 3.12
C ASN A 80 -4.08 -9.71 3.32
N ALA A 81 -3.34 -9.13 2.36
CA ALA A 81 -2.94 -7.72 2.32
C ALA A 81 -2.40 -7.42 0.93
N PHE A 82 -2.32 -6.13 0.60
CA PHE A 82 -1.96 -5.61 -0.72
C PHE A 82 -1.36 -4.22 -0.53
N ALA A 83 -0.54 -3.71 -1.46
CA ALA A 83 -0.12 -2.31 -1.47
C ALA A 83 0.22 -1.77 -2.85
N SER A 84 0.42 -0.46 -2.92
CA SER A 84 0.92 0.28 -4.06
C SER A 84 1.99 1.21 -3.54
N VAL A 85 3.24 0.82 -3.77
CA VAL A 85 4.45 1.52 -3.34
C VAL A 85 4.97 2.27 -4.57
N ILE A 86 5.40 3.52 -4.44
CA ILE A 86 5.87 4.30 -5.58
C ILE A 86 7.19 4.94 -5.14
N LEU A 87 8.26 4.61 -5.86
CA LEU A 87 9.53 5.30 -5.80
C LEU A 87 9.32 6.53 -6.66
N PHE A 88 9.37 7.68 -6.03
CA PHE A 88 9.38 8.97 -6.70
C PHE A 88 10.78 9.55 -6.56
N GLY A 89 11.07 10.58 -7.35
CA GLY A 89 12.32 11.30 -7.20
C GLY A 89 13.46 10.56 -7.89
N THR A 90 14.68 10.94 -7.56
CA THR A 90 15.87 10.57 -8.29
C THR A 90 17.03 10.61 -7.32
N ASN A 91 18.23 10.19 -7.72
CA ASN A 91 19.38 9.96 -6.83
C ASN A 91 19.70 11.15 -5.90
N ASN A 92 19.33 12.38 -6.28
CA ASN A 92 19.54 13.60 -5.51
C ASN A 92 18.55 13.77 -4.34
N SER A 93 17.40 13.10 -4.39
CA SER A 93 16.23 13.27 -3.55
C SER A 93 15.17 12.32 -4.13
N SER A 94 15.26 11.05 -3.77
CA SER A 94 14.21 10.06 -3.90
C SER A 94 13.25 10.21 -2.72
N SER A 95 12.09 9.56 -2.77
CA SER A 95 11.18 9.37 -1.63
C SER A 95 10.24 8.25 -2.02
N ILE A 96 9.95 7.37 -1.06
CA ILE A 96 8.93 6.35 -1.26
C ILE A 96 7.71 6.87 -0.52
N SER A 97 6.62 6.92 -1.25
CA SER A 97 5.30 7.07 -0.68
C SER A 97 4.39 6.01 -1.31
N GLY A 98 3.31 5.64 -0.63
CA GLY A 98 2.47 4.53 -1.06
C GLY A 98 1.36 4.21 -0.07
N VAL A 99 0.44 3.35 -0.49
CA VAL A 99 -0.77 3.03 0.28
C VAL A 99 -0.95 1.52 0.30
N TRP A 100 -1.15 0.97 1.50
CA TRP A 100 -1.18 -0.46 1.77
C TRP A 100 -2.53 -0.82 2.38
N VAL A 101 -2.83 -2.11 2.44
CA VAL A 101 -4.09 -2.68 2.85
C VAL A 101 -3.78 -3.89 3.69
N PHE A 102 -4.44 -4.02 4.84
CA PHE A 102 -4.20 -5.06 5.83
C PHE A 102 -5.57 -5.39 6.44
N ARG A 103 -5.83 -6.66 6.77
CA ARG A 103 -7.14 -7.06 7.24
C ARG A 103 -7.28 -6.93 8.76
N GLY A 104 -7.53 -5.74 9.29
CA GLY A 104 -8.05 -5.58 10.64
C GLY A 104 -7.83 -4.15 11.10
N GLN A 105 -7.99 -3.92 12.40
CA GLN A 105 -7.76 -2.60 12.97
C GLN A 105 -6.28 -2.19 12.91
N GLU A 106 -5.34 -3.13 12.79
CA GLU A 106 -3.90 -2.85 12.82
C GLU A 106 -3.24 -3.09 11.47
N LEU A 107 -1.96 -2.75 11.39
CA LEU A 107 -1.21 -2.69 10.15
C LEU A 107 -0.58 -4.04 9.79
N ALA A 108 -0.90 -5.11 10.53
CA ALA A 108 -0.47 -6.50 10.32
C ALA A 108 0.94 -6.76 10.84
N PHE A 109 1.88 -5.89 10.50
CA PHE A 109 3.24 -5.89 11.03
C PHE A 109 3.29 -6.09 12.56
N PRO A 110 2.47 -5.41 13.39
CA PRO A 110 2.45 -5.65 14.83
C PRO A 110 1.84 -6.99 15.23
N LEU A 111 1.07 -7.61 14.34
CA LEU A 111 0.38 -8.86 14.62
C LEU A 111 1.30 -10.06 14.45
N SER A 112 2.44 -9.86 13.81
CA SER A 112 3.46 -10.87 13.69
C SER A 112 4.81 -10.18 13.61
N PRO A 113 5.64 -10.23 14.66
CA PRO A 113 6.97 -9.65 14.70
C PRO A 113 7.97 -10.35 13.76
N ASP A 114 7.47 -11.22 12.88
CA ASP A 114 8.14 -11.58 11.64
C ASP A 114 8.46 -10.29 10.86
N TRP A 115 7.50 -9.36 10.81
CA TRP A 115 7.48 -8.25 9.86
C TRP A 115 7.90 -6.92 10.48
N GLN A 116 8.90 -6.94 11.35
CA GLN A 116 9.35 -5.81 12.14
C GLN A 116 10.87 -5.92 12.10
N VAL A 117 11.46 -5.43 11.02
CA VAL A 117 12.90 -5.50 10.78
C VAL A 117 13.35 -4.04 10.67
N ASP A 118 12.96 -3.37 9.59
CA ASP A 118 13.25 -1.96 9.39
C ASP A 118 11.99 -1.11 9.21
N TYR A 119 10.79 -1.70 9.24
CA TYR A 119 9.53 -1.00 8.98
C TYR A 119 9.36 0.35 9.68
N GLU A 120 9.98 0.54 10.85
CA GLU A 120 9.94 1.77 11.62
C GLU A 120 10.47 2.97 10.82
N SER A 121 11.33 2.76 9.82
CA SER A 121 11.89 3.83 9.00
C SER A 121 10.82 4.48 8.13
N TYR A 122 9.67 3.83 7.96
CA TYR A 122 8.53 4.34 7.24
C TYR A 122 7.43 4.73 8.22
N THR A 123 6.52 5.57 7.74
CA THR A 123 5.27 5.82 8.43
C THR A 123 4.22 4.80 8.04
N TRP A 124 3.21 4.61 8.90
CA TRP A 124 2.07 3.74 8.65
C TRP A 124 0.85 4.33 9.38
N ARG A 125 -0.09 5.00 8.70
CA ARG A 125 -1.23 5.63 9.35
C ARG A 125 -2.52 5.29 8.62
N LYS A 126 -3.55 4.84 9.35
CA LYS A 126 -4.90 4.64 8.83
C LYS A 126 -5.49 5.95 8.34
N LEU A 127 -6.49 5.87 7.46
CA LEU A 127 -7.13 7.01 6.84
C LEU A 127 -8.62 6.69 6.64
N ASP A 128 -9.49 7.67 6.85
CA ASP A 128 -10.93 7.53 6.75
C ASP A 128 -11.33 7.15 5.32
N PRO A 129 -11.94 5.98 5.07
CA PRO A 129 -12.35 5.57 3.73
C PRO A 129 -13.58 6.36 3.20
N GLY A 130 -14.11 7.35 3.92
CA GLY A 130 -15.13 8.26 3.43
C GLY A 130 -14.67 9.71 3.39
N SER A 131 -13.37 9.97 3.55
CA SER A 131 -12.81 11.32 3.54
C SER A 131 -12.85 11.92 2.13
N GLU A 132 -12.24 13.10 1.97
CA GLU A 132 -11.77 13.64 0.70
C GLU A 132 -10.34 13.18 0.38
N GLU A 133 -9.43 13.21 1.37
CA GLU A 133 -7.99 13.14 1.07
C GLU A 133 -7.63 11.71 0.71
N THR A 134 -8.02 10.77 1.57
CA THR A 134 -7.93 9.32 1.40
C THR A 134 -8.30 8.92 -0.03
N GLN A 135 -9.41 9.45 -0.55
CA GLN A 135 -9.89 9.22 -1.91
C GLN A 135 -8.87 9.61 -2.96
N THR A 136 -8.22 10.77 -2.79
CA THR A 136 -7.24 11.31 -3.68
C THR A 136 -6.05 10.37 -3.58
N LEU A 137 -5.46 10.18 -2.39
CA LEU A 137 -4.30 9.34 -2.16
C LEU A 137 -4.52 7.99 -2.85
N VAL A 138 -5.57 7.27 -2.48
CA VAL A 138 -5.96 6.02 -3.12
C VAL A 138 -6.00 6.20 -4.62
N ARG A 139 -6.84 7.10 -5.14
CA ARG A 139 -7.04 7.22 -6.57
C ARG A 139 -5.72 7.40 -7.28
N GLU A 140 -4.80 8.21 -6.78
CA GLU A 140 -3.51 8.40 -7.40
C GLU A 140 -2.68 7.14 -7.29
N TYR A 141 -2.51 6.59 -6.09
CA TYR A 141 -1.72 5.41 -5.84
C TYR A 141 -2.27 4.16 -6.55
N PHE A 142 -3.51 4.18 -7.05
CA PHE A 142 -4.21 3.01 -7.58
C PHE A 142 -4.30 3.14 -9.08
N SER A 143 -4.50 4.37 -9.57
CA SER A 143 -4.61 4.60 -10.99
C SER A 143 -3.25 4.90 -11.60
N TRP A 144 -2.38 5.58 -10.83
CA TRP A 144 -1.15 6.22 -11.30
C TRP A 144 -1.42 7.33 -12.32
N GLU A 145 -2.66 7.81 -12.40
CA GLU A 145 -3.13 8.76 -13.42
C GLU A 145 -3.46 10.14 -12.83
N GLY A 146 -3.32 10.26 -11.52
CA GLY A 146 -3.49 11.50 -10.78
C GLY A 146 -2.31 12.44 -11.02
N ALA A 147 -2.04 13.24 -10.02
CA ALA A 147 -1.05 14.30 -10.03
C ALA A 147 0.18 13.90 -9.22
N PHE A 148 -0.04 13.27 -8.05
CA PHE A 148 0.94 13.18 -6.97
C PHE A 148 1.57 14.55 -6.67
N GLN A 149 0.84 15.64 -6.90
CA GLN A 149 1.27 17.00 -6.60
C GLN A 149 1.38 17.24 -5.09
N HIS A 150 0.76 16.38 -4.26
CA HIS A 150 0.96 16.41 -2.82
C HIS A 150 2.38 15.96 -2.45
N VAL A 151 3.10 15.30 -3.36
CA VAL A 151 4.52 14.95 -3.24
C VAL A 151 5.35 15.94 -4.08
N GLY A 152 4.89 16.25 -5.30
CA GLY A 152 5.57 17.13 -6.23
C GLY A 152 6.96 16.63 -6.63
N LYS A 153 7.22 15.32 -6.49
CA LYS A 153 8.28 14.62 -7.18
C LYS A 153 7.75 14.28 -8.58
N ALA A 154 8.05 13.09 -9.12
CA ALA A 154 7.34 12.50 -10.25
C ALA A 154 7.19 11.01 -9.98
N PHE A 155 6.17 10.39 -10.57
CA PHE A 155 5.70 9.01 -10.36
C PHE A 155 6.75 7.92 -10.61
N ASN A 156 7.90 8.26 -11.21
CA ASN A 156 8.74 7.47 -12.10
C ASN A 156 8.51 5.96 -12.08
N GLN A 157 8.70 5.28 -10.94
CA GLN A 157 8.82 3.83 -10.87
C GLN A 157 7.94 3.31 -9.73
N GLY A 158 6.86 2.64 -10.09
CA GLY A 158 5.85 2.09 -9.18
C GLY A 158 5.97 0.58 -9.01
N LYS A 159 5.40 0.04 -7.93
CA LYS A 159 5.33 -1.40 -7.65
C LYS A 159 4.01 -1.72 -6.96
N ILE A 160 3.70 -3.01 -6.91
CA ILE A 160 2.49 -3.58 -6.32
C ILE A 160 2.96 -4.78 -5.47
N PHE A 161 2.28 -5.01 -4.35
CA PHE A 161 2.60 -5.94 -3.25
C PHE A 161 1.50 -7.01 -3.15
N LYS A 162 1.33 -7.81 -4.20
CA LYS A 162 0.31 -8.82 -4.27
C LYS A 162 0.95 -10.21 -4.29
N ALA A 1 0.05 -18.91 17.03
CA ALA A 1 -0.33 -19.38 15.69
C ALA A 1 0.12 -18.36 14.68
N LYS A 2 0.68 -18.80 13.55
CA LYS A 2 1.28 -17.92 12.56
C LYS A 2 0.25 -16.97 12.01
N ASP A 3 -0.75 -17.49 11.31
CA ASP A 3 -1.65 -16.69 10.50
C ASP A 3 -2.49 -15.79 11.43
N PRO A 4 -2.35 -14.46 11.35
CA PRO A 4 -3.01 -13.55 12.26
C PRO A 4 -4.51 -13.53 11.92
N PHE A 5 -4.81 -13.24 10.66
CA PHE A 5 -6.16 -13.04 10.14
C PHE A 5 -6.80 -14.39 9.78
N ALA A 6 -6.53 -15.41 10.58
CA ALA A 6 -7.07 -16.75 10.40
C ALA A 6 -8.53 -16.77 10.84
N HIS A 7 -8.79 -16.13 11.96
CA HIS A 7 -10.04 -16.17 12.69
C HIS A 7 -11.15 -15.34 12.03
N LEU A 8 -10.75 -14.34 11.22
CA LEU A 8 -11.66 -13.35 10.69
C LEU A 8 -12.60 -13.97 9.66
N PRO A 9 -13.83 -13.43 9.51
CA PRO A 9 -14.85 -14.00 8.64
C PRO A 9 -14.67 -13.60 7.16
N LYS A 10 -13.90 -12.54 6.94
CA LYS A 10 -13.09 -12.33 5.75
C LYS A 10 -13.80 -12.37 4.41
N SER A 11 -15.01 -11.86 4.44
CA SER A 11 -15.92 -11.84 3.32
C SER A 11 -16.42 -10.44 2.98
N THR A 12 -17.25 -10.39 1.95
CA THR A 12 -17.66 -9.23 1.17
C THR A 12 -16.52 -8.84 0.25
N PHE A 13 -15.41 -8.33 0.80
CA PHE A 13 -14.33 -7.84 -0.02
C PHE A 13 -13.43 -9.00 -0.47
N ALA A 14 -12.93 -8.96 -1.71
CA ALA A 14 -12.17 -10.01 -2.36
C ALA A 14 -10.90 -9.43 -2.94
N LEU A 15 -9.86 -9.43 -2.11
CA LEU A 15 -8.60 -8.83 -2.45
C LEU A 15 -7.99 -9.46 -3.71
N ASP A 16 -8.19 -10.78 -3.88
CA ASP A 16 -7.62 -11.49 -5.01
C ASP A 16 -8.40 -11.28 -6.31
N GLU A 17 -9.64 -10.84 -6.24
CA GLU A 17 -10.39 -10.41 -7.42
C GLU A 17 -10.01 -8.96 -7.71
N PHE A 18 -9.90 -8.16 -6.65
CA PHE A 18 -9.51 -6.77 -6.73
C PHE A 18 -8.16 -6.68 -7.45
N LYS A 19 -7.18 -7.52 -7.07
CA LYS A 19 -5.84 -7.45 -7.65
C LYS A 19 -5.78 -7.88 -9.12
N ARG A 20 -6.84 -8.49 -9.67
CA ARG A 20 -6.96 -8.66 -11.11
C ARG A 20 -7.35 -7.31 -11.69
N LYS A 21 -8.59 -6.89 -11.46
CA LYS A 21 -9.19 -5.75 -12.15
C LYS A 21 -8.37 -4.48 -11.97
N TYR A 22 -7.63 -4.35 -10.87
CA TYR A 22 -6.68 -3.30 -10.57
C TYR A 22 -5.80 -2.91 -11.76
N SER A 23 -5.26 -3.91 -12.44
CA SER A 23 -4.29 -3.76 -13.50
C SER A 23 -4.81 -4.35 -14.81
N ASN A 24 -5.90 -5.11 -14.74
CA ASN A 24 -6.46 -5.77 -15.89
C ASN A 24 -7.46 -4.84 -16.55
N GLU A 25 -7.97 -3.84 -15.81
CA GLU A 25 -9.06 -2.98 -16.28
C GLU A 25 -8.78 -1.53 -15.88
N ASP A 26 -9.66 -0.62 -16.32
CA ASP A 26 -9.53 0.83 -16.21
C ASP A 26 -9.82 1.34 -14.80
N THR A 27 -9.01 0.90 -13.84
CA THR A 27 -9.14 1.11 -12.41
C THR A 27 -9.84 2.38 -11.97
N LEU A 28 -9.52 3.55 -12.55
CA LEU A 28 -10.22 4.82 -12.32
C LEU A 28 -11.72 4.62 -12.15
N SER A 29 -12.36 3.87 -13.04
CA SER A 29 -13.74 3.45 -12.96
C SER A 29 -13.94 1.91 -13.01
N VAL A 30 -12.96 1.11 -12.62
CA VAL A 30 -13.11 -0.34 -12.51
C VAL A 30 -12.84 -0.79 -11.09
N ALA A 31 -11.59 -0.76 -10.62
CA ALA A 31 -11.28 -1.21 -9.27
C ALA A 31 -11.72 -0.15 -8.26
N LEU A 32 -11.71 1.13 -8.62
CA LEU A 32 -12.11 2.25 -7.78
C LEU A 32 -13.56 2.20 -7.35
N PRO A 33 -14.55 2.14 -8.26
CA PRO A 33 -15.94 2.05 -7.88
C PRO A 33 -16.13 0.82 -7.00
N TYR A 34 -15.68 -0.34 -7.51
CA TYR A 34 -15.83 -1.64 -6.87
C TYR A 34 -15.23 -1.62 -5.46
N PHE A 35 -14.13 -0.91 -5.27
CA PHE A 35 -13.49 -0.73 -3.98
C PHE A 35 -14.33 0.16 -3.08
N TRP A 36 -14.87 1.28 -3.56
CA TRP A 36 -15.46 2.33 -2.73
C TRP A 36 -16.94 2.08 -2.45
N GLU A 37 -17.54 1.14 -3.16
CA GLU A 37 -18.96 0.90 -3.26
C GLU A 37 -19.38 0.15 -2.02
N HIS A 38 -18.79 -1.04 -1.84
CA HIS A 38 -18.95 -1.89 -0.69
C HIS A 38 -17.55 -2.42 -0.43
N PHE A 39 -16.69 -1.59 0.19
CA PHE A 39 -15.38 -2.01 0.66
C PHE A 39 -15.54 -3.11 1.73
N ASP A 40 -15.35 -2.79 3.02
CA ASP A 40 -15.47 -3.57 4.27
C ASP A 40 -14.63 -2.86 5.33
N LYS A 41 -14.93 -1.58 5.56
CA LYS A 41 -14.26 -0.71 6.52
C LYS A 41 -14.36 -1.21 7.96
N ASP A 42 -15.22 -2.19 8.21
CA ASP A 42 -15.36 -2.96 9.43
C ASP A 42 -14.13 -3.81 9.73
N GLY A 43 -13.36 -4.17 8.71
CA GLY A 43 -12.28 -5.13 8.82
C GLY A 43 -11.02 -4.64 8.13
N TRP A 44 -11.07 -4.42 6.83
CA TRP A 44 -9.96 -3.94 6.04
C TRP A 44 -9.66 -2.50 6.43
N SER A 45 -8.40 -2.08 6.34
CA SER A 45 -8.01 -0.72 6.66
C SER A 45 -6.98 -0.21 5.66
N LEU A 46 -7.00 1.10 5.36
CA LEU A 46 -6.04 1.76 4.48
C LEU A 46 -4.98 2.39 5.36
N TRP A 47 -3.73 2.35 4.91
CA TRP A 47 -2.57 2.87 5.64
C TRP A 47 -1.66 3.63 4.67
N TYR A 48 -1.59 4.96 4.76
CA TYR A 48 -0.61 5.77 4.02
C TYR A 48 0.75 5.57 4.69
N SER A 49 1.81 5.48 3.89
CA SER A 49 3.19 5.41 4.30
C SER A 49 3.98 6.36 3.38
N GLU A 50 5.08 6.88 3.92
CA GLU A 50 6.05 7.76 3.32
C GLU A 50 7.27 7.61 4.21
N TYR A 51 7.98 6.49 4.01
CA TYR A 51 9.38 6.18 4.31
C TYR A 51 10.17 7.26 5.04
N ARG A 52 9.76 7.56 6.28
CA ARG A 52 10.22 8.60 7.20
C ARG A 52 11.73 8.84 7.29
N PHE A 53 12.55 8.03 6.62
CA PHE A 53 13.97 8.21 6.43
C PHE A 53 14.28 8.20 4.92
N PRO A 54 13.79 9.20 4.16
CA PRO A 54 14.07 9.30 2.73
C PRO A 54 15.56 9.60 2.50
N GLU A 55 16.32 10.06 3.51
CA GLU A 55 17.77 10.18 3.43
C GLU A 55 18.46 8.84 3.16
N GLU A 56 17.90 7.71 3.60
CA GLU A 56 18.46 6.39 3.36
C GLU A 56 18.37 6.03 1.86
N LEU A 57 17.69 6.84 1.01
CA LEU A 57 17.59 6.65 -0.42
C LEU A 57 18.64 7.47 -1.12
N THR A 58 19.46 6.82 -1.96
CA THR A 58 20.38 7.52 -2.84
C THR A 58 20.64 6.68 -4.11
N GLN A 59 19.62 6.00 -4.67
CA GLN A 59 19.70 5.23 -5.92
C GLN A 59 18.26 4.81 -6.29
N THR A 60 17.68 5.36 -7.37
CA THR A 60 16.32 4.99 -7.77
C THR A 60 16.22 3.47 -7.99
N PHE A 61 17.28 2.90 -8.56
CA PHE A 61 17.44 1.48 -8.83
C PHE A 61 17.40 0.62 -7.57
N MET A 62 17.78 1.15 -6.40
CA MET A 62 17.88 0.34 -5.21
C MET A 62 16.54 0.38 -4.50
N SER A 63 15.86 1.52 -4.50
CA SER A 63 14.53 1.70 -3.92
C SER A 63 13.57 0.56 -4.30
N CYS A 64 13.44 0.23 -5.59
CA CYS A 64 12.54 -0.84 -6.03
C CYS A 64 12.90 -2.17 -5.36
N ASN A 65 14.20 -2.45 -5.29
CA ASN A 65 14.76 -3.68 -4.75
C ASN A 65 14.60 -3.73 -3.23
N LEU A 66 14.78 -2.59 -2.55
CA LEU A 66 14.55 -2.33 -1.12
C LEU A 66 13.14 -2.77 -0.74
N ILE A 67 12.15 -2.07 -1.29
CA ILE A 67 10.72 -2.28 -1.12
C ILE A 67 10.44 -3.76 -1.29
N THR A 68 10.89 -4.28 -2.43
CA THR A 68 10.60 -5.65 -2.81
C THR A 68 11.26 -6.64 -1.85
N GLY A 69 12.45 -6.37 -1.31
CA GLY A 69 13.10 -7.15 -0.28
C GLY A 69 12.18 -7.28 0.92
N MET A 70 11.60 -6.17 1.37
CA MET A 70 10.61 -6.13 2.43
C MET A 70 9.45 -7.04 2.05
N PHE A 71 8.95 -6.97 0.81
CA PHE A 71 7.85 -7.83 0.34
C PHE A 71 8.24 -9.32 0.43
N GLN A 72 9.51 -9.69 0.22
CA GLN A 72 9.92 -11.09 0.31
C GLN A 72 9.79 -11.59 1.76
N ARG A 73 10.03 -10.71 2.73
CA ARG A 73 9.83 -11.05 4.14
C ARG A 73 8.34 -11.09 4.42
N LEU A 74 7.61 -10.06 3.98
CA LEU A 74 6.16 -9.89 4.15
C LEU A 74 5.38 -10.73 3.12
N ASP A 75 5.84 -11.94 2.82
CA ASP A 75 5.30 -12.77 1.72
C ASP A 75 4.04 -13.44 2.22
N LYS A 76 4.17 -14.07 3.39
CA LYS A 76 3.09 -14.64 4.16
C LYS A 76 2.06 -13.60 4.65
N LEU A 77 2.18 -12.32 4.26
CA LEU A 77 1.31 -11.22 4.65
C LEU A 77 0.49 -10.76 3.46
N ARG A 78 1.10 -10.52 2.30
CA ARG A 78 0.36 -10.04 1.13
C ARG A 78 -0.76 -10.97 0.66
N LYS A 79 -0.78 -12.21 1.13
CA LYS A 79 -1.92 -13.10 1.01
C LYS A 79 -3.21 -12.52 1.59
N ASN A 80 -3.16 -11.60 2.57
CA ASN A 80 -4.32 -10.92 3.17
C ASN A 80 -3.98 -9.45 3.46
N ALA A 81 -3.22 -8.83 2.55
CA ALA A 81 -2.87 -7.41 2.59
C ALA A 81 -2.33 -7.01 1.22
N PHE A 82 -2.33 -5.74 0.88
CA PHE A 82 -2.01 -5.29 -0.47
C PHE A 82 -1.46 -3.88 -0.41
N ALA A 83 -0.56 -3.47 -1.31
CA ALA A 83 -0.12 -2.08 -1.34
C ALA A 83 0.30 -1.65 -2.74
N SER A 84 0.38 -0.34 -2.95
CA SER A 84 0.91 0.32 -4.12
C SER A 84 1.99 1.28 -3.63
N VAL A 85 3.25 0.94 -3.88
CA VAL A 85 4.43 1.56 -3.30
C VAL A 85 5.24 2.12 -4.47
N ILE A 86 4.94 3.36 -4.86
CA ILE A 86 5.57 4.04 -6.00
C ILE A 86 6.77 4.81 -5.45
N LEU A 87 7.88 4.72 -6.18
CA LEU A 87 9.09 5.46 -5.93
C LEU A 87 8.85 6.84 -6.52
N PHE A 88 9.32 7.85 -5.79
CA PHE A 88 9.28 9.20 -6.29
C PHE A 88 10.66 9.82 -6.10
N GLY A 89 10.97 10.85 -6.88
CA GLY A 89 12.24 11.56 -6.83
C GLY A 89 13.36 10.79 -7.51
N THR A 90 14.59 11.24 -7.29
CA THR A 90 15.74 10.84 -8.06
C THR A 90 16.93 10.56 -7.14
N ASN A 91 18.05 10.11 -7.70
CA ASN A 91 19.27 9.76 -6.98
C ASN A 91 19.64 10.81 -5.93
N ASN A 92 19.51 12.11 -6.24
CA ASN A 92 19.86 13.18 -5.31
C ASN A 92 18.90 13.35 -4.14
N SER A 93 17.62 12.97 -4.29
CA SER A 93 16.55 13.17 -3.34
C SER A 93 15.36 12.36 -3.85
N SER A 94 15.12 11.19 -3.27
CA SER A 94 14.00 10.32 -3.52
C SER A 94 13.07 10.27 -2.31
N SER A 95 11.98 9.51 -2.40
CA SER A 95 11.11 9.17 -1.29
C SER A 95 10.37 7.91 -1.73
N ILE A 96 10.11 7.01 -0.79
CA ILE A 96 9.23 5.86 -0.97
C ILE A 96 7.96 6.19 -0.24
N SER A 97 6.84 6.18 -0.94
CA SER A 97 5.54 6.35 -0.33
C SER A 97 4.54 5.43 -1.03
N GLY A 98 3.40 5.23 -0.41
CA GLY A 98 2.43 4.26 -0.88
C GLY A 98 1.30 4.10 0.11
N VAL A 99 0.31 3.31 -0.30
CA VAL A 99 -0.87 3.07 0.50
C VAL A 99 -1.00 1.56 0.57
N TRP A 100 -1.10 1.04 1.79
CA TRP A 100 -1.11 -0.37 2.10
C TRP A 100 -2.45 -0.68 2.75
N VAL A 101 -2.77 -1.96 2.81
CA VAL A 101 -4.06 -2.48 3.21
C VAL A 101 -3.83 -3.72 4.03
N PHE A 102 -4.53 -3.86 5.16
CA PHE A 102 -4.33 -4.93 6.11
C PHE A 102 -5.70 -5.33 6.68
N ARG A 103 -5.92 -6.61 6.98
CA ARG A 103 -7.25 -7.07 7.37
C ARG A 103 -7.45 -7.08 8.90
N GLY A 104 -7.65 -5.92 9.50
CA GLY A 104 -7.85 -5.73 10.93
C GLY A 104 -7.65 -4.26 11.30
N GLN A 105 -7.67 -3.96 12.60
CA GLN A 105 -7.52 -2.61 13.16
C GLN A 105 -6.05 -2.19 13.31
N GLU A 106 -5.10 -3.11 13.17
CA GLU A 106 -3.67 -2.84 13.16
C GLU A 106 -3.14 -2.94 11.73
N LEU A 107 -1.86 -2.63 11.56
CA LEU A 107 -1.20 -2.60 10.26
C LEU A 107 -0.52 -3.92 9.91
N ALA A 108 -0.79 -4.99 10.67
CA ALA A 108 -0.35 -6.37 10.42
C ALA A 108 1.09 -6.66 10.82
N PHE A 109 2.05 -5.80 10.43
CA PHE A 109 3.42 -5.81 10.95
C PHE A 109 3.45 -6.04 12.48
N PRO A 110 2.71 -5.29 13.32
CA PRO A 110 2.74 -5.48 14.75
C PRO A 110 2.07 -6.78 15.21
N LEU A 111 1.23 -7.39 14.36
CA LEU A 111 0.51 -8.60 14.74
C LEU A 111 1.43 -9.81 14.77
N SER A 112 2.50 -9.80 13.99
CA SER A 112 3.41 -10.92 13.86
C SER A 112 4.82 -10.36 13.77
N PRO A 113 5.65 -10.51 14.81
CA PRO A 113 6.98 -9.91 14.92
C PRO A 113 8.01 -10.54 13.95
N ASP A 114 7.57 -11.41 13.04
CA ASP A 114 8.28 -11.73 11.81
C ASP A 114 8.49 -10.44 11.01
N TRP A 115 7.50 -9.56 10.94
CA TRP A 115 7.45 -8.40 10.07
C TRP A 115 7.72 -7.11 10.85
N GLN A 116 8.91 -6.94 11.42
CA GLN A 116 9.25 -5.79 12.26
C GLN A 116 10.75 -5.56 12.13
N VAL A 117 11.21 -5.07 10.97
CA VAL A 117 12.63 -4.96 10.66
C VAL A 117 12.98 -3.50 10.40
N ASP A 118 12.78 -3.00 9.17
CA ASP A 118 13.01 -1.60 8.81
C ASP A 118 11.74 -0.79 9.03
N TYR A 119 10.62 -1.45 9.29
CA TYR A 119 9.31 -0.84 9.46
C TYR A 119 9.25 0.43 10.31
N GLU A 120 10.13 0.56 11.32
CA GLU A 120 10.22 1.69 12.23
C GLU A 120 10.56 2.98 11.46
N SER A 121 11.43 2.88 10.45
CA SER A 121 11.90 3.98 9.60
C SER A 121 10.83 4.41 8.58
N TYR A 122 9.65 3.78 8.54
CA TYR A 122 8.54 4.16 7.66
C TYR A 122 7.38 4.67 8.52
N THR A 123 6.51 5.49 7.96
CA THR A 123 5.26 5.85 8.62
C THR A 123 4.19 4.83 8.22
N TRP A 124 3.19 4.68 9.08
CA TRP A 124 1.98 3.93 8.79
C TRP A 124 0.83 4.57 9.55
N ARG A 125 -0.10 5.27 8.87
CA ARG A 125 -1.26 5.86 9.54
C ARG A 125 -2.54 5.40 8.86
N LYS A 126 -3.49 4.85 9.64
CA LYS A 126 -4.85 4.61 9.18
C LYS A 126 -5.47 5.92 8.73
N LEU A 127 -6.44 5.85 7.82
CA LEU A 127 -7.12 7.01 7.27
C LEU A 127 -8.61 6.67 7.16
N ASP A 128 -9.45 7.69 6.99
CA ASP A 128 -10.89 7.48 6.85
C ASP A 128 -11.19 7.12 5.39
N PRO A 129 -11.85 5.99 5.11
CA PRO A 129 -12.35 5.71 3.77
C PRO A 129 -13.50 6.64 3.34
N GLY A 130 -13.93 7.58 4.19
CA GLY A 130 -14.79 8.70 3.80
C GLY A 130 -14.07 10.05 3.77
N SER A 131 -12.75 10.14 4.01
CA SER A 131 -12.08 11.44 4.01
C SER A 131 -12.10 12.05 2.61
N GLU A 132 -11.77 13.32 2.47
CA GLU A 132 -11.45 13.93 1.17
C GLU A 132 -10.19 13.27 0.61
N GLU A 133 -9.06 13.51 1.27
CA GLU A 133 -7.76 13.36 0.64
C GLU A 133 -7.45 11.90 0.40
N THR A 134 -7.82 11.03 1.33
CA THR A 134 -7.65 9.59 1.22
C THR A 134 -8.17 9.08 -0.13
N GLN A 135 -9.31 9.56 -0.63
CA GLN A 135 -9.81 9.18 -1.96
C GLN A 135 -8.87 9.61 -3.09
N THR A 136 -8.24 10.79 -3.00
CA THR A 136 -7.25 11.25 -3.96
C THR A 136 -6.09 10.28 -3.83
N LEU A 137 -5.48 10.15 -2.65
CA LEU A 137 -4.29 9.32 -2.44
C LEU A 137 -4.53 7.96 -3.05
N VAL A 138 -5.60 7.28 -2.64
CA VAL A 138 -5.99 6.00 -3.20
C VAL A 138 -6.07 6.11 -4.72
N ARG A 139 -6.89 7.01 -5.27
CA ARG A 139 -7.08 7.10 -6.69
C ARG A 139 -5.74 7.28 -7.39
N GLU A 140 -4.85 8.14 -6.94
CA GLU A 140 -3.54 8.35 -7.56
C GLU A 140 -2.73 7.07 -7.48
N TYR A 141 -2.54 6.53 -6.28
CA TYR A 141 -1.73 5.36 -6.03
C TYR A 141 -2.30 4.10 -6.72
N PHE A 142 -3.57 4.10 -7.18
CA PHE A 142 -4.25 2.93 -7.69
C PHE A 142 -4.42 3.08 -9.19
N SER A 143 -4.77 4.28 -9.64
CA SER A 143 -4.93 4.51 -11.06
C SER A 143 -3.59 4.78 -11.71
N TRP A 144 -2.69 5.43 -10.96
CA TRP A 144 -1.44 5.99 -11.48
C TRP A 144 -1.69 7.16 -12.42
N GLU A 145 -2.90 7.72 -12.41
CA GLU A 145 -3.34 8.85 -13.23
C GLU A 145 -3.81 9.98 -12.32
N GLY A 146 -3.16 10.05 -11.17
CA GLY A 146 -3.08 11.20 -10.33
C GLY A 146 -2.25 12.34 -10.92
N ALA A 147 -1.86 13.21 -10.01
CA ALA A 147 -1.03 14.38 -10.14
C ALA A 147 0.21 14.25 -9.24
N PHE A 148 0.03 13.62 -8.07
CA PHE A 148 0.96 13.59 -6.94
C PHE A 148 1.50 14.98 -6.62
N GLN A 149 0.71 16.02 -6.88
CA GLN A 149 1.14 17.40 -6.71
C GLN A 149 1.36 17.75 -5.24
N HIS A 150 0.75 17.02 -4.31
CA HIS A 150 1.03 17.17 -2.88
C HIS A 150 2.42 16.64 -2.51
N VAL A 151 3.16 16.06 -3.47
CA VAL A 151 4.51 15.55 -3.34
C VAL A 151 5.46 16.40 -4.21
N GLY A 152 5.00 16.83 -5.39
CA GLY A 152 5.79 17.61 -6.36
C GLY A 152 6.87 16.79 -7.08
N LYS A 153 7.02 15.52 -6.72
CA LYS A 153 7.82 14.53 -7.42
C LYS A 153 6.99 13.96 -8.59
N ALA A 154 7.44 12.84 -9.19
CA ALA A 154 6.80 12.17 -10.29
C ALA A 154 6.98 10.64 -10.23
N PHE A 155 6.26 9.95 -11.12
CA PHE A 155 5.90 8.53 -11.11
C PHE A 155 7.03 7.50 -11.26
N ASN A 156 8.26 7.89 -11.63
CA ASN A 156 9.30 7.05 -12.24
C ASN A 156 9.19 5.53 -12.11
N GLN A 157 9.13 4.93 -10.91
CA GLN A 157 9.00 3.48 -10.78
C GLN A 157 7.91 3.11 -9.78
N GLY A 158 7.21 2.02 -10.04
CA GLY A 158 6.08 1.58 -9.25
C GLY A 158 6.48 0.39 -8.40
N LYS A 159 5.50 -0.19 -7.70
CA LYS A 159 5.51 -1.56 -7.20
C LYS A 159 4.14 -1.84 -6.62
N ILE A 160 3.71 -3.10 -6.75
CA ILE A 160 2.52 -3.65 -6.11
C ILE A 160 2.99 -4.77 -5.16
N PHE A 161 2.21 -5.05 -4.11
CA PHE A 161 2.52 -5.93 -2.98
C PHE A 161 1.39 -6.96 -2.85
N LYS A 162 1.26 -7.85 -3.84
CA LYS A 162 0.21 -8.85 -4.00
C LYS A 162 0.81 -10.24 -4.03
N ALA A 1 1.01 -18.69 15.32
CA ALA A 1 2.10 -18.06 14.56
C ALA A 1 2.20 -18.69 13.17
N LYS A 2 1.49 -18.14 12.18
CA LYS A 2 1.51 -18.50 10.76
C LYS A 2 0.54 -17.60 10.02
N ASP A 3 -0.72 -17.61 10.47
CA ASP A 3 -1.83 -16.92 9.81
C ASP A 3 -2.54 -16.08 10.88
N PRO A 4 -2.14 -14.81 11.07
CA PRO A 4 -2.71 -13.95 12.09
C PRO A 4 -4.15 -13.60 11.76
N PHE A 5 -4.47 -13.29 10.51
CA PHE A 5 -5.83 -12.96 10.12
C PHE A 5 -6.64 -14.24 9.91
N ALA A 6 -6.41 -15.26 10.75
CA ALA A 6 -7.23 -16.44 10.85
C ALA A 6 -8.21 -16.30 12.01
N HIS A 7 -7.95 -15.43 12.98
CA HIS A 7 -8.83 -15.20 14.14
C HIS A 7 -10.07 -14.39 13.76
N LEU A 8 -10.09 -13.78 12.57
CA LEU A 8 -11.21 -13.01 12.04
C LEU A 8 -12.31 -13.95 11.53
N PRO A 9 -13.55 -13.44 11.37
CA PRO A 9 -14.69 -14.15 10.81
C PRO A 9 -14.60 -14.25 9.28
N LYS A 10 -15.69 -14.65 8.61
CA LYS A 10 -15.77 -14.62 7.15
C LYS A 10 -15.37 -13.24 6.65
N SER A 11 -14.70 -13.21 5.51
CA SER A 11 -14.47 -11.97 4.79
C SER A 11 -15.71 -11.65 3.93
N THR A 12 -15.61 -10.55 3.22
CA THR A 12 -16.67 -9.96 2.40
C THR A 12 -15.99 -9.51 1.10
N PHE A 13 -15.11 -8.52 1.16
CA PHE A 13 -14.39 -7.95 0.04
C PHE A 13 -13.23 -8.89 -0.31
N ALA A 14 -13.06 -9.19 -1.60
CA ALA A 14 -12.15 -10.20 -2.10
C ALA A 14 -10.92 -9.50 -2.68
N LEU A 15 -9.88 -9.41 -1.86
CA LEU A 15 -8.64 -8.75 -2.20
C LEU A 15 -8.03 -9.36 -3.47
N ASP A 16 -8.09 -10.67 -3.59
CA ASP A 16 -7.43 -11.38 -4.68
C ASP A 16 -8.24 -11.31 -5.96
N GLU A 17 -9.54 -11.03 -5.89
CA GLU A 17 -10.29 -10.66 -7.09
C GLU A 17 -9.97 -9.22 -7.42
N PHE A 18 -9.79 -8.35 -6.42
CA PHE A 18 -9.51 -6.95 -6.67
C PHE A 18 -8.15 -6.83 -7.37
N LYS A 19 -7.13 -7.63 -7.01
CA LYS A 19 -5.82 -7.51 -7.66
C LYS A 19 -5.87 -7.80 -9.16
N ARG A 20 -6.90 -8.51 -9.63
CA ARG A 20 -7.05 -8.84 -11.03
C ARG A 20 -7.29 -7.51 -11.74
N LYS A 21 -8.52 -7.00 -11.61
CA LYS A 21 -8.98 -5.80 -12.30
C LYS A 21 -8.12 -4.56 -12.04
N TYR A 22 -7.43 -4.52 -10.91
CA TYR A 22 -6.60 -3.42 -10.48
C TYR A 22 -5.64 -2.90 -11.54
N SER A 23 -5.00 -3.80 -12.29
CA SER A 23 -4.25 -3.46 -13.47
C SER A 23 -4.78 -4.18 -14.70
N ASN A 24 -5.61 -5.22 -14.55
CA ASN A 24 -6.16 -5.87 -15.74
C ASN A 24 -7.10 -4.89 -16.45
N GLU A 25 -7.75 -3.98 -15.72
CA GLU A 25 -8.86 -3.19 -16.27
C GLU A 25 -8.64 -1.70 -16.01
N ASP A 26 -9.57 -0.87 -16.48
CA ASP A 26 -9.59 0.59 -16.42
C ASP A 26 -9.90 1.07 -15.00
N THR A 27 -9.03 0.72 -14.05
CA THR A 27 -9.18 0.93 -12.62
C THR A 27 -9.98 2.16 -12.24
N LEU A 28 -9.69 3.34 -12.79
CA LEU A 28 -10.42 4.58 -12.56
C LEU A 28 -11.94 4.41 -12.53
N SER A 29 -12.50 3.65 -13.47
CA SER A 29 -13.90 3.28 -13.54
C SER A 29 -14.17 1.77 -13.56
N VAL A 30 -13.20 0.95 -13.12
CA VAL A 30 -13.35 -0.49 -12.99
C VAL A 30 -13.13 -0.89 -11.53
N ALA A 31 -11.89 -0.80 -11.05
CA ALA A 31 -11.55 -1.22 -9.70
C ALA A 31 -11.98 -0.18 -8.68
N LEU A 32 -11.79 1.10 -8.97
CA LEU A 32 -12.19 2.24 -8.14
C LEU A 32 -13.66 2.20 -7.76
N PRO A 33 -14.62 2.10 -8.69
CA PRO A 33 -16.02 2.03 -8.32
C PRO A 33 -16.31 0.77 -7.52
N TYR A 34 -15.80 -0.40 -7.95
CA TYR A 34 -15.92 -1.68 -7.28
C TYR A 34 -15.19 -1.70 -5.92
N PHE A 35 -14.40 -0.67 -5.60
CA PHE A 35 -13.77 -0.49 -4.30
C PHE A 35 -14.56 0.49 -3.44
N TRP A 36 -15.11 1.57 -3.99
CA TRP A 36 -15.82 2.61 -3.24
C TRP A 36 -17.34 2.41 -3.14
N GLU A 37 -17.88 1.24 -3.48
CA GLU A 37 -19.32 0.97 -3.42
C GLU A 37 -19.67 0.23 -2.14
N HIS A 38 -18.99 -0.90 -1.97
CA HIS A 38 -19.05 -1.82 -0.89
C HIS A 38 -17.59 -2.19 -0.54
N PHE A 39 -16.80 -1.30 0.08
CA PHE A 39 -15.43 -1.68 0.47
C PHE A 39 -15.50 -2.76 1.58
N ASP A 40 -15.25 -2.39 2.83
CA ASP A 40 -15.16 -3.18 4.07
C ASP A 40 -14.38 -2.36 5.10
N LYS A 41 -14.82 -1.13 5.29
CA LYS A 41 -14.36 -0.23 6.35
C LYS A 41 -14.62 -0.79 7.75
N ASP A 42 -15.36 -1.89 7.83
CA ASP A 42 -15.56 -2.71 9.01
C ASP A 42 -14.33 -3.54 9.38
N GLY A 43 -13.46 -3.86 8.42
CA GLY A 43 -12.50 -4.96 8.53
C GLY A 43 -11.17 -4.65 7.84
N TRP A 44 -11.17 -4.48 6.51
CA TRP A 44 -10.02 -3.96 5.79
C TRP A 44 -9.74 -2.52 6.27
N SER A 45 -8.49 -2.06 6.15
CA SER A 45 -8.17 -0.66 6.44
C SER A 45 -7.05 -0.21 5.51
N LEU A 46 -7.00 1.08 5.20
CA LEU A 46 -6.00 1.74 4.36
C LEU A 46 -4.95 2.36 5.26
N TRP A 47 -3.69 2.26 4.85
CA TRP A 47 -2.55 2.75 5.60
C TRP A 47 -1.59 3.49 4.68
N TYR A 48 -1.50 4.81 4.84
CA TYR A 48 -0.49 5.61 4.14
C TYR A 48 0.85 5.36 4.80
N SER A 49 1.91 5.34 3.98
CA SER A 49 3.31 5.27 4.38
C SER A 49 4.06 6.17 3.42
N GLU A 50 4.98 6.98 3.97
CA GLU A 50 5.77 7.99 3.26
C GLU A 50 7.18 7.96 3.85
N TYR A 51 7.70 6.75 4.09
CA TYR A 51 9.09 6.40 4.38
C TYR A 51 9.83 7.42 5.24
N ARG A 52 9.37 7.62 6.47
CA ARG A 52 9.89 8.53 7.48
C ARG A 52 11.42 8.72 7.53
N PHE A 53 12.24 7.76 7.11
CA PHE A 53 13.68 7.88 6.93
C PHE A 53 14.04 7.81 5.45
N PRO A 54 13.68 8.82 4.64
CA PRO A 54 13.94 8.80 3.21
C PRO A 54 15.41 9.14 2.91
N GLU A 55 16.19 9.53 3.93
CA GLU A 55 17.64 9.70 3.84
C GLU A 55 18.34 8.39 3.55
N GLU A 56 17.72 7.25 3.88
CA GLU A 56 18.29 5.94 3.67
C GLU A 56 18.48 5.68 2.17
N LEU A 57 17.68 6.33 1.33
CA LEU A 57 17.72 6.19 -0.12
C LEU A 57 18.89 6.97 -0.69
N THR A 58 19.63 6.36 -1.61
CA THR A 58 20.60 7.07 -2.44
C THR A 58 20.70 6.43 -3.83
N GLN A 59 19.57 5.99 -4.39
CA GLN A 59 19.51 5.47 -5.75
C GLN A 59 18.08 5.48 -6.25
N THR A 60 17.91 5.55 -7.57
CA THR A 60 16.61 5.49 -8.21
C THR A 60 16.17 4.02 -8.19
N PHE A 61 16.66 3.20 -9.13
CA PHE A 61 16.17 1.84 -9.36
C PHE A 61 16.18 1.00 -8.09
N MET A 62 17.20 1.24 -7.26
CA MET A 62 17.50 0.41 -6.13
C MET A 62 16.41 0.56 -5.09
N SER A 63 15.73 1.72 -5.07
CA SER A 63 14.64 1.99 -4.17
C SER A 63 13.50 1.00 -4.45
N CYS A 64 13.14 0.84 -5.72
CA CYS A 64 12.14 -0.10 -6.22
C CYS A 64 12.52 -1.55 -5.87
N ASN A 65 13.81 -1.83 -5.71
CA ASN A 65 14.34 -3.14 -5.31
C ASN A 65 14.25 -3.32 -3.78
N LEU A 66 14.67 -2.32 -3.01
CA LEU A 66 14.69 -2.25 -1.55
C LEU A 66 13.29 -2.52 -0.98
N ILE A 67 12.30 -1.79 -1.51
CA ILE A 67 10.88 -1.99 -1.30
C ILE A 67 10.57 -3.48 -1.33
N THR A 68 10.94 -4.10 -2.46
CA THR A 68 10.59 -5.49 -2.72
C THR A 68 11.41 -6.44 -1.82
N GLY A 69 12.58 -6.06 -1.33
CA GLY A 69 13.28 -6.79 -0.28
C GLY A 69 12.42 -6.92 0.98
N MET A 70 11.68 -5.86 1.32
CA MET A 70 10.77 -5.84 2.44
C MET A 70 9.56 -6.73 2.08
N PHE A 71 9.02 -6.62 0.86
CA PHE A 71 7.91 -7.46 0.36
C PHE A 71 8.22 -8.95 0.54
N GLN A 72 9.46 -9.37 0.32
CA GLN A 72 9.87 -10.77 0.34
C GLN A 72 9.74 -11.39 1.73
N ARG A 73 9.87 -10.59 2.81
CA ARG A 73 9.62 -11.08 4.17
C ARG A 73 8.12 -11.19 4.47
N LEU A 74 7.29 -10.56 3.65
CA LEU A 74 5.87 -10.33 3.90
C LEU A 74 5.06 -11.15 2.90
N ASP A 75 5.51 -12.37 2.60
CA ASP A 75 4.79 -13.23 1.65
C ASP A 75 3.56 -13.77 2.35
N LYS A 76 3.80 -14.31 3.55
CA LYS A 76 2.81 -14.69 4.54
C LYS A 76 1.89 -13.54 4.97
N LEU A 77 1.99 -12.33 4.39
CA LEU A 77 1.13 -11.18 4.66
C LEU A 77 0.42 -10.71 3.41
N ARG A 78 1.08 -10.64 2.24
CA ARG A 78 0.38 -10.17 1.04
C ARG A 78 -0.88 -10.98 0.72
N LYS A 79 -0.90 -12.24 1.16
CA LYS A 79 -2.05 -13.12 1.12
C LYS A 79 -3.30 -12.54 1.78
N ASN A 80 -3.18 -11.51 2.62
CA ASN A 80 -4.26 -10.80 3.28
C ASN A 80 -3.92 -9.31 3.42
N ALA A 81 -3.14 -8.72 2.49
CA ALA A 81 -2.81 -7.31 2.48
C ALA A 81 -2.20 -6.92 1.13
N PHE A 82 -2.24 -5.65 0.74
CA PHE A 82 -1.76 -5.18 -0.56
C PHE A 82 -1.19 -3.77 -0.40
N ALA A 83 -0.44 -3.29 -1.38
CA ALA A 83 -0.08 -1.88 -1.52
C ALA A 83 0.28 -1.62 -2.98
N SER A 84 0.44 -0.35 -3.31
CA SER A 84 0.80 0.09 -4.65
C SER A 84 1.96 1.10 -4.60
N VAL A 85 3.02 0.74 -3.88
CA VAL A 85 4.19 1.56 -3.54
C VAL A 85 4.73 2.32 -4.77
N ILE A 86 5.28 3.52 -4.59
CA ILE A 86 5.88 4.29 -5.67
C ILE A 86 7.21 4.84 -5.15
N LEU A 87 8.25 4.67 -5.96
CA LEU A 87 9.54 5.33 -5.82
C LEU A 87 9.34 6.73 -6.42
N PHE A 88 9.85 7.75 -5.75
CA PHE A 88 9.85 9.10 -6.29
C PHE A 88 11.22 9.77 -6.12
N GLY A 89 11.49 10.82 -6.89
CA GLY A 89 12.69 11.62 -6.78
C GLY A 89 13.74 11.14 -7.77
N THR A 90 14.95 10.85 -7.31
CA THR A 90 16.08 10.40 -8.12
C THR A 90 17.18 9.94 -7.15
N ASN A 91 18.28 9.37 -7.66
CA ASN A 91 19.43 8.96 -6.83
C ASN A 91 20.05 10.12 -6.06
N ASN A 92 19.90 11.37 -6.53
CA ASN A 92 20.36 12.53 -5.77
C ASN A 92 19.50 12.77 -4.53
N SER A 93 18.19 12.55 -4.60
CA SER A 93 17.25 12.74 -3.50
C SER A 93 15.93 12.03 -3.81
N SER A 94 15.51 11.08 -2.98
CA SER A 94 14.33 10.23 -3.21
C SER A 94 13.41 10.20 -1.98
N SER A 95 12.28 9.52 -2.12
CA SER A 95 11.41 9.06 -1.05
C SER A 95 10.65 7.84 -1.60
N ILE A 96 10.11 7.02 -0.70
CA ILE A 96 9.16 5.98 -1.03
C ILE A 96 7.86 6.38 -0.36
N SER A 97 6.81 6.52 -1.15
CA SER A 97 5.46 6.75 -0.64
C SER A 97 4.50 5.71 -1.24
N GLY A 98 3.27 5.68 -0.73
CA GLY A 98 2.28 4.67 -1.10
C GLY A 98 1.25 4.42 -0.02
N VAL A 99 0.23 3.68 -0.40
CA VAL A 99 -0.90 3.30 0.44
C VAL A 99 -1.03 1.79 0.40
N TRP A 100 -1.20 1.21 1.59
CA TRP A 100 -1.24 -0.21 1.84
C TRP A 100 -2.61 -0.53 2.40
N VAL A 101 -2.94 -1.80 2.48
CA VAL A 101 -4.20 -2.33 2.96
C VAL A 101 -3.86 -3.52 3.81
N PHE A 102 -4.45 -3.64 4.99
CA PHE A 102 -4.24 -4.72 5.95
C PHE A 102 -5.61 -5.09 6.49
N ARG A 103 -5.83 -6.37 6.82
CA ARG A 103 -7.15 -6.80 7.26
C ARG A 103 -7.27 -6.74 8.78
N GLY A 104 -7.46 -5.56 9.35
CA GLY A 104 -7.76 -5.45 10.76
C GLY A 104 -7.61 -4.03 11.26
N GLN A 105 -7.79 -3.88 12.58
CA GLN A 105 -7.59 -2.61 13.27
C GLN A 105 -6.11 -2.24 13.29
N GLU A 106 -5.18 -3.20 13.23
CA GLU A 106 -3.76 -2.93 13.23
C GLU A 106 -3.18 -3.05 11.81
N LEU A 107 -1.94 -2.59 11.68
CA LEU A 107 -1.24 -2.51 10.39
C LEU A 107 -0.62 -3.84 9.99
N ALA A 108 -0.90 -4.91 10.74
CA ALA A 108 -0.50 -6.30 10.50
C ALA A 108 0.92 -6.59 10.96
N PHE A 109 1.86 -5.69 10.67
CA PHE A 109 3.19 -5.68 11.27
C PHE A 109 3.10 -5.86 12.80
N PRO A 110 2.27 -5.10 13.55
CA PRO A 110 2.04 -5.27 14.99
C PRO A 110 1.43 -6.62 15.43
N LEU A 111 1.03 -7.49 14.50
CA LEU A 111 0.35 -8.75 14.77
C LEU A 111 1.30 -9.93 14.64
N SER A 112 2.44 -9.73 13.99
CA SER A 112 3.49 -10.73 13.91
C SER A 112 4.85 -10.03 13.96
N PRO A 113 5.68 -10.27 14.99
CA PRO A 113 7.03 -9.73 15.05
C PRO A 113 7.95 -10.26 13.95
N ASP A 114 7.46 -11.21 13.14
CA ASP A 114 8.06 -11.63 11.87
C ASP A 114 8.22 -10.40 10.96
N TRP A 115 7.24 -9.49 10.98
CA TRP A 115 7.20 -8.30 10.17
C TRP A 115 7.44 -7.10 11.07
N GLN A 116 8.58 -7.05 11.73
CA GLN A 116 9.02 -5.94 12.57
C GLN A 116 10.52 -5.89 12.34
N VAL A 117 10.91 -5.44 11.16
CA VAL A 117 12.28 -5.53 10.66
C VAL A 117 12.76 -4.10 10.38
N ASP A 118 12.23 -3.45 9.35
CA ASP A 118 12.60 -2.10 8.93
C ASP A 118 11.41 -1.14 9.01
N TYR A 119 10.24 -1.65 9.41
CA TYR A 119 8.99 -0.89 9.45
C TYR A 119 9.05 0.41 10.24
N GLU A 120 9.82 0.49 11.32
CA GLU A 120 9.83 1.66 12.19
C GLU A 120 10.50 2.87 11.52
N SER A 121 11.24 2.66 10.43
CA SER A 121 11.81 3.69 9.59
C SER A 121 10.76 4.29 8.63
N TYR A 122 9.55 3.72 8.57
CA TYR A 122 8.45 4.15 7.72
C TYR A 122 7.30 4.62 8.62
N THR A 123 6.34 5.33 8.02
CA THR A 123 5.15 5.84 8.66
C THR A 123 3.97 4.91 8.35
N TRP A 124 2.97 4.86 9.24
CA TRP A 124 1.82 4.00 9.07
C TRP A 124 0.65 4.65 9.77
N ARG A 125 -0.35 5.13 9.01
CA ARG A 125 -1.56 5.69 9.60
C ARG A 125 -2.81 5.20 8.88
N LYS A 126 -3.77 4.66 9.64
CA LYS A 126 -5.14 4.40 9.20
C LYS A 126 -5.70 5.72 8.69
N LEU A 127 -6.32 5.71 7.51
CA LEU A 127 -6.95 6.88 6.92
C LEU A 127 -8.44 6.60 6.78
N ASP A 128 -9.25 7.62 6.47
CA ASP A 128 -10.71 7.49 6.49
C ASP A 128 -11.29 7.22 5.10
N PRO A 129 -11.99 6.10 4.85
CA PRO A 129 -12.58 5.79 3.55
C PRO A 129 -13.86 6.60 3.24
N GLY A 130 -14.15 7.63 4.03
CA GLY A 130 -15.16 8.64 3.74
C GLY A 130 -14.55 10.05 3.73
N SER A 131 -13.22 10.19 3.70
CA SER A 131 -12.56 11.47 3.70
C SER A 131 -12.66 12.14 2.31
N GLU A 132 -11.84 13.18 2.10
CA GLU A 132 -11.62 13.83 0.81
C GLU A 132 -10.20 13.57 0.31
N GLU A 133 -9.26 13.23 1.21
CA GLU A 133 -7.85 13.12 0.86
C GLU A 133 -7.53 11.65 0.59
N THR A 134 -7.80 10.76 1.55
CA THR A 134 -7.71 9.31 1.42
C THR A 134 -8.19 8.83 0.04
N GLN A 135 -9.36 9.30 -0.38
CA GLN A 135 -10.01 9.03 -1.65
C GLN A 135 -9.11 9.38 -2.83
N THR A 136 -8.50 10.57 -2.80
CA THR A 136 -7.63 11.09 -3.82
C THR A 136 -6.36 10.27 -3.76
N LEU A 137 -5.70 10.16 -2.60
CA LEU A 137 -4.46 9.41 -2.45
C LEU A 137 -4.65 8.00 -3.01
N VAL A 138 -5.67 7.26 -2.59
CA VAL A 138 -6.01 5.97 -3.18
C VAL A 138 -6.07 6.11 -4.69
N ARG A 139 -6.96 6.96 -5.23
CA ARG A 139 -7.12 7.10 -6.65
C ARG A 139 -5.76 7.28 -7.32
N GLU A 140 -4.91 8.16 -6.82
CA GLU A 140 -3.62 8.45 -7.41
C GLU A 140 -2.76 7.22 -7.36
N TYR A 141 -2.52 6.68 -6.17
CA TYR A 141 -1.68 5.53 -5.94
C TYR A 141 -2.23 4.27 -6.64
N PHE A 142 -3.45 4.26 -7.18
CA PHE A 142 -4.11 3.06 -7.71
C PHE A 142 -4.23 3.17 -9.22
N SER A 143 -4.33 4.40 -9.73
CA SER A 143 -4.47 4.65 -11.15
C SER A 143 -3.17 5.18 -11.74
N TRP A 144 -2.29 5.74 -10.89
CA TRP A 144 -1.02 6.33 -11.25
C TRP A 144 -1.20 7.60 -12.11
N GLU A 145 -2.43 8.13 -12.18
CA GLU A 145 -2.80 9.21 -13.08
C GLU A 145 -2.78 10.59 -12.38
N GLY A 146 -3.50 10.72 -11.25
CA GLY A 146 -3.97 11.93 -10.59
C GLY A 146 -3.17 13.19 -10.84
N ALA A 147 -2.14 13.38 -10.02
CA ALA A 147 -1.14 14.41 -10.12
C ALA A 147 0.06 14.04 -9.25
N PHE A 148 -0.14 13.54 -8.03
CA PHE A 148 0.90 13.36 -7.00
C PHE A 148 1.58 14.68 -6.59
N GLN A 149 0.85 15.79 -6.67
CA GLN A 149 1.35 17.08 -6.20
C GLN A 149 1.71 17.08 -4.70
N HIS A 150 1.05 16.23 -3.90
CA HIS A 150 1.38 16.06 -2.49
C HIS A 150 2.82 15.55 -2.28
N VAL A 151 3.41 14.95 -3.31
CA VAL A 151 4.81 14.51 -3.31
C VAL A 151 5.67 15.58 -3.98
N GLY A 152 5.21 16.16 -5.10
CA GLY A 152 5.94 17.18 -5.87
C GLY A 152 7.20 16.65 -6.58
N LYS A 153 7.40 15.32 -6.54
CA LYS A 153 8.50 14.59 -7.14
C LYS A 153 8.01 14.13 -8.53
N ALA A 154 8.30 12.89 -8.94
CA ALA A 154 7.78 12.27 -10.15
C ALA A 154 7.44 10.81 -9.85
N PHE A 155 6.51 10.23 -10.62
CA PHE A 155 6.02 8.85 -10.54
C PHE A 155 7.07 7.77 -10.84
N ASN A 156 8.28 8.16 -11.27
CA ASN A 156 9.23 7.40 -12.08
C ASN A 156 9.10 5.87 -12.08
N GLN A 157 9.09 5.17 -10.93
CA GLN A 157 8.77 3.75 -10.88
C GLN A 157 7.75 3.44 -9.78
N GLY A 158 6.56 3.03 -10.17
CA GLY A 158 5.64 2.31 -9.29
C GLY A 158 6.16 0.88 -9.05
N LYS A 159 5.64 0.21 -8.03
CA LYS A 159 5.65 -1.24 -7.87
C LYS A 159 4.31 -1.61 -7.21
N ILE A 160 4.00 -2.90 -7.07
CA ILE A 160 2.77 -3.37 -6.45
C ILE A 160 3.14 -4.51 -5.50
N PHE A 161 2.39 -4.65 -4.40
CA PHE A 161 2.56 -5.63 -3.33
C PHE A 161 1.41 -6.64 -3.42
N LYS A 162 1.24 -7.24 -4.61
CA LYS A 162 0.34 -8.36 -4.86
C LYS A 162 1.11 -9.67 -4.91
N ALA A 1 1.05 -19.71 14.82
CA ALA A 1 1.15 -18.49 14.02
C ALA A 1 1.48 -18.80 12.56
N LYS A 2 0.61 -18.37 11.63
CA LYS A 2 0.82 -18.37 10.18
C LYS A 2 0.14 -17.11 9.64
N ASP A 3 -1.20 -17.14 9.61
CA ASP A 3 -2.07 -16.08 9.13
C ASP A 3 -2.69 -15.49 10.39
N PRO A 4 -2.30 -14.28 10.83
CA PRO A 4 -2.84 -13.69 12.06
C PRO A 4 -4.31 -13.28 11.86
N PHE A 5 -4.71 -12.99 10.62
CA PHE A 5 -6.10 -12.72 10.26
C PHE A 5 -6.79 -14.04 9.91
N ALA A 6 -6.49 -15.13 10.62
CA ALA A 6 -7.24 -16.37 10.50
C ALA A 6 -8.55 -16.27 11.28
N HIS A 7 -8.53 -15.59 12.43
CA HIS A 7 -9.67 -15.47 13.34
C HIS A 7 -10.73 -14.47 12.86
N LEU A 8 -10.37 -13.56 11.95
CA LEU A 8 -11.25 -12.49 11.45
C LEU A 8 -12.19 -13.04 10.37
N PRO A 9 -13.26 -12.32 10.03
CA PRO A 9 -14.10 -12.71 8.92
C PRO A 9 -13.33 -12.52 7.61
N LYS A 10 -13.74 -13.26 6.57
CA LYS A 10 -13.17 -13.16 5.24
C LYS A 10 -14.27 -13.41 4.22
N SER A 11 -15.08 -12.40 4.03
CA SER A 11 -15.94 -12.28 2.87
C SER A 11 -16.30 -10.83 2.60
N THR A 12 -17.37 -10.65 1.82
CA THR A 12 -17.81 -9.44 1.13
C THR A 12 -16.69 -8.99 0.18
N PHE A 13 -15.67 -8.31 0.69
CA PHE A 13 -14.62 -7.71 -0.09
C PHE A 13 -13.61 -8.79 -0.48
N ALA A 14 -13.17 -8.82 -1.73
CA ALA A 14 -12.47 -9.92 -2.36
C ALA A 14 -11.15 -9.42 -2.93
N LEU A 15 -10.11 -9.44 -2.09
CA LEU A 15 -8.82 -8.85 -2.41
C LEU A 15 -8.24 -9.38 -3.73
N ASP A 16 -8.36 -10.68 -3.95
CA ASP A 16 -7.81 -11.34 -5.11
C ASP A 16 -8.62 -11.03 -6.39
N GLU A 17 -9.88 -10.64 -6.27
CA GLU A 17 -10.65 -10.21 -7.42
C GLU A 17 -10.34 -8.75 -7.71
N PHE A 18 -10.17 -7.94 -6.67
CA PHE A 18 -9.77 -6.56 -6.85
C PHE A 18 -8.39 -6.52 -7.51
N LYS A 19 -7.44 -7.36 -7.08
CA LYS A 19 -6.07 -7.28 -7.62
C LYS A 19 -6.02 -7.62 -9.11
N ARG A 20 -6.97 -8.42 -9.63
CA ARG A 20 -7.07 -8.63 -11.06
C ARG A 20 -7.39 -7.29 -11.70
N LYS A 21 -8.64 -6.84 -11.56
CA LYS A 21 -9.13 -5.67 -12.29
C LYS A 21 -8.28 -4.42 -12.07
N TYR A 22 -7.53 -4.36 -10.97
CA TYR A 22 -6.61 -3.30 -10.61
C TYR A 22 -5.70 -2.80 -11.75
N SER A 23 -5.07 -3.71 -12.48
CA SER A 23 -4.32 -3.39 -13.69
C SER A 23 -4.87 -4.14 -14.89
N ASN A 24 -5.77 -5.09 -14.67
CA ASN A 24 -6.34 -5.84 -15.77
C ASN A 24 -7.43 -5.00 -16.43
N GLU A 25 -7.95 -3.95 -15.76
CA GLU A 25 -9.00 -3.09 -16.28
C GLU A 25 -8.72 -1.62 -15.91
N ASP A 26 -9.55 -0.71 -16.43
CA ASP A 26 -9.55 0.76 -16.34
C ASP A 26 -9.84 1.25 -14.92
N THR A 27 -8.99 0.90 -13.96
CA THR A 27 -9.21 1.02 -12.53
C THR A 27 -9.96 2.26 -12.08
N LEU A 28 -9.67 3.44 -12.60
CA LEU A 28 -10.37 4.70 -12.32
C LEU A 28 -11.90 4.54 -12.30
N SER A 29 -12.40 3.74 -13.22
CA SER A 29 -13.79 3.47 -13.51
C SER A 29 -14.16 1.98 -13.42
N VAL A 30 -13.25 1.12 -13.00
CA VAL A 30 -13.44 -0.32 -12.92
C VAL A 30 -13.24 -0.77 -11.48
N ALA A 31 -12.02 -0.69 -10.97
CA ALA A 31 -11.69 -1.15 -9.63
C ALA A 31 -12.16 -0.14 -8.61
N LEU A 32 -11.96 1.14 -8.86
CA LEU A 32 -12.35 2.27 -8.02
C LEU A 32 -13.83 2.23 -7.67
N PRO A 33 -14.76 2.22 -8.64
CA PRO A 33 -16.18 2.17 -8.33
C PRO A 33 -16.63 0.80 -7.80
N TYR A 34 -15.82 -0.25 -7.93
CA TYR A 34 -16.04 -1.57 -7.33
C TYR A 34 -15.34 -1.68 -5.96
N PHE A 35 -14.61 -0.66 -5.52
CA PHE A 35 -13.98 -0.58 -4.22
C PHE A 35 -14.76 0.35 -3.30
N TRP A 36 -15.20 1.52 -3.77
CA TRP A 36 -15.75 2.52 -2.87
C TRP A 36 -17.22 2.31 -2.53
N GLU A 37 -17.86 1.32 -3.15
CA GLU A 37 -19.30 1.11 -3.14
C GLU A 37 -19.63 0.32 -1.88
N HIS A 38 -18.97 -0.82 -1.77
CA HIS A 38 -19.07 -1.80 -0.71
C HIS A 38 -17.63 -2.25 -0.45
N PHE A 39 -16.86 -1.44 0.25
CA PHE A 39 -15.51 -1.83 0.67
C PHE A 39 -15.63 -2.95 1.73
N ASP A 40 -15.45 -2.67 3.02
CA ASP A 40 -15.60 -3.53 4.22
C ASP A 40 -14.77 -2.88 5.34
N LYS A 41 -15.15 -1.65 5.66
CA LYS A 41 -14.47 -0.78 6.62
C LYS A 41 -14.57 -1.24 8.07
N ASP A 42 -15.30 -2.32 8.34
CA ASP A 42 -15.19 -3.08 9.59
C ASP A 42 -13.79 -3.69 9.71
N GLY A 43 -13.27 -4.25 8.63
CA GLY A 43 -12.17 -5.18 8.67
C GLY A 43 -10.95 -4.62 7.98
N TRP A 44 -11.05 -4.53 6.67
CA TRP A 44 -10.02 -3.97 5.81
C TRP A 44 -9.76 -2.51 6.20
N SER A 45 -8.49 -2.06 6.19
CA SER A 45 -8.15 -0.66 6.45
C SER A 45 -6.99 -0.21 5.56
N LEU A 46 -6.91 1.10 5.32
CA LEU A 46 -5.94 1.77 4.46
C LEU A 46 -4.87 2.41 5.34
N TRP A 47 -3.62 2.31 4.90
CA TRP A 47 -2.45 2.78 5.62
C TRP A 47 -1.52 3.51 4.68
N TYR A 48 -1.56 4.84 4.69
CA TYR A 48 -0.64 5.72 3.97
C TYR A 48 0.73 5.65 4.65
N SER A 49 1.79 5.65 3.83
CA SER A 49 3.18 5.75 4.21
C SER A 49 3.89 6.77 3.31
N GLU A 50 4.95 7.38 3.84
CA GLU A 50 5.82 8.33 3.17
C GLU A 50 7.25 8.22 3.74
N TYR A 51 7.73 6.97 3.94
CA TYR A 51 9.14 6.64 4.22
C TYR A 51 9.90 7.67 5.05
N ARG A 52 9.46 7.87 6.29
CA ARG A 52 9.92 8.89 7.23
C ARG A 52 11.42 9.17 7.24
N PHE A 53 12.26 8.23 6.82
CA PHE A 53 13.69 8.36 6.57
C PHE A 53 14.00 8.19 5.07
N PRO A 54 13.63 9.14 4.20
CA PRO A 54 13.93 9.05 2.78
C PRO A 54 15.40 9.45 2.49
N GLU A 55 16.15 9.85 3.52
CA GLU A 55 17.59 10.01 3.51
C GLU A 55 18.33 8.66 3.48
N GLU A 56 17.63 7.55 3.74
CA GLU A 56 18.21 6.21 3.60
C GLU A 56 18.28 5.83 2.09
N LEU A 57 17.77 6.68 1.18
CA LEU A 57 17.77 6.48 -0.28
C LEU A 57 18.85 7.32 -0.96
N THR A 58 19.67 6.69 -1.80
CA THR A 58 20.72 7.35 -2.59
C THR A 58 20.73 6.83 -4.05
N GLN A 59 19.55 6.58 -4.64
CA GLN A 59 19.38 6.09 -6.01
C GLN A 59 17.91 5.92 -6.42
N THR A 60 17.69 5.54 -7.67
CA THR A 60 16.48 4.88 -8.16
C THR A 60 16.66 3.36 -8.04
N PHE A 61 17.62 2.81 -8.78
CA PHE A 61 17.71 1.39 -9.14
C PHE A 61 17.91 0.42 -7.97
N MET A 62 18.18 0.90 -6.76
CA MET A 62 18.25 0.08 -5.53
C MET A 62 16.99 0.24 -4.68
N SER A 63 16.30 1.39 -4.75
CA SER A 63 15.13 1.69 -3.95
C SER A 63 14.02 0.68 -4.22
N CYS A 64 13.84 0.27 -5.49
CA CYS A 64 12.86 -0.73 -5.87
C CYS A 64 13.22 -2.08 -5.23
N ASN A 65 14.50 -2.44 -5.23
CA ASN A 65 15.01 -3.71 -4.70
C ASN A 65 14.74 -3.76 -3.20
N LEU A 66 15.03 -2.66 -2.50
CA LEU A 66 14.86 -2.44 -1.07
C LEU A 66 13.43 -2.75 -0.63
N ILE A 67 12.45 -2.01 -1.19
CA ILE A 67 11.02 -2.22 -0.97
C ILE A 67 10.73 -3.71 -1.12
N THR A 68 11.21 -4.25 -2.24
CA THR A 68 10.86 -5.59 -2.62
C THR A 68 11.43 -6.62 -1.64
N GLY A 69 12.64 -6.45 -1.11
CA GLY A 69 13.24 -7.38 -0.15
C GLY A 69 12.33 -7.55 1.06
N MET A 70 11.74 -6.45 1.53
CA MET A 70 10.80 -6.43 2.63
C MET A 70 9.54 -7.23 2.23
N PHE A 71 9.01 -7.06 1.00
CA PHE A 71 7.88 -7.85 0.49
C PHE A 71 8.16 -9.35 0.58
N GLN A 72 9.41 -9.79 0.38
CA GLN A 72 9.76 -11.21 0.42
C GLN A 72 9.65 -11.78 1.84
N ARG A 73 9.93 -10.96 2.86
CA ARG A 73 9.68 -11.33 4.25
C ARG A 73 8.17 -11.36 4.47
N LEU A 74 7.47 -10.34 3.98
CA LEU A 74 6.04 -10.12 4.15
C LEU A 74 5.24 -11.00 3.15
N ASP A 75 5.68 -12.24 2.93
CA ASP A 75 5.06 -13.16 1.96
C ASP A 75 3.82 -13.77 2.62
N LYS A 76 4.00 -14.24 3.85
CA LYS A 76 2.93 -14.67 4.75
C LYS A 76 1.97 -13.54 5.15
N LEU A 77 2.06 -12.36 4.53
CA LEU A 77 1.24 -11.20 4.84
C LEU A 77 0.36 -10.83 3.65
N ARG A 78 0.92 -10.81 2.43
CA ARG A 78 0.20 -10.38 1.23
C ARG A 78 -1.02 -11.25 0.89
N LYS A 79 -1.18 -12.41 1.51
CA LYS A 79 -2.37 -13.24 1.40
C LYS A 79 -3.59 -12.64 2.09
N ASN A 80 -3.41 -11.58 2.91
CA ASN A 80 -4.46 -10.87 3.65
C ASN A 80 -4.22 -9.36 3.61
N ALA A 81 -3.40 -8.87 2.68
CA ALA A 81 -3.00 -7.48 2.60
C ALA A 81 -2.52 -7.15 1.19
N PHE A 82 -2.47 -5.88 0.86
CA PHE A 82 -1.99 -5.37 -0.42
C PHE A 82 -1.22 -4.09 -0.15
N ALA A 83 -0.43 -3.63 -1.11
CA ALA A 83 0.06 -2.26 -1.15
C ALA A 83 0.41 -1.87 -2.57
N SER A 84 0.46 -0.56 -2.78
CA SER A 84 0.87 0.15 -3.96
C SER A 84 1.96 1.12 -3.49
N VAL A 85 3.22 0.80 -3.79
CA VAL A 85 4.42 1.36 -3.19
C VAL A 85 5.29 1.88 -4.32
N ILE A 86 5.48 3.19 -4.39
CA ILE A 86 6.00 3.86 -5.57
C ILE A 86 7.26 4.62 -5.10
N LEU A 87 8.30 4.56 -5.93
CA LEU A 87 9.58 5.27 -5.78
C LEU A 87 9.37 6.60 -6.48
N PHE A 88 9.58 7.71 -5.75
CA PHE A 88 9.33 9.04 -6.24
C PHE A 88 10.62 9.81 -6.03
N GLY A 89 10.97 10.66 -6.96
CA GLY A 89 12.30 11.26 -6.96
C GLY A 89 13.36 10.20 -7.30
N THR A 90 14.61 10.62 -7.19
CA THR A 90 15.69 10.14 -8.04
C THR A 90 16.97 10.03 -7.18
N ASN A 91 18.07 9.59 -7.77
CA ASN A 91 19.38 9.51 -7.12
C ASN A 91 19.86 10.83 -6.49
N ASN A 92 19.36 11.96 -6.97
CA ASN A 92 19.66 13.28 -6.43
C ASN A 92 18.89 13.57 -5.13
N SER A 93 17.65 13.07 -5.00
CA SER A 93 16.83 13.07 -3.79
C SER A 93 15.63 12.18 -4.08
N SER A 94 15.39 11.14 -3.27
CA SER A 94 14.25 10.23 -3.46
C SER A 94 13.35 10.25 -2.23
N SER A 95 12.22 9.57 -2.31
CA SER A 95 11.34 9.22 -1.21
C SER A 95 10.59 7.98 -1.69
N ILE A 96 10.15 7.15 -0.75
CA ILE A 96 9.19 6.10 -1.03
C ILE A 96 7.92 6.54 -0.32
N SER A 97 6.82 6.40 -1.03
CA SER A 97 5.49 6.53 -0.46
C SER A 97 4.60 5.44 -1.04
N GLY A 98 3.38 5.34 -0.54
CA GLY A 98 2.48 4.28 -0.93
C GLY A 98 1.34 4.16 0.03
N VAL A 99 0.40 3.29 -0.30
CA VAL A 99 -0.72 2.95 0.54
C VAL A 99 -0.78 1.43 0.59
N TRP A 100 -0.99 0.93 1.79
CA TRP A 100 -1.07 -0.48 2.09
C TRP A 100 -2.46 -0.73 2.67
N VAL A 101 -2.84 -2.00 2.68
CA VAL A 101 -4.14 -2.50 3.04
C VAL A 101 -3.87 -3.70 3.92
N PHE A 102 -4.49 -3.78 5.10
CA PHE A 102 -4.32 -4.85 6.06
C PHE A 102 -5.70 -5.13 6.63
N ARG A 103 -5.94 -6.36 7.12
CA ARG A 103 -7.29 -6.87 7.31
C ARG A 103 -7.83 -6.77 8.75
N GLY A 104 -7.36 -5.82 9.55
CA GLY A 104 -7.72 -5.73 10.96
C GLY A 104 -7.50 -4.34 11.52
N GLN A 105 -7.57 -4.24 12.85
CA GLN A 105 -7.42 -3.00 13.59
C GLN A 105 -5.99 -2.43 13.52
N GLU A 106 -5.00 -3.25 13.19
CA GLU A 106 -3.59 -2.88 13.16
C GLU A 106 -3.03 -3.05 11.75
N LEU A 107 -1.82 -2.53 11.56
CA LEU A 107 -1.16 -2.47 10.27
C LEU A 107 -0.48 -3.79 9.89
N ALA A 108 -0.73 -4.85 10.67
CA ALA A 108 -0.25 -6.22 10.46
C ALA A 108 1.19 -6.42 10.89
N PHE A 109 2.10 -5.55 10.47
CA PHE A 109 3.46 -5.46 10.99
C PHE A 109 3.49 -5.64 12.51
N PRO A 110 2.78 -4.85 13.32
CA PRO A 110 2.82 -4.95 14.78
C PRO A 110 2.07 -6.16 15.32
N LEU A 111 1.32 -6.89 14.49
CA LEU A 111 0.67 -8.09 14.95
C LEU A 111 1.69 -9.21 15.10
N SER A 112 2.75 -9.21 14.29
CA SER A 112 3.68 -10.33 14.20
C SER A 112 5.13 -9.82 14.01
N PRO A 113 6.03 -10.06 14.97
CA PRO A 113 7.34 -9.41 15.05
C PRO A 113 8.34 -9.88 14.00
N ASP A 114 8.00 -10.90 13.21
CA ASP A 114 8.74 -11.23 11.99
C ASP A 114 8.69 -10.04 11.03
N TRP A 115 7.57 -9.32 10.94
CA TRP A 115 7.44 -8.19 10.03
C TRP A 115 7.80 -6.86 10.69
N GLN A 116 8.81 -6.82 11.54
CA GLN A 116 9.21 -5.65 12.33
C GLN A 116 10.72 -5.52 12.23
N VAL A 117 11.22 -5.64 11.00
CA VAL A 117 12.63 -5.59 10.67
C VAL A 117 13.02 -4.11 10.67
N ASP A 118 12.54 -3.40 9.65
CA ASP A 118 12.98 -2.06 9.29
C ASP A 118 11.84 -1.05 9.38
N TYR A 119 10.58 -1.52 9.49
CA TYR A 119 9.34 -0.74 9.34
C TYR A 119 9.28 0.61 10.06
N GLU A 120 9.95 0.79 11.20
CA GLU A 120 9.95 1.99 12.00
C GLU A 120 10.68 3.17 11.33
N SER A 121 11.39 2.92 10.23
CA SER A 121 11.97 3.97 9.39
C SER A 121 10.89 4.64 8.51
N TYR A 122 9.74 3.99 8.32
CA TYR A 122 8.62 4.48 7.54
C TYR A 122 7.63 5.12 8.51
N THR A 123 6.52 5.60 7.97
CA THR A 123 5.37 6.03 8.72
C THR A 123 4.15 5.28 8.20
N TRP A 124 3.15 5.09 9.05
CA TRP A 124 1.94 4.35 8.76
C TRP A 124 0.80 5.03 9.54
N ARG A 125 -0.42 5.13 8.99
CA ARG A 125 -1.60 5.59 9.74
C ARG A 125 -2.89 5.10 9.10
N LYS A 126 -3.84 4.55 9.88
CA LYS A 126 -5.19 4.27 9.39
C LYS A 126 -5.85 5.58 8.99
N LEU A 127 -6.54 5.59 7.86
CA LEU A 127 -7.25 6.75 7.36
C LEU A 127 -8.75 6.47 7.37
N ASP A 128 -9.56 7.41 6.91
CA ASP A 128 -11.01 7.22 6.82
C ASP A 128 -11.39 6.92 5.36
N PRO A 129 -12.08 5.81 5.07
CA PRO A 129 -12.68 5.57 3.75
C PRO A 129 -13.91 6.47 3.48
N GLY A 130 -14.18 7.46 4.34
CA GLY A 130 -15.03 8.60 4.06
C GLY A 130 -14.34 9.93 4.32
N SER A 131 -13.00 9.97 4.27
CA SER A 131 -12.27 11.23 4.26
C SER A 131 -12.47 11.95 2.91
N GLU A 132 -11.76 13.06 2.72
CA GLU A 132 -11.55 13.68 1.42
C GLU A 132 -10.22 13.19 0.84
N GLU A 133 -9.08 13.50 1.48
CA GLU A 133 -7.75 13.31 0.91
C GLU A 133 -7.52 11.84 0.56
N THR A 134 -7.77 10.93 1.51
CA THR A 134 -7.63 9.48 1.38
C THR A 134 -8.14 8.96 0.03
N GLN A 135 -9.32 9.41 -0.39
CA GLN A 135 -9.99 9.08 -1.63
C GLN A 135 -9.12 9.42 -2.86
N THR A 136 -8.50 10.61 -2.90
CA THR A 136 -7.58 11.00 -3.95
C THR A 136 -6.34 10.14 -3.80
N LEU A 137 -5.72 10.08 -2.62
CA LEU A 137 -4.47 9.35 -2.41
C LEU A 137 -4.61 7.97 -3.03
N VAL A 138 -5.63 7.23 -2.63
CA VAL A 138 -5.99 5.93 -3.20
C VAL A 138 -6.00 6.03 -4.71
N ARG A 139 -6.87 6.88 -5.26
CA ARG A 139 -7.08 6.98 -6.70
C ARG A 139 -5.75 7.10 -7.42
N GLU A 140 -4.84 7.91 -6.93
CA GLU A 140 -3.59 8.18 -7.59
C GLU A 140 -2.63 7.01 -7.37
N TYR A 141 -2.49 6.49 -6.14
CA TYR A 141 -1.69 5.30 -5.86
C TYR A 141 -2.17 4.07 -6.64
N PHE A 142 -3.42 4.05 -7.11
CA PHE A 142 -4.05 2.85 -7.62
C PHE A 142 -4.08 2.93 -9.13
N SER A 143 -4.31 4.12 -9.65
CA SER A 143 -4.36 4.35 -11.08
C SER A 143 -2.98 4.70 -11.62
N TRP A 144 -2.19 5.44 -10.84
CA TRP A 144 -0.95 6.13 -11.23
C TRP A 144 -1.21 7.31 -12.19
N GLU A 145 -2.47 7.54 -12.57
CA GLU A 145 -2.92 8.55 -13.54
C GLU A 145 -3.23 9.89 -12.88
N GLY A 146 -3.11 9.92 -11.56
CA GLY A 146 -3.34 11.05 -10.70
C GLY A 146 -2.32 12.16 -10.92
N ALA A 147 -1.58 12.51 -9.87
CA ALA A 147 -0.62 13.59 -9.89
C ALA A 147 0.49 13.34 -8.87
N PHE A 148 0.13 12.84 -7.68
CA PHE A 148 0.94 12.84 -6.47
C PHE A 148 1.38 14.28 -6.15
N GLN A 149 0.51 15.26 -6.42
CA GLN A 149 0.86 16.68 -6.31
C GLN A 149 1.18 17.12 -4.89
N HIS A 150 0.67 16.39 -3.89
CA HIS A 150 1.00 16.54 -2.48
C HIS A 150 2.48 16.22 -2.20
N VAL A 151 3.12 15.42 -3.06
CA VAL A 151 4.54 15.09 -3.00
C VAL A 151 5.32 16.05 -3.90
N GLY A 152 4.78 16.37 -5.08
CA GLY A 152 5.47 17.15 -6.09
C GLY A 152 6.67 16.42 -6.73
N LYS A 153 6.91 15.16 -6.39
CA LYS A 153 7.84 14.31 -7.14
C LYS A 153 7.12 13.79 -8.40
N ALA A 154 7.81 12.99 -9.19
CA ALA A 154 7.28 12.21 -10.29
C ALA A 154 7.22 10.74 -9.87
N PHE A 155 6.35 9.96 -10.52
CA PHE A 155 5.88 8.60 -10.24
C PHE A 155 6.94 7.50 -10.50
N ASN A 156 8.14 7.91 -10.91
CA ASN A 156 9.17 7.25 -11.72
C ASN A 156 9.11 5.73 -11.84
N GLN A 157 9.06 4.98 -10.74
CA GLN A 157 8.87 3.53 -10.73
C GLN A 157 7.78 3.18 -9.72
N GLY A 158 6.69 2.58 -10.19
CA GLY A 158 5.63 2.08 -9.34
C GLY A 158 5.82 0.58 -9.09
N LYS A 159 5.39 0.10 -7.92
CA LYS A 159 5.53 -1.30 -7.50
C LYS A 159 4.36 -1.67 -6.63
N ILE A 160 4.10 -2.96 -6.50
CA ILE A 160 2.90 -3.50 -5.88
C ILE A 160 3.29 -4.67 -4.98
N PHE A 161 2.39 -5.00 -4.04
CA PHE A 161 2.52 -6.03 -3.00
C PHE A 161 1.30 -6.98 -3.08
N LYS A 162 0.86 -7.31 -4.28
CA LYS A 162 -0.19 -8.31 -4.53
C LYS A 162 0.42 -9.70 -4.48
#